data_6HKU
#
_entry.id   6HKU
#
_cell.length_a   139.277
_cell.length_b   146.160
_cell.length_c   150.413
_cell.angle_alpha   90.000
_cell.angle_beta   90.000
_cell.angle_gamma   90.000
#
_symmetry.space_group_name_H-M   'P 21 21 21'
#
loop_
_entity.id
_entity.type
_entity.pdbx_description
1 polymer 'Capsid protein VP1'
2 branched 'N-acetyl-alpha-neuraminic acid-(2-3)-beta-D-galactopyranose'
3 branched 'N-acetyl-alpha-neuraminic acid-(2-3)-beta-D-galactopyranose-(1-4)-alpha-D-glucopyranose'
4 non-polymer GLYCEROL
5 non-polymer 'N-acetyl-alpha-neuraminic acid'
6 water water
#
_entity_poly.entity_id   1
_entity_poly.type   'polypeptide(L)'
_entity_poly.pdbx_seq_one_letter_code
;NIEVLNLVTGPDSITTIELYLNTRMGQNDESKDNYGYSEKVTVANSSDQDKPTSGEIPTYSTARINLPMLNEDLTSNTLT
MWEAVSVKTEVVGVSSLVNVHMATKRMYDDKGIGFPVEGMNFHMFAVGGEPLELQFLTGNYRTDYSANDKLVVPPIKHQS
TQGLNPHYKQKLTKDGAFPVECWCPDPSKNENTRYYGSYTGGQSTPPVLQFTNTVTTVLLDENGVGPLCKGDGLYVSCCD
IVGFLVGKDGDMQYRGLPRYFNILLRKRTVRN
;
_entity_poly.pdbx_strand_id   A,B,C,D,E,F,G,H,I,J
#
loop_
_chem_comp.id
_chem_comp.type
_chem_comp.name
_chem_comp.formula
GAL D-saccharide, beta linking beta-D-galactopyranose 'C6 H12 O6'
GLC D-saccharide, alpha linking alpha-D-glucopyranose 'C6 H12 O6'
GOL non-polymer GLYCEROL 'C3 H8 O3'
SIA D-saccharide, alpha linking 'N-acetyl-alpha-neuraminic acid' 'C11 H19 N O9'
#
# COMPACT_ATOMS: atom_id res chain seq x y z
N ASN A 1 -20.70 -23.46 14.09
CA ASN A 1 -21.84 -23.20 15.02
C ASN A 1 -22.03 -21.68 15.23
N ILE A 2 -20.94 -20.96 15.51
CA ILE A 2 -20.97 -19.53 15.91
C ILE A 2 -20.88 -18.65 14.66
N GLU A 3 -21.88 -17.78 14.45
CA GLU A 3 -21.84 -16.78 13.41
C GLU A 3 -21.06 -15.56 13.93
N VAL A 4 -19.92 -15.28 13.30
CA VAL A 4 -18.99 -14.29 13.75
C VAL A 4 -19.32 -12.97 13.05
N LEU A 5 -19.47 -11.88 13.81
CA LEU A 5 -19.72 -10.57 13.24
C LEU A 5 -18.46 -9.70 13.38
N ASN A 6 -18.63 -8.41 13.63
CA ASN A 6 -17.55 -7.43 13.59
C ASN A 6 -16.76 -7.40 14.91
N LEU A 7 -15.55 -6.90 14.84
CA LEU A 7 -14.72 -6.58 15.98
C LEU A 7 -15.35 -5.44 16.75
N VAL A 8 -15.23 -5.49 18.07
CA VAL A 8 -15.51 -4.36 18.94
C VAL A 8 -14.24 -3.49 18.99
N THR A 9 -14.38 -2.20 18.69
CA THR A 9 -13.24 -1.27 18.67
C THR A 9 -13.25 -0.41 19.93
N GLY A 10 -12.12 0.27 20.17
CA GLY A 10 -12.02 1.31 21.18
C GLY A 10 -11.25 0.86 22.42
N PRO A 11 -11.23 1.66 23.50
CA PRO A 11 -10.51 1.31 24.71
C PRO A 11 -11.11 0.04 25.34
N ASP A 12 -10.25 -0.75 25.99
CA ASP A 12 -10.67 -1.95 26.72
C ASP A 12 -11.24 -3.03 25.77
N SER A 13 -10.94 -2.95 24.45
CA SER A 13 -11.36 -4.01 23.51
C SER A 13 -10.30 -5.13 23.41
N ILE A 14 -9.15 -4.95 24.05
CA ILE A 14 -8.01 -5.86 24.00
C ILE A 14 -7.67 -6.27 25.44
N THR A 15 -7.17 -7.50 25.61
CA THR A 15 -6.63 -7.93 26.90
C THR A 15 -5.56 -8.99 26.61
N THR A 16 -4.68 -9.20 27.58
CA THR A 16 -3.60 -10.18 27.41
C THR A 16 -3.61 -11.09 28.63
N ILE A 17 -3.26 -12.35 28.40
CA ILE A 17 -3.18 -13.35 29.43
C ILE A 17 -1.76 -13.91 29.38
N GLU A 18 -1.12 -14.01 30.54
CA GLU A 18 0.23 -14.49 30.65
C GLU A 18 0.21 -15.64 31.66
N LEU A 19 0.85 -16.78 31.34
CA LEU A 19 0.99 -17.86 32.27
C LEU A 19 2.15 -18.76 31.84
N TYR A 20 2.48 -19.71 32.71
CA TYR A 20 3.36 -20.80 32.43
C TYR A 20 2.70 -22.09 32.91
N LEU A 21 3.12 -23.21 32.32
CA LEU A 21 2.72 -24.52 32.77
C LEU A 21 3.99 -25.34 33.02
N ASN A 22 4.05 -25.93 34.21
CA ASN A 22 5.13 -26.84 34.56
C ASN A 22 4.89 -28.20 33.91
N THR A 23 5.99 -28.91 33.61
CA THR A 23 5.97 -30.15 32.87
C THR A 23 5.35 -31.23 33.75
N ARG A 24 4.74 -32.23 33.10
CA ARG A 24 4.13 -33.38 33.79
C ARG A 24 4.72 -34.68 33.21
N MET A 25 5.96 -34.95 33.59
CA MET A 25 6.71 -36.07 33.06
C MET A 25 6.42 -37.35 33.85
N GLY A 26 5.87 -37.21 35.06
CA GLY A 26 5.50 -38.40 35.86
C GLY A 26 5.68 -38.18 37.36
N GLN A 27 6.81 -37.62 37.76
CA GLN A 27 6.97 -37.13 39.11
C GLN A 27 6.54 -35.66 39.10
N ASN A 28 5.28 -35.43 39.43
CA ASN A 28 4.61 -34.16 39.17
C ASN A 28 4.41 -33.36 40.47
N ASP A 29 5.04 -33.80 41.56
CA ASP A 29 4.95 -33.13 42.86
C ASP A 29 6.23 -32.29 43.07
N GLU A 30 6.05 -30.97 43.11
CA GLU A 30 7.15 -30.01 43.16
C GLU A 30 7.90 -30.05 44.50
N SER A 31 7.37 -30.79 45.49
CA SER A 31 8.03 -30.87 46.80
C SER A 31 8.90 -32.12 46.90
N LYS A 32 8.93 -32.95 45.86
CA LYS A 32 9.66 -34.22 45.91
C LYS A 32 10.82 -34.22 44.91
N ASP A 33 11.78 -35.11 45.18
CA ASP A 33 12.90 -35.35 44.33
C ASP A 33 12.38 -35.77 42.94
N ASN A 34 13.18 -35.51 41.91
CA ASN A 34 12.85 -35.96 40.55
C ASN A 34 11.68 -35.17 39.95
N TYR A 35 11.32 -34.02 40.53
CA TYR A 35 10.29 -33.18 39.93
C TYR A 35 10.76 -32.78 38.51
N GLY A 36 9.82 -32.84 37.55
CA GLY A 36 10.11 -32.46 36.18
C GLY A 36 10.80 -33.57 35.40
N TYR A 37 10.90 -34.75 35.99
CA TYR A 37 11.31 -35.97 35.34
C TYR A 37 10.23 -37.05 35.54
N SER A 38 10.29 -38.10 34.72
CA SER A 38 9.54 -39.29 34.97
C SER A 38 10.31 -40.12 36.01
N GLU A 39 9.61 -41.11 36.57
CA GLU A 39 10.25 -42.21 37.25
C GLU A 39 11.00 -43.02 36.19
N LYS A 40 11.89 -43.91 36.65
CA LYS A 40 12.66 -44.79 35.81
C LYS A 40 11.73 -45.51 34.83
N VAL A 41 12.12 -45.52 33.56
CA VAL A 41 11.38 -46.21 32.51
C VAL A 41 11.64 -47.71 32.69
N THR A 42 10.57 -48.50 32.51
CA THR A 42 10.64 -49.94 32.52
C THR A 42 10.13 -50.45 31.17
N VAL A 43 10.43 -51.72 30.87
CA VAL A 43 10.14 -52.30 29.57
C VAL A 43 9.37 -53.61 29.78
N ALA A 44 8.24 -53.74 29.09
CA ALA A 44 7.38 -54.90 29.19
C ALA A 44 8.12 -56.16 28.76
N ASN A 45 7.86 -57.27 29.46
CA ASN A 45 8.38 -58.60 29.09
C ASN A 45 7.66 -59.10 27.83
N SER A 46 6.38 -58.74 27.69
CA SER A 46 5.61 -59.06 26.51
C SER A 46 4.47 -58.07 26.38
N SER A 47 3.82 -58.05 25.20
CA SER A 47 2.84 -57.03 24.90
C SER A 47 1.56 -57.21 25.73
N ASP A 48 1.35 -58.42 26.26
CA ASP A 48 0.17 -58.73 27.11
C ASP A 48 0.49 -58.53 28.60
N GLN A 49 1.74 -58.15 28.92
CA GLN A 49 2.15 -57.79 30.28
C GLN A 49 2.88 -56.42 30.21
N ASP A 50 2.22 -55.45 29.58
CA ASP A 50 2.75 -54.13 29.35
C ASP A 50 2.01 -53.21 30.32
N LYS A 51 2.61 -53.06 31.51
CA LYS A 51 1.98 -52.40 32.63
C LYS A 51 2.95 -51.37 33.19
N PRO A 52 2.98 -50.14 32.66
CA PRO A 52 3.92 -49.13 33.12
C PRO A 52 3.77 -48.88 34.63
N THR A 53 4.92 -48.65 35.28
CA THR A 53 4.97 -48.30 36.69
C THR A 53 4.32 -46.94 36.87
N SER A 54 3.87 -46.67 38.10
CA SER A 54 3.34 -45.38 38.47
C SER A 54 4.43 -44.32 38.31
N GLY A 55 4.13 -43.25 37.56
CA GLY A 55 5.01 -42.11 37.42
C GLY A 55 6.02 -42.19 36.28
N GLU A 56 5.96 -43.22 35.42
CA GLU A 56 6.94 -43.32 34.31
C GLU A 56 6.35 -42.83 32.98
N ILE A 57 5.13 -42.25 32.99
CA ILE A 57 4.37 -41.93 31.78
C ILE A 57 4.14 -40.42 31.72
N PRO A 58 4.70 -39.69 30.74
CA PRO A 58 4.36 -38.27 30.56
C PRO A 58 2.89 -38.03 30.25
N THR A 59 2.36 -36.90 30.72
CA THR A 59 1.01 -36.47 30.47
C THR A 59 1.01 -35.02 29.96
N TYR A 60 -0.10 -34.60 29.37
CA TYR A 60 -0.27 -33.21 28.94
C TYR A 60 -0.41 -32.28 30.15
N SER A 61 0.16 -31.09 30.01
CA SER A 61 -0.08 -29.97 30.90
C SER A 61 -1.27 -29.20 30.33
N THR A 62 -2.16 -28.71 31.19
CA THR A 62 -3.29 -27.92 30.69
C THR A 62 -3.80 -26.99 31.81
N ALA A 63 -4.42 -25.87 31.41
CA ALA A 63 -5.07 -24.99 32.34
C ALA A 63 -6.18 -24.23 31.60
N ARG A 64 -7.25 -23.91 32.33
CA ARG A 64 -8.31 -23.02 31.90
C ARG A 64 -8.11 -21.69 32.62
N ILE A 65 -8.07 -20.57 31.88
CA ILE A 65 -7.92 -19.26 32.46
C ILE A 65 -9.24 -18.49 32.32
N ASN A 66 -9.69 -17.87 33.40
CA ASN A 66 -10.91 -17.03 33.41
C ASN A 66 -10.59 -15.68 32.80
N LEU A 67 -11.43 -15.27 31.86
CA LEU A 67 -11.27 -13.99 31.19
C LEU A 67 -12.24 -12.98 31.79
N PRO A 68 -12.02 -11.67 31.63
CA PRO A 68 -12.99 -10.66 32.08
C PRO A 68 -14.40 -10.96 31.53
N MET A 69 -15.41 -10.97 32.41
CA MET A 69 -16.79 -11.26 32.00
C MET A 69 -17.29 -10.14 31.07
N LEU A 70 -18.05 -10.51 30.04
CA LEU A 70 -18.52 -9.59 29.01
C LEU A 70 -20.05 -9.43 29.04
N ASN A 71 -20.82 -10.48 28.71
CA ASN A 71 -22.26 -10.38 28.49
C ASN A 71 -23.00 -10.54 29.82
N GLU A 72 -23.69 -9.49 30.27
CA GLU A 72 -24.69 -9.58 31.30
C GLU A 72 -26.03 -9.75 30.59
N ASP A 73 -26.22 -9.04 29.46
CA ASP A 73 -27.44 -9.13 28.66
C ASP A 73 -27.37 -10.27 27.64
N LEU A 74 -28.10 -11.37 27.90
CA LEU A 74 -28.18 -12.53 27.01
C LEU A 74 -29.43 -12.47 26.12
N THR A 75 -30.21 -11.40 26.22
CA THR A 75 -31.49 -11.28 25.48
C THR A 75 -31.31 -10.49 24.17
N SER A 76 -30.14 -9.89 23.93
CA SER A 76 -29.95 -9.06 22.72
C SER A 76 -29.70 -9.98 21.52
N ASN A 77 -29.69 -9.37 20.33
CA ASN A 77 -29.41 -9.99 19.05
C ASN A 77 -28.00 -10.62 19.02
N THR A 78 -27.04 -9.96 19.68
CA THR A 78 -25.62 -10.31 19.60
C THR A 78 -25.03 -10.47 21.00
N LEU A 79 -23.91 -11.20 21.09
CA LEU A 79 -23.08 -11.25 22.28
C LEU A 79 -21.64 -10.89 21.90
N THR A 80 -20.84 -10.61 22.91
CA THR A 80 -19.42 -10.38 22.78
C THR A 80 -18.68 -11.61 23.30
N MET A 81 -17.65 -12.06 22.57
CA MET A 81 -16.73 -13.12 23.01
C MET A 81 -15.29 -12.60 22.91
N TRP A 82 -14.42 -13.13 23.78
CA TRP A 82 -13.00 -12.94 23.63
C TRP A 82 -12.49 -13.86 22.54
N GLU A 83 -11.68 -13.30 21.65
CA GLU A 83 -11.10 -13.96 20.49
C GLU A 83 -9.57 -13.93 20.65
N ALA A 84 -8.95 -15.11 20.74
CA ALA A 84 -7.51 -15.21 20.88
C ALA A 84 -6.89 -14.90 19.50
N VAL A 85 -6.08 -13.86 19.44
CA VAL A 85 -5.52 -13.34 18.19
C VAL A 85 -4.16 -13.98 17.91
N SER A 86 -3.33 -14.05 18.96
CA SER A 86 -1.95 -14.45 18.79
C SER A 86 -1.39 -14.91 20.13
N VAL A 87 -0.27 -15.63 20.07
CA VAL A 87 0.39 -16.09 21.26
C VAL A 87 1.90 -16.00 21.03
N LYS A 88 2.59 -15.52 22.06
CA LYS A 88 4.03 -15.67 22.18
C LYS A 88 4.28 -16.80 23.19
N THR A 89 4.92 -17.88 22.73
CA THR A 89 5.16 -19.02 23.62
C THR A 89 6.61 -19.45 23.45
N GLU A 90 7.20 -19.91 24.55
CA GLU A 90 8.60 -20.29 24.63
C GLU A 90 8.76 -21.44 25.62
N VAL A 91 9.71 -22.32 25.36
CA VAL A 91 10.15 -23.29 26.33
C VAL A 91 11.14 -22.58 27.26
N VAL A 92 10.94 -22.77 28.56
CA VAL A 92 11.72 -22.15 29.62
C VAL A 92 12.80 -23.14 30.08
N GLY A 93 13.97 -22.60 30.43
CA GLY A 93 15.02 -23.40 31.08
C GLY A 93 15.83 -24.30 30.13
N VAL A 94 15.89 -23.90 28.84
CA VAL A 94 16.66 -24.65 27.86
C VAL A 94 18.12 -24.77 28.29
N SER A 95 18.66 -23.68 28.84
CA SER A 95 20.05 -23.61 29.26
C SER A 95 20.37 -24.68 30.32
N SER A 96 19.35 -25.17 31.03
CA SER A 96 19.53 -26.22 32.04
C SER A 96 20.11 -27.50 31.42
N LEU A 97 20.00 -27.65 30.09
CA LEU A 97 20.51 -28.83 29.41
C LEU A 97 22.04 -28.74 29.18
N VAL A 98 22.63 -27.58 29.50
CA VAL A 98 24.07 -27.38 29.44
C VAL A 98 24.65 -27.86 30.77
N ASN A 99 24.63 -29.17 30.98
CA ASN A 99 24.99 -29.76 32.24
C ASN A 99 25.41 -31.20 31.96
N VAL A 100 26.70 -31.47 32.14
CA VAL A 100 27.27 -32.79 31.92
C VAL A 100 28.05 -33.27 33.16
N HIS A 101 27.72 -32.72 34.34
CA HIS A 101 28.36 -33.15 35.61
C HIS A 101 27.37 -33.87 36.55
N MET A 102 26.16 -34.14 36.10
CA MET A 102 25.19 -34.86 36.93
C MET A 102 25.58 -36.33 37.00
N ALA A 103 24.98 -37.05 37.96
CA ALA A 103 25.27 -38.45 38.21
C ALA A 103 24.63 -39.28 37.10
N THR A 104 25.40 -39.48 36.03
CA THR A 104 24.97 -40.11 34.82
C THR A 104 26.06 -41.04 34.30
N LYS A 105 25.69 -41.87 33.33
CA LYS A 105 26.64 -42.54 32.50
C LYS A 105 27.56 -41.49 31.85
N ARG A 106 28.77 -41.90 31.46
CA ARG A 106 29.71 -40.91 30.95
C ARG A 106 30.49 -41.47 29.77
N MET A 107 31.07 -40.57 29.00
CA MET A 107 31.81 -40.90 27.76
C MET A 107 33.23 -41.38 28.08
N TYR A 108 33.81 -42.09 27.10
CA TYR A 108 35.27 -42.40 26.99
C TYR A 108 35.80 -43.05 28.27
N ASP A 109 35.30 -44.26 28.57
CA ASP A 109 35.89 -45.14 29.61
C ASP A 109 35.96 -44.39 30.95
N ASP A 110 34.84 -43.74 31.32
CA ASP A 110 34.65 -43.08 32.60
C ASP A 110 35.57 -41.86 32.80
N LYS A 111 36.14 -41.30 31.71
CA LYS A 111 36.97 -40.10 31.84
C LYS A 111 36.29 -38.86 31.24
N GLY A 112 35.29 -39.06 30.38
CA GLY A 112 34.64 -37.97 29.64
C GLY A 112 33.43 -37.40 30.37
N ILE A 113 32.71 -36.53 29.65
CA ILE A 113 31.55 -35.87 30.16
C ILE A 113 30.49 -36.90 30.57
N GLY A 114 29.65 -36.50 31.53
CA GLY A 114 28.38 -37.18 31.71
C GLY A 114 27.50 -36.98 30.48
N PHE A 115 26.67 -37.99 30.17
CA PHE A 115 25.75 -37.88 29.06
C PHE A 115 24.79 -36.73 29.35
N PRO A 116 24.63 -35.77 28.43
CA PRO A 116 23.60 -34.74 28.60
C PRO A 116 22.22 -35.40 28.40
N VAL A 117 21.18 -34.73 28.89
CA VAL A 117 19.82 -35.12 28.55
C VAL A 117 19.73 -35.13 27.02
N GLU A 118 19.30 -36.27 26.45
CA GLU A 118 19.31 -36.44 25.01
C GLU A 118 18.30 -37.52 24.61
N GLY A 119 17.98 -37.53 23.32
CA GLY A 119 17.05 -38.49 22.75
C GLY A 119 15.77 -37.80 22.34
N MET A 120 14.68 -38.55 22.42
CA MET A 120 13.39 -38.18 21.96
C MET A 120 13.01 -36.77 22.42
N ASN A 121 12.52 -35.97 21.46
CA ASN A 121 11.91 -34.67 21.72
C ASN A 121 10.46 -34.72 21.23
N PHE A 122 9.57 -34.18 22.04
CA PHE A 122 8.19 -34.03 21.71
C PHE A 122 7.73 -32.67 22.25
N HIS A 123 7.23 -31.82 21.36
CA HIS A 123 6.86 -30.45 21.70
C HIS A 123 5.50 -30.17 21.06
N MET A 124 4.50 -29.85 21.90
CA MET A 124 3.23 -29.42 21.37
C MET A 124 2.66 -28.34 22.28
N PHE A 125 1.88 -27.44 21.69
CA PHE A 125 1.05 -26.53 22.44
C PHE A 125 -0.27 -26.31 21.68
N ALA A 126 -1.29 -25.94 22.45
CA ALA A 126 -2.61 -25.65 21.94
C ALA A 126 -3.18 -24.46 22.70
N VAL A 127 -3.88 -23.58 21.97
CA VAL A 127 -4.63 -22.48 22.53
C VAL A 127 -6.03 -22.53 21.88
N GLY A 128 -7.07 -22.58 22.71
CA GLY A 128 -8.42 -22.66 22.24
C GLY A 128 -9.43 -22.03 23.19
N GLY A 129 -10.68 -21.97 22.72
CA GLY A 129 -11.80 -21.39 23.43
C GLY A 129 -12.66 -22.44 24.12
N GLU A 130 -12.12 -23.65 24.25
CA GLU A 130 -12.76 -24.79 24.91
C GLU A 130 -11.69 -25.87 25.06
N PRO A 131 -11.93 -26.93 25.83
CA PRO A 131 -10.90 -27.97 26.03
C PRO A 131 -10.44 -28.58 24.70
N LEU A 132 -9.15 -28.89 24.62
CA LEU A 132 -8.59 -29.63 23.50
C LEU A 132 -9.30 -30.98 23.39
N GLU A 133 -9.78 -31.29 22.18
CA GLU A 133 -10.47 -32.55 21.92
C GLU A 133 -9.45 -33.60 21.52
N LEU A 134 -9.53 -34.76 22.17
CA LEU A 134 -8.54 -35.82 22.04
C LEU A 134 -9.12 -37.02 21.29
N GLN A 135 -8.22 -37.67 20.53
CA GLN A 135 -8.43 -38.97 19.91
C GLN A 135 -7.51 -39.98 20.60
N PHE A 136 -8.03 -41.15 20.95
CA PHE A 136 -7.24 -42.23 21.49
C PHE A 136 -6.52 -42.94 20.33
N LEU A 137 -5.22 -43.17 20.49
CA LEU A 137 -4.45 -44.00 19.57
C LEU A 137 -3.16 -44.42 20.28
N THR A 138 -2.86 -45.71 20.25
CA THR A 138 -1.78 -46.29 21.04
C THR A 138 -0.94 -47.25 20.18
N GLY A 139 0.32 -47.40 20.56
CA GLY A 139 1.20 -48.38 19.97
C GLY A 139 0.89 -49.80 20.43
N ASN A 140 0.16 -49.93 21.54
CA ASN A 140 -0.16 -51.25 22.13
C ASN A 140 -1.54 -51.18 22.80
N TYR A 141 -2.56 -51.79 22.18
CA TYR A 141 -3.94 -51.70 22.68
C TYR A 141 -4.08 -52.31 24.07
N ARG A 142 -3.17 -53.22 24.43
CA ARG A 142 -3.24 -53.97 25.69
C ARG A 142 -2.55 -53.23 26.85
N THR A 143 -2.00 -52.05 26.61
CA THR A 143 -1.28 -51.34 27.67
C THR A 143 -2.21 -51.24 28.89
N ASP A 144 -1.67 -51.63 30.05
CA ASP A 144 -2.43 -51.70 31.31
C ASP A 144 -1.97 -50.53 32.18
N TYR A 145 -2.84 -49.55 32.38
CA TYR A 145 -2.49 -48.30 33.15
C TYR A 145 -2.85 -48.41 34.64
N SER A 146 -3.20 -49.60 35.12
CA SER A 146 -3.86 -49.75 36.43
C SER A 146 -2.85 -49.61 37.60
N ALA A 147 -1.55 -49.47 37.36
CA ALA A 147 -0.61 -49.17 38.47
C ALA A 147 -0.80 -47.73 38.96
N ASN A 148 -1.49 -46.89 38.19
CA ASN A 148 -1.75 -45.50 38.54
C ASN A 148 -3.15 -45.14 38.02
N ASP A 149 -4.12 -45.22 38.94
CA ASP A 149 -5.52 -45.09 38.63
C ASP A 149 -5.87 -43.61 38.46
N LYS A 150 -4.91 -42.69 38.64
CA LYS A 150 -5.14 -41.24 38.42
C LYS A 150 -5.02 -40.90 36.92
N LEU A 151 -4.47 -41.83 36.11
CA LEU A 151 -4.41 -41.60 34.64
C LEU A 151 -5.80 -41.75 34.04
N VAL A 152 -6.20 -40.83 33.16
CA VAL A 152 -7.46 -40.91 32.44
C VAL A 152 -7.22 -41.64 31.12
N VAL A 153 -7.80 -42.83 31.00
CA VAL A 153 -7.65 -43.72 29.87
C VAL A 153 -9.00 -44.38 29.63
N PRO A 154 -9.27 -44.95 28.44
CA PRO A 154 -10.57 -45.57 28.19
C PRO A 154 -10.79 -46.77 29.12
N PRO A 155 -12.06 -47.06 29.48
CA PRO A 155 -12.35 -48.19 30.38
C PRO A 155 -12.23 -49.57 29.73
N ILE A 156 -12.24 -49.64 28.40
CA ILE A 156 -12.13 -50.91 27.65
C ILE A 156 -10.98 -50.79 26.64
N LYS A 157 -10.41 -51.94 26.29
CA LYS A 157 -9.33 -52.05 25.34
C LYS A 157 -9.84 -52.81 24.11
N HIS A 158 -9.32 -52.46 22.93
CA HIS A 158 -9.64 -53.15 21.69
C HIS A 158 -8.50 -53.00 20.69
N GLN A 159 -8.32 -54.03 19.89
CA GLN A 159 -7.28 -54.15 18.87
C GLN A 159 -7.25 -52.91 17.95
N SER A 160 -8.43 -52.35 17.66
CA SER A 160 -8.61 -51.31 16.67
C SER A 160 -7.96 -49.98 17.08
N THR A 161 -7.65 -49.81 18.37
CA THR A 161 -7.12 -48.57 18.92
C THR A 161 -5.64 -48.38 18.58
N GLN A 162 -5.02 -49.34 17.88
CA GLN A 162 -3.68 -49.14 17.30
C GLN A 162 -3.77 -48.34 16.01
N GLY A 163 -5.00 -48.14 15.54
CA GLY A 163 -5.36 -47.20 14.50
C GLY A 163 -6.32 -46.16 15.04
N LEU A 164 -7.00 -45.44 14.15
CA LEU A 164 -7.97 -44.43 14.51
C LEU A 164 -9.35 -45.10 14.58
N ASN A 165 -9.87 -45.23 15.80
CA ASN A 165 -11.22 -45.69 16.09
C ASN A 165 -11.98 -44.51 16.70
N PRO A 166 -12.90 -43.87 15.95
CA PRO A 166 -13.55 -42.67 16.41
C PRO A 166 -14.49 -42.84 17.64
N HIS A 167 -14.70 -44.09 18.08
CA HIS A 167 -15.46 -44.34 19.30
C HIS A 167 -14.62 -44.03 20.55
N TYR A 168 -13.31 -43.78 20.38
CA TYR A 168 -12.45 -43.56 21.53
C TYR A 168 -11.94 -42.12 21.54
N LYS A 169 -12.67 -41.25 22.23
CA LYS A 169 -12.37 -39.83 22.30
C LYS A 169 -12.45 -39.36 23.74
N GLN A 170 -11.95 -38.14 23.96
CA GLN A 170 -11.95 -37.50 25.25
C GLN A 170 -11.73 -36.01 25.05
N LYS A 171 -11.75 -35.27 26.15
CA LYS A 171 -11.38 -33.86 26.21
C LYS A 171 -10.33 -33.68 27.29
N LEU A 172 -9.35 -32.82 27.02
CA LEU A 172 -8.24 -32.57 27.92
C LEU A 172 -8.72 -31.59 29.00
N THR A 173 -9.24 -32.17 30.09
CA THR A 173 -9.91 -31.41 31.13
C THR A 173 -9.16 -31.48 32.46
N LYS A 174 -8.01 -32.18 32.50
CA LYS A 174 -7.24 -32.34 33.75
C LYS A 174 -5.74 -32.31 33.42
N ASP A 175 -5.01 -31.47 34.16
CA ASP A 175 -3.58 -31.38 34.12
C ASP A 175 -2.94 -32.66 34.68
N GLY A 176 -1.88 -33.14 34.03
CA GLY A 176 -1.07 -34.21 34.57
C GLY A 176 -1.77 -35.54 34.70
N ALA A 177 -2.75 -35.83 33.83
CA ALA A 177 -3.56 -37.04 33.95
C ALA A 177 -3.75 -37.80 32.62
N PHE A 178 -3.69 -37.10 31.47
CA PHE A 178 -3.93 -37.73 30.15
C PHE A 178 -2.59 -38.11 29.52
N PRO A 179 -2.24 -39.39 29.40
CA PRO A 179 -0.97 -39.78 28.79
C PRO A 179 -0.83 -39.35 27.34
N VAL A 180 0.36 -38.81 27.02
CA VAL A 180 0.64 -38.39 25.66
C VAL A 180 0.72 -39.61 24.74
N GLU A 181 1.15 -40.74 25.28
CA GLU A 181 1.40 -41.93 24.47
C GLU A 181 0.11 -42.50 23.88
N CYS A 182 -1.06 -42.14 24.43
CA CYS A 182 -2.29 -42.78 23.96
C CYS A 182 -3.38 -41.75 23.62
N TRP A 183 -3.13 -40.46 23.86
CA TRP A 183 -4.07 -39.39 23.46
C TRP A 183 -3.38 -38.37 22.56
N CYS A 184 -4.04 -38.01 21.46
CA CYS A 184 -3.54 -37.00 20.55
C CYS A 184 -4.67 -36.06 20.17
N PRO A 185 -4.38 -34.88 19.59
CA PRO A 185 -5.44 -33.97 19.17
C PRO A 185 -6.34 -34.69 18.16
N ASP A 186 -7.65 -34.52 18.32
CA ASP A 186 -8.65 -35.06 17.40
C ASP A 186 -8.76 -34.11 16.23
N PRO A 187 -8.24 -34.48 15.03
CA PRO A 187 -8.24 -33.54 13.90
C PRO A 187 -9.63 -33.34 13.28
N SER A 188 -10.60 -34.22 13.63
CA SER A 188 -11.96 -34.13 13.13
C SER A 188 -12.77 -33.12 13.92
N LYS A 189 -12.24 -32.63 15.04
CA LYS A 189 -12.89 -31.57 15.82
C LYS A 189 -11.88 -30.41 15.97
N ASN A 190 -11.83 -29.79 17.16
CA ASN A 190 -10.89 -28.75 17.49
C ASN A 190 -10.99 -27.56 16.51
N GLU A 191 -12.22 -27.27 16.05
CA GLU A 191 -12.45 -26.11 15.15
C GLU A 191 -12.11 -24.82 15.89
N ASN A 192 -12.19 -24.84 17.23
CA ASN A 192 -12.07 -23.65 18.06
C ASN A 192 -10.76 -23.66 18.89
N THR A 193 -9.80 -24.47 18.45
CA THR A 193 -8.49 -24.59 19.05
C THR A 193 -7.45 -24.59 17.92
N ARG A 194 -6.29 -23.99 18.17
CA ARG A 194 -5.14 -24.14 17.28
C ARG A 194 -4.09 -24.96 18.02
N TYR A 195 -3.60 -26.03 17.39
CA TYR A 195 -2.52 -26.82 18.01
C TYR A 195 -1.37 -27.04 17.01
N TYR A 196 -0.17 -27.18 17.58
CA TYR A 196 1.08 -27.28 16.84
C TYR A 196 1.97 -28.27 17.62
N GLY A 197 2.50 -29.27 16.89
CA GLY A 197 3.30 -30.27 17.54
C GLY A 197 4.40 -30.78 16.64
N SER A 198 5.46 -31.31 17.27
CA SER A 198 6.52 -31.92 16.55
C SER A 198 7.09 -33.07 17.40
N TYR A 199 7.65 -34.05 16.71
CA TYR A 199 8.30 -35.18 17.33
C TYR A 199 9.62 -35.44 16.59
N THR A 200 10.70 -35.60 17.35
CA THR A 200 11.96 -36.07 16.84
C THR A 200 12.36 -37.27 17.70
N GLY A 201 12.48 -38.45 17.06
CA GLY A 201 12.61 -39.68 17.80
C GLY A 201 14.04 -40.15 17.90
N GLY A 202 14.20 -41.46 17.86
CA GLY A 202 15.51 -42.10 17.98
C GLY A 202 15.94 -42.26 19.42
N GLN A 203 17.13 -42.84 19.62
CA GLN A 203 17.58 -43.33 20.93
C GLN A 203 18.30 -42.23 21.72
N SER A 204 19.32 -41.63 21.08
CA SER A 204 20.30 -40.70 21.72
C SER A 204 20.34 -39.37 20.97
N THR A 205 19.32 -39.11 20.14
CA THR A 205 19.27 -38.00 19.23
C THR A 205 19.57 -36.68 19.96
N PRO A 206 20.41 -35.81 19.39
CA PRO A 206 20.63 -34.46 19.93
C PRO A 206 19.33 -33.68 20.00
N PRO A 207 18.96 -33.12 21.18
CA PRO A 207 17.85 -32.17 21.22
C PRO A 207 18.24 -30.91 20.45
N VAL A 208 17.29 -30.35 19.71
CA VAL A 208 17.50 -29.13 18.97
C VAL A 208 16.38 -28.19 19.39
N LEU A 209 16.74 -27.15 20.14
CA LEU A 209 15.79 -26.29 20.81
C LEU A 209 16.15 -24.84 20.53
N GLN A 210 15.13 -24.00 20.46
CA GLN A 210 15.23 -22.56 20.30
C GLN A 210 14.47 -21.90 21.45
N PHE A 211 14.95 -20.72 21.86
CA PHE A 211 14.16 -19.89 22.79
C PHE A 211 14.38 -18.41 22.45
N THR A 212 13.27 -17.68 22.38
CA THR A 212 13.33 -16.25 22.05
C THR A 212 12.04 -15.62 22.57
N ASN A 213 12.10 -14.31 22.83
CA ASN A 213 10.92 -13.53 23.22
C ASN A 213 10.45 -12.67 22.05
N THR A 214 10.83 -13.02 20.83
CA THR A 214 10.57 -12.13 19.66
C THR A 214 9.59 -12.73 18.65
N VAL A 215 9.04 -13.92 18.90
CA VAL A 215 8.23 -14.62 17.91
C VAL A 215 6.76 -14.67 18.37
N THR A 216 5.89 -14.17 17.49
CA THR A 216 4.46 -14.16 17.68
C THR A 216 3.85 -15.19 16.71
N THR A 217 3.02 -16.08 17.25
CA THR A 217 2.27 -17.04 16.49
C THR A 217 0.83 -16.51 16.33
N VAL A 218 0.42 -16.31 15.08
CA VAL A 218 -0.93 -15.86 14.78
C VAL A 218 -1.90 -17.03 14.94
N LEU A 219 -2.99 -16.83 15.70
CA LEU A 219 -4.00 -17.88 15.96
C LEU A 219 -5.24 -17.74 15.05
N LEU A 220 -5.30 -16.67 14.24
CA LEU A 220 -6.42 -16.47 13.32
C LEU A 220 -6.41 -17.57 12.27
N ASP A 221 -7.60 -18.07 11.91
CA ASP A 221 -7.76 -19.08 10.89
C ASP A 221 -7.79 -18.40 9.51
N GLU A 222 -8.09 -19.19 8.46
CA GLU A 222 -8.06 -18.70 7.08
C GLU A 222 -9.12 -17.60 6.87
N ASN A 223 -10.14 -17.53 7.73
CA ASN A 223 -11.19 -16.53 7.61
C ASN A 223 -10.89 -15.32 8.51
N GLY A 224 -9.75 -15.29 9.18
CA GLY A 224 -9.36 -14.15 10.03
C GLY A 224 -9.98 -14.20 11.42
N VAL A 225 -10.39 -15.40 11.86
CA VAL A 225 -11.06 -15.60 13.13
C VAL A 225 -10.19 -16.49 14.02
N GLY A 226 -9.94 -16.02 15.25
CA GLY A 226 -9.18 -16.74 16.25
C GLY A 226 -10.12 -17.59 17.09
N PRO A 227 -9.57 -18.46 17.96
CA PRO A 227 -10.41 -19.18 18.93
C PRO A 227 -11.31 -18.20 19.69
N LEU A 228 -12.58 -18.59 19.85
CA LEU A 228 -13.59 -17.83 20.58
C LEU A 228 -13.86 -18.51 21.92
N CYS A 229 -13.71 -17.74 22.99
CA CYS A 229 -13.63 -18.27 24.34
C CYS A 229 -15.03 -18.46 24.92
N LYS A 230 -15.53 -19.68 24.85
CA LYS A 230 -16.85 -20.04 25.33
C LYS A 230 -16.87 -19.96 26.86
N GLY A 231 -17.88 -19.26 27.38
CA GLY A 231 -18.05 -19.02 28.79
C GLY A 231 -16.88 -18.27 29.40
N ASP A 232 -16.26 -17.42 28.58
CA ASP A 232 -15.10 -16.59 28.96
C ASP A 232 -13.98 -17.45 29.52
N GLY A 233 -13.76 -18.62 28.94
CA GLY A 233 -12.66 -19.51 29.29
C GLY A 233 -11.62 -19.66 28.18
N LEU A 234 -10.36 -19.49 28.53
CA LEU A 234 -9.23 -19.66 27.60
C LEU A 234 -8.49 -20.93 28.00
N TYR A 235 -8.27 -21.84 27.05
CA TYR A 235 -7.68 -23.16 27.33
C TYR A 235 -6.29 -23.23 26.69
N VAL A 236 -5.31 -23.60 27.51
CA VAL A 236 -3.94 -23.69 27.11
C VAL A 236 -3.42 -25.07 27.50
N SER A 237 -2.78 -25.76 26.55
CA SER A 237 -2.28 -27.12 26.75
C SER A 237 -0.89 -27.25 26.14
N CYS A 238 -0.06 -28.17 26.66
CA CYS A 238 1.23 -28.38 26.06
C CYS A 238 1.89 -29.65 26.58
N CYS A 239 2.99 -30.00 25.95
CA CYS A 239 3.91 -31.02 26.45
C CYS A 239 5.28 -30.73 25.81
N ASP A 240 6.35 -30.76 26.62
CA ASP A 240 7.70 -30.46 26.12
C ASP A 240 8.72 -31.42 26.72
N ILE A 241 8.91 -32.55 26.03
CA ILE A 241 9.90 -33.57 26.38
C ILE A 241 11.19 -33.21 25.63
N VAL A 242 12.30 -33.12 26.36
CA VAL A 242 13.57 -32.70 25.76
C VAL A 242 14.57 -33.85 25.74
N GLY A 243 14.18 -35.02 26.24
CA GLY A 243 15.07 -36.18 26.18
C GLY A 243 15.01 -37.04 27.42
N PHE A 244 16.03 -37.89 27.57
CA PHE A 244 16.18 -38.76 28.73
C PHE A 244 17.46 -38.44 29.49
N LEU A 245 17.38 -38.50 30.82
CA LEU A 245 18.56 -38.50 31.68
C LEU A 245 19.00 -39.97 31.84
N VAL A 246 20.28 -40.23 31.56
CA VAL A 246 20.81 -41.60 31.61
C VAL A 246 21.63 -41.77 32.89
N GLY A 247 21.08 -42.49 33.87
CA GLY A 247 21.73 -42.78 35.13
C GLY A 247 22.95 -43.66 34.95
N LYS A 248 23.78 -43.71 36.00
CA LYS A 248 25.04 -44.48 36.05
C LYS A 248 24.85 -45.89 35.49
N ASP A 249 23.78 -46.56 35.91
CA ASP A 249 23.59 -47.97 35.58
C ASP A 249 22.81 -48.15 34.27
N GLY A 250 22.42 -47.06 33.60
CA GLY A 250 21.68 -47.13 32.33
C GLY A 250 20.18 -46.89 32.50
N ASP A 251 19.70 -46.74 33.73
CA ASP A 251 18.32 -46.39 34.05
C ASP A 251 18.04 -45.01 33.44
N MET A 252 16.85 -44.83 32.86
CA MET A 252 16.55 -43.64 32.08
C MET A 252 15.22 -43.04 32.53
N GLN A 253 15.18 -41.72 32.52
CA GLN A 253 14.00 -40.96 32.92
C GLN A 253 13.75 -39.86 31.88
N TYR A 254 12.50 -39.69 31.49
CA TYR A 254 12.09 -38.53 30.71
C TYR A 254 12.45 -37.25 31.45
N ARG A 255 12.86 -36.22 30.69
CA ARG A 255 13.02 -34.88 31.20
C ARG A 255 12.13 -33.94 30.40
N GLY A 256 11.35 -33.10 31.10
CA GLY A 256 10.49 -32.10 30.49
C GLY A 256 10.84 -30.72 30.99
N LEU A 257 10.41 -29.69 30.24
CA LEU A 257 10.66 -28.31 30.58
C LEU A 257 9.34 -27.56 30.58
N PRO A 258 9.23 -26.46 31.34
CA PRO A 258 8.03 -25.64 31.37
C PRO A 258 7.88 -24.85 30.07
N ARG A 259 6.65 -24.37 29.82
CA ARG A 259 6.37 -23.54 28.71
C ARG A 259 5.62 -22.30 29.20
N TYR A 260 6.01 -21.16 28.61
CA TYR A 260 5.44 -19.85 28.90
C TYR A 260 4.53 -19.45 27.74
N PHE A 261 3.49 -18.70 28.05
CA PHE A 261 2.50 -18.21 27.08
C PHE A 261 2.13 -16.76 27.39
N ASN A 262 2.09 -15.93 26.35
CA ASN A 262 1.55 -14.57 26.41
C ASN A 262 0.54 -14.46 25.25
N ILE A 263 -0.75 -14.48 25.58
CA ILE A 263 -1.82 -14.57 24.61
C ILE A 263 -2.55 -13.22 24.55
N LEU A 264 -2.69 -12.68 23.34
CA LEU A 264 -3.44 -11.43 23.10
C LEU A 264 -4.85 -11.80 22.66
N LEU A 265 -5.87 -11.17 23.27
CA LEU A 265 -7.26 -11.41 22.94
C LEU A 265 -7.98 -10.09 22.65
N ARG A 266 -9.00 -10.16 21.78
CA ARG A 266 -9.79 -8.99 21.40
C ARG A 266 -11.28 -9.33 21.47
N LYS A 267 -12.12 -8.32 21.63
CA LYS A 267 -13.56 -8.49 21.71
C LYS A 267 -14.12 -8.68 20.31
N ARG A 268 -14.96 -9.70 20.15
CA ARG A 268 -15.58 -10.04 18.90
C ARG A 268 -17.09 -10.19 19.14
N THR A 269 -17.87 -9.49 18.31
CA THR A 269 -19.30 -9.61 18.27
C THR A 269 -19.67 -10.86 17.52
N VAL A 270 -20.60 -11.63 18.09
CA VAL A 270 -21.13 -12.85 17.46
C VAL A 270 -22.66 -12.81 17.56
N ARG A 271 -23.33 -13.60 16.70
CA ARG A 271 -24.79 -13.70 16.70
C ARG A 271 -25.24 -14.53 17.91
N ASN A 272 -26.33 -14.09 18.54
CA ASN A 272 -27.02 -14.76 19.64
C ASN A 272 -28.42 -15.14 19.16
N ASN B 1 5.87 0.58 31.56
CA ASN B 1 6.08 1.85 32.31
C ASN B 1 6.15 3.04 31.34
N ILE B 2 6.97 2.92 30.27
CA ILE B 2 7.44 4.09 29.49
C ILE B 2 6.49 4.35 28.31
N GLU B 3 5.92 5.54 28.26
CA GLU B 3 5.10 5.99 27.14
C GLU B 3 6.05 6.54 26.06
N VAL B 4 6.03 5.90 24.89
CA VAL B 4 6.93 6.17 23.82
C VAL B 4 6.29 7.20 22.89
N LEU B 5 7.00 8.29 22.58
CA LEU B 5 6.49 9.30 21.66
C LEU B 5 7.27 9.18 20.34
N ASN B 6 7.55 10.31 19.66
CA ASN B 6 8.10 10.30 18.31
C ASN B 6 9.63 10.17 18.35
N LEU B 7 10.17 9.75 17.21
CA LEU B 7 11.59 9.75 16.94
C LEU B 7 12.08 11.19 16.87
N VAL B 8 13.30 11.41 17.36
CA VAL B 8 14.02 12.65 17.12
C VAL B 8 14.72 12.52 15.77
N THR B 9 14.49 13.48 14.86
CA THR B 9 15.10 13.45 13.53
C THR B 9 16.28 14.44 13.50
N GLY B 10 17.09 14.33 12.45
CA GLY B 10 18.12 15.31 12.13
C GLY B 10 19.52 14.84 12.51
N PRO B 11 20.51 15.75 12.51
CA PRO B 11 21.90 15.36 12.74
C PRO B 11 22.07 14.82 14.16
N ASP B 12 22.98 13.87 14.32
CA ASP B 12 23.36 13.31 15.63
C ASP B 12 22.19 12.57 16.29
N SER B 13 21.16 12.15 15.51
CA SER B 13 20.02 11.42 16.10
C SER B 13 20.28 9.89 16.12
N ILE B 14 21.38 9.46 15.53
CA ILE B 14 21.77 8.05 15.41
C ILE B 14 23.16 7.88 16.04
N THR B 15 23.43 6.71 16.61
CA THR B 15 24.77 6.37 17.06
C THR B 15 24.92 4.86 16.97
N THR B 16 26.15 4.37 16.97
CA THR B 16 26.41 2.95 16.92
C THR B 16 27.37 2.60 18.05
N ILE B 17 27.22 1.39 18.57
CA ILE B 17 28.04 0.85 19.61
C ILE B 17 28.61 -0.45 19.08
N GLU B 18 29.92 -0.64 19.25
CA GLU B 18 30.60 -1.81 18.81
C GLU B 18 31.34 -2.39 20.01
N LEU B 19 31.23 -3.71 20.23
CA LEU B 19 32.00 -4.37 21.25
C LEU B 19 32.09 -5.86 20.94
N TYR B 20 32.91 -6.55 21.72
CA TYR B 20 32.98 -7.97 21.76
C TYR B 20 32.95 -8.40 23.23
N LEU B 21 32.55 -9.65 23.45
CA LEU B 21 32.61 -10.29 24.73
C LEU B 21 33.34 -11.61 24.58
N ASN B 22 34.38 -11.78 25.39
CA ASN B 22 35.12 -13.05 25.44
C ASN B 22 34.30 -14.08 26.24
N THR B 23 34.49 -15.34 25.89
CA THR B 23 33.73 -16.45 26.42
C THR B 23 34.10 -16.64 27.89
N ARG B 24 33.16 -17.19 28.66
CA ARG B 24 33.34 -17.49 30.07
C ARG B 24 32.99 -18.97 30.32
N MET B 25 33.89 -19.83 29.87
CA MET B 25 33.69 -21.27 29.92
C MET B 25 34.14 -21.84 31.26
N GLY B 26 34.95 -21.09 32.02
CA GLY B 26 35.38 -21.52 33.34
C GLY B 26 36.80 -21.11 33.68
N GLN B 27 37.74 -21.29 32.76
CA GLN B 27 39.06 -20.67 32.88
C GLN B 27 38.98 -19.32 32.18
N ASN B 28 38.69 -18.28 32.97
CA ASN B 28 38.27 -17.00 32.44
C ASN B 28 39.39 -15.95 32.56
N ASP B 29 40.61 -16.40 32.88
CA ASP B 29 41.77 -15.52 33.00
C ASP B 29 42.61 -15.63 31.73
N GLU B 30 42.69 -14.52 30.98
CA GLU B 30 43.31 -14.47 29.66
C GLU B 30 44.84 -14.62 29.75
N SER B 31 45.41 -14.58 30.94
CA SER B 31 46.87 -14.71 31.12
C SER B 31 47.26 -16.16 31.40
N LYS B 32 46.29 -17.07 31.52
CA LYS B 32 46.56 -18.44 31.93
C LYS B 32 46.22 -19.40 30.79
N ASP B 33 46.85 -20.58 30.85
CA ASP B 33 46.61 -21.66 29.92
C ASP B 33 45.13 -22.06 30.04
N ASN B 34 44.59 -22.64 28.97
CA ASN B 34 43.20 -23.11 28.97
C ASN B 34 42.20 -21.96 28.95
N TYR B 35 42.63 -20.72 28.64
CA TYR B 35 41.69 -19.61 28.51
C TYR B 35 40.69 -19.96 27.40
N GLY B 36 39.40 -19.68 27.67
CA GLY B 36 38.35 -19.90 26.68
C GLY B 36 37.91 -21.35 26.63
N TYR B 37 38.37 -22.15 27.59
CA TYR B 37 37.88 -23.47 27.87
C TYR B 37 37.45 -23.55 29.34
N SER B 38 36.65 -24.57 29.66
CA SER B 38 36.40 -24.93 31.02
C SER B 38 37.59 -25.74 31.54
N GLU B 39 37.65 -25.90 32.87
CA GLU B 39 38.46 -26.95 33.47
C GLU B 39 37.81 -28.28 33.09
N LYS B 40 38.54 -29.38 33.30
CA LYS B 40 38.10 -30.73 33.02
C LYS B 40 36.74 -30.95 33.67
N VAL B 41 35.82 -31.53 32.90
CA VAL B 41 34.51 -31.87 33.39
C VAL B 41 34.64 -33.08 34.32
N THR B 42 33.92 -33.05 35.44
CA THR B 42 33.81 -34.16 36.39
C THR B 42 32.34 -34.53 36.50
N VAL B 43 32.07 -35.73 37.04
CA VAL B 43 30.74 -36.32 37.03
C VAL B 43 30.40 -36.79 38.44
N ALA B 44 29.26 -36.34 38.95
CA ALA B 44 28.79 -36.66 40.29
C ALA B 44 28.64 -38.17 40.43
N ASN B 45 29.01 -38.70 41.62
CA ASN B 45 28.76 -40.09 41.99
C ASN B 45 27.27 -40.30 42.26
N SER B 46 26.61 -39.27 42.78
CA SER B 46 25.18 -39.32 43.01
C SER B 46 24.63 -37.89 43.03
N SER B 47 23.30 -37.77 42.93
CA SER B 47 22.67 -36.48 42.77
C SER B 47 22.75 -35.63 44.05
N ASP B 48 23.00 -36.29 45.19
CA ASP B 48 23.15 -35.60 46.49
C ASP B 48 24.61 -35.28 46.77
N GLN B 49 25.53 -35.67 45.87
CA GLN B 49 26.96 -35.28 45.94
C GLN B 49 27.38 -34.74 44.57
N ASP B 50 26.62 -33.76 44.09
CA ASP B 50 26.82 -33.16 42.78
C ASP B 50 27.44 -31.79 43.03
N LYS B 51 28.78 -31.76 43.04
CA LYS B 51 29.53 -30.59 43.41
C LYS B 51 30.57 -30.30 42.34
N PRO B 52 30.22 -29.52 41.29
CA PRO B 52 31.18 -29.23 40.23
C PRO B 52 32.45 -28.56 40.77
N THR B 53 33.60 -28.95 40.21
CA THR B 53 34.87 -28.35 40.55
C THR B 53 34.86 -26.87 40.12
N SER B 54 35.75 -26.09 40.73
CA SER B 54 35.91 -24.70 40.39
C SER B 54 36.41 -24.60 38.94
N GLY B 55 35.70 -23.83 38.11
CA GLY B 55 36.13 -23.58 36.74
C GLY B 55 35.60 -24.55 35.70
N GLU B 56 34.73 -25.50 36.06
CA GLU B 56 34.22 -26.46 35.06
C GLU B 56 32.82 -26.07 34.53
N ILE B 57 32.31 -24.90 34.92
CA ILE B 57 30.91 -24.50 34.70
C ILE B 57 30.89 -23.25 33.82
N PRO B 58 30.34 -23.31 32.59
CA PRO B 58 30.18 -22.09 31.79
C PRO B 58 29.22 -21.09 32.44
N THR B 59 29.48 -19.80 32.23
CA THR B 59 28.68 -18.70 32.72
C THR B 59 28.38 -17.74 31.56
N TYR B 60 27.38 -16.89 31.75
CA TYR B 60 27.04 -15.85 30.77
C TYR B 60 28.11 -14.78 30.75
N SER B 61 28.39 -14.28 29.54
CA SER B 61 29.16 -13.07 29.32
C SER B 61 28.17 -11.91 29.33
N THR B 62 28.55 -10.77 29.92
CA THR B 62 27.66 -9.60 29.91
C THR B 62 28.50 -8.34 30.06
N ALA B 63 27.97 -7.22 29.55
CA ALA B 63 28.55 -5.92 29.76
C ALA B 63 27.44 -4.87 29.66
N ARG B 64 27.61 -3.79 30.43
CA ARG B 64 26.83 -2.56 30.31
C ARG B 64 27.71 -1.53 29.60
N ILE B 65 27.19 -0.92 28.55
CA ILE B 65 27.93 0.10 27.80
C ILE B 65 27.27 1.46 28.04
N ASN B 66 28.10 2.45 28.37
CA ASN B 66 27.64 3.82 28.61
C ASN B 66 27.40 4.50 27.27
N LEU B 67 26.22 5.11 27.12
CA LEU B 67 25.86 5.75 25.89
C LEU B 67 26.07 7.25 26.02
N PRO B 68 26.16 8.02 24.91
CA PRO B 68 26.23 9.48 25.01
C PRO B 68 25.09 10.05 25.86
N MET B 69 25.44 10.91 26.83
CA MET B 69 24.45 11.52 27.75
C MET B 69 23.50 12.39 26.93
N LEU B 70 22.20 12.36 27.26
CA LEU B 70 21.18 13.10 26.53
C LEU B 70 20.56 14.21 27.40
N ASN B 71 19.83 13.86 28.47
CA ASN B 71 18.98 14.82 29.19
C ASN B 71 19.80 15.48 30.30
N ASN B 77 5.85 17.14 29.55
CA ASN B 77 7.30 17.12 29.73
C ASN B 77 7.88 15.73 29.43
N THR B 78 8.97 15.77 28.67
CA THR B 78 9.49 14.62 27.91
C THR B 78 10.98 14.47 28.18
N LEU B 79 11.50 13.26 27.96
CA LEU B 79 12.93 13.02 27.88
C LEU B 79 13.27 12.34 26.55
N THR B 80 14.57 12.33 26.24
CA THR B 80 15.10 11.58 25.13
C THR B 80 15.80 10.33 25.70
N MET B 81 15.56 9.18 25.05
CA MET B 81 16.27 7.94 25.35
C MET B 81 16.88 7.38 24.06
N TRP B 82 17.99 6.64 24.22
CA TRP B 82 18.51 5.83 23.14
C TRP B 82 17.64 4.58 23.01
N GLU B 83 17.26 4.28 21.77
CA GLU B 83 16.47 3.13 21.39
C GLU B 83 17.33 2.23 20.48
N ALA B 84 17.58 0.99 20.92
CA ALA B 84 18.35 0.05 20.13
C ALA B 84 17.46 -0.44 18.99
N VAL B 85 17.89 -0.20 17.75
CA VAL B 85 17.09 -0.47 16.56
C VAL B 85 17.42 -1.85 16.00
N SER B 86 18.71 -2.19 15.95
CA SER B 86 19.17 -3.38 15.29
C SER B 86 20.57 -3.74 15.77
N VAL B 87 20.97 -4.98 15.52
CA VAL B 87 22.27 -5.45 15.89
C VAL B 87 22.79 -6.38 14.79
N LYS B 88 24.06 -6.19 14.44
CA LYS B 88 24.81 -7.18 13.70
C LYS B 88 25.73 -7.89 14.70
N THR B 89 25.53 -9.21 14.83
CA THR B 89 26.32 -9.98 15.80
C THR B 89 26.81 -11.24 15.11
N GLU B 90 27.98 -11.68 15.53
CA GLU B 90 28.70 -12.81 14.91
C GLU B 90 29.48 -13.53 15.99
N VAL B 91 29.59 -14.86 15.83
CA VAL B 91 30.56 -15.63 16.60
C VAL B 91 31.91 -15.46 15.87
N VAL B 92 32.95 -15.14 16.65
CA VAL B 92 34.27 -14.89 16.16
C VAL B 92 35.11 -16.16 16.31
N GLY B 93 36.00 -16.42 15.34
CA GLY B 93 36.93 -17.53 15.47
C GLY B 93 36.34 -18.91 15.17
N VAL B 94 35.29 -18.97 14.35
CA VAL B 94 34.72 -20.26 13.94
C VAL B 94 35.79 -21.09 13.24
N SER B 95 36.62 -20.44 12.40
CA SER B 95 37.62 -21.15 11.63
C SER B 95 38.62 -21.87 12.55
N SER B 96 38.74 -21.43 13.81
CA SER B 96 39.64 -22.06 14.78
C SER B 96 39.27 -23.52 15.01
N LEU B 97 38.03 -23.92 14.67
CA LEU B 97 37.57 -25.29 14.88
C LEU B 97 38.08 -26.22 13.75
N VAL B 98 38.70 -25.64 12.71
CA VAL B 98 39.34 -26.39 11.65
C VAL B 98 40.76 -26.73 12.13
N ASN B 99 40.85 -27.64 13.09
CA ASN B 99 42.08 -27.98 13.74
C ASN B 99 41.91 -29.39 14.31
N VAL B 100 42.63 -30.34 13.72
CA VAL B 100 42.58 -31.73 14.13
C VAL B 100 44.01 -32.25 14.42
N HIS B 101 44.92 -31.36 14.77
CA HIS B 101 46.31 -31.77 15.14
C HIS B 101 46.62 -31.46 16.61
N MET B 102 45.62 -31.01 17.39
CA MET B 102 45.83 -30.73 18.80
C MET B 102 45.96 -32.06 19.56
N ALA B 103 46.48 -31.97 20.79
CA ALA B 103 46.73 -33.13 21.63
C ALA B 103 45.38 -33.62 22.17
N THR B 104 44.77 -34.52 21.39
CA THR B 104 43.45 -35.00 21.60
C THR B 104 43.43 -36.51 21.32
N LYS B 105 42.33 -37.15 21.71
CA LYS B 105 41.99 -38.45 21.20
C LYS B 105 41.95 -38.39 19.65
N ARG B 106 42.17 -39.52 18.99
CA ARG B 106 42.22 -39.51 17.55
C ARG B 106 41.50 -40.72 16.96
N MET B 107 41.17 -40.61 15.67
CA MET B 107 40.41 -41.62 14.94
C MET B 107 41.32 -42.77 14.47
N TYR B 108 40.69 -43.89 14.13
CA TYR B 108 41.27 -45.01 13.36
C TYR B 108 42.59 -45.51 13.96
N ASP B 109 42.52 -46.06 15.18
CA ASP B 109 43.67 -46.81 15.77
C ASP B 109 44.92 -45.92 15.79
N ASP B 110 44.76 -44.68 16.24
CA ASP B 110 45.85 -43.72 16.46
C ASP B 110 46.55 -43.30 15.16
N LYS B 111 45.91 -43.51 14.00
CA LYS B 111 46.51 -43.09 12.73
C LYS B 111 45.72 -41.93 12.10
N GLY B 112 44.48 -41.70 12.55
CA GLY B 112 43.60 -40.69 11.94
C GLY B 112 43.72 -39.33 12.62
N ILE B 113 42.82 -38.42 12.23
CA ILE B 113 42.80 -37.09 12.75
C ILE B 113 42.57 -37.11 14.25
N GLY B 114 43.03 -36.05 14.92
CA GLY B 114 42.54 -35.72 16.23
C GLY B 114 41.08 -35.35 16.17
N PHE B 115 40.32 -35.68 17.23
CA PHE B 115 38.93 -35.31 17.31
C PHE B 115 38.85 -33.79 17.28
N PRO B 116 38.05 -33.19 16.37
CA PRO B 116 37.80 -31.76 16.44
C PRO B 116 36.96 -31.45 17.68
N VAL B 117 36.94 -30.17 18.09
CA VAL B 117 35.97 -29.76 19.10
C VAL B 117 34.59 -30.11 18.55
N GLU B 118 33.80 -30.84 19.35
CA GLU B 118 32.51 -31.33 18.89
C GLU B 118 31.60 -31.60 20.09
N GLY B 119 30.31 -31.76 19.80
CA GLY B 119 29.30 -32.04 20.79
C GLY B 119 28.38 -30.85 20.98
N MET B 120 27.88 -30.72 22.21
CA MET B 120 26.87 -29.77 22.60
C MET B 120 27.23 -28.37 22.08
N ASN B 121 26.22 -27.71 21.48
CA ASN B 121 26.29 -26.30 21.12
C ASN B 121 25.18 -25.54 21.87
N PHE B 122 25.54 -24.38 22.40
CA PHE B 122 24.61 -23.48 23.04
C PHE B 122 24.98 -22.07 22.64
N HIS B 123 24.04 -21.35 22.01
CA HIS B 123 24.30 -20.02 21.48
C HIS B 123 23.13 -19.12 21.88
N MET B 124 23.43 -18.05 22.61
CA MET B 124 22.40 -17.09 22.93
C MET B 124 23.03 -15.69 22.98
N PHE B 125 22.22 -14.70 22.64
CA PHE B 125 22.60 -13.32 22.88
C PHE B 125 21.34 -12.53 23.26
N ALA B 126 21.56 -11.41 23.95
CA ALA B 126 20.53 -10.52 24.38
C ALA B 126 21.04 -9.09 24.27
N VAL B 127 20.14 -8.19 23.86
CA VAL B 127 20.38 -6.76 23.80
C VAL B 127 19.17 -6.09 24.43
N GLY B 128 19.43 -5.25 25.44
CA GLY B 128 18.35 -4.60 26.17
C GLY B 128 18.78 -3.29 26.79
N GLY B 129 17.78 -2.59 27.36
CA GLY B 129 17.94 -1.28 27.97
C GLY B 129 18.06 -1.34 29.47
N GLU B 130 18.29 -2.55 29.99
CA GLU B 130 18.45 -2.84 31.41
C GLU B 130 18.99 -4.27 31.50
N PRO B 131 19.44 -4.73 32.68
CA PRO B 131 19.98 -6.08 32.81
C PRO B 131 18.98 -7.16 32.36
N LEU B 132 19.51 -8.21 31.72
CA LEU B 132 18.71 -9.37 31.36
C LEU B 132 18.13 -9.97 32.65
N GLU B 133 16.82 -10.20 32.64
CA GLU B 133 16.14 -10.79 33.80
C GLU B 133 16.16 -12.31 33.68
N LEU B 134 16.59 -12.97 34.77
CA LEU B 134 16.84 -14.39 34.80
C LEU B 134 15.78 -15.11 35.66
N GLN B 135 15.48 -16.34 35.23
CA GLN B 135 14.72 -17.33 35.97
C GLN B 135 15.66 -18.48 36.34
N PHE B 136 15.62 -18.93 37.59
CA PHE B 136 16.36 -20.10 38.02
C PHE B 136 15.60 -21.36 37.56
N LEU B 137 16.33 -22.31 36.97
CA LEU B 137 15.80 -23.64 36.66
C LEU B 137 17.00 -24.56 36.40
N THR B 138 16.98 -25.73 37.06
CA THR B 138 18.13 -26.62 37.09
C THR B 138 17.68 -28.06 36.86
N GLY B 139 18.60 -28.86 36.30
CA GLY B 139 18.40 -30.28 36.16
C GLY B 139 18.54 -31.04 37.47
N ASN B 140 19.16 -30.40 38.48
CA ASN B 140 19.40 -31.03 39.78
C ASN B 140 19.35 -29.96 40.87
N TYR B 141 18.27 -29.94 41.67
CA TYR B 141 18.06 -28.89 42.68
C TYR B 141 19.17 -28.90 43.74
N ARG B 142 19.83 -30.05 43.92
CA ARG B 142 20.82 -30.24 44.97
C ARG B 142 22.25 -29.85 44.53
N THR B 143 22.41 -29.36 43.30
CA THR B 143 23.74 -29.02 42.83
C THR B 143 24.40 -28.07 43.84
N ASP B 144 25.63 -28.41 44.24
CA ASP B 144 26.41 -27.68 45.23
C ASP B 144 27.49 -26.85 44.51
N TYR B 145 27.34 -25.52 44.51
CA TYR B 145 28.23 -24.60 43.80
C TYR B 145 29.31 -24.01 44.75
N SER B 146 29.50 -24.61 45.93
CA SER B 146 30.35 -24.01 46.97
C SER B 146 31.85 -24.16 46.67
N ALA B 147 32.24 -24.87 45.60
CA ALA B 147 33.65 -24.92 45.22
C ALA B 147 34.11 -23.58 44.61
N ASN B 148 33.17 -22.73 44.25
CA ASN B 148 33.49 -21.42 43.66
C ASN B 148 32.48 -20.40 44.14
N ASP B 149 32.87 -19.64 45.16
CA ASP B 149 31.97 -18.73 45.85
C ASP B 149 31.78 -17.44 45.03
N LYS B 150 32.45 -17.32 43.88
CA LYS B 150 32.27 -16.17 42.95
C LYS B 150 31.02 -16.38 42.08
N LEU B 151 30.50 -17.63 42.01
CA LEU B 151 29.28 -17.91 41.23
C LEU B 151 28.07 -17.36 41.96
N VAL B 152 27.18 -16.68 41.23
CA VAL B 152 25.93 -16.18 41.79
C VAL B 152 24.85 -17.24 41.58
N VAL B 153 24.37 -17.80 42.68
CA VAL B 153 23.34 -18.82 42.69
C VAL B 153 22.45 -18.54 43.90
N PRO B 154 21.21 -19.07 43.97
CA PRO B 154 20.35 -18.79 45.12
C PRO B 154 20.95 -19.36 46.40
N PRO B 155 20.69 -18.72 47.56
CA PRO B 155 21.25 -19.20 48.84
C PRO B 155 20.57 -20.45 49.40
N ILE B 156 19.37 -20.78 48.91
CA ILE B 156 18.62 -21.96 49.35
C ILE B 156 18.27 -22.84 48.14
N LYS B 157 18.15 -24.14 48.40
CA LYS B 157 17.84 -25.14 47.40
C LYS B 157 16.47 -25.73 47.71
N HIS B 158 15.71 -26.03 46.66
CA HIS B 158 14.40 -26.66 46.83
C HIS B 158 14.05 -27.51 45.61
N GLN B 159 13.34 -28.60 45.86
CA GLN B 159 12.92 -29.57 44.88
C GLN B 159 12.22 -28.92 43.67
N SER B 160 11.48 -27.84 43.93
CA SER B 160 10.61 -27.20 42.95
C SER B 160 11.40 -26.53 41.81
N THR B 161 12.70 -26.27 42.04
CA THR B 161 13.55 -25.54 41.11
C THR B 161 13.98 -26.40 39.92
N GLN B 162 13.57 -27.67 39.88
CA GLN B 162 13.72 -28.51 38.68
C GLN B 162 12.62 -28.19 37.67
N GLY B 163 11.65 -27.39 38.11
CA GLY B 163 10.67 -26.73 37.26
C GLY B 163 10.77 -25.23 37.42
N LEU B 164 9.73 -24.52 37.01
CA LEU B 164 9.68 -23.06 37.11
C LEU B 164 9.06 -22.69 38.47
N ASN B 165 9.88 -22.16 39.36
CA ASN B 165 9.47 -21.57 40.64
C ASN B 165 9.73 -20.09 40.58
N PRO B 166 8.69 -19.24 40.43
CA PRO B 166 8.92 -17.81 40.19
C PRO B 166 9.52 -17.04 41.36
N HIS B 167 9.68 -17.69 42.51
CA HIS B 167 10.35 -17.09 43.65
C HIS B 167 11.86 -17.06 43.45
N TYR B 168 12.37 -17.74 42.41
CA TYR B 168 13.83 -17.81 42.22
C TYR B 168 14.19 -17.08 40.92
N LYS B 169 14.53 -15.80 41.07
CA LYS B 169 14.86 -14.92 39.97
C LYS B 169 16.14 -14.16 40.29
N GLN B 170 16.69 -13.52 39.27
CA GLN B 170 17.86 -12.70 39.40
C GLN B 170 17.92 -11.76 38.18
N LYS B 171 18.95 -10.91 38.18
CA LYS B 171 19.32 -10.11 37.03
C LYS B 171 20.78 -10.37 36.72
N LEU B 172 21.08 -10.42 35.42
CA LEU B 172 22.45 -10.70 34.95
C LEU B 172 23.25 -9.41 35.05
N THR B 173 23.89 -9.23 36.20
CA THR B 173 24.57 -7.97 36.53
C THR B 173 26.08 -8.17 36.66
N LYS B 174 26.60 -9.37 36.44
CA LYS B 174 28.03 -9.67 36.58
C LYS B 174 28.47 -10.65 35.50
N ASP B 175 29.55 -10.30 34.81
CA ASP B 175 30.18 -11.15 33.78
C ASP B 175 30.84 -12.36 34.46
N GLY B 176 30.74 -13.52 33.84
CA GLY B 176 31.50 -14.69 34.23
C GLY B 176 31.13 -15.23 35.59
N ALA B 177 29.88 -15.06 36.01
CA ALA B 177 29.48 -15.41 37.38
C ALA B 177 28.16 -16.19 37.46
N PHE B 178 27.24 -16.02 36.50
CA PHE B 178 25.91 -16.65 36.51
C PHE B 178 25.97 -17.91 35.68
N PRO B 179 25.90 -19.12 36.27
CA PRO B 179 25.96 -20.35 35.49
C PRO B 179 24.77 -20.49 34.52
N VAL B 180 25.09 -20.90 33.30
CA VAL B 180 24.11 -21.15 32.26
C VAL B 180 23.21 -22.32 32.69
N GLU B 181 23.78 -23.27 33.41
CA GLU B 181 23.08 -24.52 33.68
C GLU B 181 21.89 -24.30 34.65
N CYS B 182 21.86 -23.16 35.35
CA CYS B 182 20.78 -22.97 36.34
C CYS B 182 20.07 -21.62 36.18
N TRP B 183 20.52 -20.78 35.26
CA TRP B 183 19.83 -19.48 34.98
C TRP B 183 19.47 -19.39 33.50
N CYS B 184 18.22 -18.98 33.21
CA CYS B 184 17.78 -18.76 31.86
C CYS B 184 17.01 -17.45 31.77
N PRO B 185 16.76 -16.91 30.57
CA PRO B 185 15.97 -15.67 30.46
C PRO B 185 14.60 -15.90 31.07
N ASP B 186 14.14 -14.92 31.84
CA ASP B 186 12.81 -14.95 32.45
C ASP B 186 11.81 -14.47 31.39
N PRO B 187 10.98 -15.35 30.81
CA PRO B 187 10.06 -14.94 29.75
C PRO B 187 8.88 -14.08 30.26
N SER B 188 8.67 -14.06 31.58
CA SER B 188 7.59 -13.27 32.21
C SER B 188 8.00 -11.81 32.37
N LYS B 189 9.29 -11.49 32.16
CA LYS B 189 9.78 -10.12 32.20
C LYS B 189 10.50 -9.83 30.86
N ASN B 190 11.61 -9.11 30.91
CA ASN B 190 12.44 -8.82 29.74
C ASN B 190 11.62 -8.10 28.67
N GLU B 191 10.68 -7.24 29.08
CA GLU B 191 9.90 -6.43 28.15
C GLU B 191 10.82 -5.48 27.36
N ASN B 192 11.97 -5.12 27.95
CA ASN B 192 12.85 -4.10 27.41
C ASN B 192 14.18 -4.71 26.92
N THR B 193 14.18 -6.02 26.67
CA THR B 193 15.33 -6.78 26.18
C THR B 193 14.81 -7.71 25.08
N ARG B 194 15.64 -7.94 24.05
CA ARG B 194 15.39 -8.98 23.07
C ARG B 194 16.46 -10.06 23.26
N TYR B 195 16.04 -11.31 23.38
CA TYR B 195 17.00 -12.43 23.47
C TYR B 195 16.63 -13.53 22.47
N TYR B 196 17.68 -14.24 22.04
CA TYR B 196 17.62 -15.29 21.04
C TYR B 196 18.59 -16.39 21.47
N GLY B 197 18.12 -17.63 21.47
CA GLY B 197 18.98 -18.71 21.92
C GLY B 197 18.66 -20.01 21.21
N SER B 198 19.65 -20.90 21.20
CA SER B 198 19.46 -22.21 20.62
C SER B 198 20.39 -23.18 21.35
N TYR B 199 20.01 -24.44 21.35
CA TYR B 199 20.71 -25.52 21.98
C TYR B 199 20.63 -26.72 21.02
N THR B 200 21.80 -27.33 20.76
CA THR B 200 21.90 -28.60 20.08
C THR B 200 22.71 -29.52 20.98
N GLY B 201 22.11 -30.62 21.43
CA GLY B 201 22.70 -31.43 22.44
C GLY B 201 23.42 -32.65 21.84
N GLY B 202 23.35 -33.76 22.56
CA GLY B 202 23.99 -34.99 22.17
C GLY B 202 25.46 -35.02 22.61
N GLN B 203 26.13 -36.14 22.31
CA GLN B 203 27.44 -36.44 22.90
C GLN B 203 28.60 -35.88 22.04
N SER B 204 28.56 -36.20 20.73
CA SER B 204 29.66 -35.95 19.77
C SER B 204 29.16 -35.16 18.56
N THR B 205 28.00 -34.54 18.72
CA THR B 205 27.27 -33.89 17.63
C THR B 205 28.17 -32.93 16.86
N PRO B 206 28.13 -32.96 15.52
CA PRO B 206 28.83 -31.95 14.72
C PRO B 206 28.34 -30.55 15.05
N PRO B 207 29.22 -29.59 15.41
CA PRO B 207 28.82 -28.19 15.51
C PRO B 207 28.45 -27.68 14.11
N VAL B 208 27.38 -26.87 14.04
CA VAL B 208 26.96 -26.28 12.79
C VAL B 208 26.89 -24.78 13.00
N LEU B 209 27.84 -24.05 12.40
CA LEU B 209 28.06 -22.64 12.73
C LEU B 209 28.17 -21.83 11.44
N GLN B 210 27.72 -20.58 11.51
CA GLN B 210 27.75 -19.62 10.43
C GLN B 210 28.45 -18.36 10.94
N PHE B 211 29.11 -17.65 10.02
CA PHE B 211 29.66 -16.32 10.29
C PHE B 211 29.59 -15.50 9.00
N THR B 212 29.13 -14.25 9.15
CA THR B 212 29.00 -13.32 8.04
C THR B 212 28.88 -11.92 8.66
N ASN B 213 29.23 -10.89 7.89
CA ASN B 213 29.07 -9.50 8.32
C ASN B 213 27.91 -8.87 7.57
N THR B 214 26.97 -9.67 7.06
CA THR B 214 25.92 -9.14 6.18
C THR B 214 24.50 -9.28 6.78
N VAL B 215 24.37 -9.78 8.01
CA VAL B 215 23.06 -10.07 8.59
C VAL B 215 22.79 -9.10 9.75
N THR B 216 21.66 -8.39 9.64
CA THR B 216 21.15 -7.46 10.61
C THR B 216 19.94 -8.07 11.29
N THR B 217 19.95 -8.08 12.62
CA THR B 217 18.84 -8.51 13.43
C THR B 217 18.11 -7.25 13.90
N VAL B 218 16.84 -7.12 13.51
CA VAL B 218 16.01 -6.01 13.93
C VAL B 218 15.55 -6.24 15.38
N LEU B 219 15.73 -5.23 16.24
CA LEU B 219 15.39 -5.31 17.68
C LEU B 219 14.03 -4.67 17.99
N LEU B 220 13.40 -4.03 17.00
CA LEU B 220 12.09 -3.41 17.20
C LEU B 220 11.07 -4.51 17.50
N ASP B 221 10.15 -4.22 18.42
CA ASP B 221 9.07 -5.14 18.78
C ASP B 221 7.92 -4.97 17.78
N GLU B 222 6.79 -5.61 18.07
CA GLU B 222 5.63 -5.62 17.17
C GLU B 222 5.06 -4.21 17.01
N ASN B 223 5.35 -3.29 17.94
CA ASN B 223 4.85 -1.93 17.89
C ASN B 223 5.88 -0.99 17.26
N GLY B 224 7.02 -1.51 16.80
CA GLY B 224 8.05 -0.69 16.16
C GLY B 224 8.97 0.00 17.16
N VAL B 225 9.05 -0.51 18.38
CA VAL B 225 9.84 0.06 19.45
C VAL B 225 10.95 -0.92 19.87
N GLY B 226 12.18 -0.41 19.89
CA GLY B 226 13.34 -1.17 20.31
C GLY B 226 13.56 -1.02 21.81
N PRO B 227 14.49 -1.80 22.40
CA PRO B 227 14.88 -1.58 23.79
C PRO B 227 15.24 -0.10 24.01
N LEU B 228 14.75 0.45 25.14
CA LEU B 228 15.00 1.82 25.55
C LEU B 228 15.99 1.80 26.72
N CYS B 229 17.10 2.52 26.53
CA CYS B 229 18.27 2.39 27.38
C CYS B 229 18.12 3.29 28.61
N LYS B 230 17.69 2.67 29.71
CA LYS B 230 17.46 3.38 30.96
C LYS B 230 18.79 3.83 31.55
N GLY B 231 18.84 5.11 31.91
CA GLY B 231 20.03 5.74 32.44
C GLY B 231 21.18 5.70 31.46
N ASP B 232 20.86 5.75 30.17
CA ASP B 232 21.84 5.72 29.07
C ASP B 232 22.76 4.50 29.20
N GLY B 233 22.22 3.35 29.59
CA GLY B 233 22.95 2.08 29.63
C GLY B 233 22.42 1.07 28.63
N LEU B 234 23.33 0.51 27.83
CA LEU B 234 23.00 -0.56 26.87
C LEU B 234 23.57 -1.87 27.42
N TYR B 235 22.73 -2.91 27.52
CA TYR B 235 23.12 -4.17 28.12
C TYR B 235 23.21 -5.25 27.02
N VAL B 236 24.34 -5.94 27.00
CA VAL B 236 24.63 -6.96 26.03
C VAL B 236 25.05 -8.20 26.81
N SER B 237 24.47 -9.36 26.46
CA SER B 237 24.75 -10.62 27.13
C SER B 237 24.85 -11.74 26.10
N CYS B 238 25.61 -12.81 26.39
CA CYS B 238 25.68 -13.91 25.47
C CYS B 238 26.33 -15.12 26.11
N CYS B 239 26.24 -16.24 25.39
CA CYS B 239 27.03 -17.44 25.68
C CYS B 239 27.12 -18.23 24.37
N ASP B 240 28.31 -18.70 24.03
CA ASP B 240 28.55 -19.43 22.79
C ASP B 240 29.48 -20.63 23.02
N ILE B 241 28.87 -21.76 23.36
CA ILE B 241 29.55 -23.04 23.54
C ILE B 241 29.52 -23.75 22.19
N VAL B 242 30.69 -24.20 21.71
CA VAL B 242 30.79 -24.82 20.40
C VAL B 242 31.15 -26.30 20.52
N GLY B 243 31.29 -26.81 21.74
CA GLY B 243 31.53 -28.25 21.94
C GLY B 243 32.56 -28.52 23.01
N PHE B 244 33.10 -29.75 22.97
CA PHE B 244 34.10 -30.20 23.92
C PHE B 244 35.40 -30.55 23.19
N LEU B 245 36.52 -30.23 23.83
CA LEU B 245 37.82 -30.73 23.45
C LEU B 245 38.04 -32.04 24.19
N VAL B 246 38.37 -33.10 23.45
CA VAL B 246 38.56 -34.43 24.00
C VAL B 246 40.06 -34.72 24.08
N GLY B 247 40.60 -34.69 25.31
CA GLY B 247 42.00 -34.96 25.57
C GLY B 247 42.35 -36.41 25.29
N LYS B 248 43.66 -36.69 25.20
CA LYS B 248 44.20 -38.04 24.90
C LYS B 248 43.50 -39.12 25.75
N ASP B 249 43.31 -38.83 27.04
CA ASP B 249 42.81 -39.84 27.97
C ASP B 249 41.28 -39.86 28.04
N GLY B 250 40.60 -38.98 27.30
CA GLY B 250 39.12 -38.90 27.30
C GLY B 250 38.54 -37.83 28.22
N ASP B 251 39.41 -37.11 28.94
CA ASP B 251 39.09 -35.90 29.68
C ASP B 251 38.53 -34.87 28.70
N MET B 252 37.49 -34.15 29.11
CA MET B 252 36.80 -33.25 28.24
C MET B 252 36.63 -31.87 28.88
N GLN B 253 36.69 -30.84 28.04
CA GLN B 253 36.58 -29.46 28.44
C GLN B 253 35.64 -28.75 27.46
N TYR B 254 34.71 -27.93 27.99
CA TYR B 254 33.93 -27.03 27.16
C TYR B 254 34.89 -26.09 26.40
N ARG B 255 34.53 -25.78 25.16
CA ARG B 255 35.16 -24.75 24.38
C ARG B 255 34.11 -23.70 24.00
N GLY B 256 34.45 -22.43 24.23
CA GLY B 256 33.59 -21.30 23.88
C GLY B 256 34.31 -20.35 22.95
N LEU B 257 33.54 -19.51 22.25
CA LEU B 257 34.09 -18.54 21.30
C LEU B 257 33.52 -17.17 21.65
N PRO B 258 34.24 -16.11 21.30
CA PRO B 258 33.79 -14.75 21.55
C PRO B 258 32.67 -14.36 20.59
N ARG B 259 31.93 -13.32 20.98
CA ARG B 259 30.87 -12.80 20.16
C ARG B 259 31.07 -11.29 19.98
N TYR B 260 30.87 -10.85 18.75
CA TYR B 260 30.96 -9.44 18.36
C TYR B 260 29.56 -8.88 18.19
N PHE B 261 29.42 -7.59 18.49
CA PHE B 261 28.16 -6.86 18.37
C PHE B 261 28.41 -5.47 17.77
N ASN B 262 27.55 -5.09 16.82
CA ASN B 262 27.48 -3.75 16.28
C ASN B 262 26.01 -3.33 16.34
N ILE B 263 25.68 -2.46 17.29
CA ILE B 263 24.33 -2.09 17.62
C ILE B 263 24.08 -0.66 17.14
N LEU B 264 23.01 -0.47 16.39
CA LEU B 264 22.56 0.85 15.92
C LEU B 264 21.48 1.35 16.88
N LEU B 265 21.61 2.60 17.33
CA LEU B 265 20.65 3.21 18.24
C LEU B 265 20.19 4.56 17.70
N ARG B 266 18.97 4.95 18.05
CA ARG B 266 18.40 6.23 17.60
C ARG B 266 17.74 6.92 18.80
N LYS B 267 17.61 8.24 18.70
CA LYS B 267 17.00 9.04 19.76
C LYS B 267 15.48 8.92 19.68
N ARG B 268 14.88 8.64 20.84
CA ARG B 268 13.45 8.49 20.94
C ARG B 268 12.96 9.38 22.08
N THR B 269 11.93 10.19 21.78
CA THR B 269 11.24 10.99 22.77
C THR B 269 10.28 10.08 23.55
N VAL B 270 10.31 10.20 24.88
CA VAL B 270 9.39 9.48 25.76
C VAL B 270 8.78 10.47 26.75
N ARG B 271 7.62 10.09 27.31
CA ARG B 271 6.91 10.93 28.31
C ARG B 271 7.63 10.81 29.65
N ASN B 272 7.74 11.95 30.35
CA ASN B 272 8.38 12.06 31.65
C ASN B 272 7.36 12.53 32.69
N ASN C 1 34.32 5.97 6.06
CA ASN C 1 35.39 6.93 5.63
C ASN C 1 35.00 7.61 4.30
N ILE C 2 34.53 6.82 3.32
CA ILE C 2 34.27 7.28 1.93
C ILE C 2 32.82 7.78 1.80
N GLU C 3 32.66 9.03 1.41
CA GLU C 3 31.36 9.61 1.10
C GLU C 3 30.98 9.21 -0.34
N VAL C 4 29.88 8.48 -0.46
CA VAL C 4 29.45 7.91 -1.71
C VAL C 4 28.48 8.87 -2.39
N LEU C 5 28.73 9.21 -3.66
CA LEU C 5 27.81 10.05 -4.42
C LEU C 5 27.07 9.19 -5.45
N ASN C 6 26.79 9.72 -6.63
CA ASN C 6 25.92 9.10 -7.63
C ASN C 6 26.70 8.08 -8.48
N LEU C 7 25.94 7.19 -9.09
CA LEU C 7 26.45 6.27 -10.11
C LEU C 7 26.88 7.05 -11.35
N VAL C 8 27.97 6.61 -11.98
CA VAL C 8 28.39 7.08 -13.27
C VAL C 8 27.63 6.26 -14.32
N THR C 9 26.94 6.93 -15.24
CA THR C 9 26.16 6.27 -16.30
C THR C 9 26.92 6.37 -17.62
N GLY C 10 26.46 5.60 -18.61
CA GLY C 10 26.97 5.69 -19.99
C GLY C 10 27.94 4.57 -20.33
N PRO C 11 28.64 4.66 -21.49
CA PRO C 11 29.43 3.54 -21.98
C PRO C 11 30.59 3.22 -21.03
N ASP C 12 30.92 1.93 -20.90
CA ASP C 12 32.06 1.47 -20.11
C ASP C 12 31.89 1.80 -18.61
N SER C 13 30.65 1.98 -18.14
CA SER C 13 30.39 2.25 -16.71
C SER C 13 30.20 0.94 -15.91
N ILE C 14 30.16 -0.21 -16.60
CA ILE C 14 29.99 -1.53 -15.98
C ILE C 14 31.16 -2.40 -16.40
N THR C 15 31.58 -3.34 -15.54
CA THR C 15 32.60 -4.31 -15.91
C THR C 15 32.36 -5.56 -15.09
N THR C 16 32.88 -6.69 -15.53
CA THR C 16 32.69 -7.96 -14.85
C THR C 16 34.05 -8.60 -14.71
N ILE C 17 34.24 -9.31 -13.61
CA ILE C 17 35.43 -10.05 -13.33
C ILE C 17 35.03 -11.51 -13.14
N GLU C 18 35.73 -12.42 -13.79
CA GLU C 18 35.42 -13.84 -13.68
C GLU C 18 36.75 -14.52 -13.31
N LEU C 19 36.74 -15.37 -12.29
CA LEU C 19 37.91 -16.14 -11.95
C LEU C 19 37.52 -17.39 -11.17
N TYR C 20 38.51 -18.22 -10.94
CA TYR C 20 38.45 -19.31 -10.01
C TYR C 20 39.69 -19.26 -9.11
N LEU C 21 39.57 -19.86 -7.94
CA LEU C 21 40.66 -20.06 -7.03
C LEU C 21 40.74 -21.54 -6.66
N ASN C 22 41.92 -22.10 -6.86
CA ASN C 22 42.23 -23.48 -6.47
C ASN C 22 42.42 -23.53 -4.95
N THR C 23 42.11 -24.69 -4.39
CA THR C 23 42.13 -24.92 -2.95
C THR C 23 43.58 -24.93 -2.47
N ARG C 24 43.77 -24.56 -1.20
CA ARG C 24 45.08 -24.56 -0.54
C ARG C 24 45.01 -25.39 0.74
N MET C 25 44.95 -26.70 0.57
CA MET C 25 44.76 -27.64 1.65
C MET C 25 46.11 -28.00 2.28
N GLY C 26 47.22 -27.79 1.57
CA GLY C 26 48.53 -28.06 2.12
C GLY C 26 49.55 -28.52 1.09
N GLN C 27 49.17 -29.46 0.24
CA GLN C 27 49.93 -29.77 -0.96
C GLN C 27 49.40 -28.87 -2.07
N ASN C 28 50.05 -27.71 -2.24
CA ASN C 28 49.51 -26.61 -3.01
C ASN C 28 50.24 -26.47 -4.35
N ASP C 29 51.05 -27.47 -4.70
CA ASP C 29 51.77 -27.48 -5.97
C ASP C 29 51.05 -28.38 -6.99
N GLU C 30 50.51 -27.76 -8.04
CA GLU C 30 49.68 -28.44 -9.03
C GLU C 30 50.49 -29.44 -9.90
N SER C 31 51.81 -29.45 -9.76
CA SER C 31 52.67 -30.35 -10.53
CA SER C 31 52.67 -30.35 -10.54
C SER C 31 53.01 -31.60 -9.73
N LYS C 32 52.54 -31.69 -8.48
CA LYS C 32 52.89 -32.82 -7.59
C LYS C 32 51.63 -33.63 -7.23
N ASP C 33 51.86 -34.87 -6.84
CA ASP C 33 50.82 -35.79 -6.38
C ASP C 33 50.14 -35.16 -5.16
N ASN C 34 48.87 -35.54 -4.93
CA ASN C 34 48.15 -35.08 -3.72
C ASN C 34 47.79 -33.60 -3.81
N TYR C 35 47.84 -33.02 -5.01
CA TYR C 35 47.38 -31.64 -5.16
C TYR C 35 45.92 -31.55 -4.73
N GLY C 36 45.57 -30.49 -3.99
CA GLY C 36 44.20 -30.26 -3.55
C GLY C 36 43.84 -31.09 -2.31
N TYR C 37 44.84 -31.74 -1.73
CA TYR C 37 44.75 -32.37 -0.43
C TYR C 37 45.85 -31.81 0.49
N SER C 38 45.68 -31.98 1.80
CA SER C 38 46.74 -31.74 2.76
C SER C 38 47.68 -32.93 2.75
N GLU C 39 48.86 -32.73 3.34
CA GLU C 39 49.70 -33.86 3.77
C GLU C 39 48.94 -34.55 4.92
N LYS C 40 49.39 -35.75 5.26
CA LYS C 40 48.81 -36.55 6.32
C LYS C 40 48.72 -35.70 7.60
N VAL C 41 47.58 -35.79 8.27
CA VAL C 41 47.37 -35.14 9.54
C VAL C 41 48.15 -35.91 10.61
N THR C 42 48.81 -35.15 11.49
CA THR C 42 49.50 -35.69 12.68
C THR C 42 48.86 -35.03 13.91
N VAL C 43 49.11 -35.63 15.07
CA VAL C 43 48.46 -35.21 16.31
C VAL C 43 49.54 -34.97 17.36
N ALA C 44 49.50 -33.80 17.98
CA ALA C 44 50.44 -33.38 19.02
C ALA C 44 50.38 -34.38 20.19
N ASN C 45 51.55 -34.66 20.78
CA ASN C 45 51.63 -35.50 21.99
C ASN C 45 51.11 -34.68 23.19
N SER C 46 51.34 -33.37 23.15
CA SER C 46 50.85 -32.47 24.19
C SER C 46 50.75 -31.06 23.62
N SER C 47 50.06 -30.20 24.34
CA SER C 47 49.71 -28.88 23.84
C SER C 47 50.93 -27.96 23.77
N ASP C 48 52.00 -28.32 24.51
CA ASP C 48 53.26 -27.56 24.51
C ASP C 48 54.23 -28.12 23.44
N GLN C 49 53.84 -29.18 22.73
CA GLN C 49 54.60 -29.72 21.60
C GLN C 49 53.65 -29.94 20.42
N ASP C 50 52.92 -28.88 20.07
CA ASP C 50 51.91 -28.93 19.03
C ASP C 50 52.51 -28.22 17.82
N LYS C 51 53.16 -28.99 16.96
CA LYS C 51 53.94 -28.51 15.85
C LYS C 51 53.47 -29.21 14.59
N PRO C 52 52.45 -28.68 13.89
CA PRO C 52 51.99 -29.34 12.66
C PRO C 52 53.13 -29.48 11.63
N THR C 53 53.14 -30.62 10.91
CA THR C 53 54.08 -30.84 9.85
C THR C 53 53.83 -29.84 8.72
N SER C 54 54.85 -29.64 7.88
CA SER C 54 54.74 -28.83 6.72
C SER C 54 53.70 -29.44 5.77
N GLY C 55 52.71 -28.63 5.37
CA GLY C 55 51.72 -29.04 4.41
C GLY C 55 50.48 -29.74 4.97
N GLU C 56 50.32 -29.82 6.28
CA GLU C 56 49.11 -30.53 6.84
C GLU C 56 48.03 -29.53 7.26
N ILE C 57 48.23 -28.22 7.00
CA ILE C 57 47.29 -27.21 7.51
C ILE C 57 46.71 -26.44 6.34
N PRO C 58 45.38 -26.44 6.19
CA PRO C 58 44.71 -25.62 5.20
C PRO C 58 44.93 -24.12 5.41
N THR C 59 45.00 -23.38 4.30
CA THR C 59 45.12 -21.94 4.31
C THR C 59 44.03 -21.34 3.41
N TYR C 60 43.81 -20.03 3.55
CA TYR C 60 42.87 -19.32 2.67
C TYR C 60 43.48 -19.17 1.27
N SER C 61 42.60 -19.25 0.28
CA SER C 61 42.89 -18.88 -1.09
C SER C 61 42.55 -17.39 -1.23
N THR C 62 43.37 -16.64 -1.99
CA THR C 62 43.04 -15.24 -2.21
C THR C 62 43.70 -14.78 -3.51
N ALA C 63 43.10 -13.77 -4.12
CA ALA C 63 43.71 -13.07 -5.23
C ALA C 63 43.23 -11.62 -5.20
N ARG C 64 44.10 -10.73 -5.68
CA ARG C 64 43.79 -9.35 -5.99
C ARG C 64 43.70 -9.25 -7.51
N ILE C 65 42.59 -8.72 -8.04
CA ILE C 65 42.40 -8.62 -9.46
C ILE C 65 42.44 -7.13 -9.82
N ASN C 66 43.20 -6.81 -10.88
CA ASN C 66 43.28 -5.43 -11.40
C ASN C 66 42.01 -5.10 -12.16
N LEU C 67 41.43 -3.94 -11.83
CA LEU C 67 40.25 -3.45 -12.49
C LEU C 67 40.67 -2.39 -13.49
N PRO C 68 39.82 -2.04 -14.48
CA PRO C 68 40.18 -0.98 -15.43
C PRO C 68 40.58 0.31 -14.72
N MET C 69 41.76 0.85 -15.07
CA MET C 69 42.45 1.86 -14.26
C MET C 69 41.61 3.13 -14.29
N LEU C 70 41.48 3.79 -13.12
CA LEU C 70 40.70 4.99 -12.96
C LEU C 70 41.68 6.07 -12.50
N ASN C 71 41.21 7.32 -12.47
CA ASN C 71 42.04 8.46 -12.04
C ASN C 71 42.00 8.61 -10.52
N GLU C 72 43.19 8.59 -9.91
CA GLU C 72 43.38 8.87 -8.48
C GLU C 72 44.34 10.05 -8.32
N ASP C 73 43.95 11.00 -7.48
CA ASP C 73 44.74 12.17 -7.18
C ASP C 73 44.06 12.83 -5.98
N LEU C 74 44.85 13.61 -5.26
CA LEU C 74 44.40 14.29 -4.02
C LEU C 74 43.61 15.55 -4.35
N THR C 75 43.74 16.09 -5.58
CA THR C 75 43.34 17.50 -5.80
C THR C 75 41.95 17.59 -6.46
N SER C 76 41.39 16.46 -6.93
CA SER C 76 40.05 16.53 -7.61
C SER C 76 38.97 16.59 -6.55
N ASN C 77 37.80 17.17 -6.86
CA ASN C 77 36.73 17.27 -5.80
C ASN C 77 36.11 15.88 -5.54
N THR C 78 35.94 15.12 -6.62
CA THR C 78 35.39 13.80 -6.61
C THR C 78 36.33 12.87 -7.39
N LEU C 79 36.26 11.56 -7.09
CA LEU C 79 36.87 10.54 -7.91
C LEU C 79 35.80 9.51 -8.31
N THR C 80 36.18 8.64 -9.25
CA THR C 80 35.43 7.45 -9.58
C THR C 80 36.10 6.24 -8.93
N MET C 81 35.27 5.35 -8.36
CA MET C 81 35.72 4.03 -7.87
C MET C 81 34.84 2.94 -8.50
N TRP C 82 35.41 1.75 -8.63
CA TRP C 82 34.62 0.57 -8.96
C TRP C 82 33.89 0.09 -7.71
N GLU C 83 32.60 -0.21 -7.86
CA GLU C 83 31.74 -0.70 -6.81
C GLU C 83 31.26 -2.12 -7.19
N ALA C 84 31.61 -3.12 -6.36
CA ALA C 84 31.16 -4.49 -6.58
C ALA C 84 29.67 -4.58 -6.21
N VAL C 85 28.84 -4.95 -7.19
CA VAL C 85 27.39 -4.98 -7.02
C VAL C 85 26.90 -6.36 -6.59
N SER C 86 27.44 -7.40 -7.22
CA SER C 86 26.92 -8.76 -7.00
C SER C 86 27.96 -9.79 -7.43
N VAL C 87 27.78 -11.02 -6.95
CA VAL C 87 28.66 -12.10 -7.30
C VAL C 87 27.81 -13.38 -7.48
N LYS C 88 28.12 -14.11 -8.54
CA LYS C 88 27.73 -15.51 -8.65
C LYS C 88 28.96 -16.35 -8.32
N THR C 89 28.85 -17.19 -7.30
CA THR C 89 29.93 -18.06 -6.91
C THR C 89 29.40 -19.48 -6.71
N GLU C 90 30.27 -20.47 -6.99
CA GLU C 90 29.95 -21.88 -6.88
C GLU C 90 31.20 -22.66 -6.49
N VAL C 91 31.02 -23.74 -5.75
CA VAL C 91 32.08 -24.73 -5.57
C VAL C 91 32.07 -25.63 -6.80
N VAL C 92 33.25 -25.85 -7.37
CA VAL C 92 33.45 -26.61 -8.57
C VAL C 92 33.87 -28.04 -8.18
N GLY C 93 33.40 -29.03 -8.97
CA GLY C 93 33.84 -30.41 -8.81
C GLY C 93 33.23 -31.16 -7.65
N VAL C 94 32.03 -30.76 -7.23
CA VAL C 94 31.29 -31.48 -6.18
C VAL C 94 31.09 -32.93 -6.59
N SER C 95 30.80 -33.17 -7.88
CA SER C 95 30.55 -34.51 -8.39
C SER C 95 31.78 -35.42 -8.17
N SER C 96 32.97 -34.82 -8.02
CA SER C 96 34.21 -35.58 -7.78
C SER C 96 34.12 -36.39 -6.49
N LEU C 97 33.20 -36.01 -5.59
CA LEU C 97 33.02 -36.72 -4.32
C LEU C 97 32.22 -38.02 -4.51
N VAL C 98 31.67 -38.24 -5.72
CA VAL C 98 30.99 -39.47 -6.07
C VAL C 98 32.04 -40.49 -6.49
N ASN C 99 32.82 -40.98 -5.53
CA ASN C 99 33.99 -41.81 -5.83
C ASN C 99 34.29 -42.60 -4.56
N VAL C 100 34.06 -43.90 -4.62
CA VAL C 100 34.28 -44.81 -3.52
C VAL C 100 35.17 -45.98 -3.94
N HIS C 101 36.01 -45.78 -4.96
CA HIS C 101 36.97 -46.81 -5.43
C HIS C 101 38.43 -46.39 -5.22
N MET C 102 38.67 -45.27 -4.54
CA MET C 102 40.04 -44.83 -4.28
C MET C 102 40.67 -45.72 -3.22
N ALA C 103 42.00 -45.64 -3.11
CA ALA C 103 42.77 -46.46 -2.14
C ALA C 103 42.53 -45.90 -0.74
N THR C 104 41.49 -46.42 -0.11
CA THR C 104 40.98 -45.92 1.17
C THR C 104 40.59 -47.10 2.04
N LYS C 105 40.33 -46.80 3.31
CA LYS C 105 39.63 -47.69 4.18
C LYS C 105 38.27 -48.03 3.53
N ARG C 106 37.70 -49.17 3.87
CA ARG C 106 36.45 -49.58 3.23
C ARG C 106 35.49 -50.19 4.24
N MET C 107 34.22 -50.23 3.85
CA MET C 107 33.13 -50.72 4.71
C MET C 107 33.07 -52.26 4.70
N TYR C 108 32.40 -52.80 5.73
CA TYR C 108 31.92 -54.18 5.83
C TYR C 108 33.03 -55.21 5.52
N ASP C 109 34.03 -55.27 6.41
CA ASP C 109 35.03 -56.34 6.42
C ASP C 109 35.73 -56.43 5.05
N ASP C 110 36.13 -55.28 4.50
CA ASP C 110 36.90 -55.17 3.26
C ASP C 110 36.11 -55.65 2.02
N LYS C 111 34.77 -55.72 2.10
CA LYS C 111 33.97 -56.12 0.94
C LYS C 111 33.14 -54.92 0.40
N GLY C 112 32.97 -53.88 1.20
CA GLY C 112 32.11 -52.75 0.84
C GLY C 112 32.85 -51.63 0.14
N ILE C 113 32.16 -50.49 -0.03
CA ILE C 113 32.72 -49.33 -0.67
C ILE C 113 33.93 -48.83 0.09
N GLY C 114 34.83 -48.16 -0.65
CA GLY C 114 35.79 -47.26 -0.01
C GLY C 114 35.07 -46.12 0.66
N PHE C 115 35.63 -45.64 1.77
CA PHE C 115 35.07 -44.48 2.45
C PHE C 115 35.10 -43.30 1.48
N PRO C 116 33.98 -42.60 1.25
CA PRO C 116 34.02 -41.36 0.50
C PRO C 116 34.73 -40.30 1.34
N VAL C 117 35.22 -39.22 0.68
CA VAL C 117 35.67 -38.05 1.41
C VAL C 117 34.49 -37.61 2.29
N GLU C 118 34.76 -37.46 3.59
CA GLU C 118 33.70 -37.16 4.55
C GLU C 118 34.31 -36.51 5.80
N GLY C 119 33.42 -35.91 6.59
CA GLY C 119 33.80 -35.24 7.81
C GLY C 119 33.64 -33.74 7.69
N MET C 120 34.47 -33.03 8.44
CA MET C 120 34.44 -31.60 8.58
C MET C 120 34.27 -30.91 7.23
N ASN C 121 33.33 -29.95 7.20
CA ASN C 121 33.15 -29.03 6.07
C ASN C 121 33.34 -27.62 6.59
N PHE C 122 34.06 -26.81 5.80
CA PHE C 122 34.26 -25.42 6.07
C PHE C 122 34.21 -24.70 4.74
N HIS C 123 33.29 -23.73 4.61
CA HIS C 123 33.05 -23.03 3.35
C HIS C 123 32.93 -21.55 3.64
N MET C 124 33.80 -20.74 3.02
CA MET C 124 33.71 -19.32 3.17
C MET C 124 34.19 -18.65 1.90
N PHE C 125 33.61 -17.49 1.60
CA PHE C 125 34.14 -16.63 0.56
C PHE C 125 33.96 -15.17 0.99
N ALA C 126 34.78 -14.30 0.41
CA ALA C 126 34.75 -12.89 0.63
C ALA C 126 35.04 -12.17 -0.68
N VAL C 127 34.34 -11.05 -0.87
CA VAL C 127 34.58 -10.11 -1.96
C VAL C 127 34.64 -8.72 -1.36
N GLY C 128 35.73 -7.99 -1.62
CA GLY C 128 35.90 -6.65 -1.07
C GLY C 128 36.79 -5.77 -1.93
N GLY C 129 36.86 -4.49 -1.52
CA GLY C 129 37.61 -3.45 -2.17
C GLY C 129 38.98 -3.21 -1.55
N GLU C 130 39.41 -4.13 -0.72
CA GLU C 130 40.69 -4.11 -0.03
C GLU C 130 40.87 -5.48 0.58
N PRO C 131 42.07 -5.83 1.08
CA PRO C 131 42.29 -7.16 1.65
C PRO C 131 41.32 -7.46 2.77
N LEU C 132 40.90 -8.73 2.84
CA LEU C 132 40.11 -9.22 3.95
C LEU C 132 40.90 -9.00 5.24
N GLU C 133 40.26 -8.38 6.24
N GLU C 133 40.25 -8.37 6.24
CA GLU C 133 40.88 -8.10 7.50
CA GLU C 133 40.88 -8.10 7.50
C GLU C 133 40.65 -9.31 8.42
C GLU C 133 40.65 -9.31 8.42
N LEU C 134 41.73 -9.79 9.05
CA LEU C 134 41.76 -11.00 9.82
C LEU C 134 41.96 -10.67 11.30
N GLN C 135 41.30 -11.50 12.12
CA GLN C 135 41.48 -11.55 13.57
C GLN C 135 42.15 -12.88 13.89
N PHE C 136 43.21 -12.84 14.71
CA PHE C 136 43.85 -14.05 15.18
C PHE C 136 43.00 -14.64 16.32
N LEU C 137 42.75 -15.96 16.25
CA LEU C 137 42.11 -16.71 17.32
C LEU C 137 42.34 -18.19 17.06
N THR C 138 42.82 -18.88 18.10
CA THR C 138 43.31 -20.24 17.97
C THR C 138 42.79 -21.10 19.12
N GLY C 139 42.67 -22.40 18.87
CA GLY C 139 42.36 -23.37 19.88
C GLY C 139 43.54 -23.65 20.82
N ASN C 140 44.76 -23.29 20.38
CA ASN C 140 45.99 -23.56 21.17
C ASN C 140 47.00 -22.44 20.92
N TYR C 141 47.20 -21.57 21.92
CA TYR C 141 48.07 -20.39 21.76
C TYR C 141 49.52 -20.78 21.48
N ARG C 142 49.92 -22.00 21.89
CA ARG C 142 51.29 -22.48 21.79
C ARG C 142 51.58 -23.17 20.46
N THR C 143 50.61 -23.23 19.54
CA THR C 143 50.86 -23.94 18.30
C THR C 143 52.13 -23.38 17.66
N ASP C 144 53.02 -24.29 17.25
CA ASP C 144 54.32 -23.96 16.67
C ASP C 144 54.25 -24.19 15.16
N TYR C 145 54.29 -23.10 14.39
CA TYR C 145 54.17 -23.12 12.91
C TYR C 145 55.54 -23.16 12.21
N SER C 146 56.62 -23.42 12.97
CA SER C 146 57.98 -23.19 12.46
C SER C 146 58.42 -24.30 11.50
N ALA C 147 57.61 -25.36 11.29
CA ALA C 147 57.95 -26.38 10.28
C ALA C 147 57.78 -25.82 8.87
N ASN C 148 57.08 -24.69 8.74
CA ASN C 148 56.79 -24.09 7.44
C ASN C 148 56.83 -22.57 7.61
N ASP C 149 57.99 -21.99 7.22
CA ASP C 149 58.24 -20.58 7.45
C ASP C 149 57.50 -19.73 6.40
N LYS C 150 56.80 -20.36 5.45
CA LYS C 150 56.00 -19.63 4.45
C LYS C 150 54.63 -19.23 5.04
N LEU C 151 54.23 -19.84 6.18
CA LEU C 151 52.97 -19.48 6.82
C LEU C 151 53.10 -18.12 7.51
N VAL C 152 52.09 -17.26 7.33
CA VAL C 152 52.04 -15.99 8.03
C VAL C 152 51.25 -16.17 9.33
N VAL C 153 51.94 -16.00 10.45
CA VAL C 153 51.39 -16.12 11.79
C VAL C 153 52.02 -15.04 12.66
N PRO C 154 51.45 -14.67 13.82
CA PRO C 154 52.05 -13.62 14.64
C PRO C 154 53.43 -14.01 15.14
N PRO C 155 54.35 -13.04 15.34
CA PRO C 155 55.69 -13.33 15.84
C PRO C 155 55.75 -13.65 17.35
N ILE C 156 54.69 -13.32 18.09
CA ILE C 156 54.61 -13.64 19.54
C ILE C 156 53.34 -14.46 19.82
N LYS C 157 53.41 -15.33 20.83
CA LYS C 157 52.33 -16.16 21.29
C LYS C 157 51.97 -15.72 22.71
N HIS C 158 50.67 -15.76 23.02
CA HIS C 158 50.16 -15.41 24.32
C HIS C 158 48.83 -16.14 24.58
N GLN C 159 48.61 -16.47 25.84
CA GLN C 159 47.46 -17.23 26.33
C GLN C 159 46.14 -16.61 25.85
N SER C 160 46.11 -15.28 25.73
CA SER C 160 44.89 -14.52 25.46
C SER C 160 44.33 -14.80 24.06
N THR C 161 45.16 -15.34 23.15
CA THR C 161 44.78 -15.56 21.74
C THR C 161 43.87 -16.78 21.58
N GLN C 162 43.55 -17.49 22.67
CA GLN C 162 42.50 -18.52 22.67
C GLN C 162 41.13 -17.86 22.78
N GLY C 163 41.14 -16.54 23.02
CA GLY C 163 39.97 -15.68 22.87
C GLY C 163 40.26 -14.59 21.89
N LEU C 164 39.46 -13.52 21.93
CA LEU C 164 39.62 -12.38 21.04
C LEU C 164 40.53 -11.36 21.72
N ASN C 165 41.74 -11.22 21.18
CA ASN C 165 42.71 -10.19 21.58
C ASN C 165 42.90 -9.27 20.39
N PRO C 166 42.35 -8.04 20.42
CA PRO C 166 42.35 -7.19 19.23
C PRO C 166 43.73 -6.66 18.82
N HIS C 167 44.76 -6.94 19.62
CA HIS C 167 46.13 -6.59 19.25
C HIS C 167 46.66 -7.58 18.21
N TYR C 168 45.94 -8.68 17.91
CA TYR C 168 46.46 -9.66 16.97
C TYR C 168 45.59 -9.69 15.72
N LYS C 169 46.02 -8.91 14.72
CA LYS C 169 45.29 -8.77 13.48
C LYS C 169 46.26 -8.91 12.31
N GLN C 170 45.67 -9.07 11.12
CA GLN C 170 46.41 -9.16 9.89
C GLN C 170 45.44 -8.83 8.75
N LYS C 171 46.00 -8.83 7.54
CA LYS C 171 45.28 -8.70 6.31
C LYS C 171 45.67 -9.87 5.41
N LEU C 172 44.66 -10.44 4.74
CA LEU C 172 44.88 -11.60 3.87
C LEU C 172 45.46 -11.10 2.54
N THR C 173 46.78 -11.06 2.48
CA THR C 173 47.51 -10.46 1.37
C THR C 173 48.33 -11.49 0.60
N LYS C 174 48.26 -12.78 0.98
CA LYS C 174 49.04 -13.84 0.33
C LYS C 174 48.20 -15.12 0.28
N ASP C 175 48.12 -15.71 -0.91
CA ASP C 175 47.46 -16.96 -1.17
C ASP C 175 48.27 -18.10 -0.51
N GLY C 176 47.57 -19.07 0.06
CA GLY C 176 48.16 -20.31 0.49
C GLY C 176 49.13 -20.14 1.66
N ALA C 177 48.92 -19.14 2.51
CA ALA C 177 49.90 -18.79 3.55
C ALA C 177 49.26 -18.54 4.93
N PHE C 178 48.01 -18.10 4.98
CA PHE C 178 47.33 -17.74 6.24
C PHE C 178 46.50 -18.94 6.71
N PRO C 179 46.88 -19.64 7.80
CA PRO C 179 46.13 -20.80 8.25
C PRO C 179 44.72 -20.44 8.70
N VAL C 180 43.76 -21.26 8.27
CA VAL C 180 42.36 -21.12 8.63
C VAL C 180 42.22 -21.32 10.15
N GLU C 181 43.06 -22.20 10.71
CA GLU C 181 42.88 -22.61 12.10
C GLU C 181 43.15 -21.47 13.07
N CYS C 182 43.85 -20.41 12.63
CA CYS C 182 44.22 -19.36 13.58
C CYS C 182 43.85 -17.96 13.09
N TRP C 183 43.32 -17.83 11.86
CA TRP C 183 42.86 -16.55 11.34
C TRP C 183 41.39 -16.65 10.90
N CYS C 184 40.58 -15.66 11.31
CA CYS C 184 39.22 -15.58 10.88
C CYS C 184 38.91 -14.14 10.46
N PRO C 185 37.81 -13.88 9.72
CA PRO C 185 37.44 -12.52 9.37
C PRO C 185 37.26 -11.69 10.65
N ASP C 186 37.83 -10.48 10.64
CA ASP C 186 37.71 -9.55 11.73
C ASP C 186 36.37 -8.83 11.60
N PRO C 187 35.38 -9.14 12.48
CA PRO C 187 34.05 -8.54 12.35
C PRO C 187 34.01 -7.05 12.73
N SER C 188 35.08 -6.57 13.40
CA SER C 188 35.16 -5.16 13.85
C SER C 188 35.62 -4.25 12.71
N LYS C 189 36.10 -4.85 11.61
CA LYS C 189 36.50 -4.09 10.44
C LYS C 189 35.73 -4.68 9.24
N ASN C 190 36.39 -4.79 8.08
CA ASN C 190 35.78 -5.35 6.89
C ASN C 190 34.50 -4.60 6.50
N GLU C 191 34.45 -3.28 6.73
CA GLU C 191 33.31 -2.44 6.30
C GLU C 191 33.21 -2.46 4.78
N ASN C 192 34.32 -2.73 4.08
CA ASN C 192 34.43 -2.62 2.64
C ASN C 192 34.56 -4.02 1.98
N THR C 193 34.19 -5.07 2.69
CA THR C 193 34.24 -6.45 2.25
C THR C 193 32.95 -7.13 2.71
N ARG C 194 32.42 -8.04 1.90
CA ARG C 194 31.33 -8.92 2.32
C ARG C 194 31.91 -10.34 2.45
N TYR C 195 31.70 -10.98 3.59
CA TYR C 195 32.12 -12.38 3.74
C TYR C 195 30.97 -13.23 4.29
N TYR C 196 31.01 -14.51 3.90
CA TYR C 196 29.99 -15.51 4.22
C TYR C 196 30.71 -16.82 4.51
N GLY C 197 30.32 -17.49 5.60
CA GLY C 197 31.04 -18.70 5.98
C GLY C 197 30.19 -19.64 6.79
N SER C 198 30.55 -20.94 6.75
CA SER C 198 29.89 -21.92 7.53
C SER C 198 30.89 -23.02 7.90
N TYR C 199 30.59 -23.71 8.99
CA TYR C 199 31.37 -24.82 9.48
C TYR C 199 30.40 -25.92 9.93
N THR C 200 30.65 -27.14 9.49
CA THR C 200 29.98 -28.32 10.00
C THR C 200 31.08 -29.29 10.44
N GLY C 201 31.10 -29.64 11.73
CA GLY C 201 32.20 -30.36 12.29
C GLY C 201 31.94 -31.84 12.38
N GLY C 202 32.50 -32.44 13.44
CA GLY C 202 32.35 -33.88 13.70
C GLY C 202 33.39 -34.68 12.95
N GLN C 203 33.35 -36.01 13.14
CA GLN C 203 34.44 -36.90 12.71
C GLN C 203 34.24 -37.39 11.27
N SER C 204 33.05 -37.95 11.00
CA SER C 204 32.74 -38.66 9.74
C SER C 204 31.51 -38.07 9.07
N THR C 205 31.16 -36.86 9.46
CA THR C 205 29.93 -36.20 9.06
C THR C 205 29.75 -36.21 7.55
N PRO C 206 28.54 -36.54 7.05
CA PRO C 206 28.25 -36.44 5.62
C PRO C 206 28.43 -35.02 5.14
N PRO C 207 29.23 -34.75 4.08
CA PRO C 207 29.25 -33.45 3.44
C PRO C 207 27.87 -33.21 2.79
N VAL C 208 27.39 -31.98 2.88
CA VAL C 208 26.13 -31.57 2.27
C VAL C 208 26.46 -30.34 1.43
N LEU C 209 26.43 -30.52 0.10
CA LEU C 209 26.90 -29.56 -0.82
C LEU C 209 25.84 -29.32 -1.91
N GLN C 210 25.83 -28.12 -2.46
CA GLN C 210 24.93 -27.71 -3.53
C GLN C 210 25.81 -27.04 -4.60
N PHE C 211 25.39 -27.10 -5.86
CA PHE C 211 25.98 -26.32 -6.94
C PHE C 211 24.89 -25.95 -7.95
N THR C 212 24.92 -24.69 -8.40
CA THR C 212 23.99 -24.20 -9.39
C THR C 212 24.59 -22.94 -10.00
N ASN C 213 24.18 -22.62 -11.23
CA ASN C 213 24.61 -21.40 -11.92
C ASN C 213 23.48 -20.38 -11.92
N THR C 214 22.52 -20.49 -10.99
CA THR C 214 21.32 -19.65 -11.04
C THR C 214 21.22 -18.67 -9.84
N VAL C 215 22.21 -18.61 -8.96
CA VAL C 215 22.08 -17.81 -7.73
C VAL C 215 23.05 -16.63 -7.79
N THR C 216 22.49 -15.42 -7.62
CA THR C 216 23.24 -14.18 -7.53
C THR C 216 23.21 -13.69 -6.08
N THR C 217 24.39 -13.40 -5.52
CA THR C 217 24.52 -12.86 -4.19
C THR C 217 24.76 -11.36 -4.32
N VAL C 218 23.84 -10.57 -3.76
CA VAL C 218 23.93 -9.12 -3.80
C VAL C 218 24.98 -8.66 -2.78
N LEU C 219 25.93 -7.82 -3.22
CA LEU C 219 27.04 -7.33 -2.34
C LEU C 219 26.73 -5.93 -1.77
N LEU C 220 25.64 -5.30 -2.20
CA LEU C 220 25.24 -4.00 -1.68
C LEU C 220 24.89 -4.15 -0.21
N ASP C 221 25.28 -3.15 0.61
CA ASP C 221 24.96 -3.11 2.02
C ASP C 221 23.57 -2.51 2.20
N GLU C 222 23.19 -2.26 3.45
CA GLU C 222 21.83 -1.77 3.78
C GLU C 222 21.59 -0.38 3.16
N ASN C 223 22.66 0.37 2.82
CA ASN C 223 22.50 1.68 2.23
C ASN C 223 22.60 1.62 0.69
N GLY C 224 22.68 0.42 0.11
CA GLY C 224 22.73 0.28 -1.33
C GLY C 224 24.13 0.47 -1.93
N VAL C 225 25.17 0.31 -1.10
CA VAL C 225 26.54 0.53 -1.49
C VAL C 225 27.30 -0.80 -1.38
N GLY C 226 27.97 -1.15 -2.49
CA GLY C 226 28.80 -2.34 -2.55
C GLY C 226 30.22 -2.01 -2.14
N PRO C 227 31.10 -3.02 -1.98
CA PRO C 227 32.52 -2.76 -1.77
C PRO C 227 33.06 -1.80 -2.84
N LEU C 228 33.86 -0.83 -2.39
CA LEU C 228 34.51 0.18 -3.23
C LEU C 228 36.01 -0.15 -3.34
N CYS C 229 36.46 -0.30 -4.58
CA CYS C 229 37.73 -0.93 -4.89
C CYS C 229 38.85 0.10 -4.85
N LYS C 230 39.53 0.14 -3.70
CA LYS C 230 40.64 1.04 -3.45
C LYS C 230 41.83 0.60 -4.32
N GLY C 231 42.41 1.60 -4.99
CA GLY C 231 43.52 1.40 -5.89
C GLY C 231 43.17 0.50 -7.05
N ASP C 232 41.88 0.49 -7.44
CA ASP C 232 41.35 -0.31 -8.55
C ASP C 232 41.73 -1.78 -8.36
N GLY C 233 41.61 -2.26 -7.10
CA GLY C 233 41.86 -3.65 -6.79
C GLY C 233 40.57 -4.30 -6.26
N LEU C 234 40.26 -5.48 -6.79
CA LEU C 234 39.15 -6.30 -6.28
C LEU C 234 39.78 -7.50 -5.58
N TYR C 235 39.35 -7.76 -4.33
CA TYR C 235 39.94 -8.81 -3.51
C TYR C 235 38.91 -9.93 -3.33
N VAL C 236 39.31 -11.16 -3.67
CA VAL C 236 38.47 -12.31 -3.62
C VAL C 236 39.21 -13.38 -2.81
N SER C 237 38.52 -13.98 -1.83
CA SER C 237 39.13 -14.91 -0.89
C SER C 237 38.15 -16.06 -0.63
N CYS C 238 38.67 -17.25 -0.31
CA CYS C 238 37.78 -18.33 0.02
C CYS C 238 38.54 -19.49 0.66
N CYS C 239 37.75 -20.44 1.18
CA CYS C 239 38.25 -21.73 1.61
C CYS C 239 37.07 -22.70 1.52
N ASP C 240 37.30 -23.88 0.93
CA ASP C 240 36.24 -24.88 0.77
C ASP C 240 36.78 -26.28 1.08
N ILE C 241 36.70 -26.66 2.36
CA ILE C 241 37.07 -27.98 2.84
C ILE C 241 35.80 -28.85 2.79
N VAL C 242 35.91 -30.02 2.13
CA VAL C 242 34.75 -30.88 1.96
C VAL C 242 34.89 -32.18 2.75
N GLY C 243 36.00 -32.33 3.49
CA GLY C 243 36.17 -33.50 4.35
C GLY C 243 37.57 -34.06 4.33
N PHE C 244 37.69 -35.31 4.77
CA PHE C 244 38.96 -36.02 4.81
C PHE C 244 38.91 -37.27 3.93
N LEU C 245 40.03 -37.55 3.27
CA LEU C 245 40.25 -38.81 2.62
C LEU C 245 40.91 -39.73 3.66
N VAL C 246 40.33 -40.92 3.86
CA VAL C 246 40.80 -41.87 4.84
C VAL C 246 41.56 -42.99 4.14
N GLY C 247 42.88 -42.99 4.28
CA GLY C 247 43.76 -44.00 3.68
C GLY C 247 43.53 -45.36 4.30
N LYS C 248 44.06 -46.40 3.64
CA LYS C 248 43.93 -47.82 4.07
C LYS C 248 44.23 -47.99 5.56
N ASP C 249 45.30 -47.33 6.03
CA ASP C 249 45.79 -47.54 7.39
C ASP C 249 45.13 -46.58 8.39
N GLY C 250 44.24 -45.69 7.92
CA GLY C 250 43.57 -44.72 8.80
C GLY C 250 44.16 -43.33 8.75
N ASP C 251 45.30 -43.16 8.02
CA ASP C 251 45.91 -41.87 7.76
C ASP C 251 44.91 -40.98 7.01
N MET C 252 44.85 -39.71 7.36
CA MET C 252 43.80 -38.82 6.87
C MET C 252 44.40 -37.53 6.33
N GLN C 253 43.77 -37.02 5.27
CA GLN C 253 44.19 -35.83 4.60
C GLN C 253 42.92 -34.98 4.33
N TYR C 254 43.00 -33.67 4.59
CA TYR C 254 41.99 -32.74 4.14
C TYR C 254 41.85 -32.81 2.62
N ARG C 255 40.60 -32.65 2.14
CA ARG C 255 40.30 -32.48 0.75
C ARG C 255 39.55 -31.15 0.56
N GLY C 256 40.01 -30.35 -0.41
CA GLY C 256 39.39 -29.08 -0.75
C GLY C 256 38.99 -29.03 -2.21
N LEU C 257 38.09 -28.10 -2.57
CA LEU C 257 37.60 -27.96 -3.91
C LEU C 257 37.76 -26.50 -4.33
N PRO C 258 37.90 -26.26 -5.65
CA PRO C 258 38.02 -24.90 -6.16
C PRO C 258 36.68 -24.16 -6.09
N ARG C 259 36.75 -22.83 -6.17
CA ARG C 259 35.58 -22.00 -6.17
C ARG C 259 35.67 -21.04 -7.35
N TYR C 260 34.54 -20.86 -8.02
CA TYR C 260 34.37 -19.98 -9.17
C TYR C 260 33.64 -18.72 -8.71
N PHE C 261 33.97 -17.59 -9.34
CA PHE C 261 33.37 -16.29 -9.06
C PHE C 261 33.10 -15.52 -10.36
N ASN C 262 31.93 -14.90 -10.47
CA ASN C 262 31.58 -13.95 -11.51
C ASN C 262 31.01 -12.69 -10.84
N ILE C 263 31.81 -11.63 -10.81
CA ILE C 263 31.51 -10.43 -10.06
C ILE C 263 31.16 -9.30 -11.04
N LEU C 264 30.04 -8.64 -10.80
CA LEU C 264 29.62 -7.45 -11.58
C LEU C 264 30.00 -6.18 -10.81
N LEU C 265 30.64 -5.22 -11.48
CA LEU C 265 31.04 -3.95 -10.86
C LEU C 265 30.55 -2.76 -11.69
N ARG C 266 30.30 -1.63 -11.02
CA ARG C 266 29.82 -0.40 -11.69
C ARG C 266 30.63 0.78 -11.17
N LYS C 267 30.70 1.85 -11.97
CA LYS C 267 31.44 3.05 -11.60
C LYS C 267 30.59 3.88 -10.62
N ARG C 268 31.24 4.33 -9.57
CA ARG C 268 30.60 5.11 -8.52
C ARG C 268 31.44 6.37 -8.29
N THR C 269 30.78 7.52 -8.29
CA THR C 269 31.39 8.78 -7.90
C THR C 269 31.45 8.84 -6.37
N VAL C 270 32.62 9.21 -5.84
CA VAL C 270 32.81 9.40 -4.40
C VAL C 270 33.49 10.76 -4.18
N ARG C 271 33.32 11.29 -2.96
CA ARG C 271 33.95 12.55 -2.56
C ARG C 271 35.43 12.28 -2.28
N ASN C 272 36.27 13.23 -2.72
CA ASN C 272 37.72 13.17 -2.63
C ASN C 272 38.21 14.37 -1.80
C ASN D 1 24.93 -13.45 -29.80
N ILE D 2 23.87 -14.01 -29.18
CA ILE D 2 22.49 -13.92 -29.68
C ILE D 2 21.82 -12.68 -29.07
N GLU D 3 21.38 -11.77 -29.95
CA GLU D 3 20.59 -10.61 -29.55
C GLU D 3 19.13 -11.06 -29.51
N VAL D 4 18.53 -10.97 -28.32
CA VAL D 4 17.20 -11.47 -28.07
C VAL D 4 16.21 -10.33 -28.31
N LEU D 5 15.18 -10.56 -29.12
CA LEU D 5 14.16 -9.56 -29.37
C LEU D 5 12.88 -9.98 -28.65
N ASN D 6 11.70 -9.71 -29.24
CA ASN D 6 10.42 -9.85 -28.58
C ASN D 6 9.93 -11.30 -28.65
N LEU D 7 9.00 -11.61 -27.74
CA LEU D 7 8.24 -12.86 -27.79
C LEU D 7 7.33 -12.84 -29.02
N VAL D 8 7.15 -14.01 -29.64
CA VAL D 8 6.12 -14.23 -30.63
C VAL D 8 4.84 -14.58 -29.87
N THR D 9 3.76 -13.86 -30.16
CA THR D 9 2.48 -14.03 -29.47
C THR D 9 1.51 -14.83 -30.34
N GLY D 10 0.44 -15.31 -29.69
CA GLY D 10 -0.70 -15.87 -30.39
C GLY D 10 -0.73 -17.40 -30.37
N PRO D 11 -1.60 -18.03 -31.19
CA PRO D 11 -1.74 -19.48 -31.17
C PRO D 11 -0.43 -20.16 -31.61
N ASP D 12 -0.16 -21.34 -31.04
CA ASP D 12 0.99 -22.17 -31.40
C ASP D 12 2.31 -21.47 -31.06
N SER D 13 2.31 -20.46 -30.16
CA SER D 13 3.58 -19.82 -29.74
C SER D 13 4.21 -20.54 -28.53
N ILE D 14 3.50 -21.54 -27.98
CA ILE D 14 3.92 -22.30 -26.81
C ILE D 14 3.97 -23.78 -27.20
N THR D 15 4.88 -24.54 -26.60
CA THR D 15 4.88 -25.99 -26.76
C THR D 15 5.45 -26.59 -25.47
N THR D 16 5.17 -27.88 -25.25
CA THR D 16 5.71 -28.55 -24.09
C THR D 16 6.39 -29.83 -24.55
N ILE D 17 7.46 -30.19 -23.84
CA ILE D 17 8.20 -31.40 -24.08
C ILE D 17 8.16 -32.21 -22.78
N GLU D 18 7.84 -33.48 -22.92
CA GLU D 18 7.76 -34.38 -21.80
C GLU D 18 8.70 -35.55 -22.09
N LEU D 19 9.55 -35.92 -21.12
CA LEU D 19 10.36 -37.10 -21.26
C LEU D 19 10.78 -37.60 -19.88
N TYR D 20 11.39 -38.79 -19.90
CA TYR D 20 12.08 -39.31 -18.74
C TYR D 20 13.45 -39.80 -19.20
N LEU D 21 14.39 -39.87 -18.25
CA LEU D 21 15.68 -40.45 -18.48
C LEU D 21 15.92 -41.54 -17.42
N ASN D 22 16.22 -42.75 -17.90
CA ASN D 22 16.61 -43.85 -17.02
C ASN D 22 18.05 -43.63 -16.53
N THR D 23 18.31 -44.16 -15.33
CA THR D 23 19.53 -43.94 -14.60
C THR D 23 20.67 -44.67 -15.33
N ARG D 24 21.89 -44.15 -15.16
CA ARG D 24 23.09 -44.73 -15.74
C ARG D 24 24.12 -44.97 -14.64
N MET D 25 23.85 -45.99 -13.83
CA MET D 25 24.64 -46.33 -12.66
C MET D 25 25.82 -47.24 -13.04
N GLY D 26 25.75 -47.87 -14.22
CA GLY D 26 26.87 -48.71 -14.68
C GLY D 26 26.42 -49.91 -15.48
N GLN D 27 25.41 -50.62 -14.97
CA GLN D 27 24.76 -51.63 -15.81
C GLN D 27 23.56 -50.94 -16.43
N ASN D 28 23.74 -50.45 -17.69
CA ASN D 28 22.78 -49.49 -18.27
C ASN D 28 21.83 -50.13 -19.29
N ASP D 29 21.93 -51.46 -19.44
CA ASP D 29 21.14 -52.20 -20.43
C ASP D 29 19.94 -52.85 -19.73
N GLU D 30 18.73 -52.40 -20.12
CA GLU D 30 17.49 -52.80 -19.48
C GLU D 30 17.13 -54.28 -19.65
N SER D 31 17.86 -54.98 -20.50
CA SER D 31 17.59 -56.41 -20.77
C SER D 31 18.51 -57.30 -19.94
N LYS D 32 19.45 -56.72 -19.19
CA LYS D 32 20.51 -57.53 -18.52
C LYS D 32 20.42 -57.40 -17.00
N ASP D 33 21.09 -58.33 -16.30
CA ASP D 33 21.08 -58.42 -14.85
C ASP D 33 21.64 -57.12 -14.27
N ASN D 34 21.20 -56.74 -13.08
CA ASN D 34 21.75 -55.57 -12.37
C ASN D 34 21.38 -54.23 -13.04
N TYR D 35 20.40 -54.21 -13.93
CA TYR D 35 19.95 -52.95 -14.52
C TYR D 35 19.56 -51.96 -13.40
N GLY D 36 20.00 -50.71 -13.56
CA GLY D 36 19.63 -49.59 -12.70
C GLY D 36 20.51 -49.55 -11.46
N TYR D 37 21.51 -50.46 -11.40
CA TYR D 37 22.52 -50.46 -10.40
C TYR D 37 23.90 -50.40 -11.11
N SER D 38 24.93 -50.09 -10.33
CA SER D 38 26.29 -50.30 -10.77
C SER D 38 26.63 -51.78 -10.59
N GLU D 39 27.73 -52.19 -11.22
CA GLU D 39 28.41 -53.43 -10.82
C GLU D 39 28.97 -53.21 -9.41
N LYS D 40 29.39 -54.29 -8.78
CA LYS D 40 29.98 -54.27 -7.43
C LYS D 40 31.12 -53.26 -7.41
N VAL D 41 31.14 -52.43 -6.38
CA VAL D 41 32.21 -51.48 -6.15
C VAL D 41 33.47 -52.26 -5.71
N THR D 42 34.61 -51.85 -6.28
CA THR D 42 35.93 -52.36 -5.88
C THR D 42 36.77 -51.18 -5.39
N VAL D 43 37.87 -51.50 -4.68
CA VAL D 43 38.69 -50.48 -4.05
C VAL D 43 40.15 -50.69 -4.45
N ALA D 44 40.77 -49.63 -4.96
CA ALA D 44 42.16 -49.63 -5.38
C ALA D 44 43.08 -50.04 -4.23
N ASN D 45 44.12 -50.82 -4.56
CA ASN D 45 45.18 -51.18 -3.60
C ASN D 45 46.06 -49.97 -3.33
N SER D 46 46.24 -49.13 -4.35
CA SER D 46 46.98 -47.88 -4.19
C SER D 46 46.52 -46.89 -5.27
N SER D 47 46.91 -45.64 -5.11
CA SER D 47 46.42 -44.56 -5.97
C SER D 47 47.01 -44.66 -7.39
N ASP D 48 48.11 -45.41 -7.53
CA ASP D 48 48.74 -45.63 -8.86
C ASP D 48 48.21 -46.92 -9.50
N GLN D 49 47.36 -47.66 -8.81
CA GLN D 49 46.68 -48.84 -9.36
C GLN D 49 45.16 -48.71 -9.10
N ASP D 50 44.61 -47.56 -9.50
CA ASP D 50 43.23 -47.22 -9.27
C ASP D 50 42.53 -47.36 -10.63
N LYS D 51 41.99 -48.56 -10.87
CA LYS D 51 41.44 -48.95 -12.13
C LYS D 51 40.05 -49.52 -11.88
N PRO D 52 38.99 -48.69 -11.87
CA PRO D 52 37.64 -49.22 -11.66
C PRO D 52 37.28 -50.29 -12.69
N THR D 53 36.56 -51.33 -12.22
CA THR D 53 36.05 -52.37 -13.11
C THR D 53 35.02 -51.76 -14.04
N SER D 54 34.79 -52.47 -15.17
CA SER D 54 33.77 -52.07 -16.12
C SER D 54 32.40 -52.11 -15.44
N GLY D 55 31.66 -51.00 -15.54
CA GLY D 55 30.26 -50.94 -15.05
C GLY D 55 30.11 -50.54 -13.59
N GLU D 56 31.19 -50.18 -12.87
CA GLU D 56 31.06 -49.80 -11.45
C GLU D 56 31.00 -48.28 -11.24
N ILE D 57 30.91 -47.50 -12.33
CA ILE D 57 31.09 -46.05 -12.32
C ILE D 57 29.80 -45.40 -12.83
N PRO D 58 29.06 -44.63 -12.01
CA PRO D 58 27.91 -43.87 -12.52
C PRO D 58 28.31 -42.82 -13.55
N THR D 59 27.43 -42.58 -14.52
CA THR D 59 27.60 -41.58 -15.55
C THR D 59 26.35 -40.69 -15.62
N TYR D 60 26.46 -39.54 -16.30
CA TYR D 60 25.33 -38.66 -16.51
C TYR D 60 24.37 -39.30 -17.54
N SER D 61 23.07 -39.09 -17.32
CA SER D 61 22.04 -39.31 -18.29
C SER D 61 21.88 -38.02 -19.10
N THR D 62 21.66 -38.14 -20.41
CA THR D 62 21.45 -36.96 -21.23
C THR D 62 20.65 -37.35 -22.48
N ALA D 63 19.89 -36.41 -23.00
CA ALA D 63 19.24 -36.55 -24.27
C ALA D 63 19.12 -35.18 -24.93
N ARG D 64 19.17 -35.19 -26.25
CA ARG D 64 18.81 -34.05 -27.09
C ARG D 64 17.43 -34.34 -27.67
N ILE D 65 16.49 -33.41 -27.51
CA ILE D 65 15.14 -33.58 -28.01
C ILE D 65 14.95 -32.59 -29.17
N ASN D 66 14.41 -33.12 -30.27
CA ASN D 66 14.09 -32.32 -31.47
C ASN D 66 12.81 -31.55 -31.22
N LEU D 67 12.85 -30.24 -31.47
CA LEU D 67 11.71 -29.38 -31.25
C LEU D 67 11.03 -29.13 -32.60
N PRO D 68 9.75 -28.71 -32.62
CA PRO D 68 9.09 -28.33 -33.87
C PRO D 68 9.92 -27.33 -34.67
N MET D 69 10.14 -27.60 -35.95
CA MET D 69 10.92 -26.72 -36.84
C MET D 69 10.16 -25.38 -36.96
N LEU D 70 10.92 -24.28 -37.03
CA LEU D 70 10.37 -22.92 -37.00
C LEU D 70 10.52 -22.17 -38.34
N THR D 78 15.76 -11.55 -38.88
CA THR D 78 15.46 -12.19 -37.60
C THR D 78 15.14 -13.67 -37.81
N LEU D 79 15.35 -14.47 -36.76
CA LEU D 79 14.90 -15.87 -36.72
C LEU D 79 14.04 -16.06 -35.46
N THR D 80 13.32 -17.18 -35.44
CA THR D 80 12.58 -17.61 -34.26
C THR D 80 13.35 -18.76 -33.61
N MET D 81 13.45 -18.75 -32.28
CA MET D 81 14.01 -19.86 -31.51
C MET D 81 13.01 -20.26 -30.41
N TRP D 82 13.06 -21.54 -30.02
CA TRP D 82 12.37 -21.97 -28.83
C TRP D 82 13.18 -21.56 -27.61
N GLU D 83 12.48 -20.99 -26.62
CA GLU D 83 13.02 -20.52 -25.36
C GLU D 83 12.39 -21.37 -24.25
N ALA D 84 13.23 -22.10 -23.50
CA ALA D 84 12.73 -22.90 -22.38
C ALA D 84 12.40 -21.95 -21.23
N VAL D 85 11.14 -21.97 -20.80
CA VAL D 85 10.63 -21.03 -19.81
C VAL D 85 10.72 -21.64 -18.41
N SER D 86 10.36 -22.91 -18.29
CA SER D 86 10.21 -23.55 -16.99
C SER D 86 10.21 -25.07 -17.16
N VAL D 87 10.48 -25.76 -16.05
CA VAL D 87 10.47 -27.20 -16.06
C VAL D 87 9.86 -27.70 -14.75
N LYS D 88 9.01 -28.72 -14.90
CA LYS D 88 8.58 -29.54 -13.78
C LYS D 88 9.38 -30.85 -13.87
N THR D 89 10.17 -31.14 -12.85
CA THR D 89 10.97 -32.36 -12.83
C THR D 89 10.78 -33.07 -11.49
N GLU D 90 10.84 -34.40 -11.53
CA GLU D 90 10.63 -35.25 -10.35
C GLU D 90 11.51 -36.50 -10.49
N VAL D 91 12.00 -37.01 -9.36
CA VAL D 91 12.57 -38.33 -9.32
C VAL D 91 11.43 -39.35 -9.24
N VAL D 92 11.49 -40.37 -10.07
CA VAL D 92 10.47 -41.40 -10.18
C VAL D 92 10.90 -42.62 -9.36
N GLY D 93 9.94 -43.28 -8.73
CA GLY D 93 10.18 -44.55 -8.05
C GLY D 93 10.83 -44.41 -6.67
N VAL D 94 10.63 -43.26 -6.01
CA VAL D 94 11.16 -43.07 -4.66
C VAL D 94 10.63 -44.16 -3.72
N SER D 95 9.35 -44.51 -3.87
CA SER D 95 8.70 -45.47 -2.99
C SER D 95 9.39 -46.85 -3.10
N SER D 96 10.12 -47.09 -4.21
CA SER D 96 10.87 -48.35 -4.39
C SER D 96 11.89 -48.57 -3.27
N LEU D 97 12.28 -47.48 -2.59
CA LEU D 97 13.27 -47.54 -1.51
C LEU D 97 12.64 -48.04 -0.20
N VAL D 98 11.32 -48.18 -0.17
CA VAL D 98 10.60 -48.73 0.96
C VAL D 98 10.60 -50.27 0.80
N ASN D 99 11.78 -50.87 0.97
CA ASN D 99 11.98 -52.27 0.67
C ASN D 99 13.15 -52.73 1.51
N VAL D 100 12.85 -53.55 2.53
CA VAL D 100 13.88 -54.06 3.43
C VAL D 100 13.79 -55.60 3.51
N HIS D 101 13.24 -56.24 2.47
CA HIS D 101 13.19 -57.72 2.40
C HIS D 101 14.07 -58.30 1.28
N MET D 102 14.86 -57.44 0.61
CA MET D 102 15.73 -57.93 -0.45
C MET D 102 16.91 -58.69 0.16
N ALA D 103 17.62 -59.44 -0.70
CA ALA D 103 18.76 -60.25 -0.26
C ALA D 103 19.96 -59.33 0.03
N THR D 104 20.00 -58.87 1.28
CA THR D 104 20.93 -57.87 1.74
C THR D 104 21.45 -58.26 3.12
N LYS D 105 22.49 -57.56 3.55
CA LYS D 105 22.86 -57.56 4.93
C LYS D 105 21.66 -57.12 5.79
N ARG D 106 21.63 -57.51 7.06
CA ARG D 106 20.45 -57.21 7.86
C ARG D 106 20.86 -56.81 9.26
N MET D 107 19.93 -56.16 9.98
CA MET D 107 20.14 -55.63 11.31
C MET D 107 20.01 -56.74 12.38
N TYR D 108 20.56 -56.46 13.58
CA TYR D 108 20.28 -57.17 14.86
C TYR D 108 20.46 -58.70 14.72
N ASP D 109 21.69 -59.13 14.46
CA ASP D 109 22.07 -60.56 14.54
C ASP D 109 21.15 -61.41 13.66
N ASP D 110 20.96 -60.96 12.41
CA ASP D 110 20.19 -61.69 11.38
C ASP D 110 18.70 -61.83 11.72
N LYS D 111 18.16 -61.01 12.64
CA LYS D 111 16.73 -61.07 12.95
C LYS D 111 15.98 -59.81 12.45
N GLY D 112 16.73 -58.73 12.18
CA GLY D 112 16.11 -57.45 11.82
C GLY D 112 15.95 -57.27 10.32
N ILE D 113 15.54 -56.06 9.94
CA ILE D 113 15.29 -55.72 8.55
C ILE D 113 16.58 -55.89 7.74
N GLY D 114 16.38 -56.14 6.44
CA GLY D 114 17.44 -55.93 5.48
C GLY D 114 17.80 -54.44 5.42
N PHE D 115 19.07 -54.15 5.18
CA PHE D 115 19.51 -52.78 5.02
C PHE D 115 18.76 -52.18 3.83
N PRO D 116 18.11 -51.00 4.00
CA PRO D 116 17.54 -50.31 2.84
C PRO D 116 18.69 -49.76 1.99
N VAL D 117 18.40 -49.42 0.73
CA VAL D 117 19.34 -48.64 -0.05
C VAL D 117 19.62 -47.36 0.74
N GLU D 118 20.90 -47.08 0.99
CA GLU D 118 21.27 -45.97 1.86
C GLU D 118 22.70 -45.51 1.52
N GLY D 119 23.04 -44.32 2.00
CA GLY D 119 24.33 -43.73 1.81
C GLY D 119 24.28 -42.56 0.88
N MET D 120 25.39 -42.37 0.15
CA MET D 120 25.61 -41.24 -0.69
C MET D 120 24.41 -40.96 -1.58
N ASN D 121 24.03 -39.68 -1.64
CA ASN D 121 23.03 -39.16 -2.58
C ASN D 121 23.70 -38.09 -3.43
N PHE D 122 23.41 -38.14 -4.73
CA PHE D 122 23.83 -37.14 -5.67
C PHE D 122 22.69 -36.91 -6.65
N HIS D 123 22.21 -35.66 -6.74
CA HIS D 123 21.05 -35.32 -7.54
C HIS D 123 21.39 -34.05 -8.32
N MET D 124 21.31 -34.13 -9.65
CA MET D 124 21.49 -32.96 -10.46
C MET D 124 20.61 -33.07 -11.70
N PHE D 125 20.20 -31.91 -12.21
CA PHE D 125 19.59 -31.84 -13.54
C PHE D 125 20.02 -30.54 -14.20
N ALA D 126 19.96 -30.53 -15.52
CA ALA D 126 20.29 -29.40 -16.36
C ALA D 126 19.32 -29.38 -17.54
N VAL D 127 18.89 -28.17 -17.90
CA VAL D 127 18.10 -27.89 -19.08
C VAL D 127 18.76 -26.73 -19.81
N GLY D 128 19.07 -26.95 -21.10
CA GLY D 128 19.74 -25.94 -21.89
C GLY D 128 19.42 -26.05 -23.36
N GLY D 129 19.91 -25.05 -24.11
CA GLY D 129 19.71 -24.93 -25.55
C GLY D 129 20.90 -25.43 -26.35
N GLU D 130 21.79 -26.16 -25.67
CA GLU D 130 22.98 -26.76 -26.23
C GLU D 130 23.53 -27.74 -25.18
N PRO D 131 24.50 -28.60 -25.53
CA PRO D 131 25.02 -29.57 -24.57
C PRO D 131 25.59 -28.89 -23.31
N LEU D 132 25.39 -29.54 -22.17
CA LEU D 132 25.99 -29.11 -20.90
C LEU D 132 27.52 -29.09 -21.07
N GLU D 133 28.13 -27.96 -20.68
CA GLU D 133 29.58 -27.81 -20.78
C GLU D 133 30.22 -28.31 -19.48
N LEU D 134 31.24 -29.15 -19.63
CA LEU D 134 31.84 -29.88 -18.52
C LEU D 134 33.26 -29.39 -18.26
N GLN D 135 33.62 -29.42 -16.97
CA GLN D 135 34.97 -29.23 -16.46
C GLN D 135 35.44 -30.57 -15.86
N PHE D 136 36.65 -30.99 -16.21
CA PHE D 136 37.26 -32.16 -15.61
C PHE D 136 37.80 -31.79 -14.22
N LEU D 137 37.50 -32.62 -13.21
CA LEU D 137 38.14 -32.52 -11.91
C LEU D 137 37.91 -33.85 -11.19
N THR D 138 38.97 -34.39 -10.59
CA THR D 138 38.97 -35.74 -10.05
C THR D 138 39.67 -35.76 -8.68
N GLY D 139 39.26 -36.73 -7.85
CA GLY D 139 39.91 -37.00 -6.60
C GLY D 139 41.24 -37.72 -6.77
N ASN D 140 41.49 -38.30 -7.95
CA ASN D 140 42.73 -39.04 -8.23
C ASN D 140 43.10 -38.88 -9.70
N TYR D 141 44.13 -38.09 -10.00
CA TYR D 141 44.51 -37.79 -11.40
C TYR D 141 44.93 -39.07 -12.17
N ARG D 142 45.35 -40.09 -11.43
CA ARG D 142 45.89 -41.32 -12.01
C ARG D 142 44.79 -42.36 -12.28
N THR D 143 43.51 -42.05 -12.00
CA THR D 143 42.46 -43.02 -12.21
C THR D 143 42.54 -43.55 -13.64
N ASP D 144 42.52 -44.87 -13.77
CA ASP D 144 42.67 -45.58 -15.04
C ASP D 144 41.29 -46.10 -15.48
N TYR D 145 40.74 -45.51 -16.54
CA TYR D 145 39.39 -45.84 -17.06
C TYR D 145 39.42 -46.87 -18.19
N SER D 146 40.57 -47.53 -18.40
CA SER D 146 40.79 -48.34 -19.60
C SER D 146 40.07 -49.70 -19.51
N ALA D 147 39.41 -50.03 -18.39
CA ALA D 147 38.60 -51.24 -18.31
C ALA D 147 37.31 -51.09 -19.13
N ASN D 148 36.96 -49.85 -19.50
CA ASN D 148 35.73 -49.59 -20.23
C ASN D 148 35.98 -48.43 -21.19
N ASP D 149 36.21 -48.79 -22.45
CA ASP D 149 36.64 -47.81 -23.47
C ASP D 149 35.43 -47.03 -23.97
N LYS D 150 34.23 -47.33 -23.47
CA LYS D 150 33.01 -46.56 -23.84
C LYS D 150 32.93 -45.27 -23.00
N LEU D 151 33.70 -45.19 -21.90
CA LEU D 151 33.69 -43.98 -21.06
C LEU D 151 34.47 -42.87 -21.77
N VAL D 152 33.91 -41.66 -21.77
CA VAL D 152 34.59 -40.49 -22.32
C VAL D 152 35.35 -39.79 -21.21
N VAL D 153 36.68 -39.81 -21.32
CA VAL D 153 37.59 -39.22 -20.34
C VAL D 153 38.74 -38.58 -21.12
N PRO D 154 39.55 -37.68 -20.52
CA PRO D 154 40.64 -37.05 -21.27
C PRO D 154 41.68 -38.08 -21.70
N PRO D 155 42.37 -37.87 -22.83
CA PRO D 155 43.40 -38.79 -23.29
C PRO D 155 44.72 -38.76 -22.50
N ILE D 156 44.95 -37.70 -21.71
CA ILE D 156 46.16 -37.58 -20.89
C ILE D 156 45.76 -37.29 -19.43
N LYS D 157 46.64 -37.65 -18.49
CA LYS D 157 46.48 -37.46 -17.09
C LYS D 157 47.56 -36.48 -16.61
N HIS D 158 47.24 -35.66 -15.61
CA HIS D 158 48.17 -34.73 -15.01
C HIS D 158 47.73 -34.41 -13.59
N GLN D 159 48.74 -34.19 -12.72
CA GLN D 159 48.60 -33.91 -11.32
C GLN D 159 47.57 -32.78 -11.06
N SER D 160 47.56 -31.80 -11.94
CA SER D 160 46.82 -30.55 -11.76
C SER D 160 45.29 -30.76 -11.79
N THR D 161 44.83 -31.91 -12.32
CA THR D 161 43.41 -32.20 -12.52
C THR D 161 42.72 -32.58 -11.20
N GLN D 162 43.47 -32.62 -10.08
CA GLN D 162 42.87 -32.75 -8.74
C GLN D 162 42.34 -31.39 -8.27
N GLY D 163 42.71 -30.34 -9.02
CA GLY D 163 42.10 -29.03 -8.95
C GLY D 163 41.48 -28.67 -10.28
N LEU D 164 41.21 -27.37 -10.48
CA LEU D 164 40.57 -26.88 -11.68
C LEU D 164 41.70 -26.50 -12.67
N ASN D 165 41.82 -27.29 -13.73
CA ASN D 165 42.70 -27.02 -14.86
C ASN D 165 41.83 -26.75 -16.08
N PRO D 166 41.73 -25.49 -16.54
CA PRO D 166 40.79 -25.14 -17.61
C PRO D 166 41.13 -25.74 -18.99
N HIS D 167 42.29 -26.39 -19.11
CA HIS D 167 42.64 -27.09 -20.34
C HIS D 167 41.88 -28.40 -20.46
N TYR D 168 41.18 -28.84 -19.41
CA TYR D 168 40.48 -30.13 -19.45
C TYR D 168 38.97 -29.89 -19.38
N LYS D 169 38.34 -29.79 -20.54
CA LYS D 169 36.91 -29.55 -20.68
C LYS D 169 36.32 -30.54 -21.68
N GLN D 170 34.99 -30.56 -21.71
CA GLN D 170 34.22 -31.40 -22.60
C GLN D 170 32.81 -30.85 -22.69
N LYS D 171 31.98 -31.50 -23.53
CA LYS D 171 30.57 -31.27 -23.60
C LYS D 171 29.86 -32.60 -23.44
N LEU D 172 28.74 -32.59 -22.70
CA LEU D 172 28.00 -33.79 -22.41
C LEU D 172 27.13 -34.13 -23.63
N THR D 173 27.69 -34.92 -24.53
CA THR D 173 27.10 -35.20 -25.82
C THR D 173 26.69 -36.68 -25.97
N LYS D 174 26.90 -37.50 -24.93
CA LYS D 174 26.57 -38.94 -25.00
C LYS D 174 26.03 -39.39 -23.64
N ASP D 175 24.90 -40.08 -23.69
CA ASP D 175 24.24 -40.67 -22.52
C ASP D 175 25.09 -41.85 -22.02
N GLY D 176 25.20 -41.99 -20.70
CA GLY D 176 25.77 -43.15 -20.08
C GLY D 176 27.23 -43.36 -20.35
N ALA D 177 27.97 -42.26 -20.55
CA ALA D 177 29.38 -42.35 -20.97
C ALA D 177 30.31 -41.44 -20.19
N PHE D 178 29.81 -40.30 -19.65
CA PHE D 178 30.69 -39.31 -18.95
C PHE D 178 30.61 -39.58 -17.46
N PRO D 179 31.68 -40.10 -16.81
CA PRO D 179 31.62 -40.37 -15.37
C PRO D 179 31.40 -39.10 -14.52
N VAL D 180 30.51 -39.23 -13.54
CA VAL D 180 30.22 -38.14 -12.65
C VAL D 180 31.44 -37.82 -11.79
N GLU D 181 32.25 -38.85 -11.48
CA GLU D 181 33.35 -38.70 -10.57
C GLU D 181 34.44 -37.76 -11.10
N CYS D 182 34.46 -37.53 -12.41
CA CYS D 182 35.56 -36.73 -12.97
C CYS D 182 35.08 -35.59 -13.87
N TRP D 183 33.76 -35.49 -14.12
CA TRP D 183 33.20 -34.36 -14.91
C TRP D 183 32.13 -33.65 -14.10
N CYS D 184 32.21 -32.32 -14.05
CA CYS D 184 31.20 -31.51 -13.44
C CYS D 184 30.82 -30.36 -14.37
N PRO D 185 29.70 -29.64 -14.11
CA PRO D 185 29.33 -28.49 -14.92
C PRO D 185 30.46 -27.45 -14.87
N ASP D 186 30.78 -26.89 -16.03
CA ASP D 186 31.78 -25.84 -16.16
C ASP D 186 31.12 -24.51 -15.83
N PRO D 187 31.40 -23.90 -14.65
CA PRO D 187 30.71 -22.68 -14.25
C PRO D 187 31.14 -21.45 -15.06
N SER D 188 32.27 -21.56 -15.80
CA SER D 188 32.79 -20.46 -16.63
C SER D 188 32.05 -20.39 -17.96
N LYS D 189 31.25 -21.41 -18.29
CA LYS D 189 30.43 -21.40 -19.50
C LYS D 189 28.96 -21.62 -19.10
N ASN D 190 28.23 -22.43 -19.87
CA ASN D 190 26.84 -22.80 -19.55
C ASN D 190 25.95 -21.56 -19.43
N GLU D 191 26.22 -20.53 -20.23
CA GLU D 191 25.38 -19.33 -20.24
C GLU D 191 23.98 -19.66 -20.74
N ASN D 192 23.85 -20.74 -21.53
CA ASN D 192 22.60 -21.09 -22.21
C ASN D 192 21.96 -22.36 -21.61
N THR D 193 22.40 -22.72 -20.40
CA THR D 193 21.94 -23.89 -19.66
C THR D 193 21.70 -23.45 -18.21
N ARG D 194 20.69 -24.02 -17.57
CA ARG D 194 20.48 -23.89 -16.13
C ARG D 194 20.75 -25.28 -15.51
N TYR D 195 21.62 -25.34 -14.50
CA TYR D 195 21.85 -26.60 -13.79
C TYR D 195 21.72 -26.41 -12.28
N TYR D 196 21.32 -27.49 -11.61
CA TYR D 196 21.04 -27.54 -10.18
C TYR D 196 21.51 -28.89 -9.66
N GLY D 197 22.26 -28.89 -8.57
CA GLY D 197 22.81 -30.15 -8.07
C GLY D 197 23.04 -30.13 -6.58
N SER D 198 23.04 -31.31 -5.96
CA SER D 198 23.33 -31.45 -4.59
C SER D 198 24.01 -32.80 -4.34
N TYR D 199 24.76 -32.86 -3.25
CA TYR D 199 25.50 -34.04 -2.83
C TYR D 199 25.34 -34.17 -1.31
N THR D 200 24.99 -35.36 -0.84
CA THR D 200 25.02 -35.72 0.55
C THR D 200 25.85 -36.98 0.66
N GLY D 201 26.95 -36.92 1.40
CA GLY D 201 27.91 -38.00 1.39
C GLY D 201 27.74 -38.88 2.61
N GLY D 202 28.88 -39.37 3.13
CA GLY D 202 28.90 -40.29 4.25
C GLY D 202 28.71 -41.72 3.79
N GLN D 203 28.75 -42.64 4.76
CA GLN D 203 28.83 -44.08 4.46
C GLN D 203 27.43 -44.71 4.31
N SER D 204 26.58 -44.50 5.33
CA SER D 204 25.26 -45.17 5.48
C SER D 204 24.14 -44.14 5.63
N THR D 205 24.43 -42.90 5.25
CA THR D 205 23.55 -41.76 5.44
C THR D 205 22.14 -42.04 4.94
N PRO D 206 21.10 -41.67 5.71
CA PRO D 206 19.72 -41.78 5.23
C PRO D 206 19.52 -40.95 3.97
N PRO D 207 18.99 -41.52 2.88
CA PRO D 207 18.50 -40.71 1.75
C PRO D 207 17.31 -39.89 2.22
N VAL D 208 17.23 -38.66 1.75
CA VAL D 208 16.14 -37.75 2.02
C VAL D 208 15.67 -37.25 0.67
N LEU D 209 14.47 -37.69 0.27
CA LEU D 209 13.95 -37.49 -1.08
C LEU D 209 12.52 -36.96 -1.00
N GLN D 210 12.16 -36.11 -1.95
CA GLN D 210 10.80 -35.60 -2.11
C GLN D 210 10.34 -35.91 -3.53
N PHE D 211 9.04 -36.05 -3.71
CA PHE D 211 8.42 -36.14 -5.05
C PHE D 211 7.03 -35.49 -5.01
N THR D 212 6.74 -34.69 -6.03
CA THR D 212 5.44 -34.04 -6.18
C THR D 212 5.28 -33.64 -7.65
N ASN D 213 4.04 -33.46 -8.09
CA ASN D 213 3.75 -32.98 -9.44
C ASN D 213 3.32 -31.51 -9.39
N THR D 214 3.68 -30.77 -8.34
CA THR D 214 3.12 -29.43 -8.13
C THR D 214 4.18 -28.32 -8.19
N VAL D 215 5.46 -28.66 -8.46
CA VAL D 215 6.52 -27.66 -8.38
C VAL D 215 7.07 -27.33 -9.78
N THR D 216 7.05 -26.04 -10.12
CA THR D 216 7.60 -25.50 -11.35
C THR D 216 8.90 -24.75 -11.05
N THR D 217 9.96 -25.09 -11.79
CA THR D 217 11.24 -24.41 -11.70
C THR D 217 11.33 -23.46 -12.89
N VAL D 218 11.45 -22.16 -12.61
CA VAL D 218 11.58 -21.14 -13.64
C VAL D 218 13.02 -21.18 -14.20
N LEU D 219 13.15 -21.24 -15.52
CA LEU D 219 14.47 -21.32 -16.22
C LEU D 219 14.94 -19.95 -16.74
N LEU D 220 14.11 -18.92 -16.62
CA LEU D 220 14.50 -17.58 -17.07
C LEU D 220 15.66 -17.09 -16.21
N ASP D 221 16.61 -16.40 -16.83
CA ASP D 221 17.74 -15.81 -16.14
C ASP D 221 17.33 -14.45 -15.56
N GLU D 222 18.31 -13.71 -15.04
CA GLU D 222 18.07 -12.42 -14.38
C GLU D 222 17.52 -11.39 -15.38
N ASN D 223 17.70 -11.61 -16.69
CA ASN D 223 17.16 -10.70 -17.70
C ASN D 223 15.82 -11.17 -18.24
N GLY D 224 15.26 -12.27 -17.69
CA GLY D 224 13.96 -12.77 -18.16
C GLY D 224 14.06 -13.63 -19.41
N VAL D 225 15.24 -14.18 -19.68
CA VAL D 225 15.50 -14.97 -20.86
C VAL D 225 15.86 -16.40 -20.44
N GLY D 226 15.17 -17.37 -21.05
CA GLY D 226 15.40 -18.77 -20.80
C GLY D 226 16.43 -19.31 -21.78
N PRO D 227 16.90 -20.56 -21.60
CA PRO D 227 17.77 -21.19 -22.59
C PRO D 227 17.12 -21.10 -23.98
N LEU D 228 17.94 -20.75 -24.99
CA LEU D 228 17.53 -20.64 -26.37
C LEU D 228 18.08 -21.83 -27.14
N CYS D 229 17.16 -22.56 -27.81
CA CYS D 229 17.44 -23.89 -28.32
C CYS D 229 18.07 -23.77 -29.72
N LYS D 230 19.39 -23.87 -29.75
CA LYS D 230 20.15 -23.77 -30.98
C LYS D 230 19.89 -25.00 -31.84
N GLY D 231 19.58 -24.74 -33.11
CA GLY D 231 19.25 -25.77 -34.08
C GLY D 231 18.02 -26.57 -33.68
N ASP D 232 17.09 -25.91 -32.98
CA ASP D 232 15.85 -26.51 -32.49
C ASP D 232 16.14 -27.78 -31.67
N GLY D 233 17.20 -27.75 -30.87
CA GLY D 233 17.53 -28.84 -29.95
C GLY D 233 17.42 -28.42 -28.49
N LEU D 234 16.71 -29.23 -27.70
CA LEU D 234 16.57 -29.04 -26.25
C LEU D 234 17.41 -30.12 -25.56
N TYR D 235 18.30 -29.72 -24.64
CA TYR D 235 19.22 -30.64 -23.99
C TYR D 235 18.83 -30.79 -22.52
N VAL D 236 18.66 -32.05 -22.10
CA VAL D 236 18.26 -32.40 -20.77
C VAL D 236 19.28 -33.40 -20.24
N SER D 237 19.79 -33.15 -19.02
CA SER D 237 20.84 -33.97 -18.41
C SER D 237 20.51 -34.17 -16.93
N CYS D 238 20.94 -35.30 -16.35
CA CYS D 238 20.70 -35.50 -14.94
C CYS D 238 21.53 -36.66 -14.41
N CYS D 239 21.49 -36.79 -13.09
CA CYS D 239 22.01 -37.97 -12.39
C CYS D 239 21.32 -37.99 -11.03
N ASP D 240 20.82 -39.16 -10.64
CA ASP D 240 20.10 -39.32 -9.38
C ASP D 240 20.55 -40.62 -8.69
N ILE D 241 21.60 -40.51 -7.87
CA ILE D 241 22.11 -41.61 -7.05
C ILE D 241 21.39 -41.51 -5.70
N VAL D 242 20.78 -42.61 -5.25
CA VAL D 242 20.00 -42.58 -4.02
C VAL D 242 20.66 -43.44 -2.92
N GLY D 243 21.81 -44.06 -3.23
CA GLY D 243 22.55 -44.81 -2.23
C GLY D 243 23.13 -46.10 -2.76
N PHE D 244 23.48 -46.98 -1.83
CA PHE D 244 24.04 -48.28 -2.16
C PHE D 244 23.14 -49.40 -1.64
N LEU D 245 23.05 -50.47 -2.45
CA LEU D 245 22.45 -51.71 -1.99
C LEU D 245 23.59 -52.55 -1.39
N VAL D 246 23.40 -53.02 -0.15
CA VAL D 246 24.41 -53.78 0.55
C VAL D 246 24.05 -55.27 0.53
N GLY D 247 24.79 -56.04 -0.28
CA GLY D 247 24.58 -57.47 -0.39
C GLY D 247 24.90 -58.20 0.90
N LYS D 248 24.49 -59.46 0.97
CA LYS D 248 24.68 -60.34 2.15
C LYS D 248 26.12 -60.29 2.64
N ASP D 249 27.08 -60.35 1.70
CA ASP D 249 28.50 -60.46 2.07
C ASP D 249 29.15 -59.08 2.23
N GLY D 250 28.41 -57.99 2.03
CA GLY D 250 28.94 -56.62 2.20
C GLY D 250 29.33 -55.94 0.89
N ASP D 251 29.21 -56.66 -0.23
CA ASP D 251 29.38 -56.15 -1.58
C ASP D 251 28.34 -55.04 -1.80
N MET D 252 28.75 -53.95 -2.45
CA MET D 252 27.85 -52.79 -2.55
C MET D 252 27.79 -52.33 -4.00
N GLN D 253 26.58 -51.86 -4.37
CA GLN D 253 26.28 -51.38 -5.70
C GLN D 253 25.54 -50.05 -5.57
N TYR D 254 25.94 -49.06 -6.38
CA TYR D 254 25.15 -47.84 -6.53
C TYR D 254 23.75 -48.19 -7.00
N ARG D 255 22.76 -47.44 -6.51
CA ARG D 255 21.40 -47.52 -6.99
C ARG D 255 20.97 -46.13 -7.45
N GLY D 256 20.41 -46.07 -8.66
CA GLY D 256 19.91 -44.83 -9.23
C GLY D 256 18.44 -44.92 -9.58
N LEU D 257 17.81 -43.75 -9.72
CA LEU D 257 16.40 -43.70 -10.06
C LEU D 257 16.23 -42.81 -11.30
N PRO D 258 15.15 -43.03 -12.08
CA PRO D 258 14.89 -42.22 -13.25
C PRO D 258 14.38 -40.83 -12.84
N ARG D 259 14.42 -39.90 -13.79
CA ARG D 259 13.93 -38.57 -13.59
C ARG D 259 13.01 -38.21 -14.76
N TYR D 260 11.89 -37.57 -14.40
CA TYR D 260 10.88 -37.10 -15.35
C TYR D 260 11.03 -35.59 -15.52
N PHE D 261 10.70 -35.11 -16.73
CA PHE D 261 10.77 -33.70 -17.09
C PHE D 261 9.55 -33.31 -17.92
N ASN D 262 8.96 -32.15 -17.58
CA ASN D 262 7.93 -31.50 -18.35
C ASN D 262 8.37 -30.05 -18.54
N ILE D 263 8.83 -29.71 -19.75
CA ILE D 263 9.46 -28.45 -20.05
C ILE D 263 8.50 -27.64 -20.93
N LEU D 264 8.24 -26.39 -20.52
CA LEU D 264 7.41 -25.46 -21.28
C LEU D 264 8.35 -24.54 -22.07
N LEU D 265 8.07 -24.37 -23.38
CA LEU D 265 8.89 -23.53 -24.25
C LEU D 265 7.98 -22.54 -25.00
N ARG D 266 8.55 -21.38 -25.34
CA ARG D 266 7.83 -20.32 -26.06
C ARG D 266 8.71 -19.81 -27.21
N LYS D 267 8.06 -19.25 -28.24
CA LYS D 267 8.77 -18.74 -29.40
C LYS D 267 9.35 -17.37 -29.09
N ARG D 268 10.63 -17.19 -29.42
CA ARG D 268 11.35 -15.97 -29.17
C ARG D 268 12.01 -15.53 -30.48
N THR D 269 11.79 -14.27 -30.85
CA THR D 269 12.45 -13.66 -31.98
C THR D 269 13.86 -13.25 -31.55
N VAL D 270 14.85 -13.58 -32.39
CA VAL D 270 16.23 -13.17 -32.16
C VAL D 270 16.78 -12.56 -33.46
N ARG D 271 17.85 -11.77 -33.32
CA ARG D 271 18.49 -11.10 -34.46
C ARG D 271 19.35 -12.13 -35.20
N ASN D 272 19.33 -12.05 -36.53
CA ASN D 272 20.35 -12.64 -37.40
C ASN D 272 19.59 -13.39 -38.49
N ILE E 2 -11.70 -32.15 -20.47
CA ILE E 2 -12.84 -31.37 -19.93
C ILE E 2 -12.58 -29.88 -20.15
N GLU E 3 -13.52 -29.24 -20.85
CA GLU E 3 -13.53 -27.80 -21.07
C GLU E 3 -14.19 -27.16 -19.84
N VAL E 4 -13.41 -26.36 -19.11
CA VAL E 4 -13.81 -25.76 -17.88
C VAL E 4 -14.43 -24.40 -18.17
N LEU E 5 -15.62 -24.15 -17.64
CA LEU E 5 -16.27 -22.84 -17.79
C LEU E 5 -16.21 -22.12 -16.43
N ASN E 6 -17.24 -21.34 -16.09
CA ASN E 6 -17.19 -20.45 -14.94
C ASN E 6 -17.54 -21.19 -13.64
N LEU E 7 -17.10 -20.60 -12.53
CA LEU E 7 -17.50 -21.00 -11.20
C LEU E 7 -18.98 -20.70 -11.01
N VAL E 8 -19.67 -21.57 -10.29
CA VAL E 8 -21.02 -21.32 -9.81
C VAL E 8 -20.89 -20.55 -8.50
N THR E 9 -21.56 -19.39 -8.40
CA THR E 9 -21.49 -18.54 -7.20
C THR E 9 -22.75 -18.71 -6.36
N GLY E 10 -22.69 -18.23 -5.12
CA GLY E 10 -23.85 -18.09 -4.26
C GLY E 10 -23.91 -19.14 -3.17
N PRO E 11 -25.03 -19.24 -2.43
CA PRO E 11 -25.16 -20.21 -1.35
C PRO E 11 -25.08 -21.64 -1.91
N ASP E 12 -24.52 -22.54 -1.09
CA ASP E 12 -24.44 -23.97 -1.42
C ASP E 12 -23.52 -24.23 -2.64
N SER E 13 -22.65 -23.27 -3.01
CA SER E 13 -21.67 -23.49 -4.08
C SER E 13 -20.37 -24.14 -3.55
N ILE E 14 -20.25 -24.27 -2.23
CA ILE E 14 -19.08 -24.80 -1.55
C ILE E 14 -19.53 -26.01 -0.73
N THR E 15 -18.64 -26.99 -0.56
CA THR E 15 -18.89 -28.09 0.36
C THR E 15 -17.51 -28.56 0.88
N THR E 16 -17.54 -29.27 2.01
CA THR E 16 -16.31 -29.82 2.54
C THR E 16 -16.52 -31.31 2.77
N ILE E 17 -15.44 -32.07 2.59
CA ILE E 17 -15.40 -33.47 2.84
C ILE E 17 -14.32 -33.71 3.88
N GLU E 18 -14.67 -34.48 4.91
CA GLU E 18 -13.77 -34.80 5.99
C GLU E 18 -13.69 -36.32 6.07
N LEU E 19 -12.48 -36.86 6.15
CA LEU E 19 -12.30 -38.28 6.33
C LEU E 19 -10.93 -38.54 6.94
N TYR E 20 -10.74 -39.79 7.35
CA TYR E 20 -9.45 -40.31 7.72
C TYR E 20 -9.27 -41.65 7.01
N LEU E 21 -7.99 -42.04 6.87
CA LEU E 21 -7.63 -43.32 6.35
C LEU E 21 -6.67 -43.97 7.33
N ASN E 22 -7.02 -45.19 7.75
CA ASN E 22 -6.17 -46.00 8.59
C ASN E 22 -5.05 -46.59 7.73
N THR E 23 -3.90 -46.83 8.40
CA THR E 23 -2.68 -47.24 7.72
C THR E 23 -2.85 -48.69 7.25
N ARG E 24 -2.11 -49.03 6.18
CA ARG E 24 -2.10 -50.37 5.61
C ARG E 24 -0.67 -50.91 5.56
N MET E 25 -0.16 -51.25 6.74
CA MET E 25 1.21 -51.66 6.91
C MET E 25 1.37 -53.16 6.64
N GLY E 26 0.26 -53.92 6.68
CA GLY E 26 0.30 -55.35 6.39
C GLY E 26 -0.69 -56.16 7.21
N GLN E 27 -0.76 -55.91 8.51
CA GLN E 27 -1.84 -56.42 9.33
C GLN E 27 -2.94 -55.36 9.32
N ASN E 28 -3.89 -55.50 8.40
CA ASN E 28 -4.81 -54.47 8.04
C ASN E 28 -6.22 -54.76 8.59
N ASP E 29 -6.34 -55.75 9.47
CA ASP E 29 -7.62 -56.12 10.08
C ASP E 29 -7.67 -55.54 11.51
N GLU E 30 -8.59 -54.59 11.72
CA GLU E 30 -8.71 -53.82 12.96
C GLU E 30 -9.18 -54.69 14.15
N SER E 31 -9.58 -55.94 13.90
CA SER E 31 -10.06 -56.83 14.96
C SER E 31 -8.93 -57.74 15.45
N LYS E 32 -7.74 -57.65 14.84
CA LYS E 32 -6.63 -58.56 15.16
C LYS E 32 -5.47 -57.79 15.78
N ASP E 33 -4.63 -58.55 16.50
CA ASP E 33 -3.40 -58.06 17.08
C ASP E 33 -2.51 -57.51 15.96
N ASN E 34 -1.65 -56.56 16.33
CA ASN E 34 -0.67 -56.01 15.38
C ASN E 34 -1.34 -55.12 14.34
N TYR E 35 -2.59 -54.69 14.54
CA TYR E 35 -3.21 -53.76 13.61
C TYR E 35 -2.36 -52.48 13.52
N GLY E 36 -2.15 -51.98 12.31
CA GLY E 36 -1.38 -50.77 12.09
C GLY E 36 0.13 -51.01 12.10
N TYR E 37 0.53 -52.28 12.13
CA TYR E 37 1.88 -52.72 11.91
C TYR E 37 1.91 -53.73 10.76
N SER E 38 3.09 -53.97 10.20
CA SER E 38 3.32 -55.08 9.32
C SER E 38 3.53 -56.33 10.17
N GLU E 39 3.44 -57.49 9.52
CA GLU E 39 4.00 -58.72 10.08
C GLU E 39 5.52 -58.55 10.09
N LYS E 40 6.20 -59.45 10.82
CA LYS E 40 7.65 -59.46 10.93
C LYS E 40 8.28 -59.40 9.54
N VAL E 41 9.27 -58.52 9.37
CA VAL E 41 10.00 -58.39 8.14
C VAL E 41 10.94 -59.61 8.04
N THR E 42 11.04 -60.16 6.83
CA THR E 42 11.96 -61.26 6.51
C THR E 42 12.88 -60.77 5.40
N VAL E 43 13.98 -61.52 5.19
CA VAL E 43 14.99 -61.17 4.22
C VAL E 43 15.19 -62.35 3.26
N ALA E 44 15.17 -62.04 1.97
CA ALA E 44 15.30 -63.02 0.91
C ALA E 44 16.60 -63.79 1.05
N ASN E 45 16.53 -65.10 0.74
CA ASN E 45 17.66 -66.01 0.71
C ASN E 45 18.59 -65.62 -0.45
N SER E 46 18.00 -65.18 -1.57
CA SER E 46 18.70 -64.63 -2.71
C SER E 46 17.72 -63.79 -3.53
N SER E 47 18.19 -63.02 -4.50
CA SER E 47 17.33 -62.08 -5.25
C SER E 47 16.36 -62.83 -6.18
N ASP E 48 16.67 -64.09 -6.47
CA ASP E 48 15.85 -64.99 -7.29
C ASP E 48 14.78 -65.72 -6.45
N GLN E 49 14.88 -65.61 -5.11
CA GLN E 49 13.94 -66.20 -4.17
C GLN E 49 13.53 -65.14 -3.14
N ASP E 50 13.04 -64.01 -3.68
CA ASP E 50 12.64 -62.87 -2.92
C ASP E 50 11.13 -62.89 -2.87
N LYS E 51 10.59 -63.52 -1.82
CA LYS E 51 9.18 -63.81 -1.72
C LYS E 51 8.70 -63.33 -0.36
N PRO E 52 8.30 -62.03 -0.22
CA PRO E 52 7.86 -61.54 1.07
C PRO E 52 6.69 -62.37 1.62
N THR E 53 6.70 -62.60 2.95
CA THR E 53 5.61 -63.28 3.62
C THR E 53 4.33 -62.46 3.52
N SER E 54 3.19 -63.11 3.69
CA SER E 54 1.91 -62.43 3.67
C SER E 54 1.84 -61.45 4.84
N GLY E 55 1.54 -60.18 4.54
CA GLY E 55 1.35 -59.16 5.55
C GLY E 55 2.61 -58.40 5.96
N GLU E 56 3.76 -58.61 5.30
CA GLU E 56 4.96 -57.88 5.70
C GLU E 56 5.24 -56.65 4.79
N ILE E 57 4.33 -56.33 3.88
CA ILE E 57 4.53 -55.35 2.82
C ILE E 57 3.51 -54.21 3.00
N PRO E 58 3.94 -52.97 3.26
CA PRO E 58 3.03 -51.83 3.27
C PRO E 58 2.39 -51.58 1.89
N THR E 59 1.14 -51.10 1.92
CA THR E 59 0.39 -50.76 0.74
C THR E 59 -0.19 -49.35 0.91
N TYR E 60 -0.63 -48.76 -0.20
CA TYR E 60 -1.30 -47.46 -0.16
C TYR E 60 -2.69 -47.61 0.48
N SER E 61 -3.07 -46.58 1.24
CA SER E 61 -4.43 -46.38 1.67
C SER E 61 -5.12 -45.54 0.59
N THR E 62 -6.39 -45.85 0.29
CA THR E 62 -7.13 -45.07 -0.68
C THR E 62 -8.62 -45.22 -0.40
N ALA E 63 -9.36 -44.17 -0.77
CA ALA E 63 -10.80 -44.20 -0.73
C ALA E 63 -11.32 -43.29 -1.84
N ARG E 64 -12.50 -43.68 -2.36
CA ARG E 64 -13.34 -42.85 -3.19
C ARG E 64 -14.49 -42.36 -2.31
N ILE E 65 -14.72 -41.04 -2.27
CA ILE E 65 -15.79 -40.47 -1.49
C ILE E 65 -16.85 -39.94 -2.46
N ASN E 66 -18.11 -40.30 -2.19
CA ASN E 66 -19.25 -39.88 -2.98
C ASN E 66 -19.59 -38.44 -2.61
N LEU E 67 -19.72 -37.59 -3.62
CA LEU E 67 -20.00 -36.20 -3.40
C LEU E 67 -21.49 -35.97 -3.68
N PRO E 68 -22.11 -34.89 -3.16
CA PRO E 68 -23.49 -34.56 -3.51
C PRO E 68 -23.68 -34.54 -5.04
N MET E 69 -24.70 -35.26 -5.52
CA MET E 69 -25.04 -35.30 -6.95
C MET E 69 -25.49 -33.89 -7.36
N LEU E 70 -25.10 -33.45 -8.56
CA LEU E 70 -25.36 -32.06 -9.01
C LEU E 70 -26.33 -32.08 -10.20
N ASN E 71 -25.99 -32.91 -11.18
CA ASN E 71 -26.66 -32.96 -12.50
C ASN E 71 -27.78 -33.99 -12.40
N GLU E 72 -29.02 -33.58 -12.66
CA GLU E 72 -30.17 -34.52 -12.79
C GLU E 72 -30.14 -35.23 -14.15
N ASP E 73 -29.85 -34.48 -15.22
CA ASP E 73 -29.71 -34.99 -16.59
C ASP E 73 -28.24 -34.94 -17.02
N LEU E 74 -27.60 -36.10 -17.22
CA LEU E 74 -26.19 -36.22 -17.56
C LEU E 74 -25.88 -35.85 -19.03
N THR E 75 -26.92 -35.70 -19.87
CA THR E 75 -26.76 -35.48 -21.31
C THR E 75 -26.90 -34.01 -21.67
N SER E 76 -27.16 -33.12 -20.70
CA SER E 76 -27.36 -31.67 -20.95
C SER E 76 -26.06 -30.96 -21.41
N ASN E 77 -26.20 -29.72 -21.87
CA ASN E 77 -25.19 -29.01 -22.66
C ASN E 77 -23.93 -28.68 -21.83
N THR E 78 -24.16 -28.30 -20.58
CA THR E 78 -23.12 -28.14 -19.57
C THR E 78 -23.48 -29.01 -18.37
N LEU E 79 -22.47 -29.37 -17.58
CA LEU E 79 -22.69 -29.97 -16.29
C LEU E 79 -22.01 -29.11 -15.22
N THR E 80 -22.39 -29.41 -13.98
CA THR E 80 -21.66 -28.93 -12.80
C THR E 80 -20.80 -30.08 -12.29
N MET E 81 -19.54 -29.77 -11.95
CA MET E 81 -18.66 -30.70 -11.26
C MET E 81 -18.13 -30.04 -9.97
N TRP E 82 -17.81 -30.90 -8.99
CA TRP E 82 -17.09 -30.45 -7.83
C TRP E 82 -15.60 -30.34 -8.20
N GLU E 83 -15.01 -29.19 -7.82
CA GLU E 83 -13.62 -28.86 -8.00
C GLU E 83 -12.96 -28.77 -6.61
N ALA E 84 -11.95 -29.60 -6.36
CA ALA E 84 -11.23 -29.58 -5.09
C ALA E 84 -10.31 -28.36 -5.10
N VAL E 85 -10.52 -27.46 -4.13
CA VAL E 85 -9.78 -26.20 -4.04
C VAL E 85 -8.55 -26.35 -3.13
N SER E 86 -8.71 -27.04 -1.99
CA SER E 86 -7.67 -27.09 -0.99
C SER E 86 -7.89 -28.27 -0.04
N VAL E 87 -6.84 -28.64 0.69
CA VAL E 87 -6.93 -29.70 1.65
C VAL E 87 -6.09 -29.34 2.88
N LYS E 88 -6.68 -29.59 4.05
CA LYS E 88 -5.98 -29.63 5.30
C LYS E 88 -5.80 -31.10 5.67
N THR E 89 -4.54 -31.54 5.77
CA THR E 89 -4.25 -32.95 6.07
C THR E 89 -3.18 -33.00 7.15
N GLU E 90 -3.26 -34.03 8.00
CA GLU E 90 -2.38 -34.21 9.15
C GLU E 90 -2.24 -35.71 9.43
N VAL E 91 -1.08 -36.10 9.94
CA VAL E 91 -0.87 -37.43 10.46
C VAL E 91 -1.43 -37.43 11.90
N VAL E 92 -2.20 -38.45 12.22
CA VAL E 92 -2.89 -38.59 13.49
C VAL E 92 -2.06 -39.52 14.39
N GLY E 93 -2.03 -39.24 15.69
CA GLY E 93 -1.43 -40.14 16.67
C GLY E 93 0.08 -40.10 16.73
N VAL E 94 0.68 -38.96 16.36
CA VAL E 94 2.14 -38.81 16.43
C VAL E 94 2.60 -39.02 17.87
N SER E 95 1.83 -38.52 18.84
CA SER E 95 2.20 -38.64 20.26
C SER E 95 2.34 -40.09 20.68
N SER E 96 1.70 -41.02 19.96
CA SER E 96 1.78 -42.46 20.26
C SER E 96 3.22 -42.97 20.19
N LEU E 97 4.11 -42.22 19.50
CA LEU E 97 5.50 -42.61 19.36
C LEU E 97 6.31 -42.25 20.60
N VAL E 98 5.69 -41.53 21.56
CA VAL E 98 6.31 -41.22 22.84
C VAL E 98 5.99 -42.42 23.76
N ASN E 99 6.62 -43.56 23.48
CA ASN E 99 6.34 -44.79 24.18
C ASN E 99 7.60 -45.65 24.06
N VAL E 100 8.28 -45.83 25.19
CA VAL E 100 9.51 -46.59 25.26
C VAL E 100 9.41 -47.66 26.37
N HIS E 101 8.18 -48.10 26.69
CA HIS E 101 7.98 -49.19 27.66
C HIS E 101 7.39 -50.46 27.02
N MET E 102 7.24 -50.47 25.69
CA MET E 102 6.68 -51.67 25.03
C MET E 102 7.73 -52.78 25.02
N ALA E 103 7.29 -54.00 24.74
CA ALA E 103 8.12 -55.18 24.70
C ALA E 103 9.01 -55.13 23.45
N THR E 104 10.17 -54.51 23.61
CA THR E 104 11.10 -54.20 22.58
C THR E 104 12.52 -54.45 23.10
N LYS E 105 13.47 -54.43 22.16
CA LYS E 105 14.86 -54.29 22.49
C LYS E 105 15.03 -53.01 23.31
N ARG E 106 16.09 -52.96 24.13
CA ARG E 106 16.24 -51.80 25.00
C ARG E 106 17.70 -51.38 25.06
N MET E 107 17.91 -50.14 25.49
CA MET E 107 19.24 -49.51 25.55
C MET E 107 20.01 -49.97 26.79
N TYR E 108 21.31 -49.78 26.75
CA TYR E 108 22.25 -49.81 27.92
C TYR E 108 22.10 -51.11 28.73
N ASP E 109 22.43 -52.24 28.11
CA ASP E 109 22.57 -53.54 28.82
C ASP E 109 21.27 -53.86 29.57
N ASP E 110 20.13 -53.71 28.90
CA ASP E 110 18.80 -54.08 29.42
C ASP E 110 18.36 -53.21 30.61
N LYS E 111 18.98 -52.04 30.82
CA LYS E 111 18.58 -51.16 31.92
C LYS E 111 17.90 -49.88 31.40
N GLY E 112 18.10 -49.56 30.11
CA GLY E 112 17.59 -48.32 29.52
C GLY E 112 16.21 -48.45 28.91
N ILE E 113 15.80 -47.41 28.17
CA ILE E 113 14.52 -47.35 27.53
C ILE E 113 14.40 -48.48 26.50
N GLY E 114 13.16 -48.89 26.25
CA GLY E 114 12.84 -49.62 25.05
C GLY E 114 13.09 -48.75 23.82
N PHE E 115 13.52 -49.38 22.72
CA PHE E 115 13.74 -48.66 21.48
C PHE E 115 12.39 -48.06 21.07
N PRO E 116 12.33 -46.74 20.78
CA PRO E 116 11.12 -46.19 20.19
C PRO E 116 11.01 -46.69 18.74
N VAL E 117 9.81 -46.59 18.18
CA VAL E 117 9.63 -46.79 16.75
C VAL E 117 10.57 -45.80 16.04
N GLU E 118 11.42 -46.32 15.15
CA GLU E 118 12.43 -45.50 14.51
C GLU E 118 12.87 -46.13 13.19
N GLY E 119 13.54 -45.33 12.37
CA GLY E 119 14.04 -45.74 11.09
C GLY E 119 13.30 -45.06 9.96
N MET E 120 13.20 -45.78 8.84
CA MET E 120 12.63 -45.30 7.61
C MET E 120 11.30 -44.58 7.85
N ASN E 121 11.17 -43.41 7.23
CA ASN E 121 9.89 -42.67 7.16
C ASN E 121 9.53 -42.50 5.68
N PHE E 122 8.26 -42.71 5.38
CA PHE E 122 7.71 -42.48 4.07
C PHE E 122 6.33 -41.87 4.25
N HIS E 123 6.11 -40.67 3.67
CA HIS E 123 4.87 -39.93 3.85
C HIS E 123 4.44 -39.40 2.48
N MET E 124 3.24 -39.77 2.04
CA MET E 124 2.70 -39.26 0.81
C MET E 124 1.18 -39.14 0.92
N PHE E 125 0.63 -38.16 0.23
CA PHE E 125 -0.81 -38.09 0.06
C PHE E 125 -1.12 -37.57 -1.36
N ALA E 126 -2.33 -37.89 -1.84
CA ALA E 126 -2.82 -37.46 -3.11
C ALA E 126 -4.32 -37.18 -2.99
N VAL E 127 -4.75 -36.10 -3.66
CA VAL E 127 -6.16 -35.74 -3.79
C VAL E 127 -6.41 -35.48 -5.27
N GLY E 128 -7.41 -36.18 -5.83
CA GLY E 128 -7.74 -36.04 -7.22
C GLY E 128 -9.21 -36.34 -7.50
N GLY E 129 -9.59 -36.11 -8.77
CA GLY E 129 -10.92 -36.31 -9.27
C GLY E 129 -11.10 -37.63 -9.98
N GLU E 130 -10.13 -38.52 -9.81
CA GLU E 130 -10.12 -39.86 -10.38
C GLU E 130 -9.01 -40.62 -9.68
N PRO E 131 -8.92 -41.96 -9.85
CA PRO E 131 -7.87 -42.72 -9.18
C PRO E 131 -6.45 -42.21 -9.52
N LEU E 132 -5.57 -42.26 -8.51
CA LEU E 132 -4.15 -41.95 -8.69
C LEU E 132 -3.57 -42.91 -9.74
N GLU E 133 -2.88 -42.36 -10.72
CA GLU E 133 -2.24 -43.17 -11.75
C GLU E 133 -0.84 -43.57 -11.32
N LEU E 134 -0.55 -44.86 -11.45
CA LEU E 134 0.66 -45.48 -10.91
C LEU E 134 1.59 -45.91 -12.04
N GLN E 135 2.89 -45.81 -11.75
CA GLN E 135 3.99 -46.36 -12.53
C GLN E 135 4.65 -47.46 -11.70
N PHE E 136 4.90 -48.62 -12.32
CA PHE E 136 5.63 -49.69 -11.67
C PHE E 136 7.12 -49.38 -11.72
N LEU E 137 7.79 -49.54 -10.58
CA LEU E 137 9.25 -49.48 -10.50
C LEU E 137 9.68 -50.14 -9.19
N THR E 138 10.66 -51.06 -9.27
CA THR E 138 11.03 -51.90 -8.16
C THR E 138 12.55 -52.00 -8.05
N GLY E 139 13.00 -52.25 -6.81
CA GLY E 139 14.39 -52.51 -6.56
C GLY E 139 14.80 -53.92 -6.98
N ASN E 140 13.83 -54.82 -7.19
CA ASN E 140 14.09 -56.21 -7.59
C ASN E 140 12.97 -56.70 -8.50
N TYR E 141 13.27 -56.82 -9.80
CA TYR E 141 12.23 -57.20 -10.79
C TYR E 141 11.65 -58.59 -10.51
N ARG E 142 12.41 -59.44 -9.81
CA ARG E 142 12.06 -60.83 -9.58
C ARG E 142 11.16 -61.01 -8.34
N THR E 143 10.87 -59.92 -7.59
CA THR E 143 10.10 -60.07 -6.37
C THR E 143 8.83 -60.88 -6.66
N ASP E 144 8.61 -61.89 -5.82
CA ASP E 144 7.49 -62.82 -5.90
C ASP E 144 6.44 -62.45 -4.83
N TYR E 145 5.30 -61.96 -5.28
CA TYR E 145 4.19 -61.48 -4.42
C TYR E 145 3.12 -62.57 -4.16
N SER E 146 3.42 -63.83 -4.52
CA SER E 146 2.37 -64.85 -4.61
C SER E 146 1.99 -65.40 -3.23
N ALA E 147 2.67 -64.98 -2.15
CA ALA E 147 2.25 -65.39 -0.79
C ALA E 147 0.94 -64.69 -0.40
N ASN E 148 0.57 -63.64 -1.13
CA ASN E 148 -0.67 -62.91 -0.86
C ASN E 148 -1.27 -62.48 -2.19
N ASP E 149 -2.27 -63.23 -2.64
CA ASP E 149 -2.84 -63.05 -3.97
C ASP E 149 -3.79 -61.84 -3.99
N LYS E 150 -4.00 -61.19 -2.82
CA LYS E 150 -4.82 -59.96 -2.74
C LYS E 150 -4.01 -58.74 -3.18
N LEU E 151 -2.68 -58.85 -3.25
CA LEU E 151 -1.82 -57.75 -3.72
C LEU E 151 -1.97 -57.59 -5.23
N VAL E 152 -2.13 -56.34 -5.69
CA VAL E 152 -2.21 -56.04 -7.10
C VAL E 152 -0.80 -55.69 -7.59
N VAL E 153 -0.27 -56.54 -8.47
CA VAL E 153 1.05 -56.37 -9.09
C VAL E 153 0.93 -56.77 -10.56
N PRO E 154 1.89 -56.42 -11.45
CA PRO E 154 1.77 -56.82 -12.84
C PRO E 154 1.82 -58.34 -12.98
N PRO E 155 1.13 -58.92 -13.99
CA PRO E 155 1.11 -60.38 -14.17
C PRO E 155 2.41 -60.96 -14.74
N ILE E 156 3.29 -60.12 -15.31
CA ILE E 156 4.60 -60.59 -15.80
C ILE E 156 5.71 -59.74 -15.22
N LYS E 157 6.92 -60.29 -15.08
CA LYS E 157 8.08 -59.61 -14.57
C LYS E 157 9.12 -59.50 -15.69
N HIS E 158 9.95 -58.46 -15.65
CA HIS E 158 11.03 -58.23 -16.61
C HIS E 158 12.09 -57.32 -15.97
N GLN E 159 13.34 -57.56 -16.39
CA GLN E 159 14.53 -56.87 -15.93
C GLN E 159 14.35 -55.35 -15.95
N SER E 160 13.65 -54.85 -16.95
CA SER E 160 13.55 -53.41 -17.26
C SER E 160 12.79 -52.63 -16.18
N THR E 161 12.04 -53.33 -15.33
CA THR E 161 11.18 -52.72 -14.29
C THR E 161 11.99 -52.23 -13.09
N GLN E 162 13.32 -52.43 -13.10
CA GLN E 162 14.22 -51.80 -12.12
C GLN E 162 14.50 -50.35 -12.53
N GLY E 163 14.06 -50.00 -13.75
CA GLY E 163 13.97 -48.63 -14.21
C GLY E 163 12.54 -48.28 -14.55
N LEU E 164 12.34 -47.19 -15.30
CA LEU E 164 11.02 -46.76 -15.74
C LEU E 164 10.73 -47.40 -17.09
N ASN E 165 9.80 -48.36 -17.08
CA ASN E 165 9.28 -49.01 -18.28
C ASN E 165 7.80 -48.63 -18.37
N PRO E 166 7.44 -47.73 -19.31
CA PRO E 166 6.07 -47.21 -19.35
C PRO E 166 4.99 -48.23 -19.71
N HIS E 167 5.39 -49.46 -20.07
CA HIS E 167 4.43 -50.51 -20.33
C HIS E 167 3.85 -51.06 -19.02
N TYR E 168 4.40 -50.66 -17.85
CA TYR E 168 3.94 -51.20 -16.59
C TYR E 168 3.26 -50.11 -15.76
N LYS E 169 1.94 -49.99 -15.90
CA LYS E 169 1.17 -48.96 -15.22
C LYS E 169 -0.07 -49.56 -14.57
N GLN E 170 -0.72 -48.76 -13.74
CA GLN E 170 -1.94 -49.16 -13.04
C GLN E 170 -2.63 -47.90 -12.54
N LYS E 171 -3.80 -48.10 -11.91
CA LYS E 171 -4.52 -47.08 -11.21
C LYS E 171 -4.83 -47.59 -9.79
N LEU E 172 -4.71 -46.70 -8.81
CA LEU E 172 -4.89 -47.05 -7.41
C LEU E 172 -6.40 -47.10 -7.12
N THR E 173 -6.97 -48.28 -7.29
CA THR E 173 -8.41 -48.47 -7.23
C THR E 173 -8.82 -49.37 -6.05
N LYS E 174 -7.88 -49.82 -5.22
CA LYS E 174 -8.17 -50.70 -4.10
C LYS E 174 -7.27 -50.32 -2.90
N ASP E 175 -7.90 -50.16 -1.74
CA ASP E 175 -7.23 -49.90 -0.48
C ASP E 175 -6.47 -51.16 -0.05
N GLY E 176 -5.27 -50.98 0.50
CA GLY E 176 -4.55 -52.05 1.18
C GLY E 176 -4.12 -53.16 0.25
N ALA E 177 -3.85 -52.85 -1.02
CA ALA E 177 -3.58 -53.89 -2.03
C ALA E 177 -2.38 -53.58 -2.93
N PHE E 178 -2.06 -52.29 -3.16
CA PHE E 178 -0.97 -51.90 -4.08
C PHE E 178 0.29 -51.64 -3.26
N PRO E 179 1.33 -52.48 -3.35
CA PRO E 179 2.55 -52.27 -2.57
C PRO E 179 3.27 -50.96 -2.95
N VAL E 180 3.69 -50.24 -1.92
CA VAL E 180 4.44 -49.01 -2.06
C VAL E 180 5.78 -49.31 -2.73
N GLU E 181 6.36 -50.49 -2.42
CA GLU E 181 7.70 -50.80 -2.85
C GLU E 181 7.81 -50.94 -4.38
N CYS E 182 6.68 -51.12 -5.08
CA CYS E 182 6.77 -51.35 -6.53
C CYS E 182 5.83 -50.42 -7.34
N TRP E 183 5.03 -49.62 -6.67
CA TRP E 183 4.14 -48.65 -7.36
C TRP E 183 4.40 -47.23 -6.86
N CYS E 184 4.52 -46.28 -7.79
CA CYS E 184 4.70 -44.89 -7.44
C CYS E 184 3.78 -44.06 -8.32
N PRO E 185 3.51 -42.79 -7.98
CA PRO E 185 2.72 -41.91 -8.84
C PRO E 185 3.38 -41.81 -10.22
N ASP E 186 2.56 -41.93 -11.27
CA ASP E 186 3.01 -41.80 -12.64
C ASP E 186 3.10 -40.30 -12.97
N PRO E 187 4.31 -39.73 -13.10
CA PRO E 187 4.44 -38.29 -13.34
C PRO E 187 4.02 -37.87 -14.77
N SER E 188 3.89 -38.85 -15.67
CA SER E 188 3.49 -38.58 -17.06
C SER E 188 1.97 -38.44 -17.17
N LYS E 189 1.23 -38.78 -16.11
CA LYS E 189 -0.21 -38.62 -16.08
C LYS E 189 -0.58 -37.77 -14.86
N ASN E 190 -1.67 -38.11 -14.17
CA ASN E 190 -2.10 -37.46 -12.94
C ASN E 190 -2.36 -35.98 -13.18
N GLU E 191 -2.88 -35.65 -14.35
CA GLU E 191 -3.26 -34.24 -14.67
C GLU E 191 -4.38 -33.78 -13.74
N ASN E 192 -5.17 -34.71 -13.17
CA ASN E 192 -6.37 -34.39 -12.42
C ASN E 192 -6.21 -34.76 -10.94
N THR E 193 -4.95 -34.96 -10.51
CA THR E 193 -4.60 -35.33 -9.15
C THR E 193 -3.40 -34.48 -8.74
N ARG E 194 -3.36 -34.09 -7.46
CA ARG E 194 -2.17 -33.47 -6.87
C ARG E 194 -1.59 -34.47 -5.87
N TYR E 195 -0.29 -34.77 -5.96
CA TYR E 195 0.36 -35.65 -4.98
C TYR E 195 1.65 -35.02 -4.44
N TYR E 196 1.98 -35.39 -3.19
CA TYR E 196 3.09 -34.86 -2.41
C TYR E 196 3.70 -36.02 -1.60
N GLY E 197 5.01 -36.17 -1.62
CA GLY E 197 5.61 -37.28 -0.90
C GLY E 197 7.04 -37.01 -0.49
N SER E 198 7.50 -37.74 0.53
CA SER E 198 8.84 -37.64 0.99
C SER E 198 9.27 -39.00 1.55
N TYR E 199 10.57 -39.24 1.50
CA TYR E 199 11.18 -40.45 2.03
C TYR E 199 12.45 -40.05 2.79
N THR E 200 12.61 -40.59 4.00
CA THR E 200 13.84 -40.49 4.75
C THR E 200 14.23 -41.91 5.13
N GLY E 201 15.39 -42.38 4.68
CA GLY E 201 15.73 -43.79 4.81
C GLY E 201 16.64 -44.04 6.00
N GLY E 202 17.59 -44.95 5.80
CA GLY E 202 18.54 -45.34 6.82
C GLY E 202 17.95 -46.41 7.74
N GLN E 203 18.76 -46.88 8.70
CA GLN E 203 18.43 -48.06 9.49
C GLN E 203 17.61 -47.70 10.75
N SER E 204 18.13 -46.73 11.53
CA SER E 204 17.62 -46.40 12.89
C SER E 204 17.28 -44.91 12.99
N THR E 205 17.16 -44.26 11.83
CA THR E 205 17.00 -42.83 11.70
C THR E 205 15.88 -42.31 12.61
N PRO E 206 16.10 -41.21 13.34
CA PRO E 206 15.04 -40.58 14.10
C PRO E 206 13.90 -40.14 13.19
N PRO E 207 12.63 -40.52 13.45
CA PRO E 207 11.50 -39.92 12.77
C PRO E 207 11.40 -38.44 13.15
N VAL E 208 11.06 -37.60 12.17
CA VAL E 208 10.85 -36.19 12.39
C VAL E 208 9.48 -35.88 11.82
N LEU E 209 8.54 -35.59 12.72
CA LEU E 209 7.14 -35.50 12.40
C LEU E 209 6.56 -34.22 12.99
N GLN E 210 5.60 -33.64 12.27
CA GLN E 210 4.87 -32.46 12.64
C GLN E 210 3.38 -32.79 12.54
N PHE E 211 2.57 -32.13 13.39
CA PHE E 211 1.13 -32.17 13.30
C PHE E 211 0.56 -30.82 13.75
N THR E 212 -0.41 -30.32 12.98
CA THR E 212 -1.06 -29.06 13.27
C THR E 212 -2.41 -29.06 12.52
N ASN E 213 -3.35 -28.25 13.00
CA ASN E 213 -4.65 -28.08 12.32
C ASN E 213 -4.67 -26.71 11.62
N THR E 214 -3.52 -26.13 11.32
CA THR E 214 -3.47 -24.73 10.84
C THR E 214 -2.96 -24.57 9.40
N VAL E 215 -2.67 -25.67 8.70
CA VAL E 215 -2.00 -25.56 7.37
C VAL E 215 -2.96 -26.02 6.28
N THR E 216 -3.15 -25.14 5.29
CA THR E 216 -3.98 -25.41 4.12
C THR E 216 -3.06 -25.60 2.90
N THR E 217 -3.26 -26.70 2.17
CA THR E 217 -2.56 -26.97 0.95
C THR E 217 -3.50 -26.64 -0.22
N VAL E 218 -3.10 -25.68 -1.07
CA VAL E 218 -3.88 -25.30 -2.24
C VAL E 218 -3.74 -26.37 -3.33
N LEU E 219 -4.87 -26.84 -3.87
CA LEU E 219 -4.90 -27.88 -4.92
C LEU E 219 -5.07 -27.29 -6.32
N LEU E 220 -5.32 -25.98 -6.43
CA LEU E 220 -5.46 -25.33 -7.74
C LEU E 220 -4.11 -25.42 -8.46
N ASP E 221 -4.16 -25.67 -9.78
CA ASP E 221 -2.95 -25.74 -10.61
C ASP E 221 -2.59 -24.31 -11.02
N GLU E 222 -1.60 -24.21 -11.90
CA GLU E 222 -1.04 -22.96 -12.39
C GLU E 222 -2.12 -22.13 -13.13
N ASN E 223 -3.19 -22.77 -13.62
CA ASN E 223 -4.27 -22.08 -14.32
C ASN E 223 -5.42 -21.76 -13.38
N GLY E 224 -5.30 -22.06 -12.10
CA GLY E 224 -6.36 -21.76 -11.11
C GLY E 224 -7.46 -22.82 -11.08
N VAL E 225 -7.16 -24.02 -11.57
CA VAL E 225 -8.12 -25.10 -11.66
C VAL E 225 -7.67 -26.25 -10.74
N GLY E 226 -8.61 -26.70 -9.89
CA GLY E 226 -8.37 -27.78 -8.98
C GLY E 226 -8.77 -29.10 -9.64
N PRO E 227 -8.47 -30.26 -9.01
CA PRO E 227 -8.99 -31.53 -9.48
C PRO E 227 -10.51 -31.44 -9.66
N LEU E 228 -10.99 -31.99 -10.78
CA LEU E 228 -12.42 -32.04 -11.11
C LEU E 228 -12.91 -33.47 -10.93
N CYS E 229 -13.95 -33.62 -10.10
CA CYS E 229 -14.35 -34.90 -9.58
C CYS E 229 -15.30 -35.60 -10.55
N LYS E 230 -14.73 -36.51 -11.35
CA LYS E 230 -15.46 -37.23 -12.36
C LYS E 230 -16.44 -38.20 -11.71
N GLY E 231 -17.70 -38.14 -12.19
CA GLY E 231 -18.77 -38.95 -11.66
C GLY E 231 -19.04 -38.67 -10.20
N ASP E 232 -18.78 -37.43 -9.77
CA ASP E 232 -18.96 -36.97 -8.38
C ASP E 232 -18.21 -37.88 -7.41
N GLY E 233 -17.01 -38.30 -7.78
CA GLY E 233 -16.10 -39.05 -6.92
C GLY E 233 -14.83 -38.28 -6.60
N LEU E 234 -14.53 -38.18 -5.30
CA LEU E 234 -13.28 -37.58 -4.79
C LEU E 234 -12.35 -38.71 -4.34
N TYR E 235 -11.11 -38.71 -4.83
CA TYR E 235 -10.16 -39.79 -4.55
C TYR E 235 -9.04 -39.27 -3.66
N VAL E 236 -8.83 -39.98 -2.56
CA VAL E 236 -7.87 -39.62 -1.53
C VAL E 236 -7.00 -40.85 -1.28
N SER E 237 -5.67 -40.65 -1.30
CA SER E 237 -4.70 -41.72 -1.19
C SER E 237 -3.56 -41.27 -0.28
N CYS E 238 -2.90 -42.22 0.42
CA CYS E 238 -1.81 -41.84 1.25
C CYS E 238 -1.05 -43.07 1.72
N CYS E 239 0.12 -42.81 2.32
CA CYS E 239 0.89 -43.79 3.04
C CYS E 239 1.75 -43.03 4.05
N ASP E 240 1.77 -43.49 5.31
CA ASP E 240 2.54 -42.82 6.36
C ASP E 240 3.24 -43.85 7.24
N ILE E 241 4.45 -44.21 6.84
CA ILE E 241 5.33 -45.10 7.59
C ILE E 241 6.18 -44.24 8.51
N VAL E 242 6.20 -44.55 9.82
CA VAL E 242 6.92 -43.73 10.78
C VAL E 242 8.12 -44.49 11.36
N GLY E 243 8.35 -45.72 10.91
CA GLY E 243 9.54 -46.47 11.36
C GLY E 243 9.24 -47.92 11.62
N PHE E 244 10.15 -48.57 12.34
CA PHE E 244 10.03 -49.96 12.73
C PHE E 244 9.97 -50.11 14.25
N LEU E 245 9.14 -51.04 14.70
CA LEU E 245 9.15 -51.49 16.08
C LEU E 245 10.14 -52.66 16.15
N VAL E 246 11.10 -52.57 17.07
CA VAL E 246 12.15 -53.56 17.22
C VAL E 246 11.83 -54.45 18.44
N GLY E 247 11.41 -55.68 18.16
CA GLY E 247 11.08 -56.67 19.19
C GLY E 247 12.32 -57.09 19.96
N LYS E 248 12.09 -57.75 21.10
CA LYS E 248 13.15 -58.22 22.03
C LYS E 248 14.28 -58.91 21.27
N ASP E 249 13.94 -59.78 20.32
CA ASP E 249 14.91 -60.63 19.66
C ASP E 249 15.52 -59.95 18.41
N GLY E 250 15.08 -58.72 18.09
CA GLY E 250 15.59 -58.00 16.90
C GLY E 250 14.64 -58.07 15.70
N ASP E 251 13.55 -58.84 15.81
CA ASP E 251 12.49 -58.91 14.82
CA ASP E 251 12.49 -58.90 14.81
C ASP E 251 11.87 -57.52 14.67
N MET E 252 11.56 -57.13 13.43
CA MET E 252 11.12 -55.76 13.17
C MET E 252 9.85 -55.76 12.35
N GLN E 253 9.01 -54.76 12.62
CA GLN E 253 7.74 -54.59 11.96
C GLN E 253 7.60 -53.10 11.61
N TYR E 254 7.11 -52.82 10.40
CA TYR E 254 6.71 -51.47 10.03
C TYR E 254 5.62 -50.98 10.99
N ARG E 255 5.65 -49.68 11.30
CA ARG E 255 4.59 -49.01 11.99
C ARG E 255 4.09 -47.85 11.14
N GLY E 256 2.77 -47.75 10.98
CA GLY E 256 2.14 -46.69 10.23
C GLY E 256 1.13 -45.95 11.09
N LEU E 257 0.78 -44.74 10.66
CA LEU E 257 -0.18 -43.91 11.38
C LEU E 257 -1.26 -43.48 10.41
N PRO E 258 -2.47 -43.21 10.91
CA PRO E 258 -3.57 -42.73 10.08
C PRO E 258 -3.34 -41.30 9.62
N ARG E 259 -4.07 -40.90 8.58
CA ARG E 259 -4.01 -39.56 8.09
C ARG E 259 -5.45 -39.03 7.97
N TYR E 260 -5.61 -37.77 8.34
CA TYR E 260 -6.86 -37.04 8.33
C TYR E 260 -6.82 -36.06 7.16
N PHE E 261 -8.00 -35.82 6.57
CA PHE E 261 -8.17 -34.91 5.44
C PHE E 261 -9.44 -34.09 5.62
N ASN E 262 -9.34 -32.79 5.35
CA ASN E 262 -10.45 -31.88 5.25
C ASN E 262 -10.30 -31.14 3.92
N ILE E 263 -11.14 -31.51 2.94
CA ILE E 263 -11.03 -31.03 1.57
C ILE E 263 -12.19 -30.08 1.30
N LEU E 264 -11.85 -28.89 0.80
CA LEU E 264 -12.83 -27.88 0.40
C LEU E 264 -13.06 -27.99 -1.12
N LEU E 265 -14.33 -28.04 -1.54
CA LEU E 265 -14.70 -28.17 -2.93
C LEU E 265 -15.72 -27.09 -3.31
N ARG E 266 -15.67 -26.66 -4.58
CA ARG E 266 -16.58 -25.65 -5.10
C ARG E 266 -17.20 -26.13 -6.43
N LYS E 267 -18.35 -25.59 -6.77
CA LYS E 267 -19.07 -25.98 -7.98
C LYS E 267 -18.44 -25.27 -9.18
N ARG E 268 -18.18 -26.06 -10.22
CA ARG E 268 -17.59 -25.56 -11.45
C ARG E 268 -18.44 -26.04 -12.62
N THR E 269 -18.82 -25.11 -13.49
CA THR E 269 -19.51 -25.41 -14.74
C THR E 269 -18.48 -25.90 -15.75
N VAL E 270 -18.80 -27.01 -16.43
CA VAL E 270 -17.96 -27.56 -17.49
C VAL E 270 -18.84 -27.87 -18.71
N ARG E 271 -18.20 -27.93 -19.89
CA ARG E 271 -18.90 -28.26 -21.15
C ARG E 271 -19.16 -29.77 -21.15
N ASN E 272 -20.33 -30.16 -21.65
CA ASN E 272 -20.76 -31.54 -21.76
C ASN E 272 -21.04 -31.89 -23.22
N ILE F 2 -42.22 35.54 -38.81
CA ILE F 2 -43.30 36.39 -38.19
C ILE F 2 -42.79 37.84 -38.09
N GLU F 3 -43.50 38.76 -38.74
CA GLU F 3 -43.23 40.20 -38.59
C GLU F 3 -43.99 40.68 -37.34
N VAL F 4 -43.21 41.14 -36.35
CA VAL F 4 -43.76 41.50 -35.05
C VAL F 4 -44.10 43.00 -35.06
N LEU F 5 -45.33 43.34 -34.67
CA LEU F 5 -45.74 44.74 -34.61
C LEU F 5 -45.84 45.16 -33.14
N ASN F 6 -46.82 46.02 -32.78
CA ASN F 6 -46.89 46.64 -31.47
C ASN F 6 -47.57 45.73 -30.45
N LEU F 7 -47.22 45.98 -29.17
CA LEU F 7 -47.89 45.37 -28.03
C LEU F 7 -49.33 45.87 -27.98
N VAL F 8 -50.23 44.97 -27.57
CA VAL F 8 -51.60 45.33 -27.24
C VAL F 8 -51.59 45.72 -25.77
N THR F 9 -52.07 46.94 -25.45
CA THR F 9 -52.05 47.45 -24.08
C THR F 9 -53.47 47.38 -23.50
N GLY F 10 -53.56 47.57 -22.18
CA GLY F 10 -54.83 47.77 -21.50
C GLY F 10 -55.26 46.53 -20.71
N PRO F 11 -56.52 46.48 -20.24
CA PRO F 11 -56.99 45.38 -19.41
C PRO F 11 -56.98 44.08 -20.23
N ASP F 12 -56.70 42.96 -19.56
CA ASP F 12 -56.76 41.63 -20.16
C ASP F 12 -55.70 41.45 -21.25
N SER F 13 -54.65 42.29 -21.26
CA SER F 13 -53.55 42.14 -22.26
C SER F 13 -52.46 41.18 -21.75
N ILE F 14 -52.56 40.75 -20.48
CA ILE F 14 -51.59 39.93 -19.79
C ILE F 14 -52.32 38.67 -19.30
N THR F 15 -51.60 37.55 -19.27
CA THR F 15 -52.12 36.34 -18.65
C THR F 15 -50.92 35.56 -18.09
N THR F 16 -51.19 34.65 -17.15
CA THR F 16 -50.13 33.84 -16.59
C THR F 16 -50.56 32.37 -16.66
N ILE F 17 -49.57 31.49 -16.84
CA ILE F 17 -49.76 30.08 -16.88
C ILE F 17 -48.88 29.48 -15.80
N GLU F 18 -49.45 28.59 -15.00
CA GLU F 18 -48.73 27.95 -13.92
C GLU F 18 -48.85 26.43 -14.11
N LEU F 19 -47.75 25.70 -14.02
CA LEU F 19 -47.80 24.25 -14.11
C LEU F 19 -46.54 23.67 -13.45
N TYR F 20 -46.57 22.35 -13.31
CA TYR F 20 -45.39 21.59 -12.93
C TYR F 20 -45.30 20.38 -13.86
N LEU F 21 -44.09 19.83 -13.98
CA LEU F 21 -43.85 18.62 -14.73
C LEU F 21 -43.08 17.66 -13.82
N ASN F 22 -43.59 16.44 -13.69
CA ASN F 22 -42.94 15.39 -12.96
C ASN F 22 -41.81 14.80 -13.83
N THR F 23 -40.80 14.28 -13.12
CA THR F 23 -39.58 13.81 -13.76
C THR F 23 -39.89 12.52 -14.52
N ARG F 24 -39.09 12.26 -15.57
CA ARG F 24 -39.22 11.05 -16.39
C ARG F 24 -37.86 10.33 -16.44
N MET F 25 -37.53 9.70 -15.32
CA MET F 25 -36.24 9.06 -15.13
C MET F 25 -36.25 7.63 -15.67
N GLY F 26 -37.43 7.05 -15.86
CA GLY F 26 -37.55 5.71 -16.45
C GLY F 26 -38.71 4.91 -15.88
N GLN F 27 -38.88 4.94 -14.57
CA GLN F 27 -40.11 4.45 -13.94
C GLN F 27 -41.04 5.66 -13.84
N ASN F 28 -41.91 5.82 -14.84
CA ASN F 28 -42.64 7.05 -15.06
C ASN F 28 -44.11 6.89 -14.68
N ASP F 29 -44.46 5.80 -14.01
CA ASP F 29 -45.83 5.51 -13.57
C ASP F 29 -45.96 5.84 -12.08
N GLU F 30 -46.76 6.87 -11.78
CA GLU F 30 -46.91 7.41 -10.42
C GLU F 30 -47.61 6.43 -9.46
N SER F 31 -48.16 5.34 -10.00
CA SER F 31 -48.87 4.36 -9.17
C SER F 31 -47.95 3.20 -8.79
N LYS F 32 -46.70 3.19 -9.27
CA LYS F 32 -45.77 2.09 -9.04
C LYS F 32 -44.58 2.55 -8.19
N ASP F 33 -43.94 1.57 -7.56
CA ASP F 33 -42.76 1.76 -6.76
C ASP F 33 -41.66 2.33 -7.68
N ASN F 34 -40.71 3.04 -7.08
CA ASN F 34 -39.57 3.59 -7.82
C ASN F 34 -39.98 4.74 -8.74
N TYR F 35 -41.18 5.32 -8.54
CA TYR F 35 -41.56 6.50 -9.34
C TYR F 35 -40.53 7.60 -9.10
N GLY F 36 -40.13 8.27 -10.19
CA GLY F 36 -39.18 9.37 -10.09
C GLY F 36 -37.74 8.92 -10.03
N TYR F 37 -37.53 7.61 -10.23
CA TYR F 37 -36.22 7.02 -10.42
C TYR F 37 -36.21 6.23 -11.73
N SER F 38 -35.01 5.94 -12.23
CA SER F 38 -34.83 4.99 -13.31
C SER F 38 -34.88 3.58 -12.72
N GLU F 39 -35.04 2.60 -13.61
CA GLU F 39 -34.72 1.22 -13.27
C GLU F 39 -33.20 1.15 -13.09
N LYS F 40 -32.73 0.05 -12.49
CA LYS F 40 -31.33 -0.21 -12.24
C LYS F 40 -30.54 0.01 -13.54
N VAL F 41 -29.43 0.73 -13.44
CA VAL F 41 -28.55 0.95 -14.58
C VAL F 41 -27.79 -0.35 -14.84
N THR F 42 -27.63 -0.69 -16.13
CA THR F 42 -26.82 -1.81 -16.59
C THR F 42 -25.73 -1.26 -17.51
N VAL F 43 -24.72 -2.07 -17.77
CA VAL F 43 -23.56 -1.64 -18.56
C VAL F 43 -23.33 -2.64 -19.69
N ALA F 44 -23.21 -2.12 -20.92
CA ALA F 44 -22.96 -2.92 -22.12
C ALA F 44 -21.66 -3.71 -21.95
N ASN F 45 -21.64 -4.96 -22.45
CA ASN F 45 -20.40 -5.77 -22.51
C ASN F 45 -19.49 -5.21 -23.61
N SER F 46 -20.08 -4.67 -24.68
CA SER F 46 -19.31 -4.04 -25.73
C SER F 46 -20.19 -3.01 -26.45
N SER F 47 -19.55 -2.13 -27.23
CA SER F 47 -20.25 -1.01 -27.83
C SER F 47 -21.19 -1.47 -28.97
N ASP F 48 -20.96 -2.70 -29.47
CA ASP F 48 -21.84 -3.29 -30.51
C ASP F 48 -22.99 -4.09 -29.89
N GLN F 49 -23.01 -4.23 -28.55
CA GLN F 49 -24.11 -4.86 -27.82
C GLN F 49 -24.52 -3.95 -26.67
N ASP F 50 -24.85 -2.71 -27.03
CA ASP F 50 -25.21 -1.67 -26.06
C ASP F 50 -26.72 -1.50 -26.17
N LYS F 51 -27.44 -2.23 -25.31
CA LYS F 51 -28.88 -2.31 -25.37
C LYS F 51 -29.43 -2.01 -23.99
N PRO F 52 -29.70 -0.73 -23.64
CA PRO F 52 -30.25 -0.41 -22.32
C PRO F 52 -31.57 -1.16 -22.06
N THR F 53 -31.75 -1.60 -20.82
CA THR F 53 -32.99 -2.23 -20.39
C THR F 53 -34.12 -1.20 -20.43
N SER F 54 -35.35 -1.70 -20.49
CA SER F 54 -36.52 -0.85 -20.46
C SER F 54 -36.57 -0.09 -19.13
N GLY F 55 -36.69 1.24 -19.20
CA GLY F 55 -36.88 2.05 -18.00
C GLY F 55 -35.58 2.53 -17.33
N GLU F 56 -34.40 2.28 -17.92
CA GLU F 56 -33.14 2.73 -17.28
C GLU F 56 -32.62 4.03 -17.88
N ILE F 57 -33.37 4.66 -18.80
CA ILE F 57 -32.88 5.83 -19.52
C ILE F 57 -33.83 7.01 -19.26
N PRO F 58 -33.31 8.11 -18.71
CA PRO F 58 -34.07 9.34 -18.56
C PRO F 58 -34.53 9.93 -19.90
N THR F 59 -35.72 10.55 -19.87
CA THR F 59 -36.28 11.23 -21.03
C THR F 59 -36.69 12.66 -20.63
N TYR F 60 -36.91 13.51 -21.62
CA TYR F 60 -37.40 14.86 -21.39
C TYR F 60 -38.86 14.82 -20.94
N SER F 61 -39.21 15.73 -20.03
CA SER F 61 -40.56 16.05 -19.67
C SER F 61 -41.02 17.17 -20.61
N THR F 62 -42.28 17.14 -21.06
CA THR F 62 -42.81 18.21 -21.90
C THR F 62 -44.33 18.28 -21.77
N ALA F 63 -44.89 19.46 -22.04
CA ALA F 63 -46.34 19.65 -22.08
C ALA F 63 -46.65 20.85 -22.98
N ARG F 64 -47.78 20.76 -23.67
CA ARG F 64 -48.35 21.86 -24.45
C ARG F 64 -49.54 22.39 -23.65
N ILE F 65 -49.59 23.70 -23.39
CA ILE F 65 -50.68 24.31 -22.64
C ILE F 65 -51.51 25.17 -23.60
N ASN F 66 -52.83 25.00 -23.55
CA ASN F 66 -53.77 25.78 -24.38
C ASN F 66 -53.95 27.17 -23.78
N LEU F 67 -53.80 28.20 -24.60
CA LEU F 67 -53.90 29.57 -24.14
C LEU F 67 -55.27 30.14 -24.54
N PRO F 68 -55.77 31.20 -23.90
CA PRO F 68 -57.03 31.82 -24.32
C PRO F 68 -56.98 32.19 -25.82
N MET F 69 -58.02 31.81 -26.56
CA MET F 69 -58.17 32.10 -27.99
C MET F 69 -58.21 33.62 -28.20
N LEU F 70 -57.54 34.11 -29.24
CA LEU F 70 -57.46 35.54 -29.53
C LEU F 70 -58.07 35.84 -30.92
N ASN F 71 -58.12 37.14 -31.28
CA ASN F 71 -58.67 37.62 -32.53
C ASN F 71 -57.62 37.90 -33.60
N GLU F 72 -58.18 38.15 -34.80
CA GLU F 72 -57.50 38.64 -36.00
C GLU F 72 -58.17 39.94 -36.48
N ASP F 73 -57.39 40.77 -37.20
CA ASP F 73 -57.94 41.93 -37.93
C ASP F 73 -57.55 41.78 -39.41
N LEU F 74 -58.53 41.45 -40.26
CA LEU F 74 -58.31 41.15 -41.67
C LEU F 74 -58.12 42.41 -42.49
N THR F 75 -58.54 43.59 -41.96
CA THR F 75 -58.39 44.82 -42.74
C THR F 75 -56.91 45.28 -42.70
N SER F 76 -56.35 45.20 -41.49
CA SER F 76 -54.94 45.59 -41.26
C SER F 76 -54.04 44.44 -41.67
N ASN F 77 -54.60 43.26 -41.87
CA ASN F 77 -53.84 42.05 -42.22
C ASN F 77 -52.96 41.61 -41.04
N THR F 78 -53.50 41.70 -39.82
CA THR F 78 -52.74 41.40 -38.61
C THR F 78 -53.54 40.42 -37.74
N LEU F 79 -52.82 39.68 -36.88
CA LEU F 79 -53.46 38.91 -35.82
C LEU F 79 -52.77 39.25 -34.48
N THR F 80 -53.39 38.78 -33.39
CA THR F 80 -52.83 38.87 -32.07
C THR F 80 -52.30 37.49 -31.67
N MET F 81 -51.10 37.46 -31.06
CA MET F 81 -50.50 36.25 -30.51
C MET F 81 -50.12 36.50 -29.04
N TRP F 82 -50.10 35.43 -28.26
CA TRP F 82 -49.51 35.47 -26.94
C TRP F 82 -47.98 35.41 -27.09
N GLU F 83 -47.31 36.30 -26.36
CA GLU F 83 -45.88 36.43 -26.28
C GLU F 83 -45.42 36.10 -24.86
N ALA F 84 -44.61 35.05 -24.70
CA ALA F 84 -44.08 34.68 -23.38
C ALA F 84 -43.01 35.71 -23.01
N VAL F 85 -43.21 36.41 -21.90
CA VAL F 85 -42.35 37.52 -21.48
C VAL F 85 -41.27 37.00 -20.52
N SER F 86 -41.67 36.16 -19.56
CA SER F 86 -40.80 35.76 -18.50
C SER F 86 -41.32 34.49 -17.84
N VAL F 87 -40.45 33.82 -17.09
CA VAL F 87 -40.82 32.63 -16.38
C VAL F 87 -40.09 32.63 -15.02
N LYS F 88 -40.86 32.27 -13.97
CA LYS F 88 -40.29 31.87 -12.71
C LYS F 88 -40.35 30.34 -12.64
N THR F 89 -39.19 29.70 -12.53
CA THR F 89 -39.12 28.25 -12.52
C THR F 89 -38.21 27.83 -11.37
N GLU F 90 -38.52 26.68 -10.77
CA GLU F 90 -37.83 26.15 -9.62
C GLU F 90 -37.87 24.63 -9.68
N VAL F 91 -36.78 24.01 -9.18
CA VAL F 91 -36.79 22.58 -8.94
C VAL F 91 -37.47 22.38 -7.58
N VAL F 92 -38.42 21.42 -7.54
CA VAL F 92 -39.22 21.15 -6.37
C VAL F 92 -38.59 19.94 -5.64
N GLY F 93 -38.65 19.94 -4.30
CA GLY F 93 -38.27 18.81 -3.49
C GLY F 93 -36.77 18.63 -3.33
N VAL F 94 -35.99 19.73 -3.42
CA VAL F 94 -34.56 19.67 -3.20
C VAL F 94 -34.26 19.11 -1.81
N SER F 95 -35.06 19.52 -0.81
CA SER F 95 -34.83 19.12 0.57
C SER F 95 -34.95 17.59 0.71
N SER F 96 -35.63 16.92 -0.23
CA SER F 96 -35.76 15.46 -0.19
C SER F 96 -34.40 14.76 -0.25
N LEU F 97 -33.37 15.48 -0.72
CA LEU F 97 -32.02 14.93 -0.81
C LEU F 97 -31.31 14.92 0.54
N VAL F 98 -31.93 15.54 1.56
CA VAL F 98 -31.44 15.51 2.93
C VAL F 98 -32.00 14.23 3.57
N ASN F 99 -31.47 13.08 3.14
CA ASN F 99 -31.99 11.79 3.57
C ASN F 99 -30.85 10.80 3.38
N VAL F 100 -30.33 10.30 4.49
CA VAL F 100 -29.22 9.35 4.46
C VAL F 100 -29.58 8.09 5.30
N HIS F 101 -30.87 7.79 5.43
CA HIS F 101 -31.33 6.57 6.14
C HIS F 101 -32.03 5.58 5.21
N MET F 102 -32.02 5.84 3.91
CA MET F 102 -32.63 4.91 2.96
C MET F 102 -31.75 3.67 2.82
N ALA F 103 -32.31 2.61 2.25
CA ALA F 103 -31.63 1.32 2.07
C ALA F 103 -30.60 1.48 0.94
N THR F 104 -29.40 1.89 1.34
CA THR F 104 -28.33 2.26 0.44
C THR F 104 -27.02 1.72 1.00
N LYS F 105 -25.98 1.76 0.15
CA LYS F 105 -24.63 1.63 0.58
C LYS F 105 -24.38 2.70 1.64
N ARG F 106 -23.41 2.45 2.54
CA ARG F 106 -23.18 3.37 3.61
C ARG F 106 -21.70 3.56 3.86
N MET F 107 -21.37 4.65 4.55
CA MET F 107 -19.99 5.05 4.83
C MET F 107 -19.43 4.25 6.02
N TYR F 108 -18.09 4.22 6.09
CA TYR F 108 -17.28 3.82 7.26
C TYR F 108 -17.72 2.44 7.80
N ASP F 109 -17.51 1.39 7.00
CA ASP F 109 -17.63 0.00 7.44
C ASP F 109 -19.02 -0.25 8.04
N ASP F 110 -20.06 0.20 7.34
CA ASP F 110 -21.45 -0.05 7.69
C ASP F 110 -21.88 0.62 9.00
N LYS F 111 -21.13 1.63 9.48
CA LYS F 111 -21.52 2.34 10.70
C LYS F 111 -21.97 3.78 10.39
N GLY F 112 -21.59 4.30 9.21
CA GLY F 112 -21.85 5.71 8.85
C GLY F 112 -23.16 5.88 8.12
N ILE F 113 -23.36 7.09 7.60
CA ILE F 113 -24.57 7.44 6.89
C ILE F 113 -24.74 6.56 5.66
N GLY F 114 -26.01 6.39 5.25
CA GLY F 114 -26.28 5.96 3.90
C GLY F 114 -25.79 7.00 2.89
N PHE F 115 -25.34 6.55 1.72
CA PHE F 115 -24.94 7.45 0.68
C PHE F 115 -26.14 8.30 0.30
N PRO F 116 -26.02 9.66 0.28
CA PRO F 116 -27.10 10.47 -0.27
C PRO F 116 -27.12 10.28 -1.80
N VAL F 117 -28.24 10.64 -2.42
CA VAL F 117 -28.29 10.74 -3.87
C VAL F 117 -27.18 11.71 -4.28
N GLU F 118 -26.31 11.25 -5.19
CA GLU F 118 -25.14 12.01 -5.57
C GLU F 118 -24.67 11.57 -6.96
N GLY F 119 -23.81 12.41 -7.55
CA GLY F 119 -23.24 12.16 -8.85
C GLY F 119 -23.80 13.13 -9.88
N MET F 120 -23.88 12.66 -11.11
CA MET F 120 -24.22 13.43 -12.27
C MET F 120 -25.46 14.28 -12.02
N ASN F 121 -25.36 15.56 -12.39
CA ASN F 121 -26.52 16.48 -12.40
C ASN F 121 -26.69 16.98 -13.84
N PHE F 122 -27.94 16.99 -14.28
CA PHE F 122 -28.32 17.53 -15.56
C PHE F 122 -29.63 18.31 -15.37
N HIS F 123 -29.64 19.58 -15.71
CA HIS F 123 -30.77 20.48 -15.48
C HIS F 123 -30.99 21.30 -16.75
N MET F 124 -32.16 21.19 -17.34
CA MET F 124 -32.51 22.02 -18.47
C MET F 124 -34.00 22.35 -18.42
N PHE F 125 -34.34 23.52 -18.95
CA PHE F 125 -35.74 23.84 -19.22
C PHE F 125 -35.82 24.68 -20.50
N ALA F 126 -37.00 24.65 -21.12
CA ALA F 126 -37.28 25.35 -22.33
C ALA F 126 -38.73 25.86 -22.27
N VAL F 127 -38.92 27.08 -22.76
CA VAL F 127 -40.23 27.68 -22.96
C VAL F 127 -40.27 28.23 -24.38
N GLY F 128 -41.27 27.82 -25.16
CA GLY F 128 -41.40 28.27 -26.53
C GLY F 128 -42.84 28.32 -27.00
N GLY F 129 -42.98 28.84 -28.22
CA GLY F 129 -44.28 28.99 -28.89
C GLY F 129 -44.55 27.88 -29.89
N GLU F 130 -43.77 26.80 -29.79
CA GLU F 130 -43.90 25.61 -30.64
C GLU F 130 -43.01 24.54 -30.00
N PRO F 131 -43.10 23.27 -30.42
CA PRO F 131 -42.28 22.21 -29.81
C PRO F 131 -40.77 22.54 -29.90
N LEU F 132 -40.04 22.14 -28.85
CA LEU F 132 -38.58 22.23 -28.84
C LEU F 132 -38.04 21.39 -30.01
N GLU F 133 -37.16 21.99 -30.79
CA GLU F 133 -36.54 21.30 -31.93
C GLU F 133 -35.26 20.61 -31.45
N LEU F 134 -35.14 19.33 -31.81
CA LEU F 134 -34.09 18.46 -31.32
C LEU F 134 -33.10 18.11 -32.44
N GLN F 135 -31.84 17.96 -32.02
CA GLN F 135 -30.75 17.40 -32.80
C GLN F 135 -30.35 16.07 -32.18
N PHE F 136 -30.20 15.03 -33.00
CA PHE F 136 -29.68 13.76 -32.53
C PHE F 136 -28.17 13.85 -32.40
N LEU F 137 -27.65 13.39 -31.25
CA LEU F 137 -26.21 13.23 -31.05
C LEU F 137 -26.00 12.28 -29.89
N THR F 138 -25.14 11.27 -30.09
CA THR F 138 -24.99 10.17 -29.14
C THR F 138 -23.51 9.87 -28.93
N GLY F 139 -23.22 9.34 -27.74
CA GLY F 139 -21.91 8.83 -27.43
C GLY F 139 -21.61 7.50 -28.11
N ASN F 140 -22.65 6.80 -28.59
CA ASN F 140 -22.50 5.49 -29.22
C ASN F 140 -23.57 5.32 -30.31
N TYR F 141 -23.17 5.38 -31.58
CA TYR F 141 -24.14 5.34 -32.69
C TYR F 141 -24.90 4.02 -32.74
N ARG F 142 -24.33 2.96 -32.16
CA ARG F 142 -24.88 1.61 -32.23
C ARG F 142 -25.87 1.32 -31.09
N THR F 143 -26.12 2.29 -30.21
CA THR F 143 -27.03 2.03 -29.10
C THR F 143 -28.34 1.47 -29.64
N ASP F 144 -28.79 0.36 -29.05
CA ASP F 144 -30.00 -0.37 -29.42
C ASP F 144 -31.10 -0.05 -28.40
N TYR F 145 -32.13 0.71 -28.84
CA TYR F 145 -33.24 1.16 -27.97
C TYR F 145 -34.46 0.25 -28.05
N SER F 146 -34.30 -0.94 -28.65
CA SER F 146 -35.48 -1.77 -29.01
C SER F 146 -36.06 -2.47 -27.79
N ALA F 147 -35.46 -2.37 -26.59
CA ALA F 147 -36.09 -2.95 -25.40
C ALA F 147 -37.30 -2.14 -24.96
N ASN F 148 -37.47 -0.92 -25.51
CA ASN F 148 -38.61 -0.08 -25.18
C ASN F 148 -39.05 0.66 -26.43
N ASP F 149 -40.10 0.15 -27.07
CA ASP F 149 -40.54 0.65 -28.37
C ASP F 149 -41.34 1.96 -28.19
N LYS F 150 -41.54 2.40 -26.94
CA LYS F 150 -42.21 3.70 -26.67
C LYS F 150 -41.22 4.85 -26.79
N LEU F 151 -39.92 4.56 -26.78
CA LEU F 151 -38.88 5.61 -26.97
C LEU F 151 -38.88 6.06 -28.43
N VAL F 152 -38.82 7.38 -28.63
CA VAL F 152 -38.70 7.92 -29.98
C VAL F 152 -37.21 8.14 -30.28
N VAL F 153 -36.71 7.40 -31.25
CA VAL F 153 -35.32 7.45 -31.69
C VAL F 153 -35.30 7.32 -33.20
N PRO F 154 -34.20 7.65 -33.91
CA PRO F 154 -34.19 7.54 -35.36
C PRO F 154 -34.34 6.08 -35.80
N PRO F 155 -34.92 5.83 -36.98
CA PRO F 155 -35.11 4.46 -37.47
C PRO F 155 -33.83 3.81 -38.00
N ILE F 156 -32.78 4.59 -38.30
CA ILE F 156 -31.51 4.07 -38.80
C ILE F 156 -30.37 4.61 -37.91
N LYS F 157 -29.26 3.86 -37.87
CA LYS F 157 -28.07 4.22 -37.15
C LYS F 157 -26.94 4.45 -38.14
N HIS F 158 -26.06 5.39 -37.82
CA HIS F 158 -24.89 5.70 -38.64
C HIS F 158 -23.78 6.29 -37.76
N GLN F 159 -22.54 5.96 -38.12
CA GLN F 159 -21.32 6.38 -37.46
C GLN F 159 -21.29 7.90 -37.19
N SER F 160 -21.86 8.66 -38.12
CA SER F 160 -21.77 10.13 -38.12
C SER F 160 -22.52 10.78 -36.97
N THR F 161 -23.44 10.04 -36.33
CA THR F 161 -24.31 10.57 -35.28
C THR F 161 -23.57 10.70 -33.93
N GLN F 162 -22.28 10.32 -33.89
CA GLN F 162 -21.43 10.63 -32.73
C GLN F 162 -20.93 12.07 -32.82
N GLY F 163 -21.18 12.70 -33.97
CA GLY F 163 -21.08 14.14 -34.17
C GLY F 163 -22.43 14.72 -34.53
N LEU F 164 -22.41 15.94 -35.07
CA LEU F 164 -23.62 16.63 -35.52
C LEU F 164 -23.84 16.28 -37.00
N ASN F 165 -24.87 15.49 -37.25
CA ASN F 165 -25.37 15.14 -38.58
C ASN F 165 -26.76 15.77 -38.72
N PRO F 166 -26.91 16.85 -39.49
CA PRO F 166 -28.18 17.56 -39.54
C PRO F 166 -29.34 16.79 -40.20
N HIS F 167 -29.08 15.60 -40.76
CA HIS F 167 -30.13 14.74 -41.28
C HIS F 167 -30.88 14.07 -40.12
N TYR F 168 -30.40 14.17 -38.89
CA TYR F 168 -31.03 13.47 -37.77
C TYR F 168 -31.61 14.50 -36.78
N LYS F 169 -32.88 14.83 -36.98
CA LYS F 169 -33.57 15.82 -36.17
C LYS F 169 -34.93 15.27 -35.75
N GLN F 170 -35.55 15.98 -34.82
CA GLN F 170 -36.88 15.67 -34.34
C GLN F 170 -37.46 16.91 -33.68
N LYS F 171 -38.69 16.77 -33.16
CA LYS F 171 -39.32 17.73 -32.33
C LYS F 171 -39.83 17.02 -31.08
N LEU F 172 -39.73 17.70 -29.94
CA LEU F 172 -40.10 17.13 -28.65
C LEU F 172 -41.62 17.26 -28.52
N THR F 173 -42.31 16.21 -28.99
CA THR F 173 -43.77 16.23 -29.11
C THR F 173 -44.43 15.23 -28.17
N LYS F 174 -43.66 14.51 -27.35
CA LYS F 174 -44.20 13.50 -26.44
C LYS F 174 -43.39 13.51 -25.13
N ASP F 175 -44.10 13.55 -24.01
CA ASP F 175 -43.54 13.47 -22.68
C ASP F 175 -43.02 12.05 -22.43
N GLY F 176 -41.87 11.94 -21.77
CA GLY F 176 -41.38 10.67 -21.25
C GLY F 176 -41.01 9.69 -22.34
N ALA F 177 -40.57 10.18 -23.51
CA ALA F 177 -40.33 9.32 -24.66
C ALA F 177 -39.01 9.61 -25.38
N PHE F 178 -38.48 10.83 -25.31
CA PHE F 178 -37.26 11.23 -26.05
C PHE F 178 -36.08 11.12 -25.10
N PRO F 179 -35.16 10.15 -25.27
CA PRO F 179 -34.01 10.04 -24.38
C PRO F 179 -33.08 11.25 -24.43
N VAL F 180 -32.66 11.69 -23.25
CA VAL F 180 -31.74 12.80 -23.07
C VAL F 180 -30.39 12.41 -23.68
N GLU F 181 -30.03 11.12 -23.58
CA GLU F 181 -28.69 10.71 -23.96
C GLU F 181 -28.44 10.86 -25.47
N CYS F 182 -29.51 11.00 -26.29
CA CYS F 182 -29.30 11.02 -27.73
C CYS F 182 -30.01 12.19 -28.40
N TRP F 183 -30.79 12.99 -27.66
CA TRP F 183 -31.45 14.18 -28.21
C TRP F 183 -31.04 15.42 -27.41
N CYS F 184 -30.67 16.49 -28.12
CA CYS F 184 -30.37 17.74 -27.50
C CYS F 184 -31.06 18.87 -28.26
N PRO F 185 -31.17 20.09 -27.69
CA PRO F 185 -31.77 21.21 -28.42
C PRO F 185 -30.98 21.45 -29.70
N ASP F 186 -31.70 21.67 -30.79
CA ASP F 186 -31.10 21.99 -32.08
C ASP F 186 -30.79 23.47 -32.10
N PRO F 187 -29.48 23.87 -32.01
CA PRO F 187 -29.15 25.30 -31.94
C PRO F 187 -29.35 26.03 -33.27
N SER F 188 -29.50 25.27 -34.37
CA SER F 188 -29.69 25.85 -35.71
C SER F 188 -31.16 26.25 -35.93
N LYS F 189 -32.06 25.83 -35.03
CA LYS F 189 -33.46 26.21 -35.07
C LYS F 189 -33.83 26.85 -33.72
N ASN F 190 -35.02 26.57 -33.21
CA ASN F 190 -35.49 27.04 -31.91
C ASN F 190 -35.45 28.57 -31.84
N GLU F 191 -35.73 29.24 -32.96
CA GLU F 191 -35.82 30.72 -32.98
C GLU F 191 -36.94 31.19 -32.04
N ASN F 192 -37.94 30.34 -31.82
CA ASN F 192 -39.16 30.69 -31.11
C ASN F 192 -39.26 29.97 -29.76
N THR F 193 -38.12 29.50 -29.25
CA THR F 193 -38.00 28.83 -27.97
C THR F 193 -36.75 29.40 -27.26
N ARG F 194 -36.82 29.53 -25.94
CA ARG F 194 -35.63 29.81 -25.13
C ARG F 194 -35.33 28.56 -24.31
N TYR F 195 -34.09 28.08 -24.36
CA TYR F 195 -33.68 26.95 -23.52
C TYR F 195 -32.40 27.27 -22.76
N TYR F 196 -32.27 26.63 -21.61
CA TYR F 196 -31.18 26.81 -20.67
C TYR F 196 -30.83 25.43 -20.08
N GLY F 197 -29.55 25.09 -20.06
CA GLY F 197 -29.17 23.79 -19.53
C GLY F 197 -27.79 23.81 -18.90
N SER F 198 -27.56 22.84 -18.03
CA SER F 198 -26.26 22.63 -17.47
C SER F 198 -26.09 21.13 -17.19
N TYR F 199 -24.83 20.73 -17.15
CA TYR F 199 -24.42 19.36 -16.85
C TYR F 199 -23.20 19.45 -15.92
N THR F 200 -23.22 18.69 -14.84
CA THR F 200 -22.08 18.46 -14.01
C THR F 200 -21.93 16.95 -13.88
N GLY F 201 -20.79 16.42 -14.33
CA GLY F 201 -20.61 15.01 -14.47
C GLY F 201 -19.90 14.39 -13.28
N GLY F 202 -19.10 13.38 -13.58
CA GLY F 202 -18.33 12.64 -12.60
C GLY F 202 -19.14 11.55 -11.94
N GLN F 203 -18.51 10.81 -11.03
CA GLN F 203 -19.07 9.54 -10.51
C GLN F 203 -19.96 9.78 -9.28
N SER F 204 -19.40 10.51 -8.29
CA SER F 204 -19.99 10.67 -6.93
C SER F 204 -20.13 12.15 -6.59
N THR F 205 -20.07 13.00 -7.62
CA THR F 205 -20.02 14.44 -7.47
C THR F 205 -21.13 14.95 -6.56
N PRO F 206 -20.84 15.86 -5.62
CA PRO F 206 -21.89 16.51 -4.83
C PRO F 206 -22.87 17.25 -5.74
N PRO F 207 -24.19 17.01 -5.63
CA PRO F 207 -25.17 17.89 -6.26
C PRO F 207 -25.10 19.28 -5.63
N VAL F 208 -25.22 20.32 -6.45
CA VAL F 208 -25.25 21.68 -5.97
C VAL F 208 -26.51 22.31 -6.53
N LEU F 209 -27.50 22.55 -5.65
CA LEU F 209 -28.83 22.93 -6.07
C LEU F 209 -29.31 24.15 -5.28
N GLN F 210 -30.14 24.98 -5.92
CA GLN F 210 -30.74 26.14 -5.32
C GLN F 210 -32.26 26.05 -5.48
N PHE F 211 -33.00 26.64 -4.54
CA PHE F 211 -34.44 26.86 -4.70
C PHE F 211 -34.84 28.19 -4.05
N THR F 212 -35.63 28.96 -4.78
CA THR F 212 -36.12 30.25 -4.29
C THR F 212 -37.35 30.61 -5.12
N ASN F 213 -38.23 31.46 -4.57
CA ASN F 213 -39.39 31.95 -5.30
C ASN F 213 -39.17 33.40 -5.73
N THR F 214 -37.91 33.85 -5.82
CA THR F 214 -37.63 35.29 -6.01
C THR F 214 -36.97 35.60 -7.37
N VAL F 215 -36.76 34.59 -8.23
CA VAL F 215 -35.98 34.81 -9.46
C VAL F 215 -36.88 34.70 -10.69
N THR F 216 -36.86 35.74 -11.52
CA THR F 216 -37.57 35.79 -12.80
C THR F 216 -36.55 35.69 -13.93
N THR F 217 -36.79 34.77 -14.87
CA THR F 217 -36.02 34.65 -16.08
C THR F 217 -36.76 35.35 -17.21
N VAL F 218 -36.13 36.37 -17.81
CA VAL F 218 -36.68 37.10 -18.93
C VAL F 218 -36.54 36.25 -20.20
N LEU F 219 -37.63 36.08 -20.95
CA LEU F 219 -37.67 35.26 -22.18
C LEU F 219 -37.55 36.12 -23.47
N LEU F 220 -37.56 37.44 -23.33
CA LEU F 220 -37.41 38.33 -24.47
C LEU F 220 -36.01 38.16 -25.07
N ASP F 221 -35.92 38.20 -26.40
CA ASP F 221 -34.66 38.09 -27.11
C ASP F 221 -34.01 39.47 -27.19
N GLU F 222 -32.92 39.58 -27.96
CA GLU F 222 -32.13 40.80 -28.08
C GLU F 222 -32.98 41.95 -28.68
N ASN F 223 -34.06 41.62 -29.40
CA ASN F 223 -34.91 42.63 -30.01
C ASN F 223 -36.12 42.95 -29.13
N GLY F 224 -36.21 42.36 -27.94
CA GLY F 224 -37.34 42.62 -27.02
C GLY F 224 -38.56 41.79 -27.33
N VAL F 225 -38.39 40.67 -28.04
CA VAL F 225 -39.48 39.81 -28.45
C VAL F 225 -39.33 38.43 -27.78
N GLY F 226 -40.42 38.00 -27.14
CA GLY F 226 -40.47 36.71 -26.48
C GLY F 226 -40.98 35.65 -27.44
N PRO F 227 -40.95 34.36 -27.06
CA PRO F 227 -41.60 33.31 -27.86
C PRO F 227 -43.04 33.70 -28.16
N LEU F 228 -43.45 33.49 -29.42
CA LEU F 228 -44.81 33.77 -29.90
C LEU F 228 -45.54 32.43 -30.10
N CYS F 229 -46.69 32.31 -29.44
CA CYS F 229 -47.36 31.04 -29.25
C CYS F 229 -48.25 30.71 -30.46
N LYS F 230 -47.71 29.90 -31.36
CA LYS F 230 -48.38 29.50 -32.59
C LYS F 230 -49.55 28.58 -32.23
N GLY F 231 -50.71 28.89 -32.82
CA GLY F 231 -51.92 28.16 -32.58
C GLY F 231 -52.36 28.22 -31.12
N ASP F 232 -52.02 29.33 -30.44
CA ASP F 232 -52.32 29.53 -29.02
C ASP F 232 -51.84 28.35 -28.16
N GLY F 233 -50.65 27.83 -28.49
CA GLY F 233 -50.02 26.76 -27.68
C GLY F 233 -48.71 27.26 -27.05
N LEU F 234 -48.58 27.03 -25.74
CA LEU F 234 -47.34 27.30 -25.01
C LEU F 234 -46.65 25.95 -24.71
N TYR F 235 -45.37 25.83 -25.05
CA TYR F 235 -44.64 24.57 -24.91
C TYR F 235 -43.57 24.72 -23.81
N VAL F 236 -43.61 23.79 -22.85
CA VAL F 236 -42.72 23.79 -21.72
C VAL F 236 -42.05 22.40 -21.67
N SER F 237 -40.73 22.38 -21.51
CA SER F 237 -39.93 21.16 -21.51
C SER F 237 -38.88 21.25 -20.40
N CYS F 238 -38.43 20.10 -19.88
CA CYS F 238 -37.35 20.14 -18.91
C CYS F 238 -36.80 18.73 -18.65
N CYS F 239 -35.69 18.70 -17.92
CA CYS F 239 -35.15 17.49 -17.33
C CYS F 239 -34.28 17.92 -16.13
N ASP F 240 -34.45 17.25 -14.99
CA ASP F 240 -33.72 17.59 -13.77
C ASP F 240 -33.25 16.31 -13.06
N ILE F 241 -32.04 15.86 -13.43
CA ILE F 241 -31.38 14.72 -12.81
C ILE F 241 -30.51 15.27 -11.68
N VAL F 242 -30.67 14.71 -10.47
CA VAL F 242 -29.94 15.23 -9.31
C VAL F 242 -28.91 14.21 -8.81
N GLY F 243 -28.81 13.06 -9.46
CA GLY F 243 -27.78 12.07 -9.11
C GLY F 243 -28.30 10.65 -9.15
N PHE F 244 -27.56 9.76 -8.49
CA PHE F 244 -27.90 8.35 -8.42
C PHE F 244 -28.13 7.94 -6.97
N LEU F 245 -29.12 7.06 -6.78
CA LEU F 245 -29.29 6.35 -5.55
C LEU F 245 -28.46 5.07 -5.64
N VAL F 246 -27.60 4.85 -4.65
CA VAL F 246 -26.71 3.71 -4.60
C VAL F 246 -27.26 2.66 -3.61
N GLY F 247 -27.80 1.58 -4.15
CA GLY F 247 -28.35 0.48 -3.36
C GLY F 247 -27.26 -0.25 -2.59
N LYS F 248 -27.68 -1.07 -1.62
CA LYS F 248 -26.77 -1.84 -0.73
C LYS F 248 -25.65 -2.53 -1.52
N ASP F 249 -26.03 -3.17 -2.65
CA ASP F 249 -25.10 -4.00 -3.40
C ASP F 249 -24.33 -3.20 -4.45
N GLY F 250 -24.58 -1.88 -4.57
CA GLY F 250 -23.88 -1.04 -5.54
C GLY F 250 -24.69 -0.78 -6.82
N ASP F 251 -25.88 -1.37 -6.93
CA ASP F 251 -26.84 -1.10 -7.97
C ASP F 251 -27.25 0.37 -7.89
N MET F 252 -27.39 1.02 -9.04
CA MET F 252 -27.60 2.47 -9.06
C MET F 252 -28.80 2.81 -9.97
N GLN F 253 -29.53 3.85 -9.56
CA GLN F 253 -30.68 4.34 -10.26
C GLN F 253 -30.58 5.87 -10.33
N TYR F 254 -30.87 6.44 -11.50
CA TYR F 254 -31.08 7.89 -11.62
C TYR F 254 -32.20 8.34 -10.68
N ARG F 255 -32.03 9.53 -10.10
CA ARG F 255 -33.07 10.21 -9.37
C ARG F 255 -33.32 11.57 -10.01
N GLY F 256 -34.59 11.89 -10.26
CA GLY F 256 -35.01 13.16 -10.83
C GLY F 256 -35.98 13.87 -9.92
N LEU F 257 -36.13 15.19 -10.13
CA LEU F 257 -37.04 16.00 -9.33
C LEU F 257 -37.96 16.77 -10.27
N PRO F 258 -39.17 17.11 -9.79
CA PRO F 258 -40.13 17.87 -10.59
C PRO F 258 -39.67 19.32 -10.73
N ARG F 259 -40.23 20.01 -11.72
CA ARG F 259 -39.96 21.40 -11.94
C ARG F 259 -41.29 22.15 -12.07
N TYR F 260 -41.33 23.32 -11.43
CA TYR F 260 -42.46 24.22 -11.42
C TYR F 260 -42.17 25.39 -12.37
N PHE F 261 -43.23 25.92 -12.99
CA PHE F 261 -43.15 27.04 -13.91
C PHE F 261 -44.33 28.00 -13.68
N ASN F 262 -44.03 29.31 -13.68
CA ASN F 262 -45.01 30.38 -13.68
C ASN F 262 -44.60 31.33 -14.80
N ILE F 263 -45.34 31.29 -15.91
CA ILE F 263 -44.98 31.99 -17.13
C ILE F 263 -45.96 33.14 -17.34
N LEU F 264 -45.41 34.34 -17.56
CA LEU F 264 -46.18 35.55 -17.85
C LEU F 264 -46.21 35.76 -19.36
N LEU F 265 -47.39 36.00 -19.93
CA LEU F 265 -47.57 36.24 -21.36
C LEU F 265 -48.34 37.54 -21.60
N ARG F 266 -48.07 38.18 -22.73
CA ARG F 266 -48.74 39.43 -23.12
C ARG F 266 -49.18 39.33 -24.59
N LYS F 267 -50.18 40.14 -24.95
CA LYS F 267 -50.71 40.17 -26.30
C LYS F 267 -49.79 40.97 -27.22
N ARG F 268 -49.48 40.39 -28.38
CA ARG F 268 -48.62 41.02 -29.37
C ARG F 268 -49.32 40.97 -30.73
N THR F 269 -49.37 42.13 -31.40
CA THR F 269 -49.84 42.21 -32.77
C THR F 269 -48.73 41.76 -33.72
N VAL F 270 -49.07 40.89 -34.66
CA VAL F 270 -48.13 40.44 -35.69
C VAL F 270 -48.81 40.53 -37.06
N ARG F 271 -47.99 40.56 -38.12
CA ARG F 271 -48.47 40.52 -39.50
C ARG F 271 -48.95 39.12 -39.85
N ASN F 272 -50.06 39.08 -40.59
CA ASN F 272 -50.82 37.86 -40.95
C ASN F 272 -49.93 36.87 -41.72
N ILE G 2 -55.02 40.86 -1.44
CA ILE G 2 -54.83 42.17 -0.73
C ILE G 2 -54.48 43.24 -1.77
N GLU G 3 -55.32 44.28 -1.86
CA GLU G 3 -55.05 45.46 -2.66
C GLU G 3 -54.16 46.40 -1.84
N VAL G 4 -52.96 46.65 -2.34
CA VAL G 4 -51.94 47.39 -1.66
C VAL G 4 -52.06 48.86 -2.06
N LEU G 5 -52.15 49.76 -1.07
CA LEU G 5 -52.21 51.19 -1.36
C LEU G 5 -50.87 51.83 -0.97
N ASN G 6 -50.88 53.08 -0.45
CA ASN G 6 -49.69 53.84 -0.21
C ASN G 6 -49.01 53.47 1.10
N LEU G 7 -47.71 53.79 1.16
CA LEU G 7 -46.93 53.76 2.38
C LEU G 7 -47.46 54.80 3.36
N VAL G 8 -47.47 54.46 4.65
CA VAL G 8 -47.69 55.40 5.71
C VAL G 8 -46.34 56.04 6.05
N THR G 9 -46.27 57.38 6.01
CA THR G 9 -45.02 58.10 6.27
C THR G 9 -45.07 58.70 7.69
N GLY G 10 -43.91 59.16 8.16
CA GLY G 10 -43.80 59.92 9.39
C GLY G 10 -43.24 59.11 10.55
N PRO G 11 -43.26 59.63 11.78
CA PRO G 11 -42.67 58.95 12.92
C PRO G 11 -43.41 57.62 13.19
N ASP G 12 -42.66 56.63 13.67
CA ASP G 12 -43.21 55.33 14.08
C ASP G 12 -43.79 54.57 12.88
N SER G 13 -43.40 54.92 11.64
CA SER G 13 -43.87 54.19 10.45
C SER G 13 -42.95 52.99 10.12
N ILE G 14 -41.83 52.86 10.84
CA ILE G 14 -40.82 51.81 10.63
C ILE G 14 -40.66 51.06 11.95
N THR G 15 -40.36 49.76 11.88
CA THR G 15 -40.00 49.00 13.07
C THR G 15 -39.07 47.87 12.63
N THR G 16 -38.31 47.32 13.58
CA THR G 16 -37.41 46.23 13.28
C THR G 16 -37.68 45.11 14.26
N ILE G 17 -37.50 43.89 13.78
CA ILE G 17 -37.65 42.69 14.56
C ILE G 17 -36.32 41.95 14.50
N GLU G 18 -35.83 41.55 15.65
CA GLU G 18 -34.56 40.85 15.74
C GLU G 18 -34.82 39.54 16.49
N LEU G 19 -34.31 38.42 15.96
CA LEU G 19 -34.42 37.15 16.64
C LEU G 19 -33.34 36.20 16.12
N TYR G 20 -33.23 35.07 16.80
CA TYR G 20 -32.48 33.94 16.33
C TYR G 20 -33.35 32.70 16.47
N LEU G 21 -33.02 31.66 15.71
CA LEU G 21 -33.61 30.36 15.82
C LEU G 21 -32.52 29.33 15.96
N ASN G 22 -32.59 28.54 17.02
CA ASN G 22 -31.68 27.41 17.23
C ASN G 22 -32.09 26.26 16.30
N THR G 23 -31.10 25.46 15.93
CA THR G 23 -31.22 24.39 14.97
C THR G 23 -32.08 23.27 15.58
N ARG G 24 -32.73 22.52 14.70
CA ARG G 24 -33.57 21.37 15.06
C ARG G 24 -33.11 20.13 14.28
N MET G 25 -31.95 19.61 14.69
CA MET G 25 -31.31 18.52 13.99
C MET G 25 -31.84 17.17 14.49
N GLY G 26 -32.49 17.16 15.67
CA GLY G 26 -33.09 15.93 16.17
C GLY G 26 -33.05 15.82 17.70
N GLN G 27 -31.89 16.11 18.30
CA GLN G 27 -31.82 16.33 19.73
C GLN G 27 -32.04 17.83 19.96
N ASN G 28 -33.30 18.19 20.23
CA ASN G 28 -33.76 19.57 20.17
C ASN G 28 -33.97 20.17 21.56
N ASP G 29 -33.53 19.45 22.60
CA ASP G 29 -33.67 19.90 23.98
C ASP G 29 -32.33 20.46 24.47
N GLU G 30 -32.32 21.77 24.74
CA GLU G 30 -31.10 22.52 25.08
C GLU G 30 -30.53 22.09 26.46
N SER G 31 -31.28 21.30 27.23
CA SER G 31 -30.80 20.88 28.55
C SER G 31 -30.11 19.50 28.48
N LYS G 32 -30.08 18.88 27.30
CA LYS G 32 -29.52 17.55 27.14
C LYS G 32 -28.26 17.56 26.26
N ASP G 33 -27.46 16.53 26.44
CA ASP G 33 -26.27 16.28 25.65
C ASP G 33 -26.69 16.15 24.17
N ASN G 34 -25.76 16.44 23.27
CA ASN G 34 -25.99 16.32 21.83
C ASN G 34 -26.97 17.37 21.30
N TYR G 35 -27.24 18.43 22.07
CA TYR G 35 -28.08 19.51 21.54
C TYR G 35 -27.43 20.09 20.29
N GLY G 36 -28.25 20.33 19.27
CA GLY G 36 -27.79 20.90 18.01
C GLY G 36 -27.17 19.87 17.08
N TYR G 37 -27.30 18.60 17.44
CA TYR G 37 -27.00 17.48 16.60
C TYR G 37 -28.22 16.56 16.50
N SER G 38 -28.22 15.68 15.48
CA SER G 38 -29.15 14.59 15.41
C SER G 38 -28.63 13.46 16.30
N GLU G 39 -29.52 12.50 16.57
CA GLU G 39 -29.11 11.18 17.04
C GLU G 39 -28.33 10.51 15.90
N LYS G 40 -27.64 9.43 16.25
CA LYS G 40 -26.88 8.61 15.29
C LYS G 40 -27.79 8.26 14.11
N VAL G 41 -27.29 8.44 12.89
CA VAL G 41 -28.00 8.07 11.70
C VAL G 41 -27.99 6.53 11.60
N THR G 42 -29.13 5.97 11.20
CA THR G 42 -29.28 4.55 10.94
C THR G 42 -29.72 4.39 9.48
N VAL G 43 -29.55 3.18 8.96
CA VAL G 43 -29.78 2.90 7.55
C VAL G 43 -30.73 1.72 7.42
N ALA G 44 -31.79 1.92 6.65
CA ALA G 44 -32.82 0.91 6.42
C ALA G 44 -32.19 -0.34 5.79
N ASN G 45 -32.69 -1.51 6.20
CA ASN G 45 -32.29 -2.80 5.59
C ASN G 45 -32.92 -2.91 4.20
N SER G 46 -34.11 -2.33 4.03
CA SER G 46 -34.80 -2.31 2.76
C SER G 46 -35.79 -1.14 2.78
N SER G 47 -36.30 -0.78 1.58
CA SER G 47 -37.10 0.40 1.43
C SER G 47 -38.48 0.24 2.08
N ASP G 48 -38.89 -1.01 2.33
CA ASP G 48 -40.18 -1.31 2.99
C ASP G 48 -39.99 -1.46 4.51
N GLN G 49 -38.76 -1.33 5.00
CA GLN G 49 -38.46 -1.29 6.44
C GLN G 49 -37.58 -0.07 6.73
N ASP G 50 -38.03 1.10 6.26
CA ASP G 50 -37.29 2.35 6.37
C ASP G 50 -37.97 3.17 7.46
N LYS G 51 -37.49 2.98 8.69
CA LYS G 51 -38.13 3.53 9.88
C LYS G 51 -37.06 4.27 10.69
N PRO G 52 -36.82 5.57 10.42
CA PRO G 52 -35.82 6.31 11.17
C PRO G 52 -36.09 6.28 12.68
N THR G 53 -35.01 6.19 13.46
CA THR G 53 -35.08 6.26 14.91
C THR G 53 -35.54 7.66 15.32
N SER G 54 -36.08 7.76 16.53
CA SER G 54 -36.49 9.02 17.10
C SER G 54 -35.26 9.93 17.25
N GLY G 55 -35.32 11.14 16.68
CA GLY G 55 -34.28 12.12 16.86
C GLY G 55 -33.18 12.10 15.80
N GLU G 56 -33.30 11.27 14.75
CA GLU G 56 -32.20 11.23 13.73
C GLU G 56 -32.56 12.06 12.48
N ILE G 57 -33.66 12.79 12.51
CA ILE G 57 -34.26 13.45 11.34
C ILE G 57 -34.28 14.96 11.59
N PRO G 58 -33.55 15.76 10.81
CA PRO G 58 -33.65 17.22 10.92
C PRO G 58 -35.04 17.74 10.54
N THR G 59 -35.46 18.82 11.20
CA THR G 59 -36.71 19.48 10.94
C THR G 59 -36.45 20.98 10.74
N TYR G 60 -37.43 21.67 10.18
CA TYR G 60 -37.36 23.13 10.04
C TYR G 60 -37.51 23.80 11.42
N SER G 61 -36.79 24.90 11.58
CA SER G 61 -36.97 25.83 12.67
C SER G 61 -37.99 26.87 12.20
N THR G 62 -38.88 27.31 13.09
CA THR G 62 -39.83 28.34 12.72
C THR G 62 -40.29 29.08 13.98
N ALA G 63 -40.69 30.34 13.80
CA ALA G 63 -41.33 31.10 14.84
C ALA G 63 -42.29 32.09 14.21
N ARG G 64 -43.38 32.37 14.93
CA ARG G 64 -44.31 33.43 14.59
C ARG G 64 -44.08 34.56 15.59
N ILE G 65 -43.84 35.77 15.13
CA ILE G 65 -43.50 36.90 15.97
C ILE G 65 -44.66 37.90 15.94
N ASN G 66 -45.04 38.42 17.14
CA ASN G 66 -45.94 39.52 17.30
C ASN G 66 -45.32 40.84 16.86
N LEU G 67 -46.06 41.57 16.03
CA LEU G 67 -45.66 42.88 15.61
C LEU G 67 -46.37 43.95 16.44
N PRO G 68 -45.83 45.18 16.50
CA PRO G 68 -46.51 46.27 17.22
C PRO G 68 -47.95 46.42 16.74
N MET G 69 -48.88 46.51 17.69
CA MET G 69 -50.31 46.62 17.42
C MET G 69 -50.56 47.92 16.63
N LEU G 70 -51.47 47.85 15.65
CA LEU G 70 -51.84 48.95 14.78
C LEU G 70 -53.32 49.20 15.08
N ASN G 71 -53.65 50.19 15.92
CA ASN G 71 -55.01 50.29 16.53
C ASN G 71 -55.93 51.07 15.58
N GLU G 72 -57.00 50.42 15.10
CA GLU G 72 -57.76 50.88 13.94
C GLU G 72 -59.16 50.26 14.04
N ASP G 73 -60.13 50.94 13.41
CA ASP G 73 -61.48 50.45 13.22
C ASP G 73 -61.50 49.42 12.08
N LEU G 74 -61.81 48.16 12.41
CA LEU G 74 -61.74 46.99 11.52
C LEU G 74 -62.87 46.98 10.47
N THR G 75 -63.82 47.92 10.56
CA THR G 75 -64.89 48.09 9.58
C THR G 75 -64.54 49.21 8.58
N SER G 76 -63.40 49.87 8.72
CA SER G 76 -62.96 51.00 7.88
C SER G 76 -62.71 50.60 6.41
N ASN G 77 -62.61 51.61 5.55
CA ASN G 77 -62.35 51.41 4.11
C ASN G 77 -60.93 50.87 3.89
N THR G 78 -59.96 51.31 4.68
CA THR G 78 -58.57 50.85 4.59
C THR G 78 -58.08 50.39 5.96
N LEU G 79 -57.07 49.51 5.97
CA LEU G 79 -56.34 49.15 7.18
C LEU G 79 -54.84 49.35 6.95
N THR G 80 -54.08 49.29 8.04
CA THR G 80 -52.63 49.35 8.01
C THR G 80 -52.10 47.94 8.28
N MET G 81 -51.07 47.53 7.53
CA MET G 81 -50.35 46.29 7.77
C MET G 81 -48.85 46.61 7.84
N TRP G 82 -48.12 45.77 8.57
CA TRP G 82 -46.67 45.79 8.50
C TRP G 82 -46.22 45.05 7.24
N GLU G 83 -45.30 45.67 6.52
CA GLU G 83 -44.69 45.17 5.29
C GLU G 83 -43.20 44.93 5.53
N ALA G 84 -42.76 43.67 5.41
CA ALA G 84 -41.36 43.33 5.58
C ALA G 84 -40.59 43.82 4.35
N VAL G 85 -39.63 44.71 4.56
CA VAL G 85 -38.90 45.37 3.48
C VAL G 85 -37.62 44.60 3.17
N SER G 86 -36.91 44.15 4.20
CA SER G 86 -35.61 43.57 4.05
C SER G 86 -35.24 42.78 5.31
N VAL G 87 -34.21 41.93 5.17
CA VAL G 87 -33.73 41.14 6.26
C VAL G 87 -32.21 41.04 6.15
N LYS G 88 -31.54 41.20 7.29
CA LYS G 88 -30.17 40.81 7.47
C LYS G 88 -30.17 39.50 8.26
N THR G 89 -29.65 38.43 7.64
CA THR G 89 -29.62 37.14 8.27
C THR G 89 -28.20 36.56 8.13
N GLU G 90 -27.81 35.78 9.14
CA GLU G 90 -26.49 35.20 9.25
C GLU G 90 -26.59 33.85 9.95
N VAL G 91 -25.73 32.92 9.56
CA VAL G 91 -25.51 31.72 10.33
C VAL G 91 -24.53 32.05 11.43
N VAL G 92 -24.86 31.65 12.65
CA VAL G 92 -24.10 31.93 13.85
C VAL G 92 -23.23 30.72 14.18
N GLY G 93 -22.03 30.96 14.69
CA GLY G 93 -21.17 29.90 15.20
C GLY G 93 -20.42 29.14 14.13
N VAL G 94 -20.17 29.76 12.96
CA VAL G 94 -19.44 29.11 11.89
C VAL G 94 -18.03 28.72 12.41
N SER G 95 -17.42 29.60 13.20
CA SER G 95 -16.08 29.40 13.72
C SER G 95 -16.00 28.11 14.57
N SER G 96 -17.15 27.65 15.09
CA SER G 96 -17.20 26.44 15.90
C SER G 96 -16.76 25.21 15.10
N LEU G 97 -16.79 25.32 13.76
CA LEU G 97 -16.36 24.20 12.90
C LEU G 97 -14.83 24.11 12.80
N VAL G 98 -14.12 25.09 13.38
CA VAL G 98 -12.66 25.07 13.43
C VAL G 98 -12.27 24.28 14.68
N ASN G 99 -12.49 22.97 14.63
CA ASN G 99 -12.33 22.11 15.79
C ASN G 99 -12.08 20.72 15.25
N VAL G 100 -10.87 20.22 15.44
CA VAL G 100 -10.48 18.90 14.97
C VAL G 100 -9.87 18.08 16.14
N HIS G 101 -10.27 18.40 17.37
CA HIS G 101 -9.79 17.63 18.57
C HIS G 101 -10.95 16.91 19.26
N MET G 102 -12.16 16.92 18.68
CA MET G 102 -13.28 16.23 19.30
C MET G 102 -13.11 14.72 19.10
N ALA G 103 -13.89 13.96 19.86
CA ALA G 103 -13.81 12.49 19.84
C ALA G 103 -14.44 11.99 18.55
N THR G 104 -13.61 11.89 17.51
CA THR G 104 -14.01 11.57 16.17
C THR G 104 -13.01 10.59 15.55
N LYS G 105 -13.38 10.03 14.41
CA LYS G 105 -12.44 9.41 13.53
C LYS G 105 -11.33 10.43 13.17
N ARG G 106 -10.16 9.95 12.81
CA ARG G 106 -9.06 10.84 12.56
C ARG G 106 -8.26 10.39 11.34
N MET G 107 -7.48 11.34 10.80
CA MET G 107 -6.68 11.13 9.58
C MET G 107 -5.37 10.39 9.90
N TYR G 108 -4.77 9.83 8.84
CA TYR G 108 -3.39 9.34 8.78
C TYR G 108 -3.04 8.40 9.94
N ASP G 109 -3.68 7.23 9.94
CA ASP G 109 -3.32 6.11 10.83
C ASP G 109 -3.31 6.57 12.29
N ASP G 110 -4.37 7.28 12.70
CA ASP G 110 -4.62 7.70 14.08
C ASP G 110 -3.57 8.71 14.59
N LYS G 111 -2.83 9.38 13.69
CA LYS G 111 -1.86 10.38 14.11
C LYS G 111 -2.32 11.80 13.71
N GLY G 112 -3.26 11.91 12.75
CA GLY G 112 -3.68 13.20 12.19
C GLY G 112 -4.86 13.79 12.94
N ILE G 113 -5.40 14.87 12.35
CA ILE G 113 -6.52 15.58 12.94
C ILE G 113 -7.72 14.67 13.05
N GLY G 114 -8.59 15.01 14.01
CA GLY G 114 -9.96 14.51 13.98
C GLY G 114 -10.68 15.07 12.74
N PHE G 115 -11.59 14.27 12.18
CA PHE G 115 -12.39 14.72 11.08
C PHE G 115 -13.19 15.93 11.52
N PRO G 116 -13.14 17.07 10.79
CA PRO G 116 -14.04 18.18 11.12
C PRO G 116 -15.47 17.78 10.71
N VAL G 117 -16.46 18.48 11.25
CA VAL G 117 -17.82 18.36 10.74
C VAL G 117 -17.75 18.65 9.23
N GLU G 118 -18.27 17.72 8.41
CA GLU G 118 -18.16 17.85 6.97
C GLU G 118 -19.24 17.01 6.30
N GLY G 119 -19.46 17.31 5.01
CA GLY G 119 -20.44 16.62 4.21
C GLY G 119 -21.58 17.55 3.85
N MET G 120 -22.75 16.96 3.67
CA MET G 120 -23.94 17.60 3.21
C MET G 120 -24.17 18.95 3.91
N ASN G 121 -24.46 19.97 3.11
CA ASN G 121 -24.89 21.27 3.59
C ASN G 121 -26.27 21.55 3.00
N PHE G 122 -27.15 22.05 3.85
CA PHE G 122 -28.48 22.46 3.46
C PHE G 122 -28.79 23.75 4.22
N HIS G 123 -29.08 24.83 3.49
CA HIS G 123 -29.29 26.15 4.07
C HIS G 123 -30.52 26.75 3.41
N MET G 124 -31.53 27.09 4.23
CA MET G 124 -32.67 27.79 3.73
C MET G 124 -33.20 28.74 4.81
N PHE G 125 -33.81 29.84 4.35
CA PHE G 125 -34.57 30.68 5.25
C PHE G 125 -35.77 31.26 4.48
N ALA G 126 -36.80 31.64 5.24
CA ALA G 126 -38.02 32.20 4.71
C ALA G 126 -38.53 33.26 5.68
N VAL G 127 -39.05 34.36 5.12
CA VAL G 127 -39.69 35.43 5.82
C VAL G 127 -41.00 35.71 5.10
N GLY G 128 -42.12 35.69 5.86
CA GLY G 128 -43.42 35.88 5.28
C GLY G 128 -44.42 36.43 6.27
N GLY G 129 -45.60 36.76 5.71
CA GLY G 129 -46.73 37.31 6.45
C GLY G 129 -47.77 36.23 6.75
N GLU G 130 -47.37 34.97 6.63
CA GLU G 130 -48.17 33.81 6.87
C GLU G 130 -47.23 32.60 6.94
N PRO G 131 -47.68 31.43 7.45
CA PRO G 131 -46.82 30.26 7.51
C PRO G 131 -46.27 29.88 6.14
N LEU G 132 -45.01 29.43 6.12
CA LEU G 132 -44.41 28.85 4.92
C LEU G 132 -45.28 27.68 4.44
N GLU G 133 -45.67 27.71 3.17
CA GLU G 133 -46.52 26.69 2.60
C GLU G 133 -45.61 25.59 2.04
N LEU G 134 -45.92 24.34 2.41
CA LEU G 134 -45.10 23.19 2.15
C LEU G 134 -45.78 22.27 1.13
N GLN G 135 -44.92 21.66 0.31
CA GLN G 135 -45.27 20.55 -0.59
C GLN G 135 -44.57 19.30 -0.06
N PHE G 136 -45.29 18.18 0.03
CA PHE G 136 -44.71 16.91 0.39
C PHE G 136 -44.00 16.31 -0.85
N LEU G 137 -42.77 15.84 -0.65
CA LEU G 137 -42.04 15.09 -1.65
C LEU G 137 -40.89 14.37 -0.96
N THR G 138 -40.76 13.07 -1.24
CA THR G 138 -39.85 12.19 -0.50
C THR G 138 -39.10 11.28 -1.47
N GLY G 139 -37.90 10.89 -1.04
CA GLY G 139 -37.11 9.92 -1.75
C GLY G 139 -37.64 8.49 -1.59
N ASN G 140 -38.50 8.27 -0.57
CA ASN G 140 -39.06 6.94 -0.29
C ASN G 140 -40.48 7.08 0.27
N TYR G 141 -41.49 6.75 -0.53
CA TYR G 141 -42.90 6.96 -0.13
C TYR G 141 -43.26 6.13 1.10
N ARG G 142 -42.52 5.04 1.33
CA ARG G 142 -42.80 4.09 2.41
C ARG G 142 -42.12 4.46 3.74
N THR G 143 -41.41 5.58 3.79
CA THR G 143 -40.71 5.93 5.01
C THR G 143 -41.73 5.96 6.15
N ASP G 144 -41.37 5.29 7.26
CA ASP G 144 -42.21 5.14 8.42
C ASP G 144 -41.70 6.06 9.54
N TYR G 145 -42.47 7.11 9.86
CA TYR G 145 -42.06 8.14 10.85
C TYR G 145 -42.66 7.86 12.24
N SER G 146 -43.19 6.65 12.46
CA SER G 146 -43.98 6.35 13.66
C SER G 146 -43.10 6.18 14.90
N ALA G 147 -41.76 6.20 14.78
CA ALA G 147 -40.92 6.16 15.99
C ALA G 147 -40.97 7.50 16.76
N ASN G 148 -41.51 8.54 16.12
CA ASN G 148 -41.64 9.85 16.74
C ASN G 148 -42.95 10.49 16.27
N ASP G 149 -43.97 10.39 17.14
CA ASP G 149 -45.32 10.80 16.79
C ASP G 149 -45.46 12.33 16.84
N LYS G 150 -44.39 13.04 17.25
CA LYS G 150 -44.38 14.52 17.26
C LYS G 150 -44.09 15.07 15.86
N LEU G 151 -43.58 14.23 14.94
CA LEU G 151 -43.32 14.67 13.55
C LEU G 151 -44.64 14.82 12.81
N VAL G 152 -44.81 15.92 12.08
CA VAL G 152 -45.98 16.13 11.25
C VAL G 152 -45.69 15.63 9.85
N VAL G 153 -46.39 14.58 9.45
CA VAL G 153 -46.24 13.91 8.18
C VAL G 153 -47.63 13.48 7.73
N PRO G 154 -47.85 13.20 6.43
CA PRO G 154 -49.18 12.81 5.98
C PRO G 154 -49.60 11.47 6.60
N PRO G 155 -50.92 11.27 6.84
CA PRO G 155 -51.38 10.05 7.52
C PRO G 155 -51.39 8.81 6.60
N ILE G 156 -51.33 9.02 5.27
CA ILE G 156 -51.34 7.94 4.30
C ILE G 156 -50.11 8.09 3.38
N LYS G 157 -49.64 6.94 2.89
CA LYS G 157 -48.51 6.85 2.02
C LYS G 157 -48.97 6.41 0.63
N HIS G 158 -48.33 6.99 -0.39
CA HIS G 158 -48.63 6.64 -1.76
C HIS G 158 -47.40 6.81 -2.65
N GLN G 159 -47.29 5.91 -3.62
CA GLN G 159 -46.19 5.85 -4.57
C GLN G 159 -45.91 7.21 -5.22
N SER G 160 -46.97 7.98 -5.46
CA SER G 160 -46.91 9.21 -6.24
C SER G 160 -46.11 10.32 -5.53
N THR G 161 -45.89 10.19 -4.20
CA THR G 161 -45.27 11.22 -3.37
C THR G 161 -43.74 11.22 -3.56
N GLN G 162 -43.20 10.33 -4.40
CA GLN G 162 -41.79 10.39 -4.83
C GLN G 162 -41.65 11.42 -5.95
N GLY G 163 -42.79 11.92 -6.43
CA GLY G 163 -42.87 13.10 -7.28
C GLY G 163 -43.74 14.14 -6.62
N LEU G 164 -44.20 15.10 -7.43
CA LEU G 164 -45.07 16.18 -6.95
C LEU G 164 -46.53 15.74 -7.09
N ASN G 165 -47.16 15.47 -5.94
CA ASN G 165 -48.59 15.19 -5.84
C ASN G 165 -49.23 16.34 -5.07
N PRO G 166 -49.97 17.24 -5.74
CA PRO G 166 -50.46 18.45 -5.08
C PRO G 166 -51.53 18.21 -4.00
N HIS G 167 -51.98 16.96 -3.85
CA HIS G 167 -52.90 16.62 -2.75
C HIS G 167 -52.16 16.54 -1.42
N TYR G 168 -50.82 16.59 -1.42
CA TYR G 168 -50.06 16.44 -0.18
C TYR G 168 -49.33 17.77 0.14
N LYS G 169 -50.00 18.61 0.93
CA LYS G 169 -49.50 19.92 1.29
C LYS G 169 -49.66 20.14 2.79
N GLN G 170 -49.01 21.19 3.30
CA GLN G 170 -49.05 21.53 4.70
C GLN G 170 -48.57 22.98 4.84
N LYS G 171 -48.64 23.47 6.07
CA LYS G 171 -48.12 24.77 6.45
C LYS G 171 -47.20 24.58 7.66
N LEU G 172 -46.06 25.29 7.62
CA LEU G 172 -45.04 25.15 8.66
C LEU G 172 -45.49 25.98 9.86
N THR G 173 -46.22 25.31 10.77
CA THR G 173 -46.85 26.00 11.90
C THR G 173 -46.25 25.55 13.24
N LYS G 174 -45.26 24.64 13.22
CA LYS G 174 -44.66 24.10 14.43
C LYS G 174 -43.15 23.94 14.22
N ASP G 175 -42.40 24.46 15.19
CA ASP G 175 -40.95 24.36 15.24
C ASP G 175 -40.56 22.90 15.55
N GLY G 176 -39.51 22.42 14.91
CA GLY G 176 -38.90 21.15 15.28
C GLY G 176 -39.80 19.95 15.01
N ALA G 177 -40.69 20.03 14.01
CA ALA G 177 -41.69 18.98 13.81
C ALA G 177 -41.85 18.53 12.34
N PHE G 178 -41.54 19.40 11.37
CA PHE G 178 -41.71 19.11 9.95
C PHE G 178 -40.39 18.64 9.37
N PRO G 179 -40.23 17.34 9.01
CA PRO G 179 -38.96 16.87 8.47
C PRO G 179 -38.60 17.52 7.13
N VAL G 180 -37.34 17.93 7.03
CA VAL G 180 -36.80 18.55 5.82
C VAL G 180 -36.86 17.53 4.67
N GLU G 181 -36.64 16.25 4.98
CA GLU G 181 -36.46 15.23 3.95
C GLU G 181 -37.76 15.00 3.18
N CYS G 182 -38.92 15.42 3.71
CA CYS G 182 -40.18 15.11 3.03
C CYS G 182 -41.07 16.35 2.81
N TRP G 183 -40.66 17.52 3.33
CA TRP G 183 -41.40 18.77 3.11
C TRP G 183 -40.47 19.82 2.48
N CYS G 184 -40.94 20.48 1.43
CA CYS G 184 -40.21 21.55 0.80
C CYS G 184 -41.15 22.72 0.53
N PRO G 185 -40.63 23.94 0.25
CA PRO G 185 -41.49 25.07 -0.04
C PRO G 185 -42.36 24.77 -1.25
N ASP G 186 -43.65 25.07 -1.15
CA ASP G 186 -44.59 24.90 -2.22
C ASP G 186 -44.47 26.10 -3.15
N PRO G 187 -43.89 25.95 -4.36
CA PRO G 187 -43.68 27.09 -5.25
C PRO G 187 -44.99 27.62 -5.88
N SER G 188 -46.07 26.83 -5.79
CA SER G 188 -47.37 27.19 -6.35
C SER G 188 -48.13 28.13 -5.40
N LYS G 189 -47.64 28.28 -4.16
CA LYS G 189 -48.22 29.22 -3.20
C LYS G 189 -47.11 30.15 -2.74
N ASN G 190 -47.09 30.49 -1.44
CA ASN G 190 -46.07 31.34 -0.84
C ASN G 190 -46.02 32.71 -1.52
N GLU G 191 -47.18 33.21 -1.94
CA GLU G 191 -47.28 34.55 -2.57
C GLU G 191 -46.83 35.63 -1.56
N ASN G 192 -46.98 35.34 -0.26
CA ASN G 192 -46.77 36.33 0.80
C ASN G 192 -45.53 35.98 1.65
N THR G 193 -44.64 35.14 1.11
CA THR G 193 -43.42 34.69 1.73
C THR G 193 -42.29 34.76 0.70
N ARG G 194 -41.08 35.10 1.15
CA ARG G 194 -39.87 34.97 0.34
C ARG G 194 -39.02 33.86 0.96
N TYR G 195 -38.60 32.88 0.15
CA TYR G 195 -37.70 31.84 0.63
C TYR G 195 -36.50 31.68 -0.31
N TYR G 196 -35.39 31.24 0.29
CA TYR G 196 -34.10 31.08 -0.37
C TYR G 196 -33.46 29.82 0.22
N GLY G 197 -32.99 28.91 -0.64
CA GLY G 197 -32.40 27.68 -0.18
C GLY G 197 -31.27 27.21 -1.08
N SER G 198 -30.38 26.39 -0.53
CA SER G 198 -29.36 25.74 -1.29
C SER G 198 -29.05 24.38 -0.64
N TYR G 199 -28.54 23.48 -1.46
CA TYR G 199 -28.12 22.16 -1.04
C TYR G 199 -26.79 21.84 -1.74
N THR G 200 -25.81 21.38 -0.96
CA THR G 200 -24.60 20.79 -1.48
C THR G 200 -24.45 19.41 -0.86
N GLY G 201 -24.41 18.39 -1.70
CA GLY G 201 -24.51 17.03 -1.22
C GLY G 201 -23.17 16.35 -1.13
N GLY G 202 -23.15 15.06 -1.44
CA GLY G 202 -21.94 14.24 -1.36
C GLY G 202 -21.70 13.74 0.04
N GLN G 203 -20.61 12.99 0.21
CA GLN G 203 -20.36 12.19 1.43
C GLN G 203 -19.60 13.01 2.49
N SER G 204 -18.46 13.58 2.07
CA SER G 204 -17.46 14.21 2.96
C SER G 204 -17.15 15.64 2.51
N THR G 205 -18.03 16.19 1.69
CA THR G 205 -17.87 17.46 1.03
C THR G 205 -17.46 18.55 2.02
N PRO G 206 -16.47 19.39 1.67
CA PRO G 206 -16.12 20.55 2.48
C PRO G 206 -17.31 21.48 2.62
N PRO G 207 -17.71 21.87 3.86
CA PRO G 207 -18.69 22.95 4.02
C PRO G 207 -18.05 24.25 3.53
N VAL G 208 -18.85 25.09 2.86
CA VAL G 208 -18.39 26.38 2.42
C VAL G 208 -19.40 27.40 2.95
N LEU G 209 -18.97 28.19 3.93
CA LEU G 209 -19.85 29.03 4.71
C LEU G 209 -19.25 30.45 4.79
N GLN G 210 -20.12 31.46 4.82
N GLN G 210 -20.13 31.44 4.85
CA GLN G 210 -19.77 32.85 5.00
CA GLN G 210 -19.79 32.84 4.99
C GLN G 210 -20.56 33.40 6.18
C GLN G 210 -20.58 33.39 6.19
N PHE G 211 -20.01 34.40 6.87
CA PHE G 211 -20.75 35.16 7.88
C PHE G 211 -20.31 36.63 7.87
N THR G 212 -21.28 37.54 7.87
CA THR G 212 -21.02 38.96 7.88
C THR G 212 -22.24 39.69 8.42
N ASN G 213 -22.03 40.89 8.95
CA ASN G 213 -23.14 41.73 9.43
C ASN G 213 -23.40 42.86 8.42
N THR G 214 -22.97 42.72 7.17
CA THR G 214 -23.00 43.84 6.21
C THR G 214 -23.95 43.61 5.03
N VAL G 215 -24.67 42.46 4.99
CA VAL G 215 -25.48 42.12 3.81
C VAL G 215 -26.97 42.19 4.14
N THR G 216 -27.68 42.96 3.33
CA THR G 216 -29.14 43.11 3.41
C THR G 216 -29.78 42.38 2.22
N THR G 217 -30.76 41.53 2.52
CA THR G 217 -31.58 40.89 1.52
C THR G 217 -32.90 41.65 1.40
N VAL G 218 -33.17 42.19 0.21
CA VAL G 218 -34.40 42.89 -0.08
C VAL G 218 -35.55 41.89 -0.24
N LEU G 219 -36.67 42.10 0.47
CA LEU G 219 -37.82 41.19 0.46
C LEU G 219 -38.94 41.67 -0.47
N LEU G 220 -38.80 42.87 -1.05
CA LEU G 220 -39.82 43.40 -1.95
C LEU G 220 -39.88 42.51 -3.20
N ASP G 221 -41.08 42.29 -3.71
CA ASP G 221 -41.29 41.50 -4.93
C ASP G 221 -41.09 42.41 -6.14
N GLU G 222 -41.41 41.89 -7.33
CA GLU G 222 -41.18 42.61 -8.60
C GLU G 222 -42.07 43.87 -8.65
N ASN G 223 -43.16 43.94 -7.87
CA ASN G 223 -44.00 45.13 -7.83
C ASN G 223 -43.60 46.10 -6.70
N GLY G 224 -42.54 45.79 -5.96
CA GLY G 224 -42.06 46.68 -4.89
C GLY G 224 -42.82 46.48 -3.57
N VAL G 225 -43.46 45.31 -3.41
CA VAL G 225 -44.24 45.00 -2.24
C VAL G 225 -43.59 43.83 -1.49
N GLY G 226 -43.38 44.02 -0.19
CA GLY G 226 -42.83 43.01 0.67
C GLY G 226 -43.93 42.14 1.28
N PRO G 227 -43.58 41.05 1.99
CA PRO G 227 -44.57 40.27 2.72
C PRO G 227 -45.40 41.20 3.62
N LEU G 228 -46.72 40.99 3.62
CA LEU G 228 -47.67 41.73 4.45
C LEU G 228 -48.15 40.83 5.58
N CYS G 229 -47.99 41.39 6.80
CA CYS G 229 -48.22 40.81 8.11
C CYS G 229 -49.13 41.79 8.87
N LYS G 230 -50.16 41.29 9.57
CA LYS G 230 -50.77 42.03 10.71
C LYS G 230 -50.46 41.23 12.00
N GLY G 231 -50.03 41.95 13.04
CA GLY G 231 -50.35 41.52 14.42
C GLY G 231 -49.46 40.37 14.79
N ASP G 232 -50.07 39.24 15.18
CA ASP G 232 -49.33 38.02 15.64
C ASP G 232 -48.97 37.16 14.41
N GLY G 233 -48.28 37.79 13.46
CA GLY G 233 -48.00 37.23 12.17
C GLY G 233 -46.83 37.86 11.43
N LEU G 234 -45.59 37.85 11.96
CA LEU G 234 -44.38 37.73 11.09
C LEU G 234 -43.86 36.29 11.25
N TYR G 235 -43.64 35.58 10.15
CA TYR G 235 -43.24 34.18 10.16
C TYR G 235 -41.80 34.08 9.63
N VAL G 236 -40.94 33.44 10.41
CA VAL G 236 -39.54 33.28 10.10
C VAL G 236 -39.21 31.78 10.24
N SER G 237 -38.57 31.22 9.22
CA SER G 237 -38.32 29.77 9.14
C SER G 237 -36.92 29.55 8.57
N CYS G 238 -36.27 28.43 8.95
CA CYS G 238 -34.95 28.16 8.40
C CYS G 238 -34.54 26.72 8.69
N CYS G 239 -33.43 26.34 8.07
CA CYS G 239 -32.71 25.13 8.37
C CYS G 239 -31.27 25.32 7.91
N ASP G 240 -30.30 24.98 8.77
CA ASP G 240 -28.88 25.16 8.44
C ASP G 240 -28.08 23.95 8.90
N ILE G 241 -27.98 22.96 8.02
CA ILE G 241 -27.17 21.76 8.21
C ILE G 241 -25.77 22.05 7.65
N VAL G 242 -24.73 21.83 8.46
CA VAL G 242 -23.37 22.17 8.05
C VAL G 242 -22.53 20.90 7.87
N GLY G 243 -23.13 19.72 8.09
CA GLY G 243 -22.42 18.47 7.84
C GLY G 243 -22.70 17.42 8.89
N PHE G 244 -21.82 16.42 8.94
CA PHE G 244 -21.91 15.33 9.90
C PHE G 244 -20.68 15.30 10.79
N LEU G 245 -20.88 14.99 12.06
CA LEU G 245 -19.82 14.66 12.99
C LEU G 245 -19.59 13.14 12.89
N VAL G 246 -18.34 12.75 12.64
CA VAL G 246 -18.01 11.34 12.45
C VAL G 246 -17.33 10.80 13.72
N GLY G 247 -18.07 9.98 14.46
CA GLY G 247 -17.59 9.36 15.70
C GLY G 247 -16.46 8.37 15.43
N LYS G 248 -15.74 7.99 16.48
CA LYS G 248 -14.61 7.04 16.43
C LYS G 248 -14.94 5.80 15.58
N ASP G 249 -16.14 5.25 15.76
CA ASP G 249 -16.48 3.98 15.11
C ASP G 249 -17.13 4.20 13.73
N GLY G 250 -17.28 5.46 13.29
CA GLY G 250 -17.90 5.77 11.98
C GLY G 250 -19.36 6.17 12.05
N ASP G 251 -19.95 6.12 13.27
CA ASP G 251 -21.29 6.60 13.54
C ASP G 251 -21.34 8.09 13.24
N MET G 252 -22.42 8.56 12.66
CA MET G 252 -22.50 9.92 12.16
C MET G 252 -23.79 10.59 12.66
N GLN G 253 -23.67 11.90 12.91
CA GLN G 253 -24.76 12.73 13.39
C GLN G 253 -24.76 14.02 12.58
N TYR G 254 -25.93 14.45 12.14
CA TYR G 254 -26.11 15.79 11.58
C TYR G 254 -25.67 16.84 12.61
N ARG G 255 -25.05 17.92 12.11
CA ARG G 255 -24.75 19.09 12.89
C ARG G 255 -25.42 20.30 12.23
N GLY G 256 -26.14 21.09 13.04
CA GLY G 256 -26.78 22.30 12.58
C GLY G 256 -26.31 23.51 13.37
N LEU G 257 -26.52 24.71 12.81
CA LEU G 257 -26.12 25.94 13.47
C LEU G 257 -27.33 26.86 13.53
N PRO G 258 -27.35 27.78 14.51
CA PRO G 258 -28.43 28.75 14.62
C PRO G 258 -28.33 29.81 13.52
N ARG G 259 -29.45 30.50 13.29
CA ARG G 259 -29.53 31.57 12.34
C ARG G 259 -30.15 32.78 13.03
N TYR G 260 -29.56 33.94 12.74
CA TYR G 260 -29.96 35.24 13.25
C TYR G 260 -30.69 35.99 12.14
N PHE G 261 -31.65 36.83 12.53
CA PHE G 261 -32.46 37.63 11.62
C PHE G 261 -32.69 39.03 12.20
N ASN G 262 -32.53 40.04 11.37
CA ASN G 262 -32.88 41.42 11.66
C ASN G 262 -33.73 41.91 10.48
N ILE G 263 -35.05 42.03 10.73
CA ILE G 263 -36.01 42.30 9.69
C ILE G 263 -36.54 43.73 9.89
N LEU G 264 -36.49 44.51 8.82
CA LEU G 264 -37.02 45.87 8.80
C LEU G 264 -38.42 45.85 8.19
N LEU G 265 -39.39 46.49 8.87
CA LEU G 265 -40.77 46.54 8.42
C LEU G 265 -41.26 47.99 8.39
N ARG G 266 -42.20 48.27 7.48
CA ARG G 266 -42.80 49.60 7.33
C ARG G 266 -44.32 49.47 7.24
N LYS G 267 -45.01 50.56 7.59
CA LYS G 267 -46.47 50.56 7.57
C LYS G 267 -46.96 50.75 6.14
N ARG G 268 -47.92 49.91 5.76
CA ARG G 268 -48.50 49.93 4.44
C ARG G 268 -50.01 49.95 4.59
N THR G 269 -50.64 50.91 3.90
CA THR G 269 -52.08 51.01 3.80
C THR G 269 -52.55 49.98 2.76
N VAL G 270 -53.59 49.23 3.13
CA VAL G 270 -54.20 48.27 2.22
C VAL G 270 -55.73 48.49 2.24
N ARG G 271 -56.40 48.00 1.19
CA ARG G 271 -57.86 48.10 1.07
C ARG G 271 -58.48 47.06 2.00
N ASN G 272 -59.58 47.46 2.66
CA ASN G 272 -60.36 46.63 3.57
C ASN G 272 -61.78 46.49 3.03
N ASN H 1 -27.34 54.85 19.66
CA ASN H 1 -26.91 55.70 20.81
C ASN H 1 -26.42 57.06 20.31
N ILE H 2 -25.50 57.05 19.34
CA ILE H 2 -24.76 58.27 18.89
C ILE H 2 -25.52 58.93 17.74
N GLU H 3 -25.89 60.21 17.93
CA GLU H 3 -26.49 61.02 16.89
C GLU H 3 -25.36 61.60 16.03
N VAL H 4 -25.36 61.23 14.75
CA VAL H 4 -24.29 61.56 13.83
C VAL H 4 -24.65 62.86 13.11
N LEU H 5 -23.75 63.84 13.12
CA LEU H 5 -23.97 65.09 12.39
C LEU H 5 -23.05 65.12 11.16
N ASN H 6 -22.53 66.29 10.80
CA ASN H 6 -21.84 66.51 9.53
C ASN H 6 -20.37 66.08 9.62
N LEU H 7 -19.79 65.85 8.45
CA LEU H 7 -18.35 65.64 8.31
C LEU H 7 -17.61 66.94 8.60
N VAL H 8 -16.45 66.83 9.24
CA VAL H 8 -15.52 67.93 9.41
C VAL H 8 -14.64 67.99 8.15
N THR H 9 -14.56 69.16 7.52
CA THR H 9 -13.74 69.34 6.31
C THR H 9 -12.42 70.05 6.64
N GLY H 10 -11.50 70.05 5.66
CA GLY H 10 -10.27 70.81 5.70
C GLY H 10 -9.05 69.94 5.95
N PRO H 11 -7.85 70.54 6.12
CA PRO H 11 -6.63 69.76 6.32
C PRO H 11 -6.72 68.97 7.64
N ASP H 12 -6.09 67.79 7.65
CA ASP H 12 -6.04 66.91 8.82
C ASP H 12 -7.43 66.42 9.22
N SER H 13 -8.42 66.45 8.32
CA SER H 13 -9.75 65.84 8.58
C SER H 13 -9.78 64.34 8.20
N ILE H 14 -8.70 63.86 7.56
CA ILE H 14 -8.57 62.48 7.12
C ILE H 14 -7.29 61.95 7.75
N THR H 15 -7.29 60.67 8.09
CA THR H 15 -6.06 60.02 8.56
C THR H 15 -6.13 58.56 8.14
N THR H 16 -4.96 57.92 8.07
CA THR H 16 -4.91 56.52 7.71
C THR H 16 -4.12 55.80 8.78
N ILE H 17 -4.53 54.57 9.06
CA ILE H 17 -3.88 53.70 10.00
C ILE H 17 -3.46 52.45 9.23
N GLU H 18 -2.20 52.09 9.41
CA GLU H 18 -1.65 50.95 8.70
C GLU H 18 -1.07 50.02 9.78
N LEU H 19 -1.40 48.74 9.71
CA LEU H 19 -0.83 47.78 10.62
C LEU H 19 -0.91 46.38 10.01
N TYR H 20 -0.24 45.45 10.69
CA TYR H 20 -0.41 44.04 10.44
C TYR H 20 -0.63 43.34 11.77
N LEU H 21 -1.24 42.16 11.72
CA LEU H 21 -1.38 41.29 12.84
C LEU H 21 -0.84 39.91 12.46
N ASN H 22 0.10 39.42 13.27
CA ASN H 22 0.63 38.08 13.11
C ASN H 22 -0.39 37.07 13.65
N THR H 23 -0.36 35.87 13.06
CA THR H 23 -1.31 34.82 13.32
C THR H 23 -1.10 34.28 14.74
N ARG H 24 -2.17 33.75 15.32
CA ARG H 24 -2.15 33.16 16.66
C ARG H 24 -2.73 31.74 16.59
N MET H 25 -1.91 30.85 16.02
CA MET H 25 -2.31 29.48 15.76
C MET H 25 -2.07 28.61 16.99
N GLY H 26 -1.21 29.07 17.92
CA GLY H 26 -0.96 28.31 19.15
C GLY H 26 0.45 28.43 19.67
N GLN H 27 1.44 28.30 18.80
CA GLN H 27 2.83 28.70 19.12
C GLN H 27 2.98 30.16 18.70
N ASN H 28 2.75 31.06 19.67
CA ASN H 28 2.55 32.46 19.40
C ASN H 28 3.78 33.30 19.80
N ASP H 29 4.89 32.63 20.09
CA ASP H 29 6.14 33.31 20.48
C ASP H 29 7.09 33.34 19.27
N GLU H 30 7.35 34.53 18.76
CA GLU H 30 8.12 34.76 17.52
C GLU H 30 9.60 34.39 17.69
N SER H 31 10.05 34.12 18.92
CA SER H 31 11.45 33.77 19.15
C SER H 31 11.64 32.24 19.19
N LYS H 32 10.55 31.48 19.06
CA LYS H 32 10.60 30.02 19.18
C LYS H 32 10.26 29.36 17.84
N ASP H 33 10.71 28.10 17.72
CA ASP H 33 10.41 27.25 16.60
C ASP H 33 8.89 27.11 16.47
N ASN H 34 8.41 26.83 15.26
CA ASN H 34 6.99 26.56 15.02
C ASN H 34 6.13 27.81 15.17
N TYR H 35 6.75 29.00 15.15
CA TYR H 35 5.95 30.23 15.20
C TYR H 35 5.00 30.25 13.99
N GLY H 36 3.75 30.65 14.23
CA GLY H 36 2.75 30.76 13.18
C GLY H 36 2.13 29.43 12.81
N TYR H 37 2.41 28.40 13.62
CA TYR H 37 1.72 27.13 13.59
C TYR H 37 1.17 26.81 14.99
N SER H 38 0.20 25.89 15.05
CA SER H 38 -0.24 25.33 16.30
C SER H 38 0.76 24.25 16.73
N GLU H 39 0.66 23.84 17.99
CA GLU H 39 1.26 22.58 18.44
C GLU H 39 0.47 21.46 17.73
N LYS H 40 1.03 20.25 17.77
CA LYS H 40 0.43 19.07 17.19
C LYS H 40 -1.02 18.92 17.71
N VAL H 41 -1.93 18.63 16.78
CA VAL H 41 -3.31 18.39 17.09
C VAL H 41 -3.42 17.03 17.76
N THR H 42 -4.25 16.97 18.81
CA THR H 42 -4.59 15.70 19.49
C THR H 42 -6.10 15.52 19.42
N VAL H 43 -6.58 14.30 19.73
CA VAL H 43 -7.97 13.93 19.56
C VAL H 43 -8.51 13.32 20.85
N ALA H 44 -9.64 13.83 21.33
CA ALA H 44 -10.29 13.34 22.56
C ALA H 44 -10.66 11.87 22.38
N ASN H 45 -10.53 11.10 23.47
CA ASN H 45 -11.00 9.70 23.53
C ASN H 45 -12.52 9.69 23.61
N SER H 46 -13.10 10.70 24.27
CA SER H 46 -14.55 10.82 24.37
C SER H 46 -14.91 12.27 24.66
N SER H 47 -16.20 12.61 24.49
CA SER H 47 -16.64 13.98 24.55
C SER H 47 -16.56 14.54 25.98
N ASP H 48 -16.52 13.64 26.98
CA ASP H 48 -16.41 14.03 28.40
C ASP H 48 -14.95 14.08 28.86
N GLN H 49 -14.01 13.74 27.97
CA GLN H 49 -12.56 13.89 28.22
C GLN H 49 -11.92 14.62 27.03
N ASP H 50 -12.49 15.77 26.69
CA ASP H 50 -12.06 16.56 25.54
C ASP H 50 -11.28 17.74 26.07
N LYS H 51 -9.95 17.57 26.17
CA LYS H 51 -9.08 18.52 26.82
C LYS H 51 -7.92 18.85 25.88
N PRO H 52 -8.05 19.86 25.00
CA PRO H 52 -6.96 20.18 24.07
C PRO H 52 -5.67 20.53 24.82
N THR H 53 -4.54 20.09 24.28
CA THR H 53 -3.24 20.42 24.82
C THR H 53 -3.00 21.92 24.68
N SER H 54 -2.08 22.43 25.50
CA SER H 54 -1.69 23.83 25.43
C SER H 54 -1.05 24.12 24.06
N GLY H 55 -1.56 25.13 23.37
CA GLY H 55 -0.95 25.59 22.13
C GLY H 55 -1.49 24.91 20.86
N GLU H 56 -2.51 24.04 20.95
CA GLU H 56 -3.04 23.37 19.76
C GLU H 56 -4.32 24.04 19.24
N ILE H 57 -4.71 25.19 19.80
CA ILE H 57 -6.00 25.83 19.57
C ILE H 57 -5.74 27.21 18.97
N PRO H 58 -6.15 27.49 17.73
CA PRO H 58 -6.08 28.85 17.18
C PRO H 58 -6.97 29.84 17.97
N THR H 59 -6.49 31.09 18.05
CA THR H 59 -7.21 32.18 18.68
C THR H 59 -7.27 33.36 17.71
N TYR H 60 -8.15 34.31 18.00
CA TYR H 60 -8.25 35.54 17.24
C TYR H 60 -7.03 36.43 17.52
N SER H 61 -6.57 37.12 16.46
CA SER H 61 -5.63 38.20 16.54
C SER H 61 -6.44 39.49 16.73
N THR H 62 -5.97 40.41 17.57
CA THR H 62 -6.67 41.66 17.75
C THR H 62 -5.70 42.73 18.25
N ALA H 63 -6.01 43.99 17.94
CA ALA H 63 -5.27 45.10 18.45
C ALA H 63 -6.23 46.29 18.53
N ARG H 64 -5.97 47.15 19.54
CA ARG H 64 -6.55 48.47 19.65
C ARG H 64 -5.47 49.48 19.23
N ILE H 65 -5.79 50.37 18.29
CA ILE H 65 -4.86 51.36 17.81
C ILE H 65 -5.33 52.74 18.29
N ASN H 66 -4.39 53.50 18.87
CA ASN H 66 -4.65 54.86 19.34
C ASN H 66 -4.70 55.79 18.15
N LEU H 67 -5.76 56.60 18.09
CA LEU H 67 -5.93 57.54 17.02
C LEU H 67 -5.52 58.92 17.51
N PRO H 68 -5.20 59.88 16.60
CA PRO H 68 -4.92 61.25 17.02
C PRO H 68 -6.04 61.81 17.91
N MET H 69 -5.67 62.40 19.06
CA MET H 69 -6.62 62.94 20.03
C MET H 69 -7.39 64.09 19.36
N LEU H 70 -8.68 64.20 19.64
CA LEU H 70 -9.57 65.19 19.08
C LEU H 70 -10.12 66.06 20.23
N ASN H 71 -10.87 67.11 19.88
CA ASN H 71 -11.32 68.16 20.80
C ASN H 71 -11.27 67.74 22.28
N ASN H 77 -21.79 71.28 22.87
CA ASN H 77 -22.96 70.66 22.25
C ASN H 77 -22.53 69.36 21.53
N THR H 78 -21.40 69.41 20.84
CA THR H 78 -20.97 68.38 19.89
C THR H 78 -19.54 67.95 20.22
N LEU H 79 -19.19 66.75 19.77
CA LEU H 79 -17.82 66.24 19.81
C LEU H 79 -17.44 65.78 18.39
N THR H 80 -16.13 65.60 18.19
CA THR H 80 -15.59 65.02 16.98
C THR H 80 -15.18 63.58 17.29
N MET H 81 -15.50 62.66 16.38
CA MET H 81 -15.05 61.27 16.44
C MET H 81 -14.38 60.91 15.10
N TRP H 82 -13.43 59.99 15.14
CA TRP H 82 -12.91 59.36 13.96
C TRP H 82 -13.95 58.30 13.51
N GLU H 83 -14.23 58.33 12.21
CA GLU H 83 -15.14 57.45 11.51
C GLU H 83 -14.33 56.62 10.51
N ALA H 84 -14.30 55.29 10.68
CA ALA H 84 -13.62 54.42 9.73
C ALA H 84 -14.47 54.34 8.46
N VAL H 85 -13.89 54.74 7.34
CA VAL H 85 -14.58 54.84 6.05
C VAL H 85 -14.41 53.56 5.25
N SER H 86 -13.18 53.03 5.22
CA SER H 86 -12.85 51.93 4.34
C SER H 86 -11.57 51.25 4.83
N VAL H 87 -11.35 50.02 4.35
CA VAL H 87 -10.18 49.28 4.67
C VAL H 87 -9.71 48.52 3.42
N LYS H 88 -8.39 48.58 3.19
CA LYS H 88 -7.73 47.65 2.28
C LYS H 88 -7.01 46.63 3.17
N THR H 89 -7.39 45.36 3.02
CA THR H 89 -6.77 44.30 3.82
C THR H 89 -6.38 43.16 2.89
N GLU H 90 -5.30 42.48 3.26
CA GLU H 90 -4.72 41.39 2.49
C GLU H 90 -4.12 40.37 3.44
N VAL H 91 -4.17 39.10 3.06
CA VAL H 91 -3.38 38.08 3.69
C VAL H 91 -1.98 38.14 3.08
N VAL H 92 -0.97 38.15 3.96
CA VAL H 92 0.42 38.27 3.59
C VAL H 92 1.03 36.87 3.56
N GLY H 93 1.96 36.65 2.61
CA GLY H 93 2.72 35.44 2.55
C GLY H 93 1.99 34.25 1.95
N VAL H 94 0.99 34.50 1.09
CA VAL H 94 0.28 33.41 0.40
C VAL H 94 1.28 32.55 -0.40
N SER H 95 2.25 33.19 -1.03
CA SER H 95 3.22 32.49 -1.88
C SER H 95 4.05 31.51 -1.04
N SER H 96 4.10 31.68 0.28
CA SER H 96 4.81 30.76 1.17
C SER H 96 4.23 29.34 1.08
N LEU H 97 2.99 29.22 0.57
CA LEU H 97 2.34 27.90 0.45
C LEU H 97 2.83 27.16 -0.80
N VAL H 98 3.63 27.83 -1.65
CA VAL H 98 4.28 27.19 -2.79
C VAL H 98 5.57 26.56 -2.30
N ASN H 99 5.45 25.52 -1.50
CA ASN H 99 6.61 24.90 -0.85
C ASN H 99 6.22 23.45 -0.57
N VAL H 100 6.86 22.53 -1.28
CA VAL H 100 6.57 21.10 -1.14
C VAL H 100 7.86 20.32 -0.84
N HIS H 101 8.87 20.98 -0.26
CA HIS H 101 10.14 20.30 0.12
C HIS H 101 10.35 20.27 1.63
N MET H 102 9.38 20.71 2.43
CA MET H 102 9.51 20.66 3.89
C MET H 102 9.36 19.21 4.37
N ALA H 103 9.77 18.97 5.62
CA ALA H 103 9.75 17.64 6.22
C ALA H 103 8.32 17.26 6.55
N THR H 104 7.67 16.63 5.56
CA THR H 104 6.26 16.32 5.59
C THR H 104 6.06 14.92 5.01
N LYS H 105 4.85 14.40 5.17
CA LYS H 105 4.38 13.28 4.39
C LYS H 105 4.51 13.65 2.91
N ARG H 106 4.61 12.64 2.04
CA ARG H 106 4.84 12.94 0.64
C ARG H 106 4.02 11.97 -0.22
N MET H 107 3.83 12.38 -1.48
CA MET H 107 3.04 11.65 -2.47
C MET H 107 3.85 10.48 -3.08
N TYR H 108 3.12 9.54 -3.69
CA TYR H 108 3.61 8.51 -4.62
C TYR H 108 4.80 7.73 -4.03
N ASP H 109 4.56 6.99 -2.94
CA ASP H 109 5.52 5.99 -2.43
C ASP H 109 6.88 6.66 -2.15
N ASP H 110 6.83 7.82 -1.48
CA ASP H 110 8.02 8.55 -1.02
C ASP H 110 8.87 9.10 -2.17
N LYS H 111 8.31 9.22 -3.38
CA LYS H 111 9.07 9.76 -4.52
C LYS H 111 8.51 11.13 -4.94
N GLY H 112 7.27 11.44 -4.55
CA GLY H 112 6.58 12.67 -4.99
C GLY H 112 6.80 13.84 -4.04
N ILE H 113 6.02 14.90 -4.27
CA ILE H 113 6.14 16.10 -3.52
C ILE H 113 5.79 15.85 -2.05
N GLY H 114 6.34 16.68 -1.17
CA GLY H 114 5.78 16.84 0.14
C GLY H 114 4.39 17.42 0.07
N PHE H 115 3.50 16.99 0.99
CA PHE H 115 2.18 17.52 1.05
C PHE H 115 2.27 19.02 1.30
N PRO H 116 1.61 19.86 0.47
CA PRO H 116 1.56 21.28 0.79
C PRO H 116 0.64 21.48 2.00
N VAL H 117 0.74 22.64 2.65
CA VAL H 117 -0.23 23.02 3.66
C VAL H 117 -1.60 22.99 2.96
N GLU H 118 -2.55 22.26 3.54
CA GLU H 118 -3.83 22.05 2.90
C GLU H 118 -4.88 21.66 3.95
N GLY H 119 -6.14 21.78 3.53
CA GLY H 119 -7.27 21.47 4.39
C GLY H 119 -8.01 22.73 4.76
N MET H 120 -8.58 22.70 5.98
CA MET H 120 -9.48 23.70 6.46
C MET H 120 -8.92 25.11 6.25
N ASN H 121 -9.76 26.01 5.72
CA ASN H 121 -9.48 27.44 5.65
C ASN H 121 -10.54 28.18 6.44
N PHE H 122 -10.07 29.16 7.23
CA PHE H 122 -10.94 30.03 7.98
C PHE H 122 -10.35 31.42 7.90
N HIS H 123 -11.13 32.37 7.38
CA HIS H 123 -10.65 33.75 7.15
C HIS H 123 -11.72 34.71 7.65
N MET H 124 -11.36 35.56 8.60
CA MET H 124 -12.25 36.59 9.04
C MET H 124 -11.45 37.84 9.42
N PHE H 125 -12.09 39.00 9.24
CA PHE H 125 -11.55 40.23 9.80
C PHE H 125 -12.71 41.11 10.25
N ALA H 126 -12.41 42.02 11.17
CA ALA H 126 -13.36 42.96 11.72
C ALA H 126 -12.65 44.28 11.97
N VAL H 127 -13.36 45.36 11.67
CA VAL H 127 -12.91 46.73 11.95
C VAL H 127 -14.06 47.44 12.65
N GLY H 128 -13.80 48.01 13.82
CA GLY H 128 -14.81 48.68 14.59
C GLY H 128 -14.26 49.77 15.49
N GLY H 129 -15.18 50.50 16.11
CA GLY H 129 -14.89 51.61 17.00
C GLY H 129 -14.94 51.22 18.48
N GLU H 130 -14.93 49.92 18.73
CA GLU H 130 -14.95 49.32 20.05
C GLU H 130 -14.65 47.84 19.87
N PRO H 131 -14.38 47.07 20.94
CA PRO H 131 -14.06 45.65 20.78
C PRO H 131 -15.18 44.89 20.05
N LEU H 132 -14.77 43.91 19.24
CA LEU H 132 -15.68 42.98 18.59
C LEU H 132 -16.45 42.23 19.69
N GLU H 133 -17.78 42.21 19.55
CA GLU H 133 -18.63 41.54 20.52
C GLU H 133 -18.83 40.08 20.09
N LEU H 134 -18.62 39.17 21.05
CA LEU H 134 -18.55 37.74 20.81
C LEU H 134 -19.75 37.03 21.42
N GLN H 135 -20.18 35.97 20.71
CA GLN H 135 -21.15 34.99 21.18
C GLN H 135 -20.40 33.67 21.37
N PHE H 136 -20.64 33.00 22.50
CA PHE H 136 -20.10 31.67 22.72
C PHE H 136 -20.97 30.65 21.98
N LEU H 137 -20.33 29.74 21.26
CA LEU H 137 -20.99 28.59 20.65
C LEU H 137 -19.92 27.56 20.30
N THR H 138 -20.15 26.31 20.69
CA THR H 138 -19.15 25.26 20.63
C THR H 138 -19.78 23.97 20.09
N GLY H 139 -18.94 23.16 19.45
CA GLY H 139 -19.30 21.84 19.01
C GLY H 139 -19.39 20.85 20.16
N ASN H 140 -18.79 21.17 21.32
CA ASN H 140 -18.80 20.28 22.49
C ASN H 140 -18.83 21.14 23.77
N TYR H 141 -19.96 21.15 24.46
CA TYR H 141 -20.13 22.01 25.65
C TYR H 141 -19.15 21.64 26.77
N ARG H 142 -18.67 20.39 26.77
CA ARG H 142 -17.81 19.86 27.83
C ARG H 142 -16.33 20.11 27.58
N THR H 143 -15.98 20.79 26.49
CA THR H 143 -14.55 20.99 26.19
C THR H 143 -13.89 21.62 27.42
N ASP H 144 -12.76 21.04 27.82
CA ASP H 144 -11.99 21.45 29.00
C ASP H 144 -10.74 22.22 28.54
N TYR H 145 -10.72 23.54 28.81
CA TYR H 145 -9.63 24.43 28.35
C TYR H 145 -8.56 24.65 29.43
N SER H 146 -8.56 23.82 30.48
CA SER H 146 -7.75 24.08 31.68
C SER H 146 -6.26 23.74 31.46
N ALA H 147 -5.88 23.19 30.31
CA ALA H 147 -4.44 22.99 30.02
C ALA H 147 -3.75 24.32 29.72
N ASN H 148 -4.53 25.37 29.47
CA ASN H 148 -3.98 26.70 29.17
C ASN H 148 -4.90 27.75 29.78
N ASP H 149 -4.50 28.25 30.95
CA ASP H 149 -5.33 29.15 31.74
C ASP H 149 -5.28 30.57 31.15
N LYS H 150 -4.47 30.79 30.10
CA LYS H 150 -4.40 32.09 29.41
C LYS H 150 -5.57 32.23 28.41
N LEU H 151 -6.23 31.13 28.07
CA LEU H 151 -7.41 31.19 27.18
C LEU H 151 -8.59 31.77 27.94
N VAL H 152 -9.31 32.70 27.29
CA VAL H 152 -10.51 33.28 27.87
C VAL H 152 -11.71 32.48 27.39
N VAL H 153 -12.37 31.80 28.33
CA VAL H 153 -13.52 30.97 28.06
C VAL H 153 -14.51 31.16 29.21
N PRO H 154 -15.80 30.81 29.07
CA PRO H 154 -16.76 30.98 30.16
C PRO H 154 -16.38 30.14 31.38
N PRO H 155 -16.68 30.61 32.61
CA PRO H 155 -16.36 29.87 33.83
C PRO H 155 -17.24 28.64 34.08
N ILE H 156 -18.40 28.54 33.43
CA ILE H 156 -19.32 27.41 33.60
C ILE H 156 -19.65 26.82 32.22
N LYS H 157 -19.97 25.53 32.21
CA LYS H 157 -20.34 24.80 31.02
C LYS H 157 -21.80 24.38 31.14
N HIS H 158 -22.50 24.36 30.01
CA HIS H 158 -23.89 23.91 29.93
C HIS H 158 -24.20 23.41 28.51
N GLN H 159 -25.07 22.41 28.46
CA GLN H 159 -25.50 21.72 27.27
C GLN H 159 -25.95 22.71 26.17
N SER H 160 -26.57 23.81 26.60
CA SER H 160 -27.23 24.75 25.71
C SER H 160 -26.24 25.51 24.80
N THR H 161 -24.95 25.51 25.16
CA THR H 161 -23.92 26.26 24.46
C THR H 161 -23.50 25.57 23.14
N GLN H 162 -24.10 24.41 22.83
CA GLN H 162 -23.95 23.79 21.50
C GLN H 162 -24.90 24.46 20.51
N GLY H 163 -25.79 25.31 21.05
CA GLY H 163 -26.58 26.26 20.28
C GLY H 163 -26.28 27.67 20.73
N LEU H 164 -27.19 28.59 20.40
CA LEU H 164 -27.04 30.01 20.77
C LEU H 164 -27.76 30.21 22.10
N ASN H 165 -26.95 30.42 23.14
CA ASN H 165 -27.44 30.80 24.47
C ASN H 165 -26.94 32.22 24.74
N PRO H 166 -27.82 33.24 24.70
CA PRO H 166 -27.37 34.63 24.78
C PRO H 166 -26.80 35.04 26.15
N HIS H 167 -26.85 34.15 27.15
CA HIS H 167 -26.21 34.39 28.42
C HIS H 167 -24.69 34.22 28.32
N TYR H 168 -24.18 33.70 27.20
CA TYR H 168 -22.74 33.44 27.08
C TYR H 168 -22.11 34.37 26.03
N LYS H 169 -21.63 35.53 26.47
CA LYS H 169 -21.07 36.53 25.60
C LYS H 169 -19.74 37.02 26.15
N GLN H 170 -19.00 37.76 25.33
CA GLN H 170 -17.74 38.35 25.69
C GLN H 170 -17.42 39.46 24.69
N LYS H 171 -16.29 40.12 24.91
CA LYS H 171 -15.72 41.09 24.01
C LYS H 171 -14.27 40.69 23.75
N LEU H 172 -13.84 40.86 22.49
CA LEU H 172 -12.52 40.47 22.07
C LEU H 172 -11.53 41.55 22.49
N THR H 173 -10.98 41.39 23.71
CA THR H 173 -10.16 42.42 24.35
C THR H 173 -8.72 41.97 24.53
N LYS H 174 -8.35 40.77 24.09
CA LYS H 174 -7.00 40.23 24.26
C LYS H 174 -6.59 39.41 23.02
N ASP H 175 -5.42 39.72 22.49
CA ASP H 175 -4.80 39.01 21.38
C ASP H 175 -4.37 37.62 21.84
N GLY H 176 -4.56 36.62 20.99
CA GLY H 176 -4.00 35.30 21.19
C GLY H 176 -4.61 34.57 22.38
N ALA H 177 -5.87 34.87 22.73
CA ALA H 177 -6.46 34.34 23.96
C ALA H 177 -7.88 33.76 23.78
N PHE H 178 -8.65 34.27 22.82
CA PHE H 178 -10.04 33.85 22.61
C PHE H 178 -10.08 32.77 21.54
N PRO H 179 -10.37 31.48 21.88
CA PRO H 179 -10.40 30.43 20.86
C PRO H 179 -11.49 30.65 19.82
N VAL H 180 -11.12 30.44 18.56
CA VAL H 180 -12.01 30.56 17.43
C VAL H 180 -13.11 29.49 17.56
N GLU H 181 -12.77 28.32 18.12
CA GLU H 181 -13.65 27.19 18.08
C GLU H 181 -14.88 27.41 18.95
N CYS H 182 -14.84 28.37 19.88
CA CYS H 182 -15.97 28.54 20.80
C CYS H 182 -16.46 29.99 20.86
N TRP H 183 -15.81 30.92 20.17
CA TRP H 183 -16.28 32.33 20.11
C TRP H 183 -16.48 32.76 18.67
N CYS H 184 -17.61 33.41 18.38
CA CYS H 184 -17.88 33.94 17.08
C CYS H 184 -18.48 35.34 17.23
N PRO H 185 -18.54 36.15 16.15
CA PRO H 185 -19.15 37.47 16.23
C PRO H 185 -20.59 37.35 16.68
N ASP H 186 -20.99 38.21 17.61
CA ASP H 186 -22.36 38.27 18.10
C ASP H 186 -23.18 39.12 17.12
N PRO H 187 -24.08 38.50 16.31
CA PRO H 187 -24.82 39.24 15.30
C PRO H 187 -25.90 40.17 15.90
N SER H 188 -26.24 39.95 17.18
CA SER H 188 -27.27 40.75 17.88
C SER H 188 -26.67 42.08 18.37
N LYS H 189 -25.34 42.22 18.33
CA LYS H 189 -24.67 43.46 18.69
C LYS H 189 -23.81 43.90 17.50
N ASN H 190 -22.60 44.41 17.78
CA ASN H 190 -21.64 44.79 16.75
C ASN H 190 -22.22 45.85 15.81
N GLU H 191 -23.06 46.75 16.35
CA GLU H 191 -23.61 47.87 15.57
C GLU H 191 -22.47 48.79 15.09
N ASN H 192 -21.35 48.81 15.81
CA ASN H 192 -20.27 49.76 15.59
C ASN H 192 -19.01 49.07 15.03
N THR H 193 -19.18 47.84 14.51
CA THR H 193 -18.11 47.03 13.95
C THR H 193 -18.65 46.42 12.64
N ARG H 194 -17.77 46.27 11.65
CA ARG H 194 -18.09 45.51 10.44
C ARG H 194 -17.21 44.25 10.47
N TYR H 195 -17.81 43.08 10.30
CA TYR H 195 -17.01 41.83 10.22
C TYR H 195 -17.41 41.01 8.99
N TYR H 196 -16.45 40.24 8.50
CA TYR H 196 -16.55 39.45 7.29
C TYR H 196 -15.77 38.15 7.52
N GLY H 197 -16.37 37.02 7.15
CA GLY H 197 -15.72 35.74 7.42
C GLY H 197 -16.12 34.71 6.39
N SER H 198 -15.29 33.66 6.30
CA SER H 198 -15.59 32.53 5.50
C SER H 198 -14.94 31.30 6.14
N TYR H 199 -15.50 30.13 5.86
CA TYR H 199 -14.99 28.86 6.29
C TYR H 199 -15.10 27.88 5.11
N THR H 200 -14.03 27.16 4.82
CA THR H 200 -14.03 26.06 3.90
C THR H 200 -13.43 24.88 4.63
N GLY H 201 -14.21 23.80 4.78
CA GLY H 201 -13.85 22.72 5.65
C GLY H 201 -13.23 21.56 4.89
N GLY H 202 -13.53 20.35 5.37
CA GLY H 202 -13.01 19.12 4.78
C GLY H 202 -11.62 18.80 5.33
N GLN H 203 -11.07 17.68 4.86
CA GLN H 203 -9.87 17.07 5.45
C GLN H 203 -8.59 17.62 4.78
N SER H 204 -8.54 17.54 3.44
CA SER H 204 -7.33 17.82 2.63
C SER H 204 -7.60 18.87 1.57
N THR H 205 -8.68 19.62 1.76
CA THR H 205 -9.22 20.56 0.79
C THR H 205 -8.14 21.51 0.29
N PRO H 206 -8.04 21.76 -1.03
CA PRO H 206 -7.14 22.76 -1.56
C PRO H 206 -7.47 24.14 -0.99
N PRO H 207 -6.50 24.87 -0.40
CA PRO H 207 -6.70 26.27 -0.06
C PRO H 207 -6.88 27.07 -1.34
N VAL H 208 -7.79 28.04 -1.32
CA VAL H 208 -8.03 28.93 -2.44
C VAL H 208 -7.91 30.34 -1.89
N LEU H 209 -6.84 31.04 -2.29
CA LEU H 209 -6.49 32.31 -1.69
C LEU H 209 -6.19 33.32 -2.81
N GLN H 210 -6.49 34.59 -2.53
CA GLN H 210 -6.19 35.70 -3.41
C GLN H 210 -5.37 36.73 -2.62
N PHE H 211 -4.54 37.49 -3.32
CA PHE H 211 -3.89 38.67 -2.76
C PHE H 211 -3.75 39.75 -3.83
N THR H 212 -4.14 40.97 -3.46
CA THR H 212 -4.00 42.12 -4.35
C THR H 212 -3.98 43.37 -3.47
N ASN H 213 -3.42 44.46 -4.01
CA ASN H 213 -3.40 45.76 -3.32
C ASN H 213 -4.43 46.69 -3.96
N THR H 214 -5.44 46.15 -4.67
CA THR H 214 -6.32 47.00 -5.48
C THR H 214 -7.78 47.01 -4.99
N VAL H 215 -8.08 46.32 -3.88
CA VAL H 215 -9.46 46.17 -3.41
C VAL H 215 -9.65 46.95 -2.12
N THR H 216 -10.66 47.84 -2.14
CA THR H 216 -11.10 48.63 -1.01
C THR H 216 -12.45 48.07 -0.54
N THR H 217 -12.54 47.79 0.76
CA THR H 217 -13.77 47.40 1.40
C THR H 217 -14.35 48.63 2.09
N VAL H 218 -15.55 49.06 1.67
CA VAL H 218 -16.25 50.17 2.25
C VAL H 218 -16.84 49.74 3.60
N LEU H 219 -16.59 50.52 4.66
CA LEU H 219 -17.06 50.22 6.02
C LEU H 219 -18.33 51.00 6.38
N LEU H 220 -18.78 51.91 5.53
CA LEU H 220 -20.00 52.67 5.78
C LEU H 220 -21.19 51.72 5.77
N ASP H 221 -22.14 51.96 6.68
CA ASP H 221 -23.36 51.17 6.77
C ASP H 221 -24.37 51.72 5.77
N GLU H 222 -25.61 51.21 5.83
CA GLU H 222 -26.66 51.56 4.88
C GLU H 222 -27.01 53.07 4.99
N ASN H 223 -26.68 53.72 6.10
CA ASN H 223 -26.97 55.14 6.29
C ASN H 223 -25.76 56.00 5.95
N GLY H 224 -24.67 55.39 5.46
CA GLY H 224 -23.46 56.16 5.07
C GLY H 224 -22.55 56.49 6.26
N VAL H 225 -22.69 55.73 7.36
CA VAL H 225 -21.92 55.95 8.57
C VAL H 225 -21.02 54.74 8.83
N GLY H 226 -19.74 55.03 9.06
CA GLY H 226 -18.74 54.02 9.35
C GLY H 226 -18.63 53.81 10.85
N PRO H 227 -17.88 52.80 11.32
CA PRO H 227 -17.60 52.65 12.74
C PRO H 227 -17.07 53.96 13.31
N LEU H 228 -17.58 54.33 14.49
CA LEU H 228 -17.19 55.53 15.22
C LEU H 228 -16.32 55.12 16.40
N CYS H 229 -15.10 55.70 16.46
CA CYS H 229 -14.05 55.23 17.32
C CYS H 229 -14.18 55.86 18.69
N LYS H 230 -14.79 55.10 19.61
CA LYS H 230 -15.03 55.55 20.96
C LYS H 230 -13.69 55.64 21.71
N GLY H 231 -13.48 56.79 22.36
CA GLY H 231 -12.28 57.06 23.09
C GLY H 231 -11.03 57.06 22.19
N ASP H 232 -11.23 57.45 20.92
CA ASP H 232 -10.19 57.50 19.91
C ASP H 232 -9.44 56.16 19.82
N GLY H 233 -10.19 55.05 19.90
CA GLY H 233 -9.64 53.72 19.70
C GLY H 233 -10.23 53.02 18.47
N LEU H 234 -9.35 52.48 17.64
CA LEU H 234 -9.73 51.70 16.45
C LEU H 234 -9.40 50.25 16.75
N TYR H 235 -10.37 49.35 16.55
CA TYR H 235 -10.22 47.94 16.89
C TYR H 235 -10.20 47.11 15.61
N VAL H 236 -9.15 46.29 15.47
CA VAL H 236 -8.94 45.46 14.33
C VAL H 236 -8.72 44.03 14.83
N SER H 237 -9.45 43.08 14.24
CA SER H 237 -9.44 41.67 14.65
C SER H 237 -9.41 40.78 13.41
N CYS H 238 -8.83 39.57 13.52
CA CYS H 238 -8.82 38.69 12.38
C CYS H 238 -8.38 37.28 12.80
N CYS H 239 -8.56 36.36 11.85
CA CYS H 239 -7.99 35.02 11.93
C CYS H 239 -7.90 34.49 10.50
N ASP H 240 -6.73 33.93 10.16
CA ASP H 240 -6.49 33.42 8.81
C ASP H 240 -5.76 32.08 8.86
N ILE H 241 -6.54 31.01 8.92
CA ILE H 241 -6.06 29.62 8.87
C ILE H 241 -6.05 29.20 7.41
N VAL H 242 -4.90 28.69 6.92
CA VAL H 242 -4.77 28.32 5.53
C VAL H 242 -4.63 26.81 5.36
N GLY H 243 -4.67 26.05 6.47
CA GLY H 243 -4.65 24.60 6.39
C GLY H 243 -3.77 23.97 7.46
N PHE H 244 -3.40 22.70 7.23
CA PHE H 244 -2.54 21.95 8.13
C PHE H 244 -1.26 21.55 7.44
N LEU H 245 -0.16 21.60 8.20
CA LEU H 245 1.09 20.98 7.82
C LEU H 245 1.04 19.52 8.31
N VAL H 246 1.29 18.58 7.40
CA VAL H 246 1.23 17.16 7.70
C VAL H 246 2.66 16.63 7.81
N GLY H 247 3.07 16.33 9.06
CA GLY H 247 4.41 15.80 9.34
C GLY H 247 4.56 14.40 8.80
N LYS H 248 5.81 13.93 8.77
CA LYS H 248 6.18 12.59 8.23
C LYS H 248 5.27 11.50 8.77
N ASP H 249 4.97 11.55 10.08
CA ASP H 249 4.27 10.46 10.76
C ASP H 249 2.75 10.68 10.72
N GLY H 250 2.27 11.79 10.12
CA GLY H 250 0.83 12.08 10.05
C GLY H 250 0.35 13.07 11.12
N ASP H 251 1.24 13.49 12.02
CA ASP H 251 1.01 14.56 12.99
C ASP H 251 0.71 15.84 12.22
N MET H 252 -0.27 16.62 12.72
CA MET H 252 -0.76 17.78 11.96
C MET H 252 -0.77 19.01 12.85
N GLN H 253 -0.47 20.17 12.25
CA GLN H 253 -0.46 21.45 12.89
C GLN H 253 -1.18 22.46 12.00
N TYR H 254 -2.03 23.29 12.60
CA TYR H 254 -2.60 24.44 11.93
C TYR H 254 -1.48 25.35 11.43
N ARG H 255 -1.68 25.94 10.25
CA ARG H 255 -0.84 26.98 9.75
C ARG H 255 -1.70 28.22 9.51
N GLY H 256 -1.22 29.37 10.01
CA GLY H 256 -1.88 30.66 9.83
C GLY H 256 -0.96 31.64 9.14
N LEU H 257 -1.53 32.70 8.58
CA LEU H 257 -0.77 33.74 7.89
C LEU H 257 -1.16 35.09 8.46
N PRO H 258 -0.25 36.08 8.41
CA PRO H 258 -0.54 37.42 8.91
C PRO H 258 -1.50 38.14 7.96
N ARG H 259 -2.14 39.19 8.49
CA ARG H 259 -3.02 40.01 7.73
C ARG H 259 -2.60 41.48 7.91
N TYR H 260 -2.62 42.18 6.78
CA TYR H 260 -2.29 43.61 6.69
C TYR H 260 -3.60 44.40 6.55
N PHE H 261 -3.59 45.62 7.11
CA PHE H 261 -4.72 46.52 7.07
C PHE H 261 -4.26 47.95 6.81
N ASN H 262 -4.98 48.63 5.91
CA ASN H 262 -4.83 50.05 5.66
C ASN H 262 -6.23 50.66 5.75
N ILE H 263 -6.48 51.38 6.86
CA ILE H 263 -7.80 51.86 7.19
C ILE H 263 -7.79 53.38 7.04
N LEU H 264 -8.77 53.88 6.28
CA LEU H 264 -8.97 55.33 6.08
C LEU H 264 -10.05 55.80 7.06
N LEU H 265 -9.76 56.89 7.78
CA LEU H 265 -10.70 57.44 8.75
C LEU H 265 -10.90 58.95 8.48
N ARG H 266 -12.07 59.45 8.83
CA ARG H 266 -12.40 60.87 8.64
C ARG H 266 -13.05 61.39 9.93
N LYS H 267 -12.97 62.71 10.13
CA LYS H 267 -13.54 63.35 11.30
C LYS H 267 -15.03 63.53 11.09
N ARG H 268 -15.80 63.14 12.11
CA ARG H 268 -17.23 63.21 12.08
C ARG H 268 -17.69 63.94 13.35
N THR H 269 -18.54 64.95 13.15
CA THR H 269 -19.20 65.64 14.24
C THR H 269 -20.37 64.78 14.72
N VAL H 270 -20.49 64.61 16.05
CA VAL H 270 -21.60 63.90 16.67
C VAL H 270 -22.16 64.75 17.81
N ARG H 271 -23.41 64.47 18.18
CA ARG H 271 -24.10 65.17 19.28
C ARG H 271 -23.55 64.64 20.59
N ASN H 272 -23.34 65.57 21.54
CA ASN H 272 -22.79 65.28 22.86
C ASN H 272 -23.79 65.71 23.93
N ASN I 1 5.40 61.51 -2.77
CA ASN I 1 6.70 62.14 -3.20
C ASN I 1 6.50 62.91 -4.52
N ILE I 2 5.84 62.30 -5.52
CA ILE I 2 5.60 62.91 -6.85
C ILE I 2 4.27 63.66 -6.83
N GLU I 3 4.33 64.97 -7.13
CA GLU I 3 3.13 65.77 -7.29
C GLU I 3 2.63 65.59 -8.73
N VAL I 4 1.42 65.05 -8.87
CA VAL I 4 0.87 64.67 -10.14
C VAL I 4 0.05 65.84 -10.66
N LEU I 5 0.32 66.30 -11.88
CA LEU I 5 -0.45 67.39 -12.47
C LEU I 5 -1.34 66.81 -13.57
N ASN I 6 -1.54 67.56 -14.67
CA ASN I 6 -2.54 67.23 -15.67
C ASN I 6 -2.01 66.20 -16.67
N LEU I 7 -2.96 65.53 -17.35
CA LEU I 7 -2.64 64.70 -18.50
C LEU I 7 -2.14 65.58 -19.63
N VAL I 8 -1.19 65.06 -20.40
CA VAL I 8 -0.81 65.63 -21.68
C VAL I 8 -1.79 65.07 -22.72
N THR I 9 -2.44 65.95 -23.49
CA THR I 9 -3.44 65.56 -24.48
C THR I 9 -2.81 65.64 -25.89
N GLY I 10 -3.52 65.04 -26.85
CA GLY I 10 -3.19 65.21 -28.26
C GLY I 10 -2.57 63.95 -28.84
N PRO I 11 -2.14 63.98 -30.13
CA PRO I 11 -1.58 62.80 -30.77
C PRO I 11 -0.27 62.40 -30.07
N ASP I 12 0.02 61.10 -30.06
CA ASP I 12 1.28 60.57 -29.49
C ASP I 12 1.37 60.83 -27.97
N SER I 13 0.23 61.06 -27.31
CA SER I 13 0.19 61.14 -25.82
C SER I 13 -0.02 59.75 -25.19
N ILE I 14 -0.23 58.73 -26.03
CA ILE I 14 -0.50 57.34 -25.63
C ILE I 14 0.57 56.46 -26.28
N THR I 15 0.94 55.38 -25.60
CA THR I 15 1.81 54.38 -26.19
C THR I 15 1.45 53.03 -25.57
N THR I 16 1.82 51.95 -26.26
CA THR I 16 1.60 50.63 -25.73
C THR I 16 2.92 49.87 -25.71
N ILE I 17 3.05 49.01 -24.72
CA ILE I 17 4.19 48.15 -24.55
C ILE I 17 3.67 46.72 -24.55
N GLU I 18 4.29 45.88 -25.36
CA GLU I 18 3.87 44.50 -25.49
C GLU I 18 5.09 43.62 -25.21
N LEU I 19 4.95 42.63 -24.32
CA LEU I 19 6.04 41.73 -24.02
C LEU I 19 5.48 40.44 -23.44
N TYR I 20 6.37 39.47 -23.28
CA TYR I 20 6.11 38.25 -22.57
C TYR I 20 7.27 37.98 -21.62
N LEU I 21 6.99 37.18 -20.59
CA LEU I 21 7.99 36.68 -19.69
C LEU I 21 7.87 35.17 -19.62
N ASN I 22 8.98 34.49 -19.87
CA ASN I 22 9.06 33.04 -19.75
C ASN I 22 9.13 32.66 -18.27
N THR I 23 8.64 31.46 -17.96
CA THR I 23 8.49 30.99 -16.60
C THR I 23 9.89 30.68 -16.04
N ARG I 24 10.02 30.77 -14.73
CA ARG I 24 11.26 30.49 -14.00
C ARG I 24 10.98 29.47 -12.89
N MET I 25 10.78 28.22 -13.33
CA MET I 25 10.38 27.14 -12.45
C MET I 25 11.61 26.48 -11.82
N GLY I 26 12.80 26.69 -12.42
CA GLY I 26 14.03 26.16 -11.81
C GLY I 26 15.08 25.78 -12.85
N GLN I 27 14.65 25.08 -13.91
CA GLN I 27 15.49 24.92 -15.09
C GLN I 27 15.15 26.08 -16.03
N ASN I 28 15.94 27.15 -15.93
CA ASN I 28 15.61 28.44 -16.50
C ASN I 28 16.43 28.74 -17.76
N ASP I 29 17.16 27.74 -18.25
CA ASP I 29 18.00 27.89 -19.45
C ASP I 29 17.27 27.26 -20.64
N GLU I 30 16.91 28.10 -21.60
CA GLU I 30 16.09 27.74 -22.76
C GLU I 30 16.84 26.82 -23.73
N SER I 31 18.14 26.62 -23.53
CA SER I 31 18.94 25.74 -24.41
C SER I 31 19.04 24.33 -23.82
N LYS I 32 18.47 24.09 -22.65
CA LYS I 32 18.62 22.80 -21.97
C LYS I 32 17.26 22.11 -21.84
N ASP I 33 17.32 20.79 -21.67
CA ASP I 33 16.18 19.94 -21.45
C ASP I 33 15.48 20.41 -20.17
N ASN I 34 14.18 20.14 -20.07
CA ASN I 34 13.42 20.48 -18.86
C ASN I 34 13.20 21.99 -18.70
N TYR I 35 13.43 22.77 -19.76
CA TYR I 35 13.14 24.21 -19.68
C TYR I 35 11.66 24.39 -19.36
N GLY I 36 11.36 25.33 -18.47
CA GLY I 36 9.99 25.64 -18.08
C GLY I 36 9.43 24.66 -17.06
N TYR I 37 10.29 23.80 -16.53
CA TYR I 37 10.00 22.95 -15.41
C TYR I 37 11.05 23.18 -14.31
N SER I 38 10.72 22.77 -13.08
CA SER I 38 11.70 22.67 -12.03
C SER I 38 12.49 21.36 -12.23
N GLU I 39 13.63 21.28 -11.54
CA GLU I 39 14.27 19.97 -11.29
C GLU I 39 13.32 19.20 -10.36
N LYS I 40 13.58 17.90 -10.24
CA LYS I 40 12.82 17.01 -9.40
C LYS I 40 12.74 17.59 -7.99
N VAL I 41 11.53 17.57 -7.42
CA VAL I 41 11.29 17.99 -6.06
C VAL I 41 11.86 16.93 -5.12
N THR I 42 12.54 17.40 -4.05
CA THR I 42 13.04 16.55 -2.97
C THR I 42 12.40 17.03 -1.67
N VAL I 43 12.47 16.21 -0.63
CA VAL I 43 11.73 16.44 0.61
C VAL I 43 12.71 16.31 1.78
N ALA I 44 12.72 17.32 2.65
CA ALA I 44 13.63 17.36 3.79
C ALA I 44 13.36 16.17 4.72
N ASN I 45 14.44 15.61 5.28
CA ASN I 45 14.37 14.58 6.30
C ASN I 45 13.91 15.19 7.61
N SER I 46 14.29 16.44 7.86
CA SER I 46 13.80 17.18 9.04
C SER I 46 13.89 18.68 8.75
N SER I 47 13.24 19.49 9.58
CA SER I 47 13.11 20.93 9.33
C SER I 47 14.44 21.64 9.49
N ASP I 48 15.40 21.02 10.20
CA ASP I 48 16.76 21.59 10.38
C ASP I 48 17.73 21.05 9.32
N GLN I 49 17.25 20.19 8.42
CA GLN I 49 18.01 19.73 7.23
C GLN I 49 17.14 19.93 5.98
N ASP I 50 16.61 21.15 5.82
CA ASP I 50 15.70 21.47 4.74
C ASP I 50 16.50 22.33 3.74
N LYS I 51 17.10 21.64 2.78
CA LYS I 51 18.06 22.22 1.87
C LYS I 51 17.66 21.86 0.44
N PRO I 52 16.79 22.66 -0.22
CA PRO I 52 16.37 22.32 -1.58
C PRO I 52 17.56 22.20 -2.52
N THR I 53 17.48 21.23 -3.44
CA THR I 53 18.47 21.05 -4.48
C THR I 53 18.46 22.27 -5.41
N SER I 54 19.57 22.47 -6.13
CA SER I 54 19.66 23.52 -7.10
C SER I 54 18.61 23.28 -8.21
N GLY I 55 17.78 24.28 -8.50
CA GLY I 55 16.85 24.22 -9.63
C GLY I 55 15.49 23.64 -9.30
N GLU I 56 15.19 23.33 -8.01
CA GLU I 56 13.87 22.75 -7.69
C GLU I 56 12.89 23.80 -7.14
N ILE I 57 13.28 25.07 -7.16
CA ILE I 57 12.56 26.16 -6.47
C ILE I 57 12.08 27.17 -7.51
N PRO I 58 10.77 27.37 -7.72
CA PRO I 58 10.28 28.44 -8.58
C PRO I 58 10.67 29.83 -8.07
N THR I 59 10.91 30.76 -9.00
CA THR I 59 11.23 32.13 -8.72
C THR I 59 10.32 33.03 -9.55
N TYR I 60 10.25 34.31 -9.17
CA TYR I 60 9.48 35.29 -9.93
C TYR I 60 10.21 35.61 -11.24
N SER I 61 9.41 35.83 -12.28
CA SER I 61 9.83 36.40 -13.53
C SER I 61 9.71 37.93 -13.40
N THR I 62 10.66 38.69 -13.94
CA THR I 62 10.55 40.13 -13.91
C THR I 62 11.38 40.71 -15.04
N ALA I 63 10.95 41.90 -15.50
CA ALA I 63 11.75 42.67 -16.43
C ALA I 63 11.44 44.14 -16.21
N ARG I 64 12.44 44.97 -16.49
CA ARG I 64 12.33 46.41 -16.63
C ARG I 64 12.34 46.74 -18.12
N ILE I 65 11.34 47.48 -18.59
CA ILE I 65 11.21 47.83 -20.00
C ILE I 65 11.47 49.32 -20.15
N ASN I 66 12.36 49.68 -21.09
CA ASN I 66 12.70 51.08 -21.37
C ASN I 66 11.56 51.72 -22.18
N LEU I 67 11.10 52.88 -21.71
CA LEU I 67 10.04 53.58 -22.36
C LEU I 67 10.63 54.71 -23.19
N PRO I 68 9.91 55.24 -24.21
CA PRO I 68 10.42 56.39 -24.96
C PRO I 68 10.77 57.55 -24.01
N MET I 69 11.98 58.11 -24.15
CA MET I 69 12.43 59.23 -23.31
C MET I 69 11.56 60.45 -23.67
N LEU I 70 11.20 61.25 -22.66
CA LEU I 70 10.26 62.37 -22.82
C LEU I 70 10.97 63.72 -22.57
N ASN I 71 11.70 63.81 -21.46
CA ASN I 71 12.21 65.09 -20.94
C ASN I 71 13.57 65.39 -21.57
N GLU I 72 13.66 66.53 -22.26
CA GLU I 72 14.95 67.05 -22.76
C GLU I 72 15.63 67.86 -21.64
N ASP I 73 14.86 68.68 -20.92
CA ASP I 73 15.40 69.64 -19.92
C ASP I 73 15.06 69.18 -18.50
N LEU I 74 16.08 68.77 -17.72
CA LEU I 74 15.92 68.29 -16.34
C LEU I 74 15.83 69.45 -15.34
N THR I 75 16.01 70.70 -15.80
CA THR I 75 15.98 71.90 -14.96
C THR I 75 14.60 72.58 -15.00
N SER I 76 13.64 72.05 -15.76
CA SER I 76 12.30 72.66 -15.93
C SER I 76 11.47 72.54 -14.65
N ASN I 77 10.38 73.31 -14.57
CA ASN I 77 9.46 73.28 -13.42
C ASN I 77 8.74 71.92 -13.32
N THR I 78 8.39 71.36 -14.47
CA THR I 78 7.62 70.13 -14.59
C THR I 78 8.36 69.16 -15.52
N LEU I 79 8.06 67.87 -15.35
CA LEU I 79 8.50 66.81 -16.26
C LEU I 79 7.27 66.06 -16.75
N THR I 80 7.48 65.29 -17.82
CA THR I 80 6.50 64.34 -18.30
C THR I 80 6.96 62.94 -17.86
N MET I 81 6.01 62.12 -17.37
CA MET I 81 6.22 60.71 -17.08
C MET I 81 5.17 59.87 -17.81
N TRP I 82 5.53 58.63 -18.13
CA TRP I 82 4.58 57.66 -18.58
C TRP I 82 3.82 57.12 -17.36
N GLU I 83 2.49 57.08 -17.50
CA GLU I 83 1.55 56.57 -16.52
C GLU I 83 0.86 55.33 -17.11
N ALA I 84 1.03 54.16 -16.46
CA ALA I 84 0.40 52.94 -16.91
C ALA I 84 -1.09 53.00 -16.58
N VAL I 85 -1.94 52.92 -17.61
CA VAL I 85 -3.40 53.08 -17.48
C VAL I 85 -4.07 51.72 -17.30
N SER I 86 -3.65 50.72 -18.08
CA SER I 86 -4.34 49.44 -18.13
C SER I 86 -3.42 48.36 -18.72
N VAL I 87 -3.79 47.10 -18.49
CA VAL I 87 -3.00 46.00 -19.01
C VAL I 87 -3.97 44.90 -19.46
N LYS I 88 -3.68 44.35 -20.63
CA LYS I 88 -4.25 43.08 -21.06
C LYS I 88 -3.17 42.00 -20.88
N THR I 89 -3.46 41.02 -20.03
CA THR I 89 -2.46 39.98 -19.73
C THR I 89 -3.16 38.62 -19.82
N GLU I 90 -2.38 37.64 -20.29
CA GLU I 90 -2.86 36.30 -20.56
C GLU I 90 -1.75 35.30 -20.25
N VAL I 91 -2.15 34.13 -19.76
CA VAL I 91 -1.22 33.00 -19.71
C VAL I 91 -1.21 32.35 -21.09
N VAL I 92 0.01 32.12 -21.61
CA VAL I 92 0.24 31.57 -22.93
C VAL I 92 0.44 30.07 -22.81
N GLY I 93 -0.06 29.33 -23.82
CA GLY I 93 0.24 27.89 -23.94
C GLY I 93 -0.57 27.02 -23.01
N VAL I 94 -1.78 27.49 -22.63
CA VAL I 94 -2.67 26.70 -21.78
C VAL I 94 -3.00 25.39 -22.49
N SER I 95 -3.21 25.44 -23.81
CA SER I 95 -3.58 24.26 -24.57
C SER I 95 -2.50 23.16 -24.46
N SER I 96 -1.26 23.54 -24.14
CA SER I 96 -0.15 22.59 -23.98
C SER I 96 -0.44 21.58 -22.87
N LEU I 97 -1.38 21.91 -21.97
CA LEU I 97 -1.75 21.00 -20.87
C LEU I 97 -2.71 19.90 -21.36
N VAL I 98 -3.17 19.98 -22.62
CA VAL I 98 -3.98 18.93 -23.24
C VAL I 98 -3.04 17.87 -23.80
N ASN I 99 -2.38 17.14 -22.91
CA ASN I 99 -1.31 16.23 -23.27
C ASN I 99 -1.23 15.19 -22.18
N VAL I 100 -1.62 13.96 -22.51
CA VAL I 100 -1.61 12.85 -21.56
C VAL I 100 -0.83 11.66 -22.15
N HIS I 101 0.08 11.92 -23.10
CA HIS I 101 0.95 10.85 -23.68
C HIS I 101 2.42 11.02 -23.31
N MET I 102 2.75 12.00 -22.43
CA MET I 102 4.12 12.20 -22.01
C MET I 102 4.53 11.07 -21.06
N ALA I 103 5.85 10.93 -20.87
CA ALA I 103 6.39 9.84 -20.04
C ALA I 103 6.11 10.17 -18.56
N THR I 104 4.96 9.70 -18.10
CA THR I 104 4.42 10.01 -16.79
C THR I 104 3.81 8.74 -16.19
N LYS I 105 3.50 8.82 -14.91
CA LYS I 105 2.60 7.87 -14.27
C LYS I 105 1.27 7.89 -15.04
N ARG I 106 0.52 6.79 -14.96
CA ARG I 106 -0.69 6.70 -15.76
C ARG I 106 -1.81 6.04 -14.95
N MET I 107 -3.05 6.26 -15.42
CA MET I 107 -4.26 5.78 -14.75
C MET I 107 -4.51 4.30 -15.06
N TYR I 108 -5.35 3.68 -14.20
CA TYR I 108 -6.00 2.38 -14.43
C TYR I 108 -5.00 1.28 -14.84
N ASP I 109 -4.11 0.93 -13.91
CA ASP I 109 -3.25 -0.27 -14.05
C ASP I 109 -2.46 -0.22 -15.36
N ASP I 110 -1.87 0.95 -15.64
CA ASP I 110 -0.97 1.17 -16.80
C ASP I 110 -1.69 1.05 -18.14
N LYS I 111 -3.02 1.17 -18.17
CA LYS I 111 -3.77 1.11 -19.43
C LYS I 111 -4.37 2.48 -19.80
N GLY I 112 -4.50 3.37 -18.82
CA GLY I 112 -5.18 4.66 -19.00
C GLY I 112 -4.22 5.78 -19.41
N ILE I 113 -4.75 7.01 -19.41
CA ILE I 113 -3.99 8.18 -19.77
C ILE I 113 -2.81 8.37 -18.84
N GLY I 114 -1.76 9.02 -19.36
CA GLY I 114 -0.78 9.65 -18.51
C GLY I 114 -1.41 10.74 -17.66
N PHE I 115 -0.90 10.91 -16.44
CA PHE I 115 -1.36 11.98 -15.58
C PHE I 115 -1.08 13.29 -16.28
N PRO I 116 -2.09 14.18 -16.44
CA PRO I 116 -1.79 15.52 -16.97
C PRO I 116 -1.05 16.30 -15.88
N VAL I 117 -0.40 17.40 -16.29
CA VAL I 117 0.11 18.37 -15.30
C VAL I 117 -1.07 18.78 -14.42
N GLU I 118 -0.91 18.64 -13.10
CA GLU I 118 -2.00 18.89 -12.18
C GLU I 118 -1.45 19.22 -10.79
N GLY I 119 -2.33 19.76 -9.93
CA GLY I 119 -2.01 20.11 -8.58
C GLY I 119 -1.97 21.62 -8.41
N MET I 120 -1.08 22.05 -7.51
CA MET I 120 -0.97 23.42 -7.08
C MET I 120 -0.93 24.38 -8.28
N ASN I 121 -1.73 25.43 -8.19
CA ASN I 121 -1.69 26.56 -9.13
C ASN I 121 -1.38 27.83 -8.33
N PHE I 122 -0.47 28.63 -8.88
CA PHE I 122 -0.10 29.90 -8.32
C PHE I 122 0.05 30.87 -9.48
N HIS I 123 -0.72 31.96 -9.46
CA HIS I 123 -0.75 32.91 -10.59
C HIS I 123 -0.72 34.32 -9.99
N MET I 124 0.31 35.09 -10.35
CA MET I 124 0.37 36.47 -9.95
C MET I 124 1.03 37.30 -11.05
N PHE I 125 0.62 38.56 -11.11
CA PHE I 125 1.34 39.52 -11.95
C PHE I 125 1.30 40.89 -11.27
N ALA I 126 2.27 41.71 -11.64
CA ALA I 126 2.44 43.06 -11.12
C ALA I 126 2.92 43.96 -12.25
N VAL I 127 2.36 45.16 -12.28
CA VAL I 127 2.78 46.22 -13.19
C VAL I 127 2.99 47.48 -12.35
N GLY I 128 4.18 48.07 -12.45
CA GLY I 128 4.52 49.23 -11.66
C GLY I 128 5.56 50.12 -12.34
N GLY I 129 5.79 51.29 -11.72
CA GLY I 129 6.73 52.27 -12.17
C GLY I 129 8.08 52.20 -11.46
N GLU I 130 8.31 51.08 -10.77
CA GLU I 130 9.54 50.80 -10.05
C GLU I 130 9.48 49.32 -9.66
N PRO I 131 10.59 48.72 -9.18
CA PRO I 131 10.58 47.30 -8.83
C PRO I 131 9.50 46.98 -7.76
N LEU I 132 8.88 45.82 -7.91
CA LEU I 132 7.95 45.27 -6.94
C LEU I 132 8.67 45.14 -5.58
N GLU I 133 8.04 45.68 -4.54
CA GLU I 133 8.59 45.61 -3.18
C GLU I 133 8.11 44.32 -2.49
N LEU I 134 9.04 43.59 -1.93
CA LEU I 134 8.85 42.27 -1.38
C LEU I 134 8.95 42.28 0.15
N GLN I 135 8.14 41.41 0.77
CA GLN I 135 8.20 41.04 2.17
C GLN I 135 8.63 39.58 2.26
N PHE I 136 9.60 39.27 3.13
CA PHE I 136 10.00 37.91 3.40
C PHE I 136 8.97 37.25 4.32
N LEU I 137 8.56 36.02 3.97
CA LEU I 137 7.79 35.16 4.89
C LEU I 137 7.89 33.74 4.37
N THR I 138 8.18 32.79 5.28
CA THR I 138 8.47 31.42 4.90
C THR I 138 7.74 30.45 5.83
N GLY I 139 7.46 29.26 5.31
CA GLY I 139 6.92 28.16 6.09
C GLY I 139 7.97 27.52 6.99
N ASN I 140 9.26 27.76 6.71
CA ASN I 140 10.36 27.17 7.52
C ASN I 140 11.53 28.16 7.57
N TYR I 141 11.74 28.79 8.74
CA TYR I 141 12.78 29.82 8.89
C TYR I 141 14.19 29.26 8.64
N ARG I 142 14.35 27.95 8.82
CA ARG I 142 15.64 27.28 8.74
C ARG I 142 15.98 26.83 7.31
N THR I 143 15.11 27.10 6.33
CA THR I 143 15.38 26.62 4.99
C THR I 143 16.76 27.11 4.57
N ASP I 144 17.56 26.19 4.04
CA ASP I 144 18.94 26.42 3.62
C ASP I 144 18.98 26.52 2.09
N TYR I 145 19.24 27.74 1.57
CA TYR I 145 19.25 28.01 0.13
C TYR I 145 20.66 27.91 -0.49
N SER I 146 21.62 27.37 0.25
CA SER I 146 23.04 27.45 -0.13
C SER I 146 23.40 26.48 -1.26
N ALA I 147 22.49 25.61 -1.71
CA ALA I 147 22.78 24.76 -2.88
C ALA I 147 22.76 25.59 -4.18
N ASN I 148 22.21 26.80 -4.12
CA ASN I 148 22.16 27.68 -5.27
C ASN I 148 22.36 29.11 -4.80
N ASP I 149 23.60 29.59 -4.94
CA ASP I 149 23.99 30.88 -4.37
C ASP I 149 23.49 32.01 -5.28
N LYS I 150 22.85 31.69 -6.41
CA LYS I 150 22.26 32.71 -7.33
C LYS I 150 20.88 33.15 -6.80
N LEU I 151 20.28 32.40 -5.86
CA LEU I 151 19.01 32.81 -5.26
C LEU I 151 19.24 33.99 -4.30
N VAL I 152 18.39 35.02 -4.40
CA VAL I 152 18.44 36.14 -3.49
C VAL I 152 17.50 35.87 -2.32
N VAL I 153 18.10 35.74 -1.14
CA VAL I 153 17.41 35.46 0.12
C VAL I 153 18.09 36.30 1.21
N PRO I 154 17.48 36.48 2.39
CA PRO I 154 18.10 37.32 3.41
C PRO I 154 19.41 36.70 3.89
N PRO I 155 20.37 37.54 4.35
CA PRO I 155 21.63 37.03 4.90
C PRO I 155 21.50 36.44 6.32
N ILE I 156 20.39 36.72 7.01
CA ILE I 156 20.12 36.22 8.36
C ILE I 156 18.82 35.39 8.38
N LYS I 157 18.80 34.35 9.22
CA LYS I 157 17.59 33.59 9.48
C LYS I 157 17.20 33.79 10.92
N HIS I 158 15.89 33.72 11.20
CA HIS I 158 15.35 33.90 12.50
C HIS I 158 13.94 33.29 12.54
N GLN I 159 13.61 32.77 13.73
CA GLN I 159 12.35 32.11 14.04
C GLN I 159 11.14 32.95 13.59
N SER I 160 11.25 34.28 13.71
CA SER I 160 10.15 35.21 13.54
C SER I 160 9.68 35.30 12.09
N THR I 161 10.50 34.83 11.13
CA THR I 161 10.23 34.96 9.70
C THR I 161 9.17 33.95 9.22
N GLN I 162 8.66 33.11 10.14
CA GLN I 162 7.49 32.27 9.84
C GLN I 162 6.21 33.09 9.99
N GLY I 163 6.37 34.32 10.50
CA GLY I 163 5.35 35.36 10.48
C GLY I 163 5.87 36.55 9.71
N LEU I 164 5.18 37.70 9.85
CA LEU I 164 5.58 38.94 9.23
C LEU I 164 6.56 39.68 10.15
N ASN I 165 7.83 39.73 9.70
CA ASN I 165 8.88 40.50 10.37
C ASN I 165 9.31 41.60 9.41
N PRO I 166 8.92 42.86 9.66
CA PRO I 166 9.17 43.94 8.69
C PRO I 166 10.64 44.31 8.50
N HIS I 167 11.55 43.71 9.29
CA HIS I 167 12.98 43.89 9.08
C HIS I 167 13.46 43.09 7.87
N TYR I 168 12.63 42.21 7.29
CA TYR I 168 13.06 41.37 6.19
C TYR I 168 12.32 41.75 4.90
N LYS I 169 12.93 42.65 4.12
CA LYS I 169 12.31 43.15 2.89
C LYS I 169 13.33 43.11 1.75
N GLN I 170 12.84 43.30 0.54
CA GLN I 170 13.64 43.34 -0.66
C GLN I 170 12.87 44.02 -1.78
N LYS I 171 13.49 44.13 -2.94
CA LYS I 171 12.89 44.58 -4.16
C LYS I 171 13.21 43.57 -5.25
N LEU I 172 12.22 43.29 -6.11
CA LEU I 172 12.35 42.31 -7.15
C LEU I 172 13.12 42.92 -8.32
N THR I 173 14.44 42.78 -8.29
CA THR I 173 15.33 43.48 -9.22
C THR I 173 16.05 42.50 -10.15
N LYS I 174 15.79 41.19 -10.03
CA LYS I 174 16.48 40.18 -10.83
C LYS I 174 15.48 39.06 -11.17
N ASP I 175 15.43 38.73 -12.45
CA ASP I 175 14.62 37.65 -13.00
C ASP I 175 15.20 36.31 -12.54
N GLY I 176 14.33 35.36 -12.19
CA GLY I 176 14.75 33.99 -11.97
C GLY I 176 15.63 33.81 -10.74
N ALA I 177 15.47 34.67 -9.73
CA ALA I 177 16.39 34.66 -8.59
C ALA I 177 15.69 34.73 -7.21
N PHE I 178 14.49 35.32 -7.14
CA PHE I 178 13.77 35.52 -5.86
C PHE I 178 12.76 34.39 -5.70
N PRO I 179 12.97 33.45 -4.75
CA PRO I 179 12.02 32.34 -4.59
C PRO I 179 10.64 32.82 -4.15
N VAL I 180 9.62 32.24 -4.80
CA VAL I 180 8.23 32.52 -4.51
C VAL I 180 7.92 32.04 -3.08
N GLU I 181 8.58 30.95 -2.65
CA GLU I 181 8.23 30.31 -1.39
C GLU I 181 8.55 31.20 -0.19
N CYS I 182 9.39 32.23 -0.37
CA CYS I 182 9.83 33.01 0.80
C CYS I 182 9.69 34.52 0.57
N TRP I 183 9.29 34.94 -0.63
CA TRP I 183 9.06 36.37 -0.92
C TRP I 183 7.63 36.57 -1.43
N CYS I 184 6.94 37.57 -0.90
CA CYS I 184 5.64 37.95 -1.39
C CYS I 184 5.58 39.48 -1.53
N PRO I 185 4.58 40.03 -2.25
CA PRO I 185 4.46 41.48 -2.36
C PRO I 185 4.28 42.08 -0.96
N ASP I 186 4.98 43.18 -0.71
CA ASP I 186 4.89 43.91 0.53
C ASP I 186 3.67 44.81 0.48
N PRO I 187 2.58 44.53 1.21
CA PRO I 187 1.37 45.35 1.12
C PRO I 187 1.52 46.73 1.79
N SER I 188 2.58 46.89 2.60
CA SER I 188 2.84 48.17 3.32
C SER I 188 3.56 49.16 2.40
N LYS I 189 4.02 48.69 1.23
CA LYS I 189 4.63 49.57 0.23
C LYS I 189 3.86 49.41 -1.09
N ASN I 190 4.57 49.39 -2.22
CA ASN I 190 4.01 49.15 -3.52
C ASN I 190 2.92 50.17 -3.86
N GLU I 191 3.14 51.42 -3.42
CA GLU I 191 2.19 52.51 -3.75
C GLU I 191 2.17 52.75 -5.26
N ASN I 192 3.27 52.40 -5.97
CA ASN I 192 3.44 52.75 -7.37
C ASN I 192 3.40 51.48 -8.26
N THR I 193 2.84 50.38 -7.72
CA THR I 193 2.69 49.11 -8.40
C THR I 193 1.30 48.56 -8.11
N ARG I 194 0.69 47.89 -9.09
CA ARG I 194 -0.54 47.10 -8.87
C ARG I 194 -0.18 45.64 -9.01
N TYR I 195 -0.56 44.82 -8.04
CA TYR I 195 -0.35 43.37 -8.13
C TYR I 195 -1.64 42.61 -7.82
N TYR I 196 -1.73 41.42 -8.42
CA TYR I 196 -2.88 40.53 -8.35
C TYR I 196 -2.36 39.09 -8.28
N GLY I 197 -2.87 38.30 -7.35
CA GLY I 197 -2.39 36.93 -7.22
C GLY I 197 -3.46 36.00 -6.72
N SER I 198 -3.27 34.71 -7.00
CA SER I 198 -4.12 33.69 -6.47
C SER I 198 -3.31 32.42 -6.27
N TYR I 199 -3.77 31.57 -5.37
CA TYR I 199 -3.20 30.28 -5.08
C TYR I 199 -4.35 29.28 -4.90
N THR I 200 -4.23 28.13 -5.57
CA THR I 200 -5.08 26.98 -5.32
C THR I 200 -4.16 25.81 -5.03
N GLY I 201 -4.28 25.23 -3.85
CA GLY I 201 -3.33 24.26 -3.37
C GLY I 201 -3.83 22.85 -3.58
N GLY I 202 -3.50 21.98 -2.61
CA GLY I 202 -3.86 20.56 -2.66
C GLY I 202 -2.86 19.77 -3.46
N GLN I 203 -3.08 18.44 -3.54
CA GLN I 203 -2.07 17.52 -4.06
C GLN I 203 -2.15 17.34 -5.59
N SER I 204 -3.38 17.01 -6.05
CA SER I 204 -3.63 16.59 -7.46
C SER I 204 -4.73 17.45 -8.08
N THR I 205 -4.99 18.61 -7.47
CA THR I 205 -6.07 19.49 -7.82
C THR I 205 -6.09 19.79 -9.31
N PRO I 206 -7.28 19.75 -9.96
CA PRO I 206 -7.41 20.16 -11.36
C PRO I 206 -6.98 21.62 -11.52
N PRO I 207 -6.06 21.93 -12.46
CA PRO I 207 -5.83 23.33 -12.83
C PRO I 207 -7.08 23.86 -13.52
N VAL I 208 -7.42 25.12 -13.23
CA VAL I 208 -8.55 25.78 -13.84
C VAL I 208 -8.02 27.09 -14.40
N LEU I 209 -7.92 27.17 -15.73
CA LEU I 209 -7.25 28.24 -16.41
C LEU I 209 -8.16 28.82 -17.50
N GLN I 210 -8.01 30.11 -17.78
CA GLN I 210 -8.72 30.84 -18.81
C GLN I 210 -7.68 31.56 -19.66
N PHE I 211 -8.00 31.77 -20.94
CA PHE I 211 -7.18 32.63 -21.81
C PHE I 211 -8.09 33.33 -22.82
N THR I 212 -7.88 34.65 -22.97
CA THR I 212 -8.64 35.45 -23.91
C THR I 212 -7.83 36.70 -24.22
N ASN I 213 -8.08 37.31 -25.37
CA ASN I 213 -7.46 38.57 -25.75
C ASN I 213 -8.48 39.71 -25.60
N THR I 214 -9.52 39.55 -24.79
CA THR I 214 -10.63 40.53 -24.75
C THR I 214 -10.76 41.25 -23.39
N VAL I 215 -9.89 40.97 -22.41
CA VAL I 215 -10.11 41.50 -21.04
C VAL I 215 -9.04 42.52 -20.68
N THR I 216 -9.48 43.72 -20.28
CA THR I 216 -8.60 44.81 -19.87
C THR I 216 -8.67 45.00 -18.35
N THR I 217 -7.51 45.04 -17.70
CA THR I 217 -7.39 45.31 -16.29
C THR I 217 -6.97 46.77 -16.11
N VAL I 218 -7.81 47.57 -15.45
CA VAL I 218 -7.50 48.97 -15.18
C VAL I 218 -6.45 49.08 -14.06
N LEU I 219 -5.38 49.85 -14.29
CA LEU I 219 -4.28 50.03 -13.32
C LEU I 219 -4.41 51.34 -12.51
N LEU I 220 -5.37 52.19 -12.84
CA LEU I 220 -5.57 53.45 -12.12
C LEU I 220 -6.00 53.12 -10.69
N ASP I 221 -5.51 53.91 -9.74
CA ASP I 221 -5.88 53.77 -8.33
C ASP I 221 -7.18 54.53 -8.08
N GLU I 222 -7.57 54.61 -6.82
CA GLU I 222 -8.87 55.24 -6.42
C GLU I 222 -8.87 56.73 -6.78
N ASN I 223 -7.70 57.35 -6.98
CA ASN I 223 -7.62 58.76 -7.34
C ASN I 223 -7.50 58.95 -8.85
N GLY I 224 -7.55 57.86 -9.63
CA GLY I 224 -7.47 57.95 -11.09
C GLY I 224 -6.04 58.05 -11.60
N VAL I 225 -5.08 57.62 -10.79
CA VAL I 225 -3.67 57.69 -11.13
C VAL I 225 -3.10 56.26 -11.24
N GLY I 226 -2.42 56.02 -12.36
CA GLY I 226 -1.79 54.74 -12.63
C GLY I 226 -0.36 54.77 -12.13
N PRO I 227 0.35 53.62 -12.14
CA PRO I 227 1.77 53.61 -11.85
C PRO I 227 2.50 54.64 -12.73
N LEU I 228 3.42 55.40 -12.11
CA LEU I 228 4.23 56.41 -12.79
C LEU I 228 5.65 55.88 -12.92
N CYS I 229 6.14 55.86 -14.17
CA CYS I 229 7.32 55.11 -14.51
C CYS I 229 8.58 55.95 -14.25
N LYS I 230 9.21 55.71 -13.11
CA LYS I 230 10.39 56.43 -12.68
C LYS I 230 11.56 56.07 -13.57
N GLY I 231 12.25 57.10 -14.06
CA GLY I 231 13.36 56.96 -14.97
C GLY I 231 12.95 56.32 -16.28
N ASP I 232 11.70 56.51 -16.69
CA ASP I 232 11.16 55.89 -17.91
C ASP I 232 11.35 54.38 -17.92
N GLY I 233 11.16 53.75 -16.77
CA GLY I 233 11.20 52.28 -16.63
C GLY I 233 9.84 51.74 -16.22
N LEU I 234 9.36 50.75 -16.96
CA LEU I 234 8.11 50.01 -16.66
C LEU I 234 8.53 48.64 -16.13
N TYR I 235 7.98 48.25 -14.98
CA TYR I 235 8.36 47.02 -14.32
C TYR I 235 7.18 46.04 -14.37
N VAL I 236 7.48 44.84 -14.86
CA VAL I 236 6.50 43.80 -15.04
C VAL I 236 7.07 42.55 -14.35
N SER I 237 6.23 41.91 -13.53
CA SER I 237 6.62 40.75 -12.73
C SER I 237 5.49 39.72 -12.77
N CYS I 238 5.82 38.43 -12.65
CA CYS I 238 4.78 37.44 -12.60
C CYS I 238 5.33 36.09 -12.15
N CYS I 239 4.40 35.18 -11.89
CA CYS I 239 4.69 33.77 -11.70
C CYS I 239 3.41 33.00 -12.03
N ASP I 240 3.54 31.94 -12.84
CA ASP I 240 2.38 31.15 -13.26
C ASP I 240 2.72 29.66 -13.21
N ILE I 241 2.47 29.06 -12.04
CA ILE I 241 2.63 27.63 -11.81
C ILE I 241 1.27 26.98 -12.13
N VAL I 242 1.28 25.97 -13.00
CA VAL I 242 0.03 25.32 -13.43
C VAL I 242 -0.06 23.89 -12.89
N GLY I 243 0.95 23.44 -12.13
CA GLY I 243 0.90 22.13 -11.50
C GLY I 243 2.22 21.41 -11.53
N PHE I 244 2.16 20.09 -11.33
CA PHE I 244 3.30 19.22 -11.36
C PHE I 244 3.17 18.19 -12.47
N LEU I 245 4.30 17.89 -13.14
CA LEU I 245 4.42 16.74 -14.00
C LEU I 245 4.83 15.56 -13.13
N VAL I 246 4.10 14.45 -13.21
CA VAL I 246 4.36 13.27 -12.40
C VAL I 246 5.03 12.21 -13.25
N GLY I 247 6.34 12.03 -13.05
CA GLY I 247 7.15 11.05 -13.78
C GLY I 247 6.73 9.63 -13.45
N LYS I 248 7.18 8.69 -14.26
CA LYS I 248 6.88 7.24 -14.15
C LYS I 248 7.02 6.75 -12.71
N ASP I 249 8.09 7.16 -12.03
CA ASP I 249 8.41 6.61 -10.72
C ASP I 249 7.78 7.46 -9.60
N GLY I 250 7.05 8.53 -9.93
CA GLY I 250 6.41 9.40 -8.93
C GLY I 250 7.20 10.67 -8.60
N ASP I 251 8.38 10.83 -9.22
CA ASP I 251 9.18 12.04 -9.19
C ASP I 251 8.32 13.17 -9.81
N MET I 252 8.40 14.37 -9.21
CA MET I 252 7.52 15.45 -9.60
C MET I 252 8.34 16.71 -9.86
N GLN I 253 7.90 17.48 -10.87
CA GLN I 253 8.51 18.72 -11.25
C GLN I 253 7.40 19.77 -11.42
N TYR I 254 7.62 20.96 -10.87
CA TYR I 254 6.77 22.12 -11.17
C TYR I 254 6.75 22.36 -12.69
N ARG I 255 5.58 22.77 -13.20
CA ARG I 255 5.43 23.21 -14.57
C ARG I 255 4.88 24.63 -14.54
N GLY I 256 5.50 25.53 -15.28
CA GLY I 256 5.08 26.90 -15.41
C GLY I 256 4.80 27.27 -16.87
N LEU I 257 4.04 28.35 -17.07
CA LEU I 257 3.72 28.83 -18.40
C LEU I 257 4.09 30.29 -18.50
N PRO I 258 4.38 30.77 -19.73
CA PRO I 258 4.71 32.18 -19.94
C PRO I 258 3.47 33.06 -19.79
N ARG I 259 3.71 34.35 -19.58
CA ARG I 259 2.64 35.32 -19.49
C ARG I 259 2.95 36.46 -20.44
N TYR I 260 1.89 36.91 -21.12
CA TYR I 260 1.93 37.98 -22.09
C TYR I 260 1.29 39.21 -21.44
N PHE I 261 1.80 40.38 -21.83
CA PHE I 261 1.31 41.68 -21.34
C PHE I 261 1.22 42.67 -22.50
N ASN I 262 0.13 43.40 -22.53
CA ASN I 262 -0.09 44.54 -23.42
C ASN I 262 -0.53 45.71 -22.53
N ILE I 263 0.39 46.63 -22.28
CA ILE I 263 0.20 47.70 -21.31
C ILE I 263 0.02 49.00 -22.08
N LEU I 264 -1.04 49.74 -21.75
CA LEU I 264 -1.32 51.04 -22.32
C LEU I 264 -0.82 52.11 -21.34
N LEU I 265 -0.06 53.09 -21.86
CA LEU I 265 0.49 54.17 -21.03
C LEU I 265 0.14 55.52 -21.66
N ARG I 266 0.03 56.55 -20.82
CA ARG I 266 -0.27 57.91 -21.26
C ARG I 266 0.71 58.87 -20.60
N LYS I 267 0.90 60.03 -21.24
CA LYS I 267 1.79 61.05 -20.75
C LYS I 267 1.10 61.83 -19.61
N ARG I 268 1.84 61.99 -18.51
CA ARG I 268 1.37 62.67 -17.34
C ARG I 268 2.42 63.73 -16.95
N THR I 269 1.95 64.97 -16.77
CA THR I 269 2.77 66.05 -16.26
C THR I 269 2.88 65.87 -14.74
N VAL I 270 4.12 65.98 -14.23
CA VAL I 270 4.38 65.94 -12.80
C VAL I 270 5.31 67.11 -12.43
N ARG I 271 5.35 67.47 -11.15
CA ARG I 271 6.24 68.52 -10.65
C ARG I 271 7.68 67.99 -10.59
N ASN I 272 8.65 68.80 -10.99
CA ASN I 272 10.00 68.25 -11.09
C ASN I 272 10.56 68.13 -9.66
N ASN J 1 -3.04 48.05 -40.78
CA ASN J 1 -3.13 49.25 -41.62
C ASN J 1 -4.54 49.51 -42.16
N ILE J 2 -5.64 49.00 -41.56
CA ILE J 2 -7.00 49.41 -42.05
C ILE J 2 -7.48 50.59 -41.20
N GLU J 3 -7.70 51.74 -41.84
CA GLU J 3 -8.35 52.89 -41.23
C GLU J 3 -9.86 52.67 -41.33
N VAL J 4 -10.52 52.61 -40.18
CA VAL J 4 -11.93 52.28 -40.10
C VAL J 4 -12.73 53.58 -40.17
N LEU J 5 -13.70 53.65 -41.09
CA LEU J 5 -14.54 54.82 -41.22
C LEU J 5 -15.94 54.48 -40.70
N ASN J 6 -16.99 55.04 -41.30
CA ASN J 6 -18.34 54.93 -40.79
C ASN J 6 -19.00 53.62 -41.23
N LEU J 7 -20.03 53.24 -40.48
CA LEU J 7 -20.94 52.17 -40.83
C LEU J 7 -21.71 52.57 -42.10
N VAL J 8 -21.98 51.56 -42.94
CA VAL J 8 -22.94 51.68 -44.01
C VAL J 8 -24.32 51.38 -43.41
N THR J 9 -25.27 52.29 -43.58
CA THR J 9 -26.63 52.15 -43.03
C THR J 9 -27.59 51.76 -44.14
N GLY J 10 -28.79 51.33 -43.74
CA GLY J 10 -29.90 51.11 -44.65
C GLY J 10 -30.12 49.62 -44.94
N PRO J 11 -30.98 49.28 -45.92
CA PRO J 11 -31.33 47.89 -46.18
C PRO J 11 -30.10 47.10 -46.63
N ASP J 12 -30.06 45.82 -46.27
CA ASP J 12 -29.00 44.89 -46.68
C ASP J 12 -27.63 45.29 -46.12
N SER J 13 -27.60 46.10 -45.05
CA SER J 13 -26.30 46.47 -44.42
C SER J 13 -25.88 45.46 -43.33
N ILE J 14 -26.75 44.48 -43.04
CA ILE J 14 -26.54 43.46 -42.01
C ILE J 14 -26.65 42.10 -42.67
N THR J 15 -25.91 41.12 -42.17
CA THR J 15 -26.08 39.73 -42.60
C THR J 15 -25.70 38.82 -41.43
N THR J 16 -26.16 37.57 -41.45
CA THR J 16 -25.81 36.62 -40.42
C THR J 16 -25.25 35.37 -41.09
N ILE J 17 -24.30 34.74 -40.40
CA ILE J 17 -23.70 33.51 -40.84
C ILE J 17 -23.94 32.49 -39.73
N GLU J 18 -24.43 31.32 -40.12
CA GLU J 18 -24.68 30.24 -39.21
C GLU J 18 -23.87 29.04 -39.67
N LEU J 19 -23.16 28.38 -38.76
CA LEU J 19 -22.50 27.13 -39.06
C LEU J 19 -22.28 26.34 -37.79
N TYR J 20 -21.83 25.09 -37.99
CA TYR J 20 -21.33 24.26 -36.91
C TYR J 20 -20.01 23.65 -37.37
N LEU J 21 -19.20 23.26 -36.39
CA LEU J 21 -17.98 22.53 -36.63
C LEU J 21 -17.99 21.27 -35.77
N ASN J 22 -17.78 20.14 -36.43
CA ASN J 22 -17.64 18.86 -35.76
C ASN J 22 -16.25 18.77 -35.13
N THR J 23 -16.19 18.00 -34.04
CA THR J 23 -14.98 17.89 -33.23
C THR J 23 -13.91 17.12 -34.02
N ARG J 24 -12.65 17.39 -33.70
CA ARG J 24 -11.50 16.73 -34.33
C ARG J 24 -10.61 16.15 -33.22
N MET J 25 -11.10 15.07 -32.62
CA MET J 25 -10.45 14.46 -31.49
C MET J 25 -9.39 13.45 -31.94
N GLY J 26 -9.45 13.02 -33.21
CA GLY J 26 -8.42 12.12 -33.76
C GLY J 26 -8.97 11.13 -34.77
N GLN J 27 -10.12 10.50 -34.46
CA GLN J 27 -10.87 9.77 -35.47
C GLN J 27 -11.86 10.75 -36.08
N ASN J 28 -11.47 11.35 -37.19
CA ASN J 28 -12.15 12.52 -37.72
C ASN J 28 -12.95 12.18 -38.99
N ASP J 29 -13.11 10.89 -39.26
CA ASP J 29 -13.90 10.40 -40.41
C ASP J 29 -15.28 9.95 -39.94
N GLU J 30 -16.30 10.68 -40.38
CA GLU J 30 -17.68 10.51 -39.93
C GLU J 30 -18.29 9.18 -40.45
N SER J 31 -17.58 8.46 -41.33
CA SER J 31 -18.08 7.18 -41.84
C SER J 31 -17.51 6.00 -41.04
N LYS J 32 -16.65 6.27 -40.06
CA LYS J 32 -15.97 5.20 -39.32
C LYS J 32 -16.38 5.22 -37.85
N ASP J 33 -16.17 4.06 -37.21
CA ASP J 33 -16.42 3.87 -35.80
C ASP J 33 -15.53 4.85 -35.03
N ASN J 34 -15.94 5.19 -33.82
CA ASN J 34 -15.14 6.06 -32.92
C ASN J 34 -15.10 7.52 -33.43
N TYR J 35 -15.99 7.90 -34.36
CA TYR J 35 -16.04 9.30 -34.79
C TYR J 35 -16.33 10.18 -33.57
N GLY J 36 -15.61 11.31 -33.47
CA GLY J 36 -15.78 12.27 -32.40
C GLY J 36 -15.07 11.86 -31.12
N TYR J 37 -14.25 10.80 -31.21
CA TYR J 37 -13.33 10.41 -30.18
C TYR J 37 -11.91 10.33 -30.77
N SER J 38 -10.90 10.35 -29.88
CA SER J 38 -9.56 10.01 -30.25
C SER J 38 -9.45 8.48 -30.32
N GLU J 39 -8.37 8.02 -30.96
CA GLU J 39 -7.89 6.65 -30.78
C GLU J 39 -7.42 6.53 -29.33
N LYS J 40 -7.20 5.29 -28.89
CA LYS J 40 -6.73 4.98 -27.56
C LYS J 40 -5.44 5.78 -27.28
N VAL J 41 -5.40 6.39 -26.09
CA VAL J 41 -4.25 7.13 -25.64
C VAL J 41 -3.13 6.12 -25.29
N THR J 42 -1.90 6.44 -25.69
CA THR J 42 -0.70 5.70 -25.34
C THR J 42 0.24 6.64 -24.59
N VAL J 43 1.22 6.06 -23.89
CA VAL J 43 2.07 6.83 -22.98
C VAL J 43 3.52 6.50 -23.30
N ALA J 44 4.31 7.55 -23.52
CA ALA J 44 5.73 7.43 -23.85
C ALA J 44 6.46 6.69 -22.73
N ASN J 45 7.43 5.85 -23.12
CA ASN J 45 8.33 5.18 -22.16
C ASN J 45 9.32 6.20 -21.60
N SER J 46 9.70 7.17 -22.43
CA SER J 46 10.58 8.25 -22.01
C SER J 46 10.34 9.46 -22.92
N SER J 47 10.83 10.61 -22.50
CA SER J 47 10.58 11.88 -23.16
C SER J 47 11.29 11.96 -24.51
N ASP J 48 12.32 11.12 -24.71
CA ASP J 48 13.05 11.07 -26.00
C ASP J 48 12.43 10.01 -26.93
N GLN J 49 11.41 9.28 -26.45
CA GLN J 49 10.65 8.32 -27.28
C GLN J 49 9.14 8.61 -27.11
N ASP J 50 8.78 9.88 -27.31
CA ASP J 50 7.41 10.35 -27.13
C ASP J 50 6.83 10.55 -28.52
N LYS J 51 6.19 9.51 -29.04
CA LYS J 51 5.71 9.46 -30.40
C LYS J 51 4.25 9.04 -30.39
N PRO J 52 3.29 10.00 -30.29
CA PRO J 52 1.88 9.62 -30.23
C PRO J 52 1.47 8.82 -31.48
N THR J 53 0.59 7.84 -31.29
CA THR J 53 0.03 7.07 -32.37
C THR J 53 -0.83 7.97 -33.24
N SER J 54 -1.06 7.54 -34.49
CA SER J 54 -1.92 8.24 -35.40
C SER J 54 -3.35 8.26 -34.83
N GLY J 55 -3.94 9.46 -34.71
CA GLY J 55 -5.32 9.59 -34.32
C GLY J 55 -5.57 9.71 -32.81
N GLU J 56 -4.51 9.78 -31.98
CA GLU J 56 -4.73 9.93 -30.51
C GLU J 56 -4.60 11.40 -30.04
N ILE J 57 -4.46 12.34 -30.97
CA ILE J 57 -4.10 13.73 -30.69
C ILE J 57 -5.25 14.64 -31.14
N PRO J 58 -5.94 15.35 -30.23
CA PRO J 58 -6.94 16.34 -30.66
C PRO J 58 -6.31 17.49 -31.45
N THR J 59 -7.07 18.04 -32.39
CA THR J 59 -6.66 19.17 -33.21
C THR J 59 -7.78 20.21 -33.18
N TYR J 60 -7.46 21.44 -33.58
CA TYR J 60 -8.45 22.51 -33.71
C TYR J 60 -9.38 22.22 -34.90
N SER J 61 -10.65 22.58 -34.72
CA SER J 61 -11.62 22.67 -35.80
C SER J 61 -11.54 24.09 -36.35
N THR J 62 -11.64 24.27 -37.67
CA THR J 62 -11.64 25.60 -38.25
C THR J 62 -12.37 25.57 -39.59
N ALA J 63 -12.92 26.73 -39.98
CA ALA J 63 -13.50 26.90 -41.29
C ALA J 63 -13.38 28.37 -41.67
N ARG J 64 -13.21 28.60 -42.98
CA ARG J 64 -13.35 29.92 -43.59
C ARG J 64 -14.70 29.96 -44.29
N ILE J 65 -15.51 30.98 -44.01
CA ILE J 65 -16.83 31.12 -44.62
C ILE J 65 -16.79 32.30 -45.59
N ASN J 66 -17.28 32.08 -46.82
CA ASN J 66 -17.39 33.13 -47.83
C ASN J 66 -18.58 34.03 -47.50
N LEU J 67 -18.33 35.32 -47.50
CA LEU J 67 -19.34 36.30 -47.22
C LEU J 67 -19.83 36.89 -48.54
N PRO J 68 -21.03 37.50 -48.58
CA PRO J 68 -21.49 38.18 -49.79
C PRO J 68 -20.45 39.18 -50.31
N MET J 69 -20.12 39.11 -51.60
CA MET J 69 -19.14 39.99 -52.24
C MET J 69 -19.70 41.43 -52.17
N LEU J 70 -18.82 42.40 -51.93
CA LEU J 70 -19.24 43.80 -51.73
C LEU J 70 -18.87 44.73 -52.89
N ASN J 71 -17.59 44.76 -53.26
CA ASN J 71 -17.14 45.35 -54.57
C ASN J 71 -17.00 46.89 -54.48
N THR J 75 -15.56 55.40 -54.52
CA THR J 75 -14.56 56.41 -54.06
C THR J 75 -13.13 55.95 -54.37
N SER J 76 -12.14 56.86 -54.24
CA SER J 76 -10.79 56.66 -54.76
C SER J 76 -10.04 55.67 -53.85
N ASN J 77 -10.39 55.71 -52.56
CA ASN J 77 -9.65 55.02 -51.54
C ASN J 77 -10.56 54.49 -50.42
N THR J 78 -11.89 54.29 -50.67
CA THR J 78 -12.65 53.55 -49.68
C THR J 78 -13.27 52.27 -50.26
N LEU J 79 -13.33 51.24 -49.41
CA LEU J 79 -14.05 50.03 -49.72
C LEU J 79 -14.99 49.71 -48.56
N THR J 80 -15.88 48.74 -48.80
CA THR J 80 -16.73 48.17 -47.77
C THR J 80 -16.17 46.82 -47.36
N MET J 81 -16.16 46.55 -46.04
CA MET J 81 -15.83 45.24 -45.49
C MET J 81 -16.96 44.80 -44.55
N TRP J 82 -17.13 43.49 -44.41
CA TRP J 82 -17.97 42.95 -43.38
C TRP J 82 -17.22 43.00 -42.05
N GLU J 83 -17.93 43.47 -41.01
CA GLU J 83 -17.48 43.60 -39.65
C GLU J 83 -18.30 42.66 -38.77
N ALA J 84 -17.65 41.68 -38.14
CA ALA J 84 -18.32 40.76 -37.22
C ALA J 84 -18.63 41.52 -35.93
N VAL J 85 -19.90 41.62 -35.59
CA VAL J 85 -20.37 42.41 -34.46
C VAL J 85 -20.48 41.54 -33.20
N SER J 86 -21.03 40.34 -33.36
CA SER J 86 -21.36 39.50 -32.23
C SER J 86 -21.53 38.05 -32.70
N VAL J 87 -21.46 37.14 -31.72
CA VAL J 87 -21.64 35.73 -32.02
C VAL J 87 -22.43 35.09 -30.88
N LYS J 88 -23.39 34.26 -31.27
CA LYS J 88 -24.03 33.31 -30.37
C LYS J 88 -23.41 31.94 -30.67
N THR J 89 -22.78 31.34 -29.67
CA THR J 89 -22.14 30.04 -29.86
C THR J 89 -22.52 29.15 -28.67
N GLU J 90 -22.62 27.84 -28.98
CA GLU J 90 -23.02 26.84 -27.99
C GLU J 90 -22.30 25.53 -28.31
N VAL J 91 -22.00 24.76 -27.27
CA VAL J 91 -21.59 23.37 -27.45
C VAL J 91 -22.88 22.54 -27.63
N VAL J 92 -22.88 21.69 -28.65
CA VAL J 92 -24.02 20.86 -29.03
C VAL J 92 -23.85 19.47 -28.41
N GLY J 93 -24.97 18.88 -27.97
CA GLY J 93 -24.98 17.48 -27.55
C GLY J 93 -24.43 17.24 -26.16
N VAL J 94 -24.52 18.24 -25.28
CA VAL J 94 -24.09 18.10 -23.89
C VAL J 94 -24.87 16.96 -23.24
N SER J 95 -26.16 16.85 -23.53
CA SER J 95 -27.01 15.84 -22.93
C SER J 95 -26.51 14.42 -23.25
N SER J 96 -25.73 14.27 -24.32
CA SER J 96 -25.15 12.97 -24.70
C SER J 96 -24.26 12.41 -23.58
N LEU J 97 -23.80 13.27 -22.67
CA LEU J 97 -22.94 12.84 -21.57
C LEU J 97 -23.76 12.21 -20.43
N VAL J 98 -25.09 12.27 -20.54
CA VAL J 98 -25.99 11.59 -19.59
C VAL J 98 -26.16 10.15 -20.09
N ASN J 99 -25.09 9.37 -19.96
CA ASN J 99 -25.04 8.03 -20.50
C ASN J 99 -24.01 7.26 -19.68
N VAL J 100 -24.49 6.32 -18.86
CA VAL J 100 -23.65 5.50 -18.03
C VAL J 100 -23.93 4.01 -18.26
N HIS J 101 -24.45 3.65 -19.44
CA HIS J 101 -24.64 2.22 -19.82
C HIS J 101 -23.69 1.78 -20.95
N MET J 102 -22.75 2.63 -21.37
CA MET J 102 -21.83 2.25 -22.45
C MET J 102 -20.80 1.25 -21.92
N ALA J 103 -20.10 0.59 -22.83
CA ALA J 103 -19.13 -0.45 -22.47
C ALA J 103 -17.88 0.23 -21.91
N THR J 104 -17.90 0.41 -20.60
CA THR J 104 -16.91 1.16 -19.87
C THR J 104 -16.60 0.45 -18.57
N LYS J 105 -15.54 0.91 -17.90
CA LYS J 105 -15.31 0.59 -16.52
C LYS J 105 -16.55 1.02 -15.72
N ARG J 106 -16.77 0.41 -14.56
CA ARG J 106 -17.99 0.73 -13.81
C ARG J 106 -17.68 0.81 -12.32
N MET J 107 -18.60 1.45 -11.59
CA MET J 107 -18.46 1.69 -10.14
C MET J 107 -18.85 0.44 -9.35
N TYR J 108 -18.41 0.41 -8.09
CA TYR J 108 -18.90 -0.47 -7.00
C TYR J 108 -18.89 -1.95 -7.41
N ASP J 109 -17.70 -2.50 -7.63
CA ASP J 109 -17.50 -3.96 -7.79
C ASP J 109 -18.40 -4.49 -8.91
N ASP J 110 -18.40 -3.79 -10.06
CA ASP J 110 -19.13 -4.21 -11.27
C ASP J 110 -20.66 -4.22 -11.10
N LYS J 111 -21.20 -3.53 -10.09
CA LYS J 111 -22.64 -3.46 -9.91
C LYS J 111 -23.19 -2.05 -10.20
N GLY J 112 -22.32 -1.03 -10.20
CA GLY J 112 -22.73 0.36 -10.32
C GLY J 112 -22.73 0.83 -11.76
N ILE J 113 -22.94 2.14 -11.94
CA ILE J 113 -22.98 2.75 -13.23
C ILE J 113 -21.65 2.55 -13.97
N GLY J 114 -21.73 2.56 -15.29
CA GLY J 114 -20.55 2.82 -16.10
C GLY J 114 -20.02 4.22 -15.82
N PHE J 115 -18.70 4.37 -15.89
CA PHE J 115 -18.07 5.68 -15.75
C PHE J 115 -18.61 6.57 -16.86
N PRO J 116 -19.14 7.78 -16.55
CA PRO J 116 -19.48 8.72 -17.60
C PRO J 116 -18.16 9.25 -18.22
N VAL J 117 -18.25 9.84 -19.41
CA VAL J 117 -17.16 10.63 -19.94
C VAL J 117 -16.81 11.69 -18.90
N GLU J 118 -15.53 11.73 -18.50
CA GLU J 118 -15.11 12.61 -17.43
C GLU J 118 -13.62 12.90 -17.53
N GLY J 119 -13.19 13.94 -16.81
CA GLY J 119 -11.80 14.36 -16.79
C GLY J 119 -11.65 15.69 -17.49
N MET J 120 -10.46 15.86 -18.08
CA MET J 120 -10.02 17.08 -18.66
C MET J 120 -11.10 17.69 -19.57
N ASN J 121 -11.32 19.00 -19.39
CA ASN J 121 -12.15 19.80 -20.28
C ASN J 121 -11.28 20.92 -20.86
N PHE J 122 -11.42 21.13 -22.16
CA PHE J 122 -10.76 22.19 -22.87
C PHE J 122 -11.77 22.77 -23.86
N HIS J 123 -12.06 24.07 -23.75
CA HIS J 123 -13.08 24.73 -24.54
C HIS J 123 -12.52 26.05 -25.04
N MET J 124 -12.43 26.23 -26.36
CA MET J 124 -12.03 27.49 -26.90
C MET J 124 -12.79 27.73 -28.21
N PHE J 125 -13.02 29.01 -28.50
CA PHE J 125 -13.49 29.40 -29.81
C PHE J 125 -12.85 30.75 -30.19
N ALA J 126 -12.79 31.01 -31.48
CA ALA J 126 -12.27 32.21 -32.03
C ALA J 126 -13.09 32.60 -33.28
N VAL J 127 -13.32 33.91 -33.43
CA VAL J 127 -13.99 34.50 -34.58
C VAL J 127 -13.13 35.68 -35.04
N GLY J 128 -12.72 35.66 -36.31
CA GLY J 128 -11.87 36.71 -36.84
C GLY J 128 -12.05 36.91 -38.33
N GLY J 129 -11.38 37.95 -38.85
CA GLY J 129 -11.42 38.35 -40.23
C GLY J 129 -10.23 37.85 -41.03
N GLU J 130 -9.50 36.88 -40.44
CA GLU J 130 -8.35 36.24 -41.05
C GLU J 130 -8.04 35.03 -40.19
N PRO J 131 -7.16 34.10 -40.63
CA PRO J 131 -6.86 32.92 -39.84
C PRO J 131 -6.33 33.27 -38.44
N LEU J 132 -6.71 32.46 -37.46
CA LEU J 132 -6.21 32.55 -36.09
C LEU J 132 -4.69 32.37 -36.14
N GLU J 133 -3.98 33.31 -35.50
CA GLU J 133 -2.51 33.26 -35.46
C GLU J 133 -2.09 32.43 -34.24
N LEU J 134 -1.18 31.49 -34.49
CA LEU J 134 -0.79 30.49 -33.50
C LEU J 134 0.65 30.71 -33.04
N GLN J 135 0.87 30.41 -31.76
CA GLN J 135 2.18 30.32 -31.13
C GLN J 135 2.43 28.84 -30.79
N PHE J 136 3.61 28.34 -31.13
CA PHE J 136 4.02 27.00 -30.72
C PHE J 136 4.45 27.02 -29.25
N LEU J 137 3.97 26.06 -28.47
CA LEU J 137 4.41 25.85 -27.09
C LEU J 137 3.95 24.45 -26.66
N THR J 138 4.89 23.66 -26.13
CA THR J 138 4.69 22.26 -25.87
C THR J 138 5.26 21.88 -24.49
N GLY J 139 4.68 20.84 -23.91
CA GLY J 139 5.16 20.23 -22.71
C GLY J 139 6.44 19.43 -22.93
N ASN J 140 6.72 19.04 -24.19
CA ASN J 140 7.86 18.20 -24.54
C ASN J 140 8.36 18.57 -25.93
N TYR J 141 9.51 19.27 -26.01
CA TYR J 141 10.05 19.75 -27.28
C TYR J 141 10.38 18.62 -28.25
N ARG J 142 10.62 17.40 -27.69
CA ARG J 142 11.06 16.26 -28.49
C ARG J 142 9.88 15.43 -29.03
N THR J 143 8.64 15.84 -28.77
CA THR J 143 7.51 15.07 -29.23
C THR J 143 7.66 14.82 -30.74
N ASP J 144 7.50 13.54 -31.12
CA ASP J 144 7.64 13.07 -32.49
C ASP J 144 6.27 12.86 -33.11
N TYR J 145 5.89 13.71 -34.09
CA TYR J 145 4.57 13.67 -34.72
C TYR J 145 4.53 12.82 -36.00
N SER J 146 5.58 12.03 -36.26
CA SER J 146 5.81 11.46 -37.60
C SER J 146 4.91 10.23 -37.84
N ALA J 147 4.14 9.76 -36.85
CA ALA J 147 3.17 8.69 -37.11
C ALA J 147 1.97 9.20 -37.91
N ASN J 148 1.82 10.52 -38.01
CA ASN J 148 0.72 11.13 -38.78
C ASN J 148 1.24 12.39 -39.46
N ASP J 149 1.58 12.25 -40.73
CA ASP J 149 2.25 13.31 -41.48
C ASP J 149 1.23 14.37 -41.91
N LYS J 150 -0.07 14.17 -41.61
CA LYS J 150 -1.12 15.17 -41.90
C LYS J 150 -1.12 16.27 -40.83
N LEU J 151 -0.49 16.03 -39.67
CA LEU J 151 -0.41 17.05 -38.61
C LEU J 151 0.58 18.14 -39.03
N VAL J 152 0.18 19.40 -38.85
CA VAL J 152 1.04 20.54 -39.15
C VAL J 152 1.78 20.93 -37.87
N VAL J 153 3.10 20.76 -37.89
CA VAL J 153 3.97 21.03 -36.77
C VAL J 153 5.25 21.64 -37.31
N PRO J 154 6.08 22.33 -36.49
CA PRO J 154 7.29 22.95 -37.01
C PRO J 154 8.26 21.89 -37.56
N PRO J 155 9.08 22.26 -38.57
CA PRO J 155 10.07 21.34 -39.14
C PRO J 155 11.30 21.08 -38.25
N ILE J 156 11.53 21.94 -37.24
CA ILE J 156 12.67 21.79 -36.32
C ILE J 156 12.16 21.71 -34.87
N LYS J 157 12.90 21.00 -34.03
CA LYS J 157 12.63 20.91 -32.60
C LYS J 157 13.76 21.62 -31.85
N HIS J 158 13.42 22.29 -30.76
CA HIS J 158 14.39 22.95 -29.90
C HIS J 158 13.85 23.05 -28.48
N GLN J 159 14.77 22.96 -27.52
CA GLN J 159 14.49 22.99 -26.09
C GLN J 159 13.61 24.19 -25.71
N SER J 160 13.82 25.31 -26.38
CA SER J 160 13.20 26.60 -26.02
C SER J 160 11.68 26.61 -26.23
N THR J 161 11.14 25.65 -26.99
CA THR J 161 9.73 25.57 -27.33
C THR J 161 8.88 25.04 -26.16
N GLN J 162 9.51 24.69 -25.03
CA GLN J 162 8.78 24.40 -23.78
C GLN J 162 8.40 25.71 -23.09
N GLY J 163 8.92 26.82 -23.61
CA GLY J 163 8.49 28.17 -23.29
C GLY J 163 8.02 28.86 -24.54
N LEU J 164 7.90 30.20 -24.49
CA LEU J 164 7.51 31.02 -25.62
C LEU J 164 8.75 31.42 -26.41
N ASN J 165 8.91 30.83 -27.59
CA ASN J 165 9.93 31.20 -28.58
C ASN J 165 9.23 31.80 -29.79
N PRO J 166 9.29 33.12 -29.99
CA PRO J 166 8.51 33.77 -31.04
C PRO J 166 8.91 33.41 -32.48
N HIS J 167 9.99 32.64 -32.65
CA HIS J 167 10.37 32.12 -33.96
C HIS J 167 9.47 30.97 -34.39
N TYR J 168 8.62 30.47 -33.48
CA TYR J 168 7.79 29.30 -33.80
C TYR J 168 6.32 29.69 -33.84
N LYS J 169 5.83 30.06 -35.00
CA LYS J 169 4.47 30.54 -35.20
C LYS J 169 3.86 29.85 -36.43
N GLN J 170 2.54 29.99 -36.54
CA GLN J 170 1.78 29.45 -37.65
C GLN J 170 0.46 30.21 -37.71
N LYS J 171 -0.35 29.86 -38.71
CA LYS J 171 -1.71 30.29 -38.85
C LYS J 171 -2.60 29.07 -39.01
N LEU J 172 -3.77 29.10 -38.37
CA LEU J 172 -4.69 27.98 -38.36
C LEU J 172 -5.46 27.99 -39.67
N THR J 173 -4.90 27.30 -40.68
CA THR J 173 -5.42 27.35 -42.03
C THR J 173 -6.00 26.01 -42.48
N LYS J 174 -6.00 24.99 -41.61
CA LYS J 174 -6.48 23.64 -41.96
C LYS J 174 -7.21 23.04 -40.76
N ASP J 175 -8.42 22.54 -41.02
CA ASP J 175 -9.23 21.82 -40.05
C ASP J 175 -8.57 20.46 -39.73
N GLY J 176 -8.61 20.06 -38.47
CA GLY J 176 -8.26 18.70 -38.08
C GLY J 176 -6.78 18.38 -38.27
N ALA J 177 -5.91 19.39 -38.20
CA ALA J 177 -4.49 19.19 -38.55
C ALA J 177 -3.51 19.80 -37.54
N PHE J 178 -3.90 20.85 -36.82
CA PHE J 178 -3.01 21.57 -35.88
C PHE J 178 -3.25 21.04 -34.48
N PRO J 179 -2.32 20.28 -33.86
CA PRO J 179 -2.55 19.75 -32.52
C PRO J 179 -2.70 20.84 -31.46
N VAL J 180 -3.69 20.67 -30.59
CA VAL J 180 -3.96 21.57 -29.50
C VAL J 180 -2.77 21.55 -28.53
N GLU J 181 -2.13 20.39 -28.38
CA GLU J 181 -1.12 20.21 -27.36
C GLU J 181 0.12 21.07 -27.64
N CYS J 182 0.31 21.55 -28.87
CA CYS J 182 1.54 22.27 -29.17
C CYS J 182 1.29 23.62 -29.87
N TRP J 183 0.03 23.95 -30.17
CA TRP J 183 -0.32 25.26 -30.75
C TRP J 183 -1.36 25.96 -29.89
N CYS J 184 -1.14 27.26 -29.62
CA CYS J 184 -2.09 28.06 -28.88
C CYS J 184 -2.24 29.40 -29.59
N PRO J 185 -3.28 30.20 -29.27
CA PRO J 185 -3.42 31.53 -29.87
C PRO J 185 -2.19 32.37 -29.54
N ASP J 186 -1.68 33.09 -30.55
CA ASP J 186 -0.55 33.99 -30.38
C ASP J 186 -1.08 35.31 -29.83
N PRO J 187 -0.82 35.65 -28.55
CA PRO J 187 -1.37 36.86 -27.96
C PRO J 187 -0.72 38.15 -28.49
N SER J 188 0.45 38.00 -29.14
CA SER J 188 1.18 39.15 -29.70
C SER J 188 0.61 39.58 -31.05
N LYS J 189 -0.27 38.77 -31.63
CA LYS J 189 -0.96 39.12 -32.87
C LYS J 189 -2.46 39.03 -32.61
N ASN J 190 -3.23 38.50 -33.58
CA ASN J 190 -4.65 38.30 -33.46
C ASN J 190 -5.38 39.61 -33.18
N GLU J 191 -4.89 40.70 -33.77
CA GLU J 191 -5.55 42.03 -33.63
C GLU J 191 -6.95 41.98 -34.24
N ASN J 192 -7.17 41.07 -35.22
CA ASN J 192 -8.38 41.04 -36.03
C ASN J 192 -9.21 39.78 -35.73
N THR J 193 -8.93 39.14 -34.59
CA THR J 193 -9.62 37.94 -34.13
C THR J 193 -9.93 38.11 -32.64
N ARG J 194 -11.06 37.58 -32.18
CA ARG J 194 -11.37 37.49 -30.76
C ARG J 194 -11.36 35.99 -30.40
N TYR J 195 -10.61 35.62 -29.36
CA TYR J 195 -10.61 34.24 -28.87
C TYR J 195 -10.86 34.16 -27.36
N TYR J 196 -11.44 33.04 -26.94
CA TYR J 196 -11.86 32.77 -25.58
C TYR J 196 -11.62 31.28 -25.30
N GLY J 197 -11.03 30.97 -24.16
CA GLY J 197 -10.67 29.59 -23.88
C GLY J 197 -10.65 29.31 -22.39
N SER J 198 -10.85 28.03 -22.03
CA SER J 198 -10.69 27.60 -20.70
C SER J 198 -10.19 26.15 -20.69
N TYR J 199 -9.53 25.79 -19.58
CA TYR J 199 -9.03 24.47 -19.35
C TYR J 199 -9.34 24.11 -17.89
N THR J 200 -9.91 22.93 -17.69
CA THR J 200 -10.04 22.31 -16.40
C THR J 200 -9.40 20.93 -16.49
N GLY J 201 -8.37 20.69 -15.70
CA GLY J 201 -7.54 19.51 -15.88
C GLY J 201 -7.91 18.45 -14.86
N GLY J 202 -6.88 17.72 -14.41
CA GLY J 202 -7.07 16.63 -13.44
C GLY J 202 -7.42 15.34 -14.17
N GLN J 203 -7.61 14.26 -13.40
CA GLN J 203 -7.69 12.92 -13.94
C GLN J 203 -9.12 12.52 -14.32
N SER J 204 -10.03 12.67 -13.34
N SER J 204 -10.03 12.60 -13.33
CA SER J 204 -11.42 12.15 -13.40
CA SER J 204 -11.43 12.15 -13.51
C SER J 204 -12.42 13.28 -13.14
C SER J 204 -12.41 13.27 -13.10
N THR J 205 -11.96 14.52 -13.28
CA THR J 205 -12.70 15.71 -12.93
C THR J 205 -14.09 15.71 -13.56
N PRO J 206 -15.15 16.04 -12.80
CA PRO J 206 -16.48 16.23 -13.38
C PRO J 206 -16.47 17.30 -14.46
N PRO J 207 -16.96 17.03 -15.68
CA PRO J 207 -17.22 18.08 -16.65
C PRO J 207 -18.32 18.98 -16.12
N VAL J 208 -18.18 20.29 -16.34
CA VAL J 208 -19.17 21.27 -15.95
C VAL J 208 -19.46 22.09 -17.21
N LEU J 209 -20.64 21.90 -17.76
CA LEU J 209 -20.99 22.43 -19.08
C LEU J 209 -22.36 23.13 -19.00
N GLN J 210 -22.53 24.15 -19.83
CA GLN J 210 -23.78 24.86 -19.99
C GLN J 210 -24.12 24.89 -21.48
N PHE J 211 -25.41 24.96 -21.78
CA PHE J 211 -25.91 25.22 -23.13
C PHE J 211 -27.18 26.07 -23.05
N THR J 212 -27.24 27.09 -23.90
CA THR J 212 -28.39 27.98 -23.99
C THR J 212 -28.34 28.68 -25.34
N ASN J 213 -29.50 29.13 -25.82
CA ASN J 213 -29.58 29.87 -27.07
C ASN J 213 -29.84 31.35 -26.76
N THR J 214 -29.52 31.81 -25.55
CA THR J 214 -29.91 33.17 -25.12
C THR J 214 -28.72 34.11 -24.89
N VAL J 215 -27.48 33.66 -25.15
CA VAL J 215 -26.29 34.45 -24.81
C VAL J 215 -25.58 34.91 -26.09
N THR J 216 -25.38 36.24 -26.17
CA THR J 216 -24.67 36.91 -27.24
C THR J 216 -23.30 37.36 -26.72
N THR J 217 -22.24 37.02 -27.44
CA THR J 217 -20.91 37.47 -27.16
C THR J 217 -20.58 38.61 -28.13
N VAL J 218 -20.31 39.81 -27.59
CA VAL J 218 -19.97 40.97 -28.38
C VAL J 218 -18.52 40.83 -28.86
N LEU J 219 -18.28 41.02 -30.14
CA LEU J 219 -16.93 40.90 -30.76
C LEU J 219 -16.26 42.26 -30.97
N LEU J 220 -16.97 43.37 -30.70
CA LEU J 220 -16.42 44.70 -30.84
C LEU J 220 -15.29 44.88 -29.83
N ASP J 221 -14.22 45.54 -30.24
CA ASP J 221 -13.09 45.85 -29.37
C ASP J 221 -13.40 47.13 -28.60
N GLU J 222 -12.39 47.64 -27.88
CA GLU J 222 -12.56 48.80 -27.00
C GLU J 222 -12.90 50.05 -27.82
N ASN J 223 -12.61 50.06 -29.13
CA ASN J 223 -12.94 51.20 -29.98
C ASN J 223 -14.28 51.01 -30.70
N GLY J 224 -15.00 49.93 -30.41
CA GLY J 224 -16.31 49.66 -31.04
C GLY J 224 -16.20 49.04 -32.42
N VAL J 225 -15.05 48.40 -32.71
CA VAL J 225 -14.79 47.80 -34.00
C VAL J 225 -14.63 46.28 -33.84
N GLY J 226 -15.38 45.54 -34.65
CA GLY J 226 -15.35 44.09 -34.68
C GLY J 226 -14.29 43.61 -35.66
N PRO J 227 -13.99 42.30 -35.71
CA PRO J 227 -13.13 41.74 -36.73
C PRO J 227 -13.64 42.18 -38.12
N LEU J 228 -12.68 42.58 -38.98
CA LEU J 228 -12.95 43.01 -40.34
C LEU J 228 -12.48 41.91 -41.29
N CYS J 229 -13.40 41.46 -42.14
CA CYS J 229 -13.25 40.24 -42.89
C CYS J 229 -12.50 40.51 -44.19
N LYS J 230 -11.19 40.23 -44.16
CA LYS J 230 -10.30 40.44 -45.29
C LYS J 230 -10.65 39.44 -46.39
N GLY J 231 -10.80 39.97 -47.61
CA GLY J 231 -11.17 39.19 -48.77
C GLY J 231 -12.53 38.55 -48.60
N ASP J 232 -13.43 39.18 -47.84
CA ASP J 232 -14.78 38.67 -47.57
C ASP J 232 -14.74 37.25 -47.02
N GLY J 233 -13.77 36.97 -46.14
CA GLY J 233 -13.67 35.69 -45.45
C GLY J 233 -13.85 35.86 -43.94
N LEU J 234 -14.75 35.06 -43.37
CA LEU J 234 -14.96 34.98 -41.93
C LEU J 234 -14.34 33.67 -41.42
N TYR J 235 -13.50 33.75 -40.39
CA TYR J 235 -12.76 32.60 -39.88
C TYR J 235 -13.28 32.24 -38.49
N VAL J 236 -13.66 30.97 -38.33
CA VAL J 236 -14.21 30.44 -37.12
C VAL J 236 -13.39 29.20 -36.74
N SER J 237 -12.97 29.15 -35.47
CA SER J 237 -12.09 28.08 -34.95
C SER J 237 -12.59 27.66 -33.57
N CYS J 238 -12.34 26.41 -33.17
CA CYS J 238 -12.72 25.98 -31.85
C CYS J 238 -12.11 24.62 -31.50
N CYS J 239 -12.27 24.26 -30.24
CA CYS J 239 -11.99 22.90 -29.75
C CYS J 239 -12.80 22.73 -28.47
N ASP J 240 -13.49 21.59 -28.36
CA ASP J 240 -14.35 21.32 -27.18
C ASP J 240 -14.17 19.87 -26.73
N ILE J 241 -13.21 19.67 -25.84
CA ILE J 241 -12.92 18.39 -25.21
C ILE J 241 -13.74 18.33 -23.91
N VAL J 242 -14.52 17.26 -23.72
CA VAL J 242 -15.41 17.16 -22.57
C VAL J 242 -14.96 16.05 -21.63
N GLY J 243 -13.87 15.34 -21.97
CA GLY J 243 -13.33 14.33 -21.08
C GLY J 243 -12.86 13.10 -21.81
N PHE J 244 -12.71 12.01 -21.06
CA PHE J 244 -12.27 10.73 -21.59
C PHE J 244 -13.35 9.67 -21.38
N LEU J 245 -13.50 8.81 -22.38
CA LEU J 245 -14.27 7.57 -22.22
C LEU J 245 -13.31 6.50 -21.70
N VAL J 246 -13.67 5.86 -20.58
CA VAL J 246 -12.84 4.84 -19.95
C VAL J 246 -13.39 3.45 -20.29
N GLY J 247 -12.69 2.74 -21.15
CA GLY J 247 -13.04 1.38 -21.56
C GLY J 247 -12.93 0.40 -20.39
N LYS J 248 -13.52 -0.79 -20.57
CA LYS J 248 -13.55 -1.88 -19.55
C LYS J 248 -12.15 -2.11 -18.97
N ASP J 249 -11.13 -2.14 -19.84
CA ASP J 249 -9.78 -2.52 -19.44
C ASP J 249 -8.96 -1.30 -19.00
N GLY J 250 -9.55 -0.08 -19.02
CA GLY J 250 -8.84 1.13 -18.58
C GLY J 250 -8.27 1.97 -19.73
N ASP J 251 -8.40 1.48 -20.98
CA ASP J 251 -8.05 2.21 -22.18
C ASP J 251 -8.94 3.46 -22.25
N MET J 252 -8.35 4.58 -22.66
CA MET J 252 -9.04 5.87 -22.60
C MET J 252 -8.93 6.58 -23.94
N GLN J 253 -10.01 7.30 -24.28
CA GLN J 253 -10.12 8.05 -25.50
C GLN J 253 -10.69 9.43 -25.17
N TYR J 254 -10.10 10.48 -25.75
CA TYR J 254 -10.71 11.81 -25.72
C TYR J 254 -12.11 11.75 -26.33
N ARG J 255 -13.02 12.54 -25.78
CA ARG J 255 -14.33 12.77 -26.35
C ARG J 255 -14.52 14.27 -26.57
N GLY J 256 -14.95 14.65 -27.76
CA GLY J 256 -15.23 16.02 -28.12
C GLY J 256 -16.67 16.19 -28.57
N LEU J 257 -17.16 17.44 -28.55
CA LEU J 257 -18.50 17.75 -28.96
C LEU J 257 -18.44 18.86 -30.01
N PRO J 258 -19.46 18.94 -30.89
CA PRO J 258 -19.50 19.98 -31.91
C PRO J 258 -19.86 21.33 -31.28
N ARG J 259 -19.58 22.39 -32.02
CA ARG J 259 -19.92 23.73 -31.60
C ARG J 259 -20.66 24.43 -32.74
N TYR J 260 -21.70 25.15 -32.35
CA TYR J 260 -22.55 25.93 -33.24
C TYR J 260 -22.19 27.41 -33.10
N PHE J 261 -22.32 28.15 -34.20
CA PHE J 261 -22.06 29.58 -34.25
C PHE J 261 -23.13 30.30 -35.07
N ASN J 262 -23.59 31.44 -34.56
CA ASN J 262 -24.46 32.37 -35.28
C ASN J 262 -23.82 33.76 -35.15
N ILE J 263 -23.22 34.24 -36.24
CA ILE J 263 -22.43 35.45 -36.23
C ILE J 263 -23.20 36.53 -37.01
N LEU J 264 -23.35 37.69 -36.37
CA LEU J 264 -23.98 38.88 -36.97
C LEU J 264 -22.88 39.78 -37.53
N LEU J 265 -23.01 40.21 -38.79
CA LEU J 265 -22.04 41.07 -39.42
C LEU J 265 -22.73 42.30 -40.02
N ARG J 266 -21.98 43.41 -40.10
CA ARG J 266 -22.51 44.67 -40.65
C ARG J 266 -21.46 45.25 -41.61
N LYS J 267 -21.94 46.09 -42.54
CA LYS J 267 -21.06 46.71 -43.53
C LYS J 267 -20.33 47.89 -42.90
N ARG J 268 -19.01 47.93 -43.10
CA ARG J 268 -18.16 48.98 -42.56
C ARG J 268 -17.31 49.55 -43.71
N THR J 269 -17.32 50.87 -43.82
CA THR J 269 -16.47 51.58 -44.77
C THR J 269 -15.07 51.69 -44.16
N VAL J 270 -14.06 51.36 -44.98
CA VAL J 270 -12.68 51.50 -44.58
C VAL J 270 -11.90 52.25 -45.69
N ARG J 271 -10.80 52.87 -45.29
CA ARG J 271 -10.06 53.80 -46.19
C ARG J 271 -9.16 52.94 -47.08
C1 GAL K . 38.79 -38.70 44.29
C2 GAL K . 37.91 -37.53 44.73
C3 GAL K . 37.97 -36.38 43.72
C4 GAL K . 39.44 -36.02 43.49
C5 GAL K . 40.27 -37.27 43.11
C6 GAL K . 41.75 -37.00 42.88
O1 GAL K . 38.77 -39.76 45.25
O2 GAL K . 36.56 -37.99 44.85
O3 GAL K . 37.18 -35.22 44.12
O4 GAL K . 39.93 -35.38 44.68
O5 GAL K . 40.14 -38.27 44.12
O6 GAL K . 41.91 -35.74 42.23
C1 SIA K . 37.30 -34.06 41.92
C2 SIA K . 36.38 -34.64 43.03
C3 SIA K . 35.52 -33.51 43.62
C4 SIA K . 34.40 -33.04 42.65
C5 SIA K . 33.58 -34.22 42.08
C6 SIA K . 34.52 -35.34 41.56
C7 SIA K . 33.81 -36.61 40.99
C8 SIA K . 34.78 -37.58 40.28
C9 SIA K . 34.28 -38.20 38.97
C10 SIA K . 31.34 -33.71 41.13
C11 SIA K . 30.58 -33.29 39.90
N5 SIA K . 32.67 -33.78 41.01
O1A SIA K . 37.56 -34.68 40.86
O1B SIA K . 37.84 -32.94 42.10
O4 SIA K . 33.54 -32.07 43.32
O6 SIA K . 35.44 -35.68 42.62
O7 SIA K . 33.12 -37.33 42.02
O8 SIA K . 35.94 -36.86 39.88
O9 SIA K . 34.74 -37.46 37.79
O10 SIA K . 30.69 -33.94 42.15
C1 GAL L . 58.70 -39.73 15.67
C2 GAL L . 58.69 -38.21 15.56
C3 GAL L . 57.71 -37.84 14.44
C4 GAL L . 58.07 -38.57 13.14
C5 GAL L . 58.58 -40.01 13.32
C6 GAL L . 59.42 -40.48 12.14
O1 GAL L . 59.42 -40.23 16.81
O2 GAL L . 58.33 -37.60 16.80
O3 GAL L . 57.74 -36.42 14.31
O4 GAL L . 59.03 -37.84 12.34
O5 GAL L . 59.36 -40.18 14.50
O6 GAL L . 58.64 -41.38 11.38
C1 SIA L . 56.01 -36.16 12.52
C2 SIA L . 56.51 -35.76 13.92
C3 SIA L . 56.71 -34.24 14.05
C4 SIA L . 55.42 -33.41 14.21
C5 SIA L . 54.44 -33.97 15.23
C6 SIA L . 54.35 -35.49 15.00
C7 SIA L . 53.43 -36.18 16.01
C8 SIA L . 53.27 -37.67 15.71
C9 SIA L . 51.93 -38.27 16.15
C10 SIA L . 52.56 -32.44 15.87
C11 SIA L . 51.20 -31.83 15.56
N5 SIA L . 53.09 -33.38 15.04
O1A SIA L . 56.55 -35.69 11.48
O1B SIA L . 55.06 -36.97 12.44
O4 SIA L . 55.77 -32.08 14.62
O6 SIA L . 55.64 -36.12 15.00
O7 SIA L . 53.96 -35.93 17.29
O8 SIA L . 53.35 -37.81 14.27
O9 SIA L . 50.91 -38.20 15.07
O10 SIA L . 53.17 -32.04 16.84
C1 GAL M . -26.92 -11.95 -18.29
C2 GAL M . -27.39 -11.03 -19.44
C3 GAL M . -28.32 -9.95 -18.92
C4 GAL M . -29.47 -10.56 -18.14
C5 GAL M . -28.97 -11.54 -17.07
C6 GAL M . -30.13 -12.28 -16.43
O1 GAL M . -26.13 -13.04 -18.80
O2 GAL M . -26.32 -10.34 -20.11
O3 GAL M . -28.81 -9.18 -20.05
O4 GAL M . -30.32 -11.19 -19.11
O5 GAL M . -28.06 -12.49 -17.60
O6 GAL M . -29.93 -12.25 -15.03
C1 SIA M . -29.65 -7.38 -18.62
C2 SIA M . -28.73 -7.77 -19.77
C3 SIA M . -29.17 -7.26 -21.14
C4 SIA M . -28.99 -5.75 -21.20
C5 SIA M . -27.54 -5.34 -20.92
C6 SIA M . -27.12 -5.94 -19.55
C7 SIA M . -25.66 -5.72 -19.13
C8 SIA M . -25.34 -6.55 -17.88
C9 SIA M . -24.28 -5.91 -16.94
C10 SIA M . -26.86 -3.23 -21.97
C11 SIA M . -26.58 -1.75 -21.77
N5 SIA M . -27.38 -3.90 -20.93
O1A SIA M . -29.12 -7.14 -17.50
O1B SIA M . -30.89 -7.36 -18.80
O4 SIA M . -29.42 -5.32 -22.50
O6 SIA M . -27.36 -7.37 -19.52
O7 SIA M . -24.74 -6.06 -20.16
O8 SIA M . -26.58 -6.73 -17.19
O9 SIA M . -24.69 -4.66 -16.30
O10 SIA M . -26.58 -3.79 -23.02
C1 GLC N . 20.36 5.57 0.13
C2 GLC N . 21.76 6.12 -0.20
C3 GLC N . 21.96 7.58 0.20
C4 GLC N . 20.82 8.44 -0.33
C5 GLC N . 19.46 7.89 0.10
C6 GLC N . 18.36 8.70 -0.58
O1 GLC N . 20.30 5.26 1.54
O2 GLC N . 22.74 5.36 0.48
O3 GLC N . 23.21 8.07 -0.31
O4 GLC N . 21.00 9.76 0.17
O5 GLC N . 19.31 6.50 -0.23
O6 GLC N . 17.11 8.07 -0.36
C1 GAL N . 20.92 10.71 -0.91
C2 GAL N . 20.83 12.13 -0.36
C3 GAL N . 20.55 13.08 -1.51
C4 GAL N . 21.50 12.85 -2.71
C5 GAL N . 21.91 11.39 -3.00
C6 GAL N . 23.27 11.38 -3.75
O2 GAL N . 19.73 12.27 0.53
O3 GAL N . 20.71 14.43 -0.99
O4 GAL N . 22.66 13.66 -2.46
O5 GAL N . 22.03 10.60 -1.80
O6 GAL N . 23.86 10.08 -3.96
C1 SIA N . 19.34 15.35 -2.88
C2 SIA N . 19.61 15.32 -1.35
C3 SIA N . 20.11 16.67 -0.84
C4 SIA N . 18.95 17.66 -0.72
C5 SIA N . 17.74 17.10 0.05
C6 SIA N . 17.35 15.73 -0.50
C7 SIA N . 16.22 14.99 0.24
C8 SIA N . 16.06 13.55 -0.32
C9 SIA N . 14.64 12.99 -0.33
C10 SIA N . 16.08 18.66 1.02
C11 SIA N . 14.72 19.37 0.85
N5 SIA N . 16.55 17.96 -0.03
O1A SIA N . 20.12 16.01 -3.62
O1B SIA N . 18.38 14.69 -3.36
O4 SIA N . 19.52 18.79 -0.07
O6 SIA N . 18.52 14.89 -0.49
O7 SIA N . 16.48 15.04 1.64
O8 SIA N . 16.43 13.54 -1.71
O9 SIA N . 13.86 13.56 -1.43
O10 SIA N . 16.70 18.71 2.09
C1 GLC O . 7.08 -6.03 -25.26
C2 GLC O . 6.60 -6.70 -26.58
C3 GLC O . 6.28 -5.66 -27.66
C4 GLC O . 6.36 -4.19 -27.13
C5 GLC O . 7.71 -3.92 -26.44
C6 GLC O . 7.73 -2.53 -25.79
O1 GLC O . 7.69 -7.00 -24.38
O2 GLC O . 7.56 -7.56 -27.20
O3 GLC O . 4.98 -6.01 -28.17
O4 GLC O . 6.23 -3.21 -28.19
O5 GLC O . 8.04 -4.97 -25.48
O6 GLC O . 7.36 -2.61 -24.39
C1 GAL O . 4.94 -2.57 -28.12
C2 GAL O . 5.20 -1.18 -28.73
C3 GAL O . 3.93 -0.38 -28.93
C4 GAL O . 2.85 -1.19 -29.65
C5 GAL O . 2.67 -2.53 -28.92
C6 GAL O . 1.59 -3.34 -29.63
O2 GAL O . 6.05 -0.47 -27.83
O3 GAL O . 4.33 0.84 -29.62
O4 GAL O . 3.14 -1.35 -31.06
O5 GAL O . 3.91 -3.29 -28.78
O6 GAL O . 0.79 -3.94 -28.61
C1 SIA O . 1.99 1.80 -29.30
C2 SIA O . 3.51 1.98 -29.25
C3 SIA O . 4.00 3.07 -30.15
C4 SIA O . 3.66 4.48 -29.60
C5 SIA O . 3.97 4.63 -28.11
C6 SIA O . 3.43 3.45 -27.34
C7 SIA O . 3.70 3.38 -25.84
C8 SIA O . 3.09 2.07 -25.29
C9 SIA O . 2.66 2.21 -23.84
C10 SIA O . 4.07 7.00 -27.33
C11 SIA O . 3.25 8.22 -26.93
N5 SIA O . 3.40 5.88 -27.57
O1A SIA O . 1.34 1.99 -30.35
O1B SIA O . 1.41 1.41 -28.25
O4 SIA O . 4.47 5.42 -30.40
O6 SIA O . 3.97 2.25 -27.90
O7 SIA O . 5.12 3.44 -25.70
O8 SIA O . 1.87 1.79 -26.01
O9 SIA O . 1.42 2.96 -23.77
O10 SIA O . 5.29 7.07 -27.49
C1 GOL P . 43.68 -40.61 -4.18
O1 GOL P . 43.85 -41.98 -3.78
C2 GOL P . 44.77 -39.69 -3.62
O2 GOL P . 46.10 -40.19 -3.55
C3 GOL P . 44.84 -38.49 -4.51
O3 GOL P . 45.72 -37.52 -3.97
C1 SIA Q . 38.95 -56.65 -9.66
C2 SIA Q . 40.43 -56.30 -9.47
C3 SIA Q . 40.92 -55.24 -10.48
C4 SIA Q . 40.20 -53.88 -10.25
C5 SIA Q . 40.46 -53.34 -8.80
C6 SIA Q . 40.08 -54.47 -7.82
C7 SIA Q . 40.38 -54.15 -6.32
C8 SIA Q . 39.98 -55.34 -5.38
C9 SIA Q . 39.44 -54.91 -4.03
C10 SIA Q . 40.55 -50.88 -8.56
C11 SIA Q . 39.84 -49.56 -8.27
N5 SIA Q . 39.83 -52.04 -8.49
O1A SIA Q . 38.49 -56.75 -10.82
O1B SIA Q . 38.18 -56.86 -8.66
O2 SIA Q . 41.23 -57.51 -9.62
O4 SIA Q . 40.65 -52.98 -11.27
O6 SIA Q . 40.70 -55.73 -8.18
O7 SIA Q . 41.76 -53.68 -6.16
O8 SIA Q . 38.86 -56.12 -5.90
O9 SIA Q . 38.08 -54.44 -4.17
O10 SIA Q . 41.74 -50.85 -8.88
C1 GOL R . 8.74 23.54 8.72
O1 GOL R . 9.07 22.24 8.23
C2 GOL R . 8.17 23.53 10.13
O2 GOL R . 9.05 22.89 11.07
C3 GOL R . 7.93 24.97 10.53
O3 GOL R . 7.51 25.07 11.90
#